data_2OUT
#
_entry.id   2OUT
#
_entity_poly.entity_id   1
_entity_poly.type   'polypeptide(L)'
_entity_poly.pdbx_seq_one_letter_code
;GSHMDKTFCVVVQNRIKEGYRRAGFSFHLGDNSLAAVSESQLAQLKADPRLVVQITETGSQEGGEGLSKEPAGSDEQKQL
RADPPSTDLNTFTVEQLKAQLTERGITFKQSATKAELIALFAPADGEKSEA
;
_entity_poly.pdbx_strand_id   A
#
# COMPACT_ATOMS: atom_id res chain seq x y z
N GLY A 1 7.84 16.13 23.45
CA GLY A 1 8.05 15.16 22.32
C GLY A 1 9.41 15.30 21.68
N SER A 2 9.44 15.90 20.50
CA SER A 2 10.70 16.10 19.77
C SER A 2 10.79 17.52 19.22
N HIS A 3 12.01 17.98 19.01
CA HIS A 3 12.23 19.32 18.49
C HIS A 3 13.56 19.39 17.73
N MET A 4 13.75 20.46 16.95
CA MET A 4 14.97 20.64 16.18
C MET A 4 15.17 19.48 15.22
N ASP A 5 14.08 18.88 14.76
CA ASP A 5 14.13 17.76 13.82
C ASP A 5 12.77 17.51 13.19
N LYS A 6 12.78 16.94 11.99
CA LYS A 6 11.55 16.63 11.28
C LYS A 6 11.30 15.14 11.21
N THR A 7 10.81 14.57 12.31
CA THR A 7 10.53 13.13 12.37
C THR A 7 9.03 12.88 12.46
N PHE A 8 8.54 11.99 11.61
CA PHE A 8 7.11 11.66 11.60
C PHE A 8 6.85 10.21 11.19
N CYS A 9 5.74 9.68 11.67
CA CYS A 9 5.33 8.32 11.33
C CYS A 9 4.29 8.39 10.21
N VAL A 10 4.56 7.73 9.09
CA VAL A 10 3.65 7.76 7.94
C VAL A 10 2.97 6.43 7.72
N VAL A 11 1.81 6.45 7.09
CA VAL A 11 1.07 5.23 6.82
C VAL A 11 0.54 5.21 5.38
N VAL A 12 0.71 4.08 4.72
CA VAL A 12 0.27 3.92 3.34
C VAL A 12 -1.03 3.13 3.24
N GLN A 13 -2.12 3.83 2.91
CA GLN A 13 -3.41 3.18 2.76
C GLN A 13 -3.60 2.75 1.31
N ASN A 14 -3.50 1.44 1.07
CA ASN A 14 -3.64 0.90 -0.28
C ASN A 14 -4.86 -0.01 -0.39
N ARG A 15 -5.49 0.00 -1.56
CA ARG A 15 -6.67 -0.82 -1.80
C ARG A 15 -6.52 -1.61 -3.09
N ILE A 16 -5.28 -2.03 -3.36
CA ILE A 16 -4.96 -2.78 -4.57
C ILE A 16 -5.23 -4.28 -4.37
N LYS A 17 -4.27 -4.99 -3.77
CA LYS A 17 -4.41 -6.42 -3.52
C LYS A 17 -3.46 -6.84 -2.41
N GLU A 18 -3.39 -8.15 -2.14
CA GLU A 18 -2.51 -8.66 -1.10
C GLU A 18 -1.26 -9.29 -1.71
N GLY A 19 -0.84 -8.75 -2.84
CA GLY A 19 0.34 -9.26 -3.52
C GLY A 19 1.03 -8.21 -4.36
N TYR A 20 0.81 -6.93 -4.05
CA TYR A 20 1.44 -5.85 -4.79
C TYR A 20 2.90 -5.70 -4.38
N ARG A 21 3.25 -6.27 -3.23
CA ARG A 21 4.62 -6.23 -2.75
C ARG A 21 5.13 -4.81 -2.60
N ARG A 22 6.41 -4.69 -2.28
CA ARG A 22 7.06 -3.40 -2.11
C ARG A 22 8.57 -3.58 -2.00
N ALA A 23 9.24 -2.62 -1.35
CA ALA A 23 10.68 -2.68 -1.17
C ALA A 23 11.16 -4.08 -0.80
N GLY A 24 10.29 -4.83 -0.11
CA GLY A 24 10.63 -6.18 0.29
C GLY A 24 10.14 -6.50 1.69
N PHE A 25 8.90 -6.14 1.97
CA PHE A 25 8.31 -6.38 3.28
C PHE A 25 6.95 -7.08 3.15
N SER A 26 6.74 -7.75 2.02
CA SER A 26 5.48 -8.45 1.79
C SER A 26 4.28 -7.57 2.11
N PHE A 27 4.34 -6.31 1.65
CA PHE A 27 3.27 -5.35 1.90
C PHE A 27 1.90 -5.94 1.56
N HIS A 28 1.06 -6.10 2.58
CA HIS A 28 -0.28 -6.66 2.39
C HIS A 28 -1.28 -5.57 2.04
N LEU A 29 -2.50 -5.99 1.68
CA LEU A 29 -3.55 -5.04 1.32
C LEU A 29 -4.11 -4.36 2.57
N GLY A 30 -3.65 -3.14 2.81
CA GLY A 30 -4.12 -2.40 3.97
C GLY A 30 -3.25 -1.19 4.26
N ASP A 31 -3.22 -0.79 5.53
CA ASP A 31 -2.43 0.37 5.94
C ASP A 31 -1.22 -0.06 6.76
N ASN A 32 -0.05 0.42 6.37
CA ASN A 32 1.19 0.11 7.08
C ASN A 32 1.78 1.38 7.68
N SER A 33 2.13 1.33 8.96
CA SER A 33 2.69 2.49 9.63
C SER A 33 4.19 2.57 9.45
N LEU A 34 4.69 3.80 9.35
CA LEU A 34 6.10 4.06 9.18
C LEU A 34 6.66 4.72 10.45
N ALA A 35 7.88 4.35 10.82
CA ALA A 35 8.54 4.89 11.99
C ALA A 35 8.92 6.34 11.78
N ALA A 36 9.10 7.05 12.86
CA ALA A 36 9.42 8.47 12.78
C ALA A 36 10.83 8.68 12.23
N VAL A 37 10.87 9.10 10.97
CA VAL A 37 12.12 9.35 10.25
C VAL A 37 12.15 10.78 9.71
N SER A 38 13.34 11.22 9.29
CA SER A 38 13.50 12.56 8.75
C SER A 38 12.48 12.85 7.65
N GLU A 39 12.69 12.25 6.48
CA GLU A 39 11.79 12.45 5.35
C GLU A 39 11.83 11.29 4.34
N SER A 40 12.89 10.46 4.42
CA SER A 40 13.03 9.33 3.52
C SER A 40 11.71 8.59 3.31
N GLN A 41 11.01 8.34 4.42
CA GLN A 41 9.73 7.65 4.39
C GLN A 41 8.84 8.18 3.27
N LEU A 42 8.53 9.46 3.35
CA LEU A 42 7.66 10.11 2.37
C LEU A 42 8.15 9.86 0.95
N ALA A 43 9.40 10.21 0.69
CA ALA A 43 9.98 10.04 -0.64
C ALA A 43 10.04 8.58 -1.06
N GLN A 44 10.28 7.69 -0.10
CA GLN A 44 10.37 6.27 -0.40
C GLN A 44 9.01 5.71 -0.80
N LEU A 45 7.97 6.13 -0.09
CA LEU A 45 6.61 5.66 -0.37
C LEU A 45 6.00 6.38 -1.57
N LYS A 46 6.40 7.63 -1.78
CA LYS A 46 5.89 8.41 -2.90
C LYS A 46 6.60 8.04 -4.20
N ALA A 47 7.86 7.62 -4.07
CA ALA A 47 8.65 7.23 -5.24
C ALA A 47 7.96 6.15 -6.05
N ASP A 48 7.17 5.32 -5.36
CA ASP A 48 6.44 4.24 -6.02
C ASP A 48 5.04 4.69 -6.41
N PRO A 49 4.78 4.85 -7.72
CA PRO A 49 3.47 5.27 -8.22
C PRO A 49 2.45 4.14 -8.21
N ARG A 50 2.20 3.57 -7.03
CA ARG A 50 1.25 2.48 -6.88
C ARG A 50 0.44 2.63 -5.60
N LEU A 51 1.13 2.94 -4.50
CA LEU A 51 0.48 3.11 -3.21
C LEU A 51 0.45 4.58 -2.82
N VAL A 52 -0.21 4.89 -1.70
CA VAL A 52 -0.32 6.27 -1.23
C VAL A 52 0.49 6.51 0.04
N VAL A 53 1.03 7.71 0.17
CA VAL A 53 1.82 8.07 1.35
C VAL A 53 1.35 9.42 1.91
N GLN A 54 0.83 9.38 3.14
CA GLN A 54 0.33 10.60 3.79
C GLN A 54 0.95 10.78 5.17
N ILE A 55 1.45 11.99 5.44
CA ILE A 55 2.06 12.29 6.73
C ILE A 55 1.04 12.78 7.74
N THR A 56 1.09 12.21 8.95
CA THR A 56 0.17 12.60 10.01
C THR A 56 0.95 13.08 11.23
N GLU A 57 0.97 14.39 11.44
CA GLU A 57 1.67 14.97 12.56
C GLU A 57 0.69 15.43 13.65
N THR A 58 0.44 14.55 14.61
CA THR A 58 -0.47 14.85 15.71
C THR A 58 0.11 15.91 16.63
N GLY A 59 -0.06 17.17 16.23
CA GLY A 59 0.45 18.27 17.03
C GLY A 59 1.02 19.40 16.18
N SER A 60 0.30 19.75 15.13
CA SER A 60 0.73 20.82 14.22
C SER A 60 -0.30 21.05 13.13
N GLN A 61 -1.13 22.07 13.30
CA GLN A 61 -2.15 22.40 12.32
C GLN A 61 -1.70 23.55 11.42
N GLU A 62 -0.40 23.58 11.13
CA GLU A 62 0.16 24.62 10.27
C GLU A 62 0.54 24.06 8.90
N GLY A 63 0.43 24.89 7.87
CA GLY A 63 0.76 24.45 6.53
C GLY A 63 -0.47 24.33 5.64
N GLY A 64 -0.92 23.10 5.43
CA GLY A 64 -2.09 22.87 4.60
C GLY A 64 -1.73 22.53 3.17
N GLU A 65 -0.65 23.13 2.67
CA GLU A 65 -0.20 22.89 1.30
C GLU A 65 -1.27 23.27 0.30
N GLY A 66 -1.01 24.33 -0.47
CA GLY A 66 -1.97 24.78 -1.46
C GLY A 66 -1.66 24.25 -2.84
N LEU A 67 -1.03 23.09 -2.90
CA LEU A 67 -0.67 22.47 -4.18
C LEU A 67 -1.58 21.29 -4.48
N SER A 68 -2.52 21.48 -5.39
CA SER A 68 -3.45 20.43 -5.78
C SER A 68 -2.89 19.60 -6.92
N LYS A 69 -2.38 20.27 -7.94
CA LYS A 69 -1.80 19.59 -9.10
C LYS A 69 -0.48 18.92 -8.75
N GLU A 70 -0.01 18.04 -9.62
CA GLU A 70 1.24 17.34 -9.41
C GLU A 70 1.52 16.35 -10.55
N PRO A 71 0.56 15.46 -10.85
CA PRO A 71 0.71 14.46 -11.91
C PRO A 71 1.04 15.11 -13.26
N ALA A 72 0.33 16.20 -13.57
CA ALA A 72 0.54 16.91 -14.83
C ALA A 72 1.67 17.93 -14.70
N GLY A 73 2.12 18.44 -15.83
CA GLY A 73 3.19 19.43 -15.83
C GLY A 73 4.31 19.08 -16.78
N SER A 74 4.30 19.70 -17.95
CA SER A 74 5.32 19.45 -18.96
C SER A 74 5.32 17.98 -19.39
N ASP A 75 4.40 17.63 -20.27
CA ASP A 75 4.28 16.27 -20.76
C ASP A 75 5.23 16.02 -21.93
N GLU A 76 6.02 14.95 -21.84
CA GLU A 76 6.97 14.62 -22.89
C GLU A 76 6.74 13.19 -23.40
N GLN A 77 6.53 12.27 -22.46
CA GLN A 77 6.29 10.87 -22.81
C GLN A 77 5.17 10.28 -21.96
N LYS A 78 4.23 9.60 -22.62
CA LYS A 78 3.11 8.99 -21.91
C LYS A 78 2.50 7.86 -22.74
N GLN A 79 1.93 8.20 -23.88
CA GLN A 79 1.33 7.21 -24.77
C GLN A 79 0.18 6.50 -24.05
N LEU A 80 -1.04 7.01 -24.24
CA LEU A 80 -2.22 6.43 -23.61
C LEU A 80 -2.14 6.52 -22.09
N ARG A 81 -1.39 5.61 -21.48
CA ARG A 81 -1.22 5.60 -20.02
C ARG A 81 -2.58 5.57 -19.33
N ALA A 82 -3.05 4.37 -19.02
CA ALA A 82 -4.33 4.20 -18.35
C ALA A 82 -4.50 2.76 -17.86
N ASP A 83 -4.38 1.81 -18.77
CA ASP A 83 -4.53 0.39 -18.42
C ASP A 83 -3.52 -0.46 -19.19
N PRO A 84 -2.89 -1.44 -18.53
CA PRO A 84 -1.91 -2.32 -19.16
C PRO A 84 -2.55 -3.24 -20.21
N PRO A 85 -1.93 -3.36 -21.40
CA PRO A 85 -2.45 -4.21 -22.47
C PRO A 85 -2.72 -5.64 -22.01
N SER A 86 -1.66 -6.32 -21.57
CA SER A 86 -1.78 -7.70 -21.10
C SER A 86 -2.32 -8.60 -22.20
N THR A 87 -1.99 -8.28 -23.44
CA THR A 87 -2.43 -9.06 -24.59
C THR A 87 -1.25 -9.51 -25.45
N ASP A 88 -0.56 -10.54 -24.99
CA ASP A 88 0.60 -11.06 -25.72
C ASP A 88 0.63 -12.59 -25.65
N LEU A 89 0.74 -13.12 -24.44
CA LEU A 89 0.78 -14.56 -24.24
C LEU A 89 -0.61 -15.17 -24.41
N ASN A 90 -1.64 -14.40 -24.07
CA ASN A 90 -3.02 -14.86 -24.19
C ASN A 90 -3.29 -15.47 -25.57
N THR A 91 -2.81 -14.80 -26.62
CA THR A 91 -3.02 -15.29 -27.99
C THR A 91 -2.39 -16.66 -28.22
N PHE A 92 -1.50 -17.10 -27.32
CA PHE A 92 -0.85 -18.39 -27.46
C PHE A 92 -1.63 -19.45 -26.68
N THR A 93 -2.36 -20.29 -27.41
CA THR A 93 -3.15 -21.34 -26.79
C THR A 93 -2.29 -22.56 -26.43
N VAL A 94 -2.29 -23.57 -27.29
CA VAL A 94 -1.51 -24.78 -27.03
C VAL A 94 -0.91 -25.34 -28.33
N GLU A 95 -1.71 -25.32 -29.39
CA GLU A 95 -1.28 -25.82 -30.69
C GLU A 95 -0.38 -24.82 -31.41
N GLN A 96 -0.47 -23.55 -31.01
CA GLN A 96 0.33 -22.51 -31.62
C GLN A 96 1.78 -22.65 -31.19
N LEU A 97 1.97 -22.76 -29.90
CA LEU A 97 3.31 -22.92 -29.32
C LEU A 97 4.06 -24.05 -30.01
N LYS A 98 3.48 -25.24 -29.94
CA LYS A 98 4.10 -26.41 -30.55
C LYS A 98 4.38 -26.21 -32.04
N ALA A 99 3.52 -25.46 -32.71
CA ALA A 99 3.70 -25.20 -34.14
C ALA A 99 4.64 -24.03 -34.40
N GLN A 100 4.75 -23.15 -33.43
CA GLN A 100 5.60 -21.98 -33.55
C GLN A 100 7.03 -22.29 -33.11
N LEU A 101 7.17 -23.10 -32.07
CA LEU A 101 8.49 -23.46 -31.55
C LEU A 101 9.29 -24.16 -32.64
N THR A 102 8.66 -25.12 -33.30
CA THR A 102 9.30 -25.86 -34.36
C THR A 102 9.60 -24.95 -35.54
N GLU A 103 8.67 -24.06 -35.83
CA GLU A 103 8.84 -23.12 -36.93
C GLU A 103 9.76 -21.97 -36.53
N ARG A 104 10.13 -21.94 -35.26
CA ARG A 104 11.01 -20.89 -34.74
C ARG A 104 12.44 -21.41 -34.58
N GLY A 105 12.60 -22.73 -34.62
CA GLY A 105 13.93 -23.32 -34.48
C GLY A 105 14.20 -23.81 -33.07
N ILE A 106 13.18 -24.40 -32.44
CA ILE A 106 13.31 -24.92 -31.09
C ILE A 106 12.56 -26.23 -30.93
N THR A 107 13.21 -27.33 -31.28
CA THR A 107 12.60 -28.65 -31.18
C THR A 107 12.27 -28.98 -29.72
N PHE A 108 11.33 -29.89 -29.52
CA PHE A 108 10.93 -30.30 -28.18
C PHE A 108 10.41 -31.74 -28.18
N LYS A 109 11.26 -32.66 -27.74
CA LYS A 109 10.89 -34.07 -27.68
C LYS A 109 10.74 -34.53 -26.24
N GLN A 110 11.77 -34.28 -25.43
CA GLN A 110 11.76 -34.68 -24.03
C GLN A 110 11.03 -33.64 -23.19
N SER A 111 11.53 -32.40 -23.22
CA SER A 111 10.93 -31.32 -22.45
C SER A 111 9.83 -30.64 -23.26
N ALA A 112 9.37 -29.48 -22.79
CA ALA A 112 8.33 -28.73 -23.47
C ALA A 112 7.09 -29.60 -23.71
N THR A 113 6.65 -30.28 -22.65
CA THR A 113 5.48 -31.15 -22.73
C THR A 113 4.26 -30.37 -23.20
N LYS A 114 3.75 -29.49 -22.35
CA LYS A 114 2.58 -28.69 -22.71
C LYS A 114 2.51 -27.41 -21.88
N ALA A 115 2.84 -27.52 -20.60
CA ALA A 115 2.82 -26.37 -19.72
C ALA A 115 4.12 -25.59 -19.87
N GLU A 116 5.16 -26.27 -20.35
CA GLU A 116 6.46 -25.65 -20.55
C GLU A 116 6.55 -24.95 -21.90
N LEU A 117 5.98 -25.55 -22.93
CA LEU A 117 6.03 -24.95 -24.27
C LEU A 117 5.03 -23.83 -24.42
N ILE A 118 4.02 -23.80 -23.55
CA ILE A 118 3.05 -22.71 -23.60
C ILE A 118 3.58 -21.51 -22.82
N ALA A 119 4.42 -21.78 -21.82
CA ALA A 119 5.03 -20.74 -21.01
C ALA A 119 6.33 -20.22 -21.65
N LEU A 120 7.02 -21.11 -22.34
CA LEU A 120 8.29 -20.78 -22.99
C LEU A 120 8.20 -19.51 -23.80
N PHE A 121 7.23 -19.45 -24.71
CA PHE A 121 7.06 -18.27 -25.56
C PHE A 121 6.92 -17.00 -24.75
N ALA A 122 8.06 -16.41 -24.39
CA ALA A 122 8.07 -15.18 -23.60
C ALA A 122 8.94 -14.12 -24.26
N PRO A 123 8.42 -12.88 -24.40
CA PRO A 123 9.17 -11.78 -25.02
C PRO A 123 10.31 -11.28 -24.13
N ALA A 124 11.48 -11.87 -24.30
CA ALA A 124 12.65 -11.49 -23.51
C ALA A 124 13.94 -11.78 -24.27
N ASP A 125 13.91 -11.56 -25.58
CA ASP A 125 15.08 -11.80 -26.42
C ASP A 125 16.09 -10.66 -26.30
N GLY A 126 17.16 -10.89 -25.55
CA GLY A 126 18.17 -9.86 -25.39
C GLY A 126 19.09 -10.16 -24.22
N GLU A 127 18.64 -9.83 -23.01
CA GLU A 127 19.44 -10.06 -21.81
C GLU A 127 18.54 -10.32 -20.61
N LYS A 128 17.63 -9.40 -20.32
CA LYS A 128 16.71 -9.53 -19.21
C LYS A 128 15.57 -8.52 -19.30
N SER A 129 14.63 -8.78 -20.20
CA SER A 129 13.49 -7.90 -20.39
C SER A 129 12.32 -8.30 -19.49
N GLU A 130 11.44 -7.35 -19.21
CA GLU A 130 10.28 -7.61 -18.36
C GLU A 130 9.00 -7.10 -19.01
N ALA A 131 8.43 -7.92 -19.88
CA ALA A 131 7.20 -7.55 -20.58
C ALA A 131 6.02 -8.37 -20.07
N GLY A 1 17.90 11.65 5.56
CA GLY A 1 18.73 12.63 6.33
C GLY A 1 18.71 14.01 5.71
N SER A 2 17.85 14.88 6.24
CA SER A 2 17.75 16.25 5.75
C SER A 2 18.31 17.25 6.75
N HIS A 3 18.54 16.80 7.98
CA HIS A 3 19.08 17.67 9.03
C HIS A 3 18.09 18.78 9.36
N MET A 4 18.53 19.71 10.21
CA MET A 4 17.69 20.83 10.62
C MET A 4 16.52 20.36 11.46
N ASP A 5 16.69 19.24 12.16
CA ASP A 5 15.65 18.68 13.00
C ASP A 5 14.38 18.40 12.19
N LYS A 6 14.13 17.13 11.93
CA LYS A 6 12.95 16.72 11.17
C LYS A 6 12.61 15.26 11.43
N THR A 7 11.36 15.02 11.84
CA THR A 7 10.90 13.66 12.13
C THR A 7 9.52 13.43 11.54
N PHE A 8 9.36 12.33 10.82
CA PHE A 8 8.07 12.02 10.23
C PHE A 8 7.76 10.54 10.17
N CYS A 9 6.48 10.22 10.32
CA CYS A 9 5.98 8.85 10.26
C CYS A 9 4.90 8.77 9.19
N VAL A 10 5.10 7.91 8.19
CA VAL A 10 4.15 7.77 7.09
C VAL A 10 3.42 6.43 7.14
N VAL A 11 2.22 6.41 6.60
CA VAL A 11 1.43 5.20 6.56
C VAL A 11 0.95 4.91 5.15
N VAL A 12 1.03 3.64 4.74
CA VAL A 12 0.64 3.24 3.41
C VAL A 12 -0.63 2.39 3.39
N GLN A 13 -1.74 3.01 2.98
CA GLN A 13 -3.01 2.30 2.89
C GLN A 13 -3.17 1.69 1.50
N ASN A 14 -3.02 0.38 1.41
CA ASN A 14 -3.13 -0.31 0.12
C ASN A 14 -4.52 -0.89 -0.08
N ARG A 15 -4.97 -0.88 -1.33
CA ARG A 15 -6.28 -1.42 -1.68
C ARG A 15 -6.24 -2.03 -3.08
N ILE A 16 -5.11 -2.63 -3.43
CA ILE A 16 -4.93 -3.25 -4.73
C ILE A 16 -5.10 -4.77 -4.66
N LYS A 17 -4.35 -5.40 -3.77
CA LYS A 17 -4.41 -6.85 -3.62
C LYS A 17 -3.99 -7.28 -2.21
N GLU A 18 -2.73 -7.66 -2.04
CA GLU A 18 -2.21 -8.09 -0.75
C GLU A 18 -0.83 -7.50 -0.53
N GLY A 19 -0.71 -6.19 -0.73
CA GLY A 19 0.55 -5.51 -0.56
C GLY A 19 1.09 -4.97 -1.87
N TYR A 20 1.44 -5.89 -2.78
CA TYR A 20 1.98 -5.52 -4.10
C TYR A 20 3.45 -5.17 -4.02
N ARG A 21 3.94 -4.82 -2.82
CA ARG A 21 5.34 -4.47 -2.65
C ARG A 21 5.57 -3.78 -1.30
N ARG A 22 6.84 -3.63 -0.93
CA ARG A 22 7.22 -3.00 0.32
C ARG A 22 8.72 -3.13 0.55
N ALA A 23 9.13 -4.30 1.03
CA ALA A 23 10.54 -4.56 1.29
C ALA A 23 11.11 -5.51 0.23
N GLY A 24 10.40 -5.64 -0.89
CA GLY A 24 10.84 -6.52 -1.95
C GLY A 24 9.96 -7.75 -2.05
N PHE A 25 8.71 -7.61 -1.62
CA PHE A 25 7.75 -8.71 -1.64
C PHE A 25 6.33 -8.18 -1.43
N SER A 26 5.35 -8.91 -1.95
CA SER A 26 3.96 -8.51 -1.80
C SER A 26 3.60 -8.35 -0.32
N PHE A 27 3.58 -7.11 0.15
CA PHE A 27 3.27 -6.81 1.53
C PHE A 27 1.90 -7.38 1.92
N HIS A 28 0.89 -6.52 2.09
CA HIS A 28 -0.45 -6.97 2.45
C HIS A 28 -1.48 -5.87 2.19
N LEU A 29 -2.75 -6.23 2.29
CA LEU A 29 -3.83 -5.27 2.08
C LEU A 29 -4.22 -4.61 3.39
N GLY A 30 -3.84 -3.36 3.56
CA GLY A 30 -4.15 -2.63 4.77
C GLY A 30 -3.35 -1.35 4.89
N ASP A 31 -2.93 -1.03 6.11
CA ASP A 31 -2.16 0.18 6.34
C ASP A 31 -1.09 -0.03 7.41
N ASN A 32 0.14 0.37 7.12
CA ASN A 32 1.25 0.23 8.06
C ASN A 32 1.89 1.59 8.32
N SER A 33 2.22 1.86 9.58
CA SER A 33 2.83 3.13 9.94
C SER A 33 4.34 3.08 9.79
N LEU A 34 4.90 4.21 9.38
CA LEU A 34 6.34 4.35 9.19
C LEU A 34 6.95 5.08 10.39
N ALA A 35 8.21 4.77 10.70
CA ALA A 35 8.93 5.36 11.83
C ALA A 35 9.25 6.84 11.62
N ALA A 36 9.44 7.53 12.71
CA ALA A 36 9.75 8.95 12.66
C ALA A 36 11.17 9.19 12.14
N VAL A 37 11.24 9.64 10.88
CA VAL A 37 12.53 9.90 10.21
C VAL A 37 12.59 11.34 9.71
N SER A 38 13.63 11.65 8.92
CA SER A 38 13.80 13.00 8.38
C SER A 38 13.02 13.20 7.09
N GLU A 39 11.77 12.70 7.04
CA GLU A 39 10.92 12.85 5.86
C GLU A 39 11.26 11.84 4.76
N SER A 40 12.43 11.22 4.84
CA SER A 40 12.85 10.24 3.84
C SER A 40 11.70 9.28 3.53
N GLN A 41 10.91 8.99 4.55
CA GLN A 41 9.75 8.09 4.41
C GLN A 41 8.79 8.59 3.34
N LEU A 42 8.53 9.89 3.35
CA LEU A 42 7.62 10.50 2.40
C LEU A 42 8.06 10.22 0.96
N ALA A 43 9.30 10.58 0.66
CA ALA A 43 9.83 10.38 -0.68
C ALA A 43 10.20 8.93 -0.92
N GLN A 44 10.51 8.20 0.15
CA GLN A 44 10.88 6.80 0.04
C GLN A 44 9.72 5.99 -0.51
N LEU A 45 8.54 6.18 0.06
CA LEU A 45 7.35 5.45 -0.39
C LEU A 45 6.77 6.08 -1.65
N LYS A 46 6.65 7.40 -1.64
CA LYS A 46 6.10 8.14 -2.79
C LYS A 46 6.87 7.81 -4.07
N ALA A 47 8.11 7.35 -3.92
CA ALA A 47 8.95 7.01 -5.07
C ALA A 47 8.19 6.18 -6.10
N ASP A 48 7.90 4.94 -5.75
CA ASP A 48 7.17 4.04 -6.65
C ASP A 48 5.76 4.56 -6.91
N PRO A 49 5.44 4.90 -8.17
CA PRO A 49 4.12 5.41 -8.54
C PRO A 49 3.08 4.30 -8.71
N ARG A 50 2.45 3.93 -7.60
CA ARG A 50 1.43 2.89 -7.62
C ARG A 50 0.65 2.85 -6.32
N LEU A 51 1.37 2.99 -5.20
CA LEU A 51 0.73 2.99 -3.88
C LEU A 51 0.43 4.40 -3.44
N VAL A 52 -0.25 4.53 -2.29
CA VAL A 52 -0.60 5.84 -1.76
C VAL A 52 0.09 6.10 -0.42
N VAL A 53 1.09 6.97 -0.45
CA VAL A 53 1.83 7.32 0.76
C VAL A 53 1.32 8.62 1.35
N GLN A 54 0.75 8.54 2.55
CA GLN A 54 0.21 9.70 3.24
C GLN A 54 1.08 10.09 4.43
N ILE A 55 1.44 11.37 4.49
CA ILE A 55 2.27 11.86 5.58
C ILE A 55 1.48 12.70 6.57
N THR A 56 1.22 12.13 7.74
CA THR A 56 0.47 12.83 8.79
C THR A 56 1.29 12.88 10.08
N GLU A 57 1.84 14.05 10.38
CA GLU A 57 2.63 14.23 11.58
C GLU A 57 2.15 15.44 12.39
N THR A 58 0.92 15.34 12.89
CA THR A 58 0.34 16.42 13.68
C THR A 58 -0.73 15.89 14.63
N GLY A 59 -0.49 14.72 15.20
CA GLY A 59 -1.43 14.12 16.11
C GLY A 59 -0.80 13.70 17.43
N SER A 60 -1.61 13.17 18.34
CA SER A 60 -1.12 12.72 19.64
C SER A 60 -1.09 11.20 19.73
N GLN A 61 -1.84 10.55 18.85
CA GLN A 61 -1.90 9.09 18.84
C GLN A 61 -2.56 8.55 20.10
N GLU A 62 -3.87 8.30 20.02
CA GLU A 62 -4.63 7.78 21.15
C GLU A 62 -4.74 6.27 21.08
N GLY A 63 -3.65 5.60 20.70
CA GLY A 63 -3.67 4.16 20.61
C GLY A 63 -2.50 3.62 19.82
N GLY A 64 -1.73 2.72 20.43
CA GLY A 64 -0.58 2.15 19.75
C GLY A 64 -0.95 1.39 18.50
N GLU A 65 -1.52 0.20 18.68
CA GLU A 65 -1.93 -0.63 17.54
C GLU A 65 -0.73 -0.98 16.68
N GLY A 66 -0.22 -2.21 16.84
CA GLY A 66 0.91 -2.65 16.06
C GLY A 66 1.62 -3.83 16.69
N LEU A 67 1.80 -4.89 15.90
CA LEU A 67 2.47 -6.09 16.39
C LEU A 67 3.58 -6.52 15.44
N SER A 68 4.76 -6.78 16.00
CA SER A 68 5.91 -7.19 15.20
C SER A 68 6.40 -8.57 15.62
N LYS A 69 6.36 -8.85 16.92
CA LYS A 69 6.79 -10.14 17.44
C LYS A 69 8.29 -10.34 17.22
N GLU A 70 8.87 -11.28 17.96
CA GLU A 70 10.30 -11.56 17.84
C GLU A 70 10.55 -12.67 16.82
N PRO A 71 11.62 -12.53 16.00
CA PRO A 71 11.96 -13.52 14.98
C PRO A 71 12.16 -14.92 15.58
N ALA A 72 12.78 -15.80 14.80
CA ALA A 72 13.03 -17.17 15.25
C ALA A 72 11.72 -17.88 15.58
N GLY A 73 11.84 -19.13 16.05
CA GLY A 73 10.66 -19.89 16.40
C GLY A 73 10.84 -21.38 16.14
N SER A 74 11.84 -21.97 16.79
CA SER A 74 12.11 -23.39 16.63
C SER A 74 12.14 -24.11 17.98
N ASP A 75 12.43 -25.39 17.97
CA ASP A 75 12.50 -26.18 19.19
C ASP A 75 13.93 -26.26 19.71
N GLU A 76 14.80 -26.92 18.94
CA GLU A 76 16.19 -27.07 19.33
C GLU A 76 17.03 -25.92 18.78
N GLN A 77 17.60 -25.13 19.69
CA GLN A 77 18.43 -24.00 19.29
C GLN A 77 19.26 -23.49 20.48
N LYS A 78 20.53 -23.88 20.51
CA LYS A 78 21.43 -23.46 21.58
C LYS A 78 22.84 -23.96 21.33
N GLN A 79 22.96 -25.23 20.95
CA GLN A 79 24.25 -25.83 20.68
C GLN A 79 24.24 -26.59 19.35
N LEU A 80 25.12 -26.20 18.44
CA LEU A 80 25.20 -26.84 17.13
C LEU A 80 26.60 -26.72 16.54
N ARG A 81 27.16 -27.84 16.11
CA ARG A 81 28.51 -27.85 15.53
C ARG A 81 28.52 -27.08 14.21
N ALA A 82 29.55 -27.32 13.40
CA ALA A 82 29.68 -26.64 12.12
C ALA A 82 29.77 -27.64 10.97
N ASP A 83 30.49 -28.74 11.19
CA ASP A 83 30.66 -29.76 10.17
C ASP A 83 29.45 -30.70 10.13
N PRO A 84 29.24 -31.53 11.17
CA PRO A 84 28.13 -32.48 11.22
C PRO A 84 26.82 -31.87 10.68
N PRO A 85 26.45 -30.67 11.14
CA PRO A 85 25.22 -30.00 10.68
C PRO A 85 25.26 -29.65 9.20
N SER A 86 24.09 -29.45 8.61
CA SER A 86 24.00 -29.11 7.19
C SER A 86 24.72 -30.14 6.33
N THR A 87 24.07 -31.27 6.11
CA THR A 87 24.64 -32.34 5.29
C THR A 87 24.36 -32.10 3.81
N ASP A 88 23.14 -32.43 3.39
CA ASP A 88 22.75 -32.25 1.99
C ASP A 88 21.35 -32.81 1.76
N LEU A 89 21.16 -34.08 2.13
CA LEU A 89 19.88 -34.75 1.96
C LEU A 89 18.90 -34.34 3.07
N ASN A 90 19.44 -33.94 4.21
CA ASN A 90 18.62 -33.54 5.36
C ASN A 90 17.55 -32.53 4.93
N THR A 91 17.94 -31.52 4.17
CA THR A 91 17.01 -30.48 3.72
C THR A 91 15.90 -31.07 2.83
N PHE A 92 16.06 -32.30 2.37
CA PHE A 92 15.05 -32.92 1.51
C PHE A 92 14.08 -33.76 2.32
N THR A 93 14.49 -34.17 3.52
CA THR A 93 13.65 -34.98 4.40
C THR A 93 13.30 -36.31 3.75
N VAL A 94 12.11 -36.83 4.04
CA VAL A 94 11.68 -38.12 3.48
C VAL A 94 10.38 -37.96 2.67
N GLU A 95 9.36 -37.40 3.32
CA GLU A 95 8.06 -37.20 2.68
C GLU A 95 8.14 -36.20 1.53
N GLN A 96 9.19 -35.38 1.52
CA GLN A 96 9.35 -34.37 0.48
C GLN A 96 9.82 -35.00 -0.81
N LEU A 97 10.70 -35.99 -0.70
CA LEU A 97 11.21 -36.68 -1.87
C LEU A 97 10.08 -37.40 -2.58
N LYS A 98 9.43 -38.29 -1.85
CA LYS A 98 8.31 -39.05 -2.42
C LYS A 98 7.25 -38.12 -3.01
N ALA A 99 7.06 -36.96 -2.39
CA ALA A 99 6.07 -36.00 -2.87
C ALA A 99 6.64 -35.09 -3.95
N GLN A 100 7.95 -34.95 -3.94
CA GLN A 100 8.62 -34.11 -4.93
C GLN A 100 8.94 -34.89 -6.20
N LEU A 101 9.34 -36.14 -6.04
CA LEU A 101 9.66 -36.98 -7.19
C LEU A 101 8.46 -37.05 -8.13
N THR A 102 7.30 -37.33 -7.55
CA THR A 102 6.08 -37.42 -8.33
C THR A 102 5.74 -36.07 -8.95
N GLU A 103 5.95 -35.01 -8.18
CA GLU A 103 5.66 -33.67 -8.65
C GLU A 103 6.80 -33.15 -9.52
N ARG A 104 7.88 -33.91 -9.60
CA ARG A 104 9.04 -33.52 -10.41
C ARG A 104 9.03 -34.20 -11.77
N GLY A 105 8.20 -35.23 -11.92
CA GLY A 105 8.11 -35.94 -13.18
C GLY A 105 8.73 -37.33 -13.15
N ILE A 106 8.98 -37.84 -11.95
CA ILE A 106 9.57 -39.17 -11.82
C ILE A 106 8.49 -40.23 -11.58
N THR A 107 7.41 -39.81 -10.92
CA THR A 107 6.29 -40.71 -10.64
C THR A 107 6.77 -42.04 -10.05
N PHE A 108 7.91 -42.01 -9.38
CA PHE A 108 8.46 -43.21 -8.78
C PHE A 108 8.76 -44.26 -9.85
N LYS A 109 9.16 -45.45 -9.42
CA LYS A 109 9.47 -46.53 -10.35
C LYS A 109 9.85 -47.81 -9.60
N GLN A 110 10.02 -48.89 -10.34
CA GLN A 110 10.38 -50.18 -9.74
C GLN A 110 11.64 -50.05 -8.90
N SER A 111 12.52 -49.14 -9.30
CA SER A 111 13.77 -48.91 -8.57
C SER A 111 13.61 -47.75 -7.58
N ALA A 112 12.75 -46.80 -7.93
CA ALA A 112 12.50 -45.65 -7.07
C ALA A 112 11.53 -45.99 -5.95
N THR A 113 11.90 -46.97 -5.13
CA THR A 113 11.08 -47.40 -4.02
C THR A 113 11.05 -46.35 -2.92
N LYS A 114 12.20 -46.13 -2.28
CA LYS A 114 12.31 -45.15 -1.21
C LYS A 114 13.76 -44.72 -1.01
N ALA A 115 14.65 -45.70 -0.98
CA ALA A 115 16.07 -45.43 -0.81
C ALA A 115 16.68 -44.86 -2.08
N GLU A 116 16.02 -45.12 -3.20
CA GLU A 116 16.50 -44.63 -4.49
C GLU A 116 16.03 -43.20 -4.76
N LEU A 117 14.80 -42.92 -4.34
CA LEU A 117 14.23 -41.58 -4.53
C LEU A 117 14.91 -40.58 -3.60
N ILE A 118 15.20 -41.04 -2.39
CA ILE A 118 15.83 -40.19 -1.41
C ILE A 118 17.29 -39.89 -1.79
N ALA A 119 17.89 -40.80 -2.55
CA ALA A 119 19.27 -40.64 -2.99
C ALA A 119 19.34 -39.85 -4.29
N LEU A 120 18.32 -40.02 -5.13
CA LEU A 120 18.26 -39.35 -6.42
C LEU A 120 18.16 -37.83 -6.26
N PHE A 121 17.44 -37.38 -5.24
CA PHE A 121 17.28 -35.94 -5.00
C PHE A 121 18.61 -35.28 -4.69
N ALA A 122 19.35 -34.95 -5.73
CA ALA A 122 20.65 -34.30 -5.57
C ALA A 122 20.80 -33.14 -6.54
N PRO A 123 21.63 -32.14 -6.19
CA PRO A 123 21.86 -30.97 -7.04
C PRO A 123 22.56 -31.32 -8.35
N ALA A 124 21.80 -31.94 -9.26
CA ALA A 124 22.34 -32.33 -10.56
C ALA A 124 21.40 -31.93 -11.69
N ASP A 125 20.12 -32.22 -11.51
CA ASP A 125 19.11 -31.90 -12.52
C ASP A 125 18.98 -30.39 -12.69
N GLY A 126 18.31 -29.98 -13.76
CA GLY A 126 18.13 -28.56 -14.03
C GLY A 126 17.07 -27.94 -13.15
N GLU A 127 15.92 -28.59 -13.05
CA GLU A 127 14.82 -28.09 -12.23
C GLU A 127 15.23 -28.03 -10.76
N LYS A 128 14.69 -27.05 -10.04
CA LYS A 128 14.99 -26.88 -8.62
C LYS A 128 13.82 -27.32 -7.76
N SER A 129 14.11 -27.67 -6.51
CA SER A 129 13.07 -28.10 -5.58
C SER A 129 12.12 -26.95 -5.24
N GLU A 130 10.90 -27.05 -5.75
CA GLU A 130 9.89 -26.01 -5.50
C GLU A 130 9.31 -26.14 -4.09
N ALA A 131 9.07 -27.38 -3.67
CA ALA A 131 8.51 -27.64 -2.35
C ALA A 131 7.16 -26.96 -2.17
N GLY A 1 7.45 30.04 5.45
CA GLY A 1 8.93 29.91 5.27
C GLY A 1 9.66 29.76 6.60
N SER A 2 9.58 28.57 7.18
CA SER A 2 10.23 28.30 8.46
C SER A 2 10.03 26.85 8.88
N HIS A 3 11.09 26.06 8.80
CA HIS A 3 11.01 24.65 9.18
C HIS A 3 12.40 24.11 9.56
N MET A 4 12.74 24.22 10.83
CA MET A 4 14.03 23.73 11.31
C MET A 4 14.04 22.21 11.37
N ASP A 5 13.34 21.65 12.35
CA ASP A 5 13.25 20.20 12.51
C ASP A 5 12.13 19.65 11.65
N LYS A 6 11.98 18.33 11.64
CA LYS A 6 10.92 17.70 10.84
C LYS A 6 10.90 16.19 11.03
N THR A 7 9.86 15.70 11.70
CA THR A 7 9.71 14.26 11.93
C THR A 7 8.23 13.90 12.09
N PHE A 8 7.79 12.91 11.34
CA PHE A 8 6.40 12.48 11.39
C PHE A 8 6.24 10.99 11.14
N CYS A 9 5.17 10.43 11.68
CA CYS A 9 4.86 9.02 11.46
C CYS A 9 3.93 8.92 10.25
N VAL A 10 4.33 8.13 9.26
CA VAL A 10 3.52 7.98 8.05
C VAL A 10 2.89 6.60 7.97
N VAL A 11 1.77 6.52 7.26
CA VAL A 11 1.08 5.25 7.13
C VAL A 11 0.58 5.03 5.70
N VAL A 12 0.91 3.86 5.16
CA VAL A 12 0.50 3.50 3.81
C VAL A 12 -0.75 2.64 3.84
N GLN A 13 -1.88 3.23 3.49
CA GLN A 13 -3.15 2.51 3.47
C GLN A 13 -3.61 2.26 2.05
N ASN A 14 -3.51 1.01 1.60
CA ASN A 14 -3.91 0.66 0.24
C ASN A 14 -4.68 -0.66 0.24
N ARG A 15 -5.64 -0.76 -0.66
CA ARG A 15 -6.46 -1.96 -0.78
C ARG A 15 -6.60 -2.38 -2.24
N ILE A 16 -5.65 -3.19 -2.71
CA ILE A 16 -5.66 -3.67 -4.09
C ILE A 16 -5.51 -5.18 -4.16
N LYS A 17 -4.41 -5.70 -3.63
CA LYS A 17 -4.16 -7.15 -3.64
C LYS A 17 -3.52 -7.63 -2.34
N GLU A 18 -3.40 -6.74 -1.35
CA GLU A 18 -2.79 -7.10 -0.07
C GLU A 18 -1.44 -7.79 -0.28
N GLY A 19 -0.80 -7.48 -1.40
CA GLY A 19 0.49 -8.07 -1.71
C GLY A 19 0.99 -7.65 -3.08
N TYR A 20 1.32 -6.37 -3.20
CA TYR A 20 1.81 -5.82 -4.47
C TYR A 20 3.32 -5.62 -4.43
N ARG A 21 4.00 -6.43 -3.63
CA ARG A 21 5.45 -6.34 -3.51
C ARG A 21 5.89 -4.97 -3.03
N ARG A 22 7.19 -4.81 -2.82
CA ARG A 22 7.75 -3.54 -2.37
C ARG A 22 9.28 -3.64 -2.25
N ALA A 23 9.76 -4.04 -1.09
CA ALA A 23 11.20 -4.18 -0.86
C ALA A 23 11.68 -5.56 -1.26
N GLY A 24 10.81 -6.54 -1.06
CA GLY A 24 11.13 -7.92 -1.40
C GLY A 24 10.25 -8.88 -0.64
N PHE A 25 8.97 -8.54 -0.56
CA PHE A 25 8.00 -9.36 0.15
C PHE A 25 6.58 -8.92 -0.19
N SER A 26 5.59 -9.71 0.20
CA SER A 26 4.20 -9.39 -0.05
C SER A 26 3.69 -8.37 0.97
N PHE A 27 4.27 -7.17 0.93
CA PHE A 27 3.87 -6.10 1.85
C PHE A 27 2.35 -5.88 1.80
N HIS A 28 1.71 -5.90 2.95
CA HIS A 28 0.27 -5.69 3.02
C HIS A 28 -0.07 -4.25 2.71
N LEU A 29 -0.66 -4.02 1.53
CA LEU A 29 -1.05 -2.68 1.10
C LEU A 29 -1.77 -1.94 2.22
N GLY A 30 -2.46 -2.70 3.07
CA GLY A 30 -3.19 -2.10 4.17
C GLY A 30 -2.40 -1.05 4.92
N ASP A 31 -3.08 -0.32 5.79
CA ASP A 31 -2.44 0.75 6.56
C ASP A 31 -1.23 0.24 7.33
N ASN A 32 -0.08 0.82 7.03
CA ASN A 32 1.17 0.46 7.70
C ASN A 32 1.77 1.72 8.32
N SER A 33 2.09 1.67 9.61
CA SER A 33 2.63 2.84 10.30
C SER A 33 4.14 2.97 10.15
N LEU A 34 4.57 4.21 10.08
CA LEU A 34 5.98 4.54 9.94
C LEU A 34 6.43 5.44 11.10
N ALA A 35 7.65 5.21 11.59
CA ALA A 35 8.20 5.99 12.69
C ALA A 35 8.54 7.39 12.24
N ALA A 36 8.57 8.31 13.18
CA ALA A 36 8.86 9.70 12.86
C ALA A 36 10.32 9.91 12.47
N VAL A 37 10.53 10.20 11.18
CA VAL A 37 11.87 10.42 10.64
C VAL A 37 11.91 11.73 9.84
N SER A 38 13.09 12.04 9.31
CA SER A 38 13.26 13.26 8.52
C SER A 38 12.20 13.37 7.42
N GLU A 39 12.44 12.72 6.29
CA GLU A 39 11.50 12.76 5.17
C GLU A 39 11.51 11.45 4.37
N SER A 40 12.54 10.64 4.55
CA SER A 40 12.68 9.36 3.84
C SER A 40 11.37 8.58 3.75
N GLN A 41 10.66 8.46 4.87
CA GLN A 41 9.40 7.71 4.90
C GLN A 41 8.43 8.18 3.82
N LEU A 42 8.55 9.44 3.44
CA LEU A 42 7.67 10.00 2.43
C LEU A 42 8.14 9.63 1.03
N ALA A 43 9.46 9.67 0.84
CA ALA A 43 10.04 9.35 -0.45
C ALA A 43 10.21 7.83 -0.63
N GLN A 44 10.24 7.11 0.49
CA GLN A 44 10.40 5.66 0.44
C GLN A 44 9.12 5.01 -0.11
N LEU A 45 7.99 5.39 0.46
CA LEU A 45 6.70 4.85 0.03
C LEU A 45 6.22 5.51 -1.25
N LYS A 46 6.50 6.81 -1.38
CA LYS A 46 6.10 7.57 -2.56
C LYS A 46 6.88 7.10 -3.78
N ALA A 47 8.09 6.60 -3.56
CA ALA A 47 8.93 6.12 -4.65
C ALA A 47 8.17 5.18 -5.57
N ASP A 48 7.16 4.51 -5.02
CA ASP A 48 6.35 3.58 -5.80
C ASP A 48 5.01 4.21 -6.15
N PRO A 49 4.83 4.63 -7.41
CA PRO A 49 3.59 5.26 -7.88
C PRO A 49 2.46 4.24 -8.04
N ARG A 50 2.03 3.66 -6.92
CA ARG A 50 0.96 2.68 -6.95
C ARG A 50 0.08 2.79 -5.70
N LEU A 51 0.70 3.03 -4.56
CA LEU A 51 -0.03 3.16 -3.30
C LEU A 51 -0.18 4.63 -2.91
N VAL A 52 -0.60 4.87 -1.67
CA VAL A 52 -0.80 6.24 -1.19
C VAL A 52 -0.06 6.48 0.13
N VAL A 53 1.02 7.24 0.06
CA VAL A 53 1.80 7.57 1.25
C VAL A 53 1.51 9.01 1.67
N GLN A 54 0.85 9.15 2.81
CA GLN A 54 0.49 10.46 3.33
C GLN A 54 0.96 10.65 4.77
N ILE A 55 1.36 11.88 5.10
CA ILE A 55 1.84 12.19 6.45
C ILE A 55 0.77 12.95 7.24
N THR A 56 0.48 12.46 8.44
CA THR A 56 -0.51 13.09 9.31
C THR A 56 0.10 13.48 10.64
N GLU A 57 0.35 14.76 10.83
CA GLU A 57 0.93 15.27 12.06
C GLU A 57 -0.15 15.75 13.01
N THR A 58 -0.79 14.80 13.70
CA THR A 58 -1.86 15.14 14.65
C THR A 58 -1.43 14.82 16.06
N GLY A 59 -2.33 15.08 17.02
CA GLY A 59 -2.02 14.82 18.41
C GLY A 59 -2.69 15.81 19.35
N SER A 60 -1.96 16.24 20.37
CA SER A 60 -2.49 17.19 21.34
C SER A 60 -2.29 18.63 20.86
N GLN A 61 -3.14 19.53 21.33
CA GLN A 61 -3.05 20.93 20.95
C GLN A 61 -1.81 21.59 21.56
N GLU A 62 -0.66 21.34 20.95
CA GLU A 62 0.59 21.90 21.43
C GLU A 62 0.76 23.34 20.97
N GLY A 63 1.40 24.15 21.80
CA GLY A 63 1.62 25.55 21.46
C GLY A 63 0.42 26.42 21.80
N GLY A 64 0.25 27.50 21.05
CA GLY A 64 -0.87 28.40 21.29
C GLY A 64 -1.30 29.14 20.03
N GLU A 65 -0.41 29.99 19.52
CA GLU A 65 -0.71 30.75 18.31
C GLU A 65 0.36 30.51 17.24
N GLY A 66 -0.09 30.01 16.09
CA GLY A 66 0.83 29.73 15.00
C GLY A 66 0.32 28.63 14.09
N LEU A 67 0.42 27.39 14.56
CA LEU A 67 -0.03 26.24 13.78
C LEU A 67 -1.53 26.05 13.90
N SER A 68 -2.23 26.08 12.77
CA SER A 68 -3.67 25.91 12.75
C SER A 68 -4.15 25.43 11.38
N LYS A 69 -5.07 24.47 11.38
CA LYS A 69 -5.61 23.91 10.15
C LYS A 69 -4.51 23.28 9.31
N GLU A 70 -4.44 21.95 9.35
CA GLU A 70 -3.43 21.22 8.58
C GLU A 70 -3.88 19.78 8.30
N PRO A 71 -4.28 19.01 9.33
CA PRO A 71 -4.72 17.62 9.15
C PRO A 71 -5.97 17.53 8.28
N ALA A 72 -6.40 16.30 8.01
CA ALA A 72 -7.59 16.07 7.19
C ALA A 72 -7.39 16.63 5.78
N GLY A 73 -6.15 16.64 5.32
CA GLY A 73 -5.85 17.15 3.99
C GLY A 73 -6.06 16.11 2.91
N SER A 74 -7.26 16.09 2.34
CA SER A 74 -7.59 15.13 1.28
C SER A 74 -8.99 15.39 0.74
N ASP A 75 -9.93 15.62 1.64
CA ASP A 75 -11.32 15.88 1.25
C ASP A 75 -11.70 17.32 1.53
N GLU A 76 -11.12 17.89 2.58
CA GLU A 76 -11.41 19.28 2.96
C GLU A 76 -10.67 20.24 2.04
N GLN A 77 -9.35 20.08 1.95
CA GLN A 77 -8.54 20.95 1.09
C GLN A 77 -8.98 20.86 -0.35
N LYS A 78 -9.10 19.64 -0.86
CA LYS A 78 -9.51 19.42 -2.24
C LYS A 78 -11.04 19.43 -2.36
N GLN A 79 -11.53 20.08 -3.41
CA GLN A 79 -12.98 20.16 -3.63
C GLN A 79 -13.32 19.83 -5.08
N LEU A 80 -14.55 19.36 -5.29
CA LEU A 80 -15.01 19.00 -6.63
C LEU A 80 -15.74 20.16 -7.29
N ARG A 81 -16.74 20.69 -6.59
CA ARG A 81 -17.52 21.81 -7.10
C ARG A 81 -18.19 21.44 -8.43
N ALA A 82 -18.86 20.30 -8.46
CA ALA A 82 -19.53 19.83 -9.66
C ALA A 82 -20.68 18.91 -9.32
N ASP A 83 -20.36 17.72 -8.81
CA ASP A 83 -21.38 16.74 -8.45
C ASP A 83 -22.16 17.18 -7.21
N PRO A 84 -21.49 17.28 -6.05
CA PRO A 84 -22.14 17.69 -4.80
C PRO A 84 -23.07 18.88 -4.99
N PRO A 85 -22.56 20.02 -5.50
CA PRO A 85 -23.38 21.21 -5.73
C PRO A 85 -24.34 21.06 -6.89
N SER A 86 -24.94 22.17 -7.33
CA SER A 86 -25.87 22.14 -8.44
C SER A 86 -25.24 22.75 -9.69
N THR A 87 -25.82 22.45 -10.85
CA THR A 87 -25.31 22.97 -12.11
C THR A 87 -26.45 23.40 -13.03
N ASP A 88 -26.40 24.63 -13.50
CA ASP A 88 -27.42 25.18 -14.38
C ASP A 88 -28.78 25.16 -13.70
N LEU A 89 -29.78 25.70 -14.40
CA LEU A 89 -31.15 25.76 -13.86
C LEU A 89 -31.26 26.77 -12.73
N ASN A 90 -30.45 26.58 -11.68
CA ASN A 90 -30.46 27.47 -10.53
C ASN A 90 -30.40 28.94 -10.96
N THR A 91 -29.44 29.25 -11.84
CA THR A 91 -29.26 30.62 -12.32
C THR A 91 -30.48 31.14 -13.09
N PHE A 92 -31.40 30.25 -13.47
CA PHE A 92 -32.60 30.67 -14.20
C PHE A 92 -33.63 31.26 -13.25
N THR A 93 -34.27 32.34 -13.67
CA THR A 93 -35.28 32.99 -12.86
C THR A 93 -36.59 33.18 -13.63
N VAL A 94 -36.58 34.07 -14.60
CA VAL A 94 -37.77 34.33 -15.41
C VAL A 94 -37.39 34.83 -16.81
N GLU A 95 -36.43 35.75 -16.86
CA GLU A 95 -35.98 36.32 -18.12
C GLU A 95 -34.97 35.42 -18.82
N GLN A 96 -34.34 34.52 -18.07
CA GLN A 96 -33.35 33.61 -18.62
C GLN A 96 -34.03 32.49 -19.40
N LEU A 97 -35.07 31.93 -18.83
CA LEU A 97 -35.80 30.84 -19.48
C LEU A 97 -36.35 31.31 -20.81
N LYS A 98 -37.18 32.33 -20.74
CA LYS A 98 -37.80 32.89 -21.95
C LYS A 98 -36.73 33.35 -22.93
N ALA A 99 -35.59 33.79 -22.42
CA ALA A 99 -34.49 34.25 -23.26
C ALA A 99 -33.63 33.11 -23.74
N GLN A 100 -33.68 32.00 -23.02
CA GLN A 100 -32.91 30.81 -23.36
C GLN A 100 -33.61 29.96 -24.40
N LEU A 101 -34.93 29.85 -24.29
CA LEU A 101 -35.70 29.05 -25.25
C LEU A 101 -35.58 29.66 -26.63
N THR A 102 -35.73 30.98 -26.69
CA THR A 102 -35.64 31.70 -27.96
C THR A 102 -34.25 31.58 -28.55
N GLU A 103 -33.24 31.66 -27.70
CA GLU A 103 -31.87 31.56 -28.15
C GLU A 103 -31.49 30.11 -28.44
N ARG A 104 -32.39 29.19 -28.10
CA ARG A 104 -32.15 27.77 -28.34
C ARG A 104 -32.91 27.28 -29.56
N GLY A 105 -33.86 28.08 -30.04
CA GLY A 105 -34.64 27.71 -31.20
C GLY A 105 -35.71 26.68 -30.88
N ILE A 106 -36.64 27.06 -30.01
CA ILE A 106 -37.72 26.17 -29.61
C ILE A 106 -38.98 26.96 -29.21
N THR A 107 -39.88 27.16 -30.16
CA THR A 107 -41.11 27.90 -29.91
C THR A 107 -41.81 27.39 -28.64
N PHE A 108 -42.37 28.32 -27.87
CA PHE A 108 -43.06 27.96 -26.63
C PHE A 108 -44.50 28.44 -26.66
N LYS A 109 -44.73 29.69 -26.25
CA LYS A 109 -46.08 30.26 -26.24
C LYS A 109 -47.06 29.35 -25.50
N GLN A 110 -47.40 29.74 -24.28
CA GLN A 110 -48.34 28.97 -23.46
C GLN A 110 -47.77 27.60 -23.13
N SER A 111 -48.52 26.83 -22.36
CA SER A 111 -48.09 25.49 -21.95
C SER A 111 -46.74 25.54 -21.23
N ALA A 112 -46.42 26.71 -20.68
CA ALA A 112 -45.16 26.92 -19.97
C ALA A 112 -44.94 28.40 -19.71
N THR A 113 -45.68 28.93 -18.74
CA THR A 113 -45.59 30.34 -18.40
C THR A 113 -44.28 30.67 -17.71
N LYS A 114 -44.21 30.42 -16.40
CA LYS A 114 -43.00 30.71 -15.64
C LYS A 114 -42.58 29.54 -14.77
N ALA A 115 -43.45 29.11 -13.88
CA ALA A 115 -43.14 28.00 -13.00
C ALA A 115 -42.87 26.73 -13.79
N GLU A 116 -43.57 26.60 -14.92
CA GLU A 116 -43.38 25.43 -15.79
C GLU A 116 -42.24 25.68 -16.76
N LEU A 117 -42.10 26.93 -17.16
CA LEU A 117 -41.06 27.34 -18.09
C LEU A 117 -39.71 27.46 -17.40
N ILE A 118 -39.72 27.61 -16.08
CA ILE A 118 -38.47 27.69 -15.34
C ILE A 118 -37.95 26.28 -15.05
N ALA A 119 -38.88 25.33 -14.94
CA ALA A 119 -38.54 23.94 -14.70
C ALA A 119 -38.26 23.21 -16.01
N LEU A 120 -38.94 23.65 -17.07
CA LEU A 120 -38.79 23.04 -18.39
C LEU A 120 -37.32 22.91 -18.76
N PHE A 121 -36.56 23.97 -18.53
CA PHE A 121 -35.13 23.96 -18.85
C PHE A 121 -34.40 22.90 -18.02
N ALA A 122 -34.47 21.66 -18.49
CA ALA A 122 -33.81 20.55 -17.80
C ALA A 122 -32.79 19.86 -18.71
N PRO A 123 -31.49 20.13 -18.51
CA PRO A 123 -30.42 19.53 -19.32
C PRO A 123 -30.56 18.01 -19.43
N ALA A 124 -31.21 17.41 -18.44
CA ALA A 124 -31.41 15.97 -18.43
C ALA A 124 -32.13 15.49 -19.69
N ASP A 125 -31.92 14.23 -20.05
CA ASP A 125 -32.55 13.67 -21.23
C ASP A 125 -33.84 12.94 -20.87
N GLY A 126 -34.76 12.87 -21.83
CA GLY A 126 -36.02 12.20 -21.59
C GLY A 126 -36.39 11.25 -22.71
N GLU A 127 -37.27 11.70 -23.61
CA GLU A 127 -37.71 10.88 -24.73
C GLU A 127 -37.90 11.73 -25.98
N LYS A 128 -38.53 11.14 -27.00
CA LYS A 128 -38.76 11.84 -28.25
C LYS A 128 -37.45 12.27 -28.91
N SER A 129 -37.14 11.66 -30.05
CA SER A 129 -35.92 11.98 -30.77
C SER A 129 -36.07 11.68 -32.27
N GLU A 130 -36.59 10.50 -32.58
CA GLU A 130 -36.79 10.10 -33.97
C GLU A 130 -38.27 10.05 -34.32
N ALA A 131 -38.58 10.04 -35.61
CA ALA A 131 -39.96 10.00 -36.07
C ALA A 131 -40.75 11.21 -35.57
N GLY A 1 6.44 28.36 15.66
CA GLY A 1 5.78 27.16 15.07
C GLY A 1 6.73 26.34 14.21
N SER A 2 7.51 27.02 13.38
CA SER A 2 8.45 26.34 12.50
C SER A 2 9.79 26.12 13.21
N HIS A 3 10.33 24.92 13.07
CA HIS A 3 11.60 24.58 13.69
C HIS A 3 12.62 24.13 12.64
N MET A 4 13.76 23.65 13.10
CA MET A 4 14.82 23.19 12.21
C MET A 4 14.47 21.83 11.61
N ASP A 5 14.63 20.78 12.39
CA ASP A 5 14.32 19.43 11.93
C ASP A 5 12.90 19.03 12.32
N LYS A 6 12.34 18.07 11.59
CA LYS A 6 10.99 17.59 11.87
C LYS A 6 10.85 16.12 11.53
N THR A 7 10.22 15.37 12.44
CA THR A 7 10.02 13.93 12.25
C THR A 7 8.53 13.61 12.19
N PHE A 8 8.16 12.69 11.29
CA PHE A 8 6.76 12.31 11.14
C PHE A 8 6.60 10.84 10.81
N CYS A 9 5.52 10.25 11.32
CA CYS A 9 5.21 8.86 11.04
C CYS A 9 4.28 8.81 9.83
N VAL A 10 4.64 8.03 8.83
CA VAL A 10 3.84 7.93 7.61
C VAL A 10 3.17 6.57 7.48
N VAL A 11 2.05 6.52 6.80
CA VAL A 11 1.34 5.28 6.61
C VAL A 11 0.81 5.13 5.19
N VAL A 12 1.15 4.00 4.57
CA VAL A 12 0.73 3.72 3.20
C VAL A 12 -0.53 2.87 3.18
N GLN A 13 -1.65 3.51 2.86
CA GLN A 13 -2.93 2.80 2.80
C GLN A 13 -3.27 2.47 1.34
N ASN A 14 -3.14 1.20 0.99
CA ASN A 14 -3.44 0.76 -0.37
C ASN A 14 -4.44 -0.39 -0.36
N ARG A 15 -5.42 -0.32 -1.25
CA ARG A 15 -6.44 -1.35 -1.37
C ARG A 15 -6.38 -2.04 -2.73
N ILE A 16 -5.27 -1.88 -3.42
CA ILE A 16 -5.07 -2.47 -4.73
C ILE A 16 -5.17 -4.00 -4.65
N LYS A 17 -4.16 -4.63 -4.04
CA LYS A 17 -4.15 -6.08 -3.91
C LYS A 17 -3.08 -6.52 -2.91
N GLU A 18 -2.88 -7.83 -2.79
CA GLU A 18 -1.89 -8.36 -1.87
C GLU A 18 -0.56 -8.65 -2.56
N GLY A 19 -0.59 -8.66 -3.89
CA GLY A 19 0.62 -8.92 -4.66
C GLY A 19 1.19 -7.67 -5.29
N TYR A 20 1.42 -6.65 -4.49
CA TYR A 20 1.96 -5.38 -4.98
C TYR A 20 3.33 -5.08 -4.37
N ARG A 21 3.92 -6.08 -3.74
CA ARG A 21 5.24 -5.92 -3.14
C ARG A 21 5.26 -4.86 -2.06
N ARG A 22 6.45 -4.60 -1.53
CA ARG A 22 6.65 -3.60 -0.49
C ARG A 22 8.14 -3.44 -0.20
N ALA A 23 8.46 -2.84 0.95
CA ALA A 23 9.86 -2.65 1.33
C ALA A 23 10.66 -3.93 1.16
N GLY A 24 9.97 -5.07 1.26
CA GLY A 24 10.61 -6.36 1.12
C GLY A 24 9.98 -7.42 2.00
N PHE A 25 8.66 -7.35 2.14
CA PHE A 25 7.93 -8.31 2.98
C PHE A 25 6.59 -8.69 2.36
N SER A 26 6.50 -8.59 1.03
CA SER A 26 5.27 -8.93 0.32
C SER A 26 4.03 -8.41 1.05
N PHE A 27 4.02 -7.10 1.34
CA PHE A 27 2.92 -6.48 2.04
C PHE A 27 1.60 -6.69 1.30
N HIS A 28 0.50 -6.68 2.04
CA HIS A 28 -0.83 -6.88 1.45
C HIS A 28 -1.58 -5.56 1.33
N LEU A 29 -2.74 -5.61 0.66
CA LEU A 29 -3.55 -4.42 0.48
C LEU A 29 -4.06 -3.88 1.80
N GLY A 30 -3.16 -3.24 2.55
CA GLY A 30 -3.53 -2.69 3.85
C GLY A 30 -2.83 -1.38 4.14
N ASP A 31 -2.47 -1.18 5.41
CA ASP A 31 -1.79 0.04 5.82
C ASP A 31 -0.64 -0.25 6.78
N ASN A 32 0.52 0.34 6.50
CA ASN A 32 1.69 0.16 7.35
C ASN A 32 2.19 1.50 7.86
N SER A 33 2.49 1.58 9.15
CA SER A 33 2.95 2.83 9.74
C SER A 33 4.46 2.98 9.62
N LEU A 34 4.89 4.21 9.44
CA LEU A 34 6.30 4.53 9.31
C LEU A 34 6.78 5.33 10.53
N ALA A 35 8.00 5.06 10.97
CA ALA A 35 8.58 5.74 12.11
C ALA A 35 8.89 7.18 11.77
N ALA A 36 8.99 8.03 12.78
CA ALA A 36 9.25 9.43 12.53
C ALA A 36 10.66 9.66 12.01
N VAL A 37 10.72 10.09 10.75
CA VAL A 37 11.99 10.34 10.07
C VAL A 37 11.98 11.73 9.43
N SER A 38 13.13 12.15 8.92
CA SER A 38 13.27 13.46 8.28
C SER A 38 12.26 13.62 7.14
N GLU A 39 12.52 12.92 6.04
CA GLU A 39 11.63 12.99 4.87
C GLU A 39 11.72 11.74 3.98
N SER A 40 12.77 10.95 4.16
CA SER A 40 12.97 9.73 3.37
C SER A 40 11.68 8.90 3.27
N GLN A 41 10.95 8.79 4.37
CA GLN A 41 9.71 8.01 4.40
C GLN A 41 8.72 8.51 3.37
N LEU A 42 8.78 9.79 3.06
CA LEU A 42 7.86 10.37 2.09
C LEU A 42 8.27 10.04 0.67
N ALA A 43 9.54 10.28 0.37
CA ALA A 43 10.06 10.02 -0.97
C ALA A 43 10.26 8.52 -1.19
N GLN A 44 10.40 7.76 -0.10
CA GLN A 44 10.60 6.32 -0.22
C GLN A 44 9.35 5.66 -0.79
N LEU A 45 8.19 6.06 -0.27
CA LEU A 45 6.92 5.51 -0.72
C LEU A 45 6.48 6.14 -2.05
N LYS A 46 6.43 7.47 -2.06
CA LYS A 46 6.01 8.20 -3.26
C LYS A 46 6.69 7.66 -4.52
N ALA A 47 7.89 7.10 -4.35
CA ALA A 47 8.65 6.55 -5.47
C ALA A 47 7.78 5.61 -6.30
N ASP A 48 6.79 5.00 -5.66
CA ASP A 48 5.88 4.08 -6.34
C ASP A 48 4.44 4.57 -6.27
N PRO A 49 3.99 5.30 -7.30
CA PRO A 49 2.63 5.83 -7.36
C PRO A 49 1.56 4.76 -7.15
N ARG A 50 1.93 3.50 -7.38
CA ARG A 50 1.00 2.39 -7.22
C ARG A 50 0.24 2.48 -5.89
N LEU A 51 0.95 2.87 -4.83
CA LEU A 51 0.33 2.99 -3.51
C LEU A 51 0.15 4.46 -3.14
N VAL A 52 -0.12 4.72 -1.87
CA VAL A 52 -0.31 6.09 -1.39
C VAL A 52 0.56 6.39 -0.17
N VAL A 53 1.10 7.60 -0.11
CA VAL A 53 1.94 8.00 1.02
C VAL A 53 1.53 9.38 1.53
N GLN A 54 1.07 9.42 2.78
CA GLN A 54 0.64 10.68 3.38
C GLN A 54 1.31 10.91 4.73
N ILE A 55 1.81 12.13 4.92
CA ILE A 55 2.47 12.51 6.17
C ILE A 55 1.49 13.17 7.13
N THR A 56 1.49 12.69 8.37
CA THR A 56 0.60 13.24 9.39
C THR A 56 1.39 13.75 10.59
N GLU A 57 1.51 15.06 10.70
CA GLU A 57 2.25 15.69 11.79
C GLU A 57 1.77 17.12 12.03
N THR A 58 2.13 18.02 11.12
CA THR A 58 1.75 19.42 11.22
C THR A 58 2.20 20.00 12.56
N GLY A 59 2.07 21.32 12.70
CA GLY A 59 2.48 21.98 13.94
C GLY A 59 2.55 23.49 13.79
N SER A 60 1.50 24.08 13.25
CA SER A 60 1.44 25.52 13.06
C SER A 60 0.35 26.15 13.91
N GLN A 61 -0.89 25.73 13.70
CA GLN A 61 -2.02 26.25 14.45
C GLN A 61 -1.90 25.89 15.93
N GLU A 62 -2.69 26.55 16.77
CA GLU A 62 -2.67 26.29 18.20
C GLU A 62 -4.09 26.11 18.74
N GLY A 63 -4.56 24.87 18.74
CA GLY A 63 -5.90 24.59 19.23
C GLY A 63 -6.76 23.89 18.20
N GLY A 64 -6.93 24.53 17.04
CA GLY A 64 -7.74 23.95 15.99
C GLY A 64 -6.91 23.52 14.79
N GLU A 65 -7.51 22.73 13.92
CA GLU A 65 -6.82 22.23 12.73
C GLU A 65 -7.15 23.09 11.51
N GLY A 66 -6.13 23.42 10.72
CA GLY A 66 -6.35 24.23 9.54
C GLY A 66 -6.79 23.41 8.34
N LEU A 67 -8.04 23.59 7.93
CA LEU A 67 -8.58 22.86 6.80
C LEU A 67 -8.11 23.46 5.48
N SER A 68 -8.62 24.64 5.16
CA SER A 68 -8.25 25.33 3.92
C SER A 68 -7.53 26.64 4.22
N LYS A 69 -7.06 27.30 3.17
CA LYS A 69 -6.35 28.57 3.33
C LYS A 69 -7.16 29.71 2.72
N GLU A 70 -7.44 29.62 1.43
CA GLU A 70 -8.20 30.65 0.74
C GLU A 70 -7.48 31.99 0.77
N PRO A 71 -6.55 32.21 -0.17
CA PRO A 71 -5.79 33.46 -0.25
C PRO A 71 -6.69 34.68 -0.46
N ALA A 72 -7.93 34.44 -0.88
CA ALA A 72 -8.88 35.51 -1.12
C ALA A 72 -8.58 36.23 -2.44
N GLY A 73 -9.18 35.76 -3.52
CA GLY A 73 -8.96 36.37 -4.82
C GLY A 73 -10.23 36.41 -5.66
N SER A 74 -10.05 36.32 -6.98
CA SER A 74 -11.19 36.34 -7.89
C SER A 74 -10.73 36.16 -9.33
N ASP A 75 -11.55 35.48 -10.13
CA ASP A 75 -11.23 35.23 -11.53
C ASP A 75 -9.92 34.46 -11.66
N GLU A 76 -9.50 34.22 -12.90
CA GLU A 76 -8.26 33.48 -13.17
C GLU A 76 -8.44 31.99 -12.88
N GLN A 77 -8.77 31.65 -11.64
CA GLN A 77 -8.97 30.26 -11.23
C GLN A 77 -7.95 29.33 -11.87
N LYS A 78 -6.68 29.50 -11.51
CA LYS A 78 -5.61 28.68 -12.05
C LYS A 78 -5.50 28.84 -13.56
N GLN A 79 -4.57 28.10 -14.16
CA GLN A 79 -4.36 28.16 -15.60
C GLN A 79 -3.90 29.55 -16.02
N LEU A 80 -2.59 29.71 -16.21
CA LEU A 80 -2.02 30.99 -16.61
C LEU A 80 -1.77 31.02 -18.12
N ARG A 81 -0.86 30.16 -18.58
CA ARG A 81 -0.53 30.08 -19.99
C ARG A 81 -0.14 28.66 -20.38
N ALA A 82 -1.05 27.95 -21.02
CA ALA A 82 -0.79 26.57 -21.44
C ALA A 82 -0.49 25.68 -20.24
N ASP A 83 -1.54 25.30 -19.52
CA ASP A 83 -1.40 24.44 -18.34
C ASP A 83 -2.53 23.43 -18.26
N PRO A 84 -2.27 22.15 -18.59
CA PRO A 84 -3.29 21.10 -18.55
C PRO A 84 -3.73 20.78 -17.12
N PRO A 85 -4.98 21.12 -16.75
CA PRO A 85 -5.51 20.86 -15.41
C PRO A 85 -5.68 19.37 -15.13
N SER A 86 -4.95 18.86 -14.15
CA SER A 86 -5.02 17.46 -13.78
C SER A 86 -6.33 17.15 -13.06
N THR A 87 -6.84 18.13 -12.33
CA THR A 87 -8.08 17.97 -11.58
C THR A 87 -9.27 18.49 -12.39
N ASP A 88 -10.45 17.94 -12.12
CA ASP A 88 -11.67 18.36 -12.81
C ASP A 88 -12.89 17.63 -12.25
N LEU A 89 -12.72 16.35 -11.96
CA LEU A 89 -13.81 15.54 -11.41
C LEU A 89 -13.94 15.75 -9.91
N ASN A 90 -12.81 15.83 -9.22
CA ASN A 90 -12.79 16.02 -7.77
C ASN A 90 -13.71 17.17 -7.34
N THR A 91 -13.78 18.21 -8.16
CA THR A 91 -14.61 19.38 -7.86
C THR A 91 -16.10 19.03 -7.76
N PHE A 92 -16.48 17.84 -8.22
CA PHE A 92 -17.88 17.42 -8.17
C PHE A 92 -18.27 16.92 -6.78
N THR A 93 -17.28 16.77 -5.90
CA THR A 93 -17.52 16.29 -4.53
C THR A 93 -17.94 14.83 -4.54
N VAL A 94 -18.54 14.39 -3.42
CA VAL A 94 -18.99 13.01 -3.29
C VAL A 94 -20.51 12.95 -3.15
N GLU A 95 -21.05 13.85 -2.35
CA GLU A 95 -22.48 13.92 -2.11
C GLU A 95 -23.19 14.60 -3.28
N GLN A 96 -22.45 15.35 -4.08
CA GLN A 96 -23.00 16.06 -5.22
C GLN A 96 -23.26 15.10 -6.37
N LEU A 97 -22.48 14.04 -6.42
CA LEU A 97 -22.64 13.03 -7.45
C LEU A 97 -23.86 12.18 -7.12
N LYS A 98 -23.80 11.56 -5.94
CA LYS A 98 -24.90 10.74 -5.46
C LYS A 98 -26.23 11.49 -5.60
N ALA A 99 -26.20 12.80 -5.43
CA ALA A 99 -27.41 13.61 -5.54
C ALA A 99 -27.68 14.01 -6.99
N GLN A 100 -26.65 13.97 -7.80
CA GLN A 100 -26.76 14.33 -9.21
C GLN A 100 -27.19 13.14 -10.06
N LEU A 101 -26.66 11.96 -9.73
CA LEU A 101 -27.00 10.75 -10.48
C LEU A 101 -28.49 10.50 -10.41
N THR A 102 -29.02 10.57 -9.19
CA THR A 102 -30.45 10.35 -8.99
C THR A 102 -31.26 11.44 -9.65
N GLU A 103 -30.76 12.67 -9.57
CA GLU A 103 -31.44 13.80 -10.18
C GLU A 103 -31.16 13.88 -11.68
N ARG A 104 -30.27 13.02 -12.15
CA ARG A 104 -29.91 13.00 -13.56
C ARG A 104 -30.63 11.87 -14.30
N GLY A 105 -31.19 10.92 -13.55
CA GLY A 105 -31.90 9.81 -14.15
C GLY A 105 -31.07 8.54 -14.27
N ILE A 106 -30.27 8.26 -13.25
CA ILE A 106 -29.43 7.07 -13.25
C ILE A 106 -29.91 6.05 -12.22
N THR A 107 -30.66 6.53 -11.22
CA THR A 107 -31.20 5.67 -10.16
C THR A 107 -30.15 4.70 -9.63
N PHE A 108 -28.89 5.09 -9.70
CA PHE A 108 -27.79 4.25 -9.23
C PHE A 108 -27.88 2.84 -9.82
N LYS A 109 -27.21 1.88 -9.17
CA LYS A 109 -27.20 0.49 -9.62
C LYS A 109 -26.96 0.40 -11.12
N GLN A 110 -25.70 0.25 -11.50
CA GLN A 110 -25.32 0.15 -12.91
C GLN A 110 -23.80 0.00 -13.05
N SER A 111 -23.07 0.96 -12.49
CA SER A 111 -21.61 0.94 -12.54
C SER A 111 -21.02 2.15 -11.83
N ALA A 112 -21.59 2.48 -10.67
CA ALA A 112 -21.13 3.62 -9.89
C ALA A 112 -21.24 3.35 -8.39
N THR A 113 -20.32 3.92 -7.61
CA THR A 113 -20.32 3.74 -6.17
C THR A 113 -19.98 5.05 -5.46
N LYS A 114 -18.69 5.36 -5.40
CA LYS A 114 -18.24 6.59 -4.75
C LYS A 114 -17.03 7.17 -5.47
N ALA A 115 -15.97 6.38 -5.57
CA ALA A 115 -14.78 6.82 -6.26
C ALA A 115 -14.94 6.62 -7.76
N GLU A 116 -15.84 5.72 -8.13
CA GLU A 116 -16.11 5.43 -9.53
C GLU A 116 -17.14 6.39 -10.08
N LEU A 117 -18.13 6.72 -9.26
CA LEU A 117 -19.18 7.63 -9.69
C LEU A 117 -18.65 9.05 -9.71
N ILE A 118 -17.80 9.38 -8.75
CA ILE A 118 -17.24 10.71 -8.68
C ILE A 118 -16.40 10.99 -9.93
N ALA A 119 -15.84 9.94 -10.52
CA ALA A 119 -15.03 10.07 -11.73
C ALA A 119 -15.89 10.01 -12.99
N LEU A 120 -16.96 9.23 -12.93
CA LEU A 120 -17.86 9.05 -14.07
C LEU A 120 -18.49 10.36 -14.55
N PHE A 121 -19.10 11.11 -13.63
CA PHE A 121 -19.76 12.37 -13.98
C PHE A 121 -18.90 13.21 -14.92
N ALA A 122 -19.10 13.02 -16.21
CA ALA A 122 -18.34 13.77 -17.21
C ALA A 122 -18.84 13.45 -18.62
N PRO A 123 -19.41 14.45 -19.33
CA PRO A 123 -19.91 14.26 -20.69
C PRO A 123 -18.79 14.07 -21.70
N ALA A 124 -17.99 13.02 -21.52
CA ALA A 124 -16.88 12.74 -22.42
C ALA A 124 -16.14 11.48 -21.98
N ASP A 125 -15.16 11.07 -22.78
CA ASP A 125 -14.38 9.88 -22.47
C ASP A 125 -13.28 9.66 -23.51
N GLY A 126 -12.43 8.67 -23.26
CA GLY A 126 -11.35 8.39 -24.18
C GLY A 126 -11.07 6.91 -24.31
N GLU A 127 -9.99 6.56 -24.99
CA GLU A 127 -9.61 5.16 -25.18
C GLU A 127 -8.72 4.67 -24.05
N LYS A 128 -7.99 5.60 -23.44
CA LYS A 128 -7.10 5.26 -22.33
C LYS A 128 -7.86 4.57 -21.20
N SER A 129 -7.12 4.03 -20.24
CA SER A 129 -7.72 3.35 -19.10
C SER A 129 -8.02 4.34 -17.97
N GLU A 130 -6.97 4.90 -17.39
CA GLU A 130 -7.11 5.86 -16.30
C GLU A 130 -7.62 7.20 -16.82
N ALA A 131 -8.13 8.03 -15.91
CA ALA A 131 -8.64 9.34 -16.28
C ALA A 131 -7.61 10.43 -16.02
N GLY A 1 22.92 20.58 17.20
CA GLY A 1 22.36 21.95 17.08
C GLY A 1 20.89 21.96 16.74
N SER A 2 20.54 22.54 15.60
CA SER A 2 19.15 22.61 15.17
C SER A 2 18.76 21.35 14.39
N HIS A 3 17.69 20.71 14.84
CA HIS A 3 17.21 19.49 14.19
C HIS A 3 16.04 19.79 13.26
N MET A 4 15.31 20.87 13.56
CA MET A 4 14.17 21.27 12.74
C MET A 4 13.06 20.22 12.80
N ASP A 5 11.93 20.59 13.38
CA ASP A 5 10.79 19.68 13.50
C ASP A 5 10.32 19.21 12.13
N LYS A 6 10.88 18.10 11.67
CA LYS A 6 10.51 17.54 10.37
C LYS A 6 10.32 16.02 10.45
N THR A 7 9.91 15.55 11.62
CA THR A 7 9.70 14.12 11.83
C THR A 7 8.20 13.80 11.83
N PHE A 8 7.81 12.80 11.05
CA PHE A 8 6.41 12.41 10.96
C PHE A 8 6.25 10.91 10.72
N CYS A 9 5.17 10.36 11.25
CA CYS A 9 4.86 8.95 11.07
C CYS A 9 3.88 8.80 9.90
N VAL A 10 4.31 8.15 8.82
CA VAL A 10 3.46 7.98 7.65
C VAL A 10 3.03 6.53 7.47
N VAL A 11 1.87 6.34 6.87
CA VAL A 11 1.36 5.00 6.64
C VAL A 11 0.76 4.87 5.24
N VAL A 12 1.15 3.80 4.55
CA VAL A 12 0.66 3.54 3.19
C VAL A 12 -0.56 2.63 3.21
N GLN A 13 -1.73 3.21 2.99
CA GLN A 13 -2.97 2.45 2.97
C GLN A 13 -3.22 1.86 1.59
N ASN A 14 -3.03 0.55 1.45
CA ASN A 14 -3.23 -0.12 0.18
C ASN A 14 -4.49 -0.99 0.21
N ARG A 15 -5.48 -0.60 -0.58
CA ARG A 15 -6.74 -1.34 -0.66
C ARG A 15 -6.81 -2.10 -1.97
N ILE A 16 -5.70 -2.73 -2.33
CA ILE A 16 -5.61 -3.50 -3.57
C ILE A 16 -5.62 -5.00 -3.30
N LYS A 17 -4.61 -5.48 -2.58
CA LYS A 17 -4.52 -6.90 -2.26
C LYS A 17 -3.32 -7.19 -1.34
N GLU A 18 -3.02 -8.47 -1.15
CA GLU A 18 -1.91 -8.87 -0.29
C GLU A 18 -0.58 -8.86 -1.05
N GLY A 19 -0.64 -8.65 -2.37
CA GLY A 19 0.57 -8.63 -3.16
C GLY A 19 0.59 -7.50 -4.16
N TYR A 20 0.93 -6.30 -3.70
CA TYR A 20 0.99 -5.14 -4.57
C TYR A 20 2.31 -4.39 -4.40
N ARG A 21 3.33 -5.10 -3.92
CA ARG A 21 4.65 -4.51 -3.72
C ARG A 21 4.59 -3.36 -2.73
N ARG A 22 5.76 -2.86 -2.36
CA ARG A 22 5.87 -1.75 -1.43
C ARG A 22 7.34 -1.39 -1.21
N ALA A 23 7.98 -2.09 -0.28
CA ALA A 23 9.39 -1.86 0.01
C ALA A 23 10.24 -2.94 -0.65
N GLY A 24 9.64 -3.67 -1.60
CA GLY A 24 10.34 -4.73 -2.29
C GLY A 24 10.22 -6.05 -1.57
N PHE A 25 9.04 -6.30 -1.00
CA PHE A 25 8.79 -7.55 -0.28
C PHE A 25 7.31 -7.91 -0.24
N SER A 26 6.60 -7.63 -1.33
CA SER A 26 5.17 -7.94 -1.42
C SER A 26 4.43 -7.52 -0.14
N PHE A 27 3.83 -6.34 -0.18
CA PHE A 27 3.09 -5.82 0.97
C PHE A 27 1.72 -6.47 1.07
N HIS A 28 1.32 -6.80 2.30
CA HIS A 28 0.03 -7.43 2.54
C HIS A 28 -1.12 -6.46 2.30
N LEU A 29 -2.34 -6.95 2.41
CA LEU A 29 -3.52 -6.11 2.21
C LEU A 29 -3.83 -5.31 3.47
N GLY A 30 -3.48 -4.03 3.45
CA GLY A 30 -3.73 -3.17 4.58
C GLY A 30 -2.90 -1.90 4.54
N ASP A 31 -2.44 -1.47 5.70
CA ASP A 31 -1.62 -0.26 5.78
C ASP A 31 -0.46 -0.45 6.75
N ASN A 32 0.70 0.05 6.37
CA ASN A 32 1.89 -0.04 7.21
C ASN A 32 2.32 1.34 7.68
N SER A 33 2.45 1.52 9.00
CA SER A 33 2.84 2.80 9.55
C SER A 33 4.35 2.96 9.61
N LEU A 34 4.78 4.18 9.40
CA LEU A 34 6.20 4.52 9.43
C LEU A 34 6.50 5.40 10.63
N ALA A 35 7.62 5.16 11.30
CA ALA A 35 8.01 5.92 12.46
C ALA A 35 8.44 7.32 12.05
N ALA A 36 8.36 8.25 12.97
CA ALA A 36 8.70 9.63 12.67
C ALA A 36 10.20 9.80 12.44
N VAL A 37 10.55 10.02 11.18
CA VAL A 37 11.94 10.21 10.78
C VAL A 37 12.13 11.48 9.96
N SER A 38 13.35 11.70 9.49
CA SER A 38 13.67 12.88 8.68
C SER A 38 12.66 13.08 7.57
N GLU A 39 12.66 12.19 6.58
CA GLU A 39 11.74 12.28 5.45
C GLU A 39 11.89 11.12 4.47
N SER A 40 13.01 10.40 4.55
CA SER A 40 13.27 9.28 3.65
C SER A 40 12.02 8.40 3.47
N GLN A 41 11.26 8.23 4.54
CA GLN A 41 10.05 7.42 4.51
C GLN A 41 9.11 7.88 3.40
N LEU A 42 8.85 9.18 3.36
CA LEU A 42 7.95 9.75 2.36
C LEU A 42 8.45 9.45 0.95
N ALA A 43 9.74 9.67 0.73
CA ALA A 43 10.33 9.43 -0.57
C ALA A 43 10.44 7.94 -0.86
N GLN A 44 10.66 7.15 0.17
CA GLN A 44 10.78 5.70 0.01
C GLN A 44 9.46 5.12 -0.50
N LEU A 45 8.37 5.57 0.10
CA LEU A 45 7.04 5.11 -0.29
C LEU A 45 6.56 5.80 -1.56
N LYS A 46 6.96 7.06 -1.72
CA LYS A 46 6.58 7.83 -2.91
C LYS A 46 7.31 7.33 -4.15
N ALA A 47 8.44 6.65 -3.95
CA ALA A 47 9.23 6.12 -5.05
C ALA A 47 8.35 5.38 -6.06
N ASP A 48 7.71 4.32 -5.61
CA ASP A 48 6.84 3.52 -6.47
C ASP A 48 5.38 3.97 -6.35
N PRO A 49 4.74 4.33 -7.47
CA PRO A 49 3.35 4.78 -7.47
C PRO A 49 2.36 3.62 -7.40
N ARG A 50 2.49 2.80 -6.36
CA ARG A 50 1.61 1.65 -6.18
C ARG A 50 0.71 1.84 -4.97
N LEU A 51 1.26 2.43 -3.91
CA LEU A 51 0.49 2.67 -2.68
C LEU A 51 0.29 4.17 -2.47
N VAL A 52 -0.27 4.54 -1.32
CA VAL A 52 -0.51 5.95 -1.02
C VAL A 52 0.24 6.40 0.24
N VAL A 53 1.30 7.18 0.04
CA VAL A 53 2.08 7.68 1.17
C VAL A 53 1.70 9.12 1.49
N GLN A 54 0.97 9.27 2.59
CA GLN A 54 0.53 10.59 3.03
C GLN A 54 0.91 10.84 4.49
N ILE A 55 1.56 11.97 4.73
CA ILE A 55 1.99 12.34 6.08
C ILE A 55 0.89 13.10 6.84
N THR A 56 0.62 12.66 8.05
CA THR A 56 -0.39 13.29 8.89
C THR A 56 0.21 13.76 10.20
N GLU A 57 0.42 15.06 10.32
CA GLU A 57 1.01 15.63 11.54
C GLU A 57 -0.06 16.34 12.37
N THR A 58 -0.69 17.36 11.78
CA THR A 58 -1.72 18.12 12.48
C THR A 58 -2.98 18.23 11.62
N GLY A 59 -2.79 18.56 10.35
CA GLY A 59 -3.92 18.70 9.44
C GLY A 59 -3.52 19.25 8.10
N SER A 60 -4.44 19.18 7.13
CA SER A 60 -4.16 19.68 5.79
C SER A 60 -4.86 21.02 5.56
N GLN A 61 -4.19 21.91 4.83
CA GLN A 61 -4.75 23.22 4.53
C GLN A 61 -4.55 23.58 3.06
N GLU A 62 -5.09 24.72 2.66
CA GLU A 62 -4.98 25.18 1.28
C GLU A 62 -5.62 24.17 0.32
N GLY A 63 -6.62 23.45 0.81
CA GLY A 63 -7.30 22.47 -0.02
C GLY A 63 -8.52 23.03 -0.73
N GLY A 64 -9.08 24.10 -0.16
CA GLY A 64 -10.26 24.72 -0.76
C GLY A 64 -10.75 25.91 0.03
N GLU A 65 -10.64 25.82 1.36
CA GLU A 65 -11.08 26.90 2.24
C GLU A 65 -9.95 27.88 2.50
N GLY A 66 -9.29 28.33 1.44
CA GLY A 66 -8.19 29.26 1.60
C GLY A 66 -7.82 29.94 0.29
N LEU A 67 -8.53 31.01 -0.05
CA LEU A 67 -8.27 31.75 -1.28
C LEU A 67 -9.01 33.08 -1.29
N SER A 68 -8.89 33.82 -2.38
CA SER A 68 -9.55 35.11 -2.52
C SER A 68 -9.98 35.36 -3.96
N LYS A 69 -9.05 35.14 -4.89
CA LYS A 69 -9.33 35.33 -6.31
C LYS A 69 -9.61 34.01 -7.00
N GLU A 70 -10.71 33.95 -7.74
CA GLU A 70 -11.09 32.74 -8.46
C GLU A 70 -11.96 33.07 -9.67
N PRO A 71 -12.00 32.17 -10.67
CA PRO A 71 -12.80 32.38 -11.88
C PRO A 71 -14.30 32.26 -11.61
N ALA A 72 -15.08 32.20 -12.68
CA ALA A 72 -16.53 32.08 -12.56
C ALA A 72 -16.98 30.63 -12.65
N GLY A 73 -16.86 29.91 -11.53
CA GLY A 73 -17.26 28.52 -11.49
C GLY A 73 -18.58 28.31 -10.80
N SER A 74 -19.62 27.99 -11.57
CA SER A 74 -20.95 27.77 -11.01
C SER A 74 -21.61 26.56 -11.65
N ASP A 75 -22.06 25.62 -10.82
CA ASP A 75 -22.72 24.41 -11.31
C ASP A 75 -21.78 23.61 -12.19
N GLU A 76 -20.48 23.69 -11.90
CA GLU A 76 -19.48 22.97 -12.69
C GLU A 76 -18.58 22.14 -11.78
N GLN A 77 -19.00 20.93 -11.45
CA GLN A 77 -18.23 20.05 -10.59
C GLN A 77 -17.27 19.17 -11.41
N LYS A 78 -17.17 19.45 -12.70
CA LYS A 78 -16.28 18.69 -13.58
C LYS A 78 -16.71 17.23 -13.65
N GLN A 79 -16.31 16.45 -12.65
CA GLN A 79 -16.67 15.03 -12.60
C GLN A 79 -17.57 14.75 -11.40
N LEU A 80 -18.57 13.90 -11.63
CA LEU A 80 -19.50 13.53 -10.58
C LEU A 80 -19.55 12.02 -10.38
N ARG A 81 -19.67 11.28 -11.48
CA ARG A 81 -19.73 9.83 -11.44
C ARG A 81 -19.35 9.23 -12.79
N ALA A 82 -18.70 8.08 -12.76
CA ALA A 82 -18.29 7.39 -13.98
C ALA A 82 -19.24 6.25 -14.32
N ASP A 83 -19.76 6.26 -15.54
CA ASP A 83 -20.68 5.21 -15.99
C ASP A 83 -20.90 5.29 -17.50
N PRO A 84 -21.52 6.38 -17.99
CA PRO A 84 -21.78 6.57 -19.41
C PRO A 84 -20.60 6.16 -20.29
N PRO A 85 -19.42 6.77 -20.08
CA PRO A 85 -18.22 6.45 -20.87
C PRO A 85 -17.68 5.05 -20.55
N SER A 86 -17.16 4.38 -21.58
CA SER A 86 -16.62 3.03 -21.42
C SER A 86 -15.91 2.58 -22.68
N THR A 87 -16.68 2.36 -23.75
CA THR A 87 -16.13 1.92 -25.02
C THR A 87 -15.35 3.05 -25.70
N ASP A 88 -14.84 2.77 -26.89
CA ASP A 88 -14.08 3.76 -27.64
C ASP A 88 -12.75 4.08 -26.96
N LEU A 89 -12.84 4.77 -25.82
CA LEU A 89 -11.64 5.14 -25.06
C LEU A 89 -10.91 3.91 -24.54
N ASN A 90 -11.59 2.76 -24.54
CA ASN A 90 -10.98 1.52 -24.06
C ASN A 90 -9.60 1.30 -24.67
N THR A 91 -9.50 1.43 -25.99
CA THR A 91 -8.24 1.24 -26.68
C THR A 91 -7.18 2.26 -26.24
N PHE A 92 -7.59 3.28 -25.47
CA PHE A 92 -6.66 4.30 -25.00
C PHE A 92 -6.34 4.10 -23.53
N THR A 93 -5.06 4.05 -23.20
CA THR A 93 -4.63 3.85 -21.81
C THR A 93 -3.85 5.07 -21.30
N VAL A 94 -2.55 5.08 -21.53
CA VAL A 94 -1.70 6.19 -21.09
C VAL A 94 -0.48 6.35 -21.99
N GLU A 95 0.06 5.23 -22.45
CA GLU A 95 1.22 5.25 -23.34
C GLU A 95 0.78 5.44 -24.80
N GLN A 96 -0.50 5.15 -25.07
CA GLN A 96 -1.03 5.25 -26.42
C GLN A 96 -1.33 6.69 -26.82
N LEU A 97 -1.91 7.45 -25.91
CA LEU A 97 -2.23 8.83 -26.24
C LEU A 97 -0.95 9.61 -26.46
N LYS A 98 -0.05 9.61 -25.48
CA LYS A 98 1.23 10.32 -25.63
C LYS A 98 1.92 9.93 -26.94
N ALA A 99 1.72 8.69 -27.39
CA ALA A 99 2.32 8.23 -28.63
C ALA A 99 1.48 8.60 -29.83
N GLN A 100 0.19 8.76 -29.60
CA GLN A 100 -0.74 9.13 -30.66
C GLN A 100 -0.81 10.64 -30.84
N LEU A 101 -0.86 11.36 -29.72
CA LEU A 101 -0.93 12.81 -29.74
C LEU A 101 0.23 13.38 -30.56
N THR A 102 1.42 12.88 -30.30
CA THR A 102 2.60 13.33 -31.00
C THR A 102 2.50 12.93 -32.46
N GLU A 103 1.99 11.74 -32.70
CA GLU A 103 1.85 11.23 -34.06
C GLU A 103 0.84 12.06 -34.85
N ARG A 104 0.05 12.84 -34.14
CA ARG A 104 -0.96 13.69 -34.78
C ARG A 104 -0.55 15.16 -34.72
N GLY A 105 0.42 15.48 -33.86
CA GLY A 105 0.89 16.85 -33.73
C GLY A 105 -0.07 17.72 -32.94
N ILE A 106 0.05 17.66 -31.61
CA ILE A 106 -0.81 18.46 -30.74
C ILE A 106 0.01 19.32 -29.78
N THR A 107 1.10 18.76 -29.26
CA THR A 107 1.97 19.47 -28.32
C THR A 107 1.27 19.62 -26.97
N PHE A 108 1.44 18.62 -26.11
CA PHE A 108 0.84 18.63 -24.78
C PHE A 108 1.91 18.66 -23.69
N LYS A 109 1.82 19.65 -22.81
CA LYS A 109 2.78 19.79 -21.72
C LYS A 109 2.41 20.96 -20.82
N GLN A 110 1.12 21.15 -20.60
CA GLN A 110 0.64 22.24 -19.75
C GLN A 110 -0.86 22.12 -19.48
N SER A 111 -1.36 20.89 -19.45
CA SER A 111 -2.77 20.63 -19.18
C SER A 111 -3.09 19.14 -19.23
N ALA A 112 -3.16 18.60 -20.44
CA ALA A 112 -3.45 17.18 -20.63
C ALA A 112 -2.34 16.33 -20.04
N THR A 113 -2.38 16.14 -18.72
CA THR A 113 -1.37 15.34 -18.03
C THR A 113 -1.47 13.87 -18.41
N LYS A 114 -2.50 13.20 -17.91
CA LYS A 114 -2.69 11.78 -18.20
C LYS A 114 -4.17 11.42 -18.29
N ALA A 115 -4.91 11.69 -17.23
CA ALA A 115 -6.33 11.39 -17.22
C ALA A 115 -7.08 12.29 -18.20
N GLU A 116 -6.53 13.48 -18.43
CA GLU A 116 -7.13 14.43 -19.35
C GLU A 116 -6.68 14.16 -20.77
N LEU A 117 -5.42 13.78 -20.92
CA LEU A 117 -4.84 13.50 -22.22
C LEU A 117 -5.44 12.25 -22.83
N ILE A 118 -5.62 11.24 -21.99
CA ILE A 118 -6.20 9.98 -22.44
C ILE A 118 -7.68 10.16 -22.78
N ALA A 119 -8.33 11.08 -22.07
CA ALA A 119 -9.75 11.35 -22.30
C ALA A 119 -9.95 12.38 -23.41
N LEU A 120 -8.99 13.30 -23.54
CA LEU A 120 -9.07 14.33 -24.56
C LEU A 120 -9.25 13.73 -25.95
N PHE A 121 -8.52 12.67 -26.24
CA PHE A 121 -8.60 12.01 -27.54
C PHE A 121 -10.05 11.79 -27.97
N ALA A 122 -10.96 11.67 -27.01
CA ALA A 122 -12.37 11.47 -27.29
C ALA A 122 -12.87 12.46 -28.35
N PRO A 123 -13.58 11.95 -29.38
CA PRO A 123 -14.11 12.80 -30.46
C PRO A 123 -14.90 14.00 -29.92
N ALA A 124 -15.72 13.75 -28.90
CA ALA A 124 -16.52 14.81 -28.31
C ALA A 124 -17.00 14.41 -26.92
N ASP A 125 -17.12 15.40 -26.04
CA ASP A 125 -17.57 15.15 -24.67
C ASP A 125 -18.72 16.09 -24.30
N GLY A 126 -19.57 16.39 -25.28
CA GLY A 126 -20.70 17.27 -25.03
C GLY A 126 -21.82 17.06 -26.02
N GLU A 127 -21.46 16.94 -27.29
CA GLU A 127 -22.45 16.75 -28.35
C GLU A 127 -22.00 15.66 -29.33
N LYS A 128 -22.86 14.67 -29.55
CA LYS A 128 -22.55 13.57 -30.45
C LYS A 128 -23.73 12.62 -30.58
N SER A 129 -23.83 11.98 -31.73
CA SER A 129 -24.93 11.04 -31.99
C SER A 129 -26.27 11.74 -31.89
N GLU A 130 -27.35 10.97 -32.08
CA GLU A 130 -28.70 11.52 -32.02
C GLU A 130 -29.61 10.61 -31.20
N ALA A 131 -29.57 9.31 -31.49
CA ALA A 131 -30.39 8.34 -30.79
C ALA A 131 -29.56 7.14 -30.34
N GLY A 1 15.63 29.62 14.02
CA GLY A 1 14.38 28.83 13.83
C GLY A 1 14.52 27.42 14.38
N SER A 2 14.08 27.23 15.63
CA SER A 2 14.16 25.92 16.26
C SER A 2 12.87 25.13 16.02
N HIS A 3 12.95 23.82 16.26
CA HIS A 3 11.79 22.94 16.07
C HIS A 3 11.32 22.97 14.62
N MET A 4 11.44 21.82 13.95
CA MET A 4 11.03 21.71 12.55
C MET A 4 10.70 20.27 12.20
N ASP A 5 9.93 20.09 11.13
CA ASP A 5 9.55 18.75 10.67
C ASP A 5 10.77 17.91 10.34
N LYS A 6 11.26 17.14 11.31
CA LYS A 6 12.42 16.31 11.12
C LYS A 6 12.06 14.83 11.18
N THR A 7 11.02 14.51 11.95
CA THR A 7 10.57 13.13 12.10
C THR A 7 9.05 13.04 12.08
N PHE A 8 8.52 12.14 11.26
CA PHE A 8 7.08 11.97 11.15
C PHE A 8 6.69 10.51 10.87
N CYS A 9 5.56 10.10 11.42
CA CYS A 9 5.05 8.75 11.21
C CYS A 9 4.05 8.78 10.04
N VAL A 10 4.18 7.85 9.11
CA VAL A 10 3.29 7.80 7.95
C VAL A 10 2.35 6.62 8.01
N VAL A 11 1.22 6.74 7.33
CA VAL A 11 0.25 5.66 7.30
C VAL A 11 -0.32 5.50 5.90
N VAL A 12 0.17 4.49 5.19
CA VAL A 12 -0.26 4.21 3.83
C VAL A 12 -1.40 3.20 3.81
N GLN A 13 -2.47 3.55 3.10
CA GLN A 13 -3.63 2.67 3.01
C GLN A 13 -4.00 2.42 1.55
N ASN A 14 -3.73 1.21 1.07
CA ASN A 14 -4.04 0.85 -0.31
C ASN A 14 -4.85 -0.45 -0.37
N ARG A 15 -5.77 -0.53 -1.31
CA ARG A 15 -6.61 -1.71 -1.46
C ARG A 15 -6.44 -2.32 -2.84
N ILE A 16 -5.39 -3.12 -3.02
CA ILE A 16 -5.12 -3.77 -4.29
C ILE A 16 -4.86 -5.26 -4.10
N LYS A 17 -3.86 -5.60 -3.29
CA LYS A 17 -3.52 -6.99 -3.04
C LYS A 17 -3.16 -7.23 -1.57
N GLU A 18 -2.84 -6.16 -0.85
CA GLU A 18 -2.45 -6.27 0.56
C GLU A 18 -1.14 -7.04 0.69
N GLY A 19 -0.36 -7.04 -0.39
CA GLY A 19 0.91 -7.71 -0.41
C GLY A 19 1.63 -7.52 -1.72
N TYR A 20 1.87 -6.26 -2.08
CA TYR A 20 2.54 -5.92 -3.32
C TYR A 20 4.05 -5.83 -3.14
N ARG A 21 4.58 -6.62 -2.21
CA ARG A 21 6.00 -6.64 -1.95
C ARG A 21 6.52 -5.27 -1.53
N ARG A 22 7.84 -5.17 -1.42
CA ARG A 22 8.49 -3.93 -1.03
C ARG A 22 10.00 -4.09 -1.01
N ALA A 23 10.44 -5.29 -0.64
CA ALA A 23 11.86 -5.60 -0.56
C ALA A 23 12.05 -6.95 0.11
N GLY A 24 11.14 -7.26 1.04
CA GLY A 24 11.18 -8.51 1.75
C GLY A 24 10.48 -8.43 3.09
N PHE A 25 9.45 -7.59 3.17
CA PHE A 25 8.70 -7.43 4.42
C PHE A 25 7.20 -7.57 4.20
N SER A 26 6.82 -8.21 3.10
CA SER A 26 5.40 -8.40 2.79
C SER A 26 4.59 -7.14 3.06
N PHE A 27 5.21 -5.99 2.77
CA PHE A 27 4.57 -4.70 2.98
C PHE A 27 3.12 -4.69 2.50
N HIS A 28 2.19 -4.91 3.42
CA HIS A 28 0.77 -4.94 3.08
C HIS A 28 0.34 -3.58 2.54
N LEU A 29 -0.23 -3.58 1.34
CA LEU A 29 -0.69 -2.35 0.71
C LEU A 29 -1.70 -1.62 1.59
N GLY A 30 -2.49 -2.39 2.34
CA GLY A 30 -3.50 -1.81 3.21
C GLY A 30 -2.92 -0.81 4.18
N ASP A 31 -3.72 -0.42 5.16
CA ASP A 31 -3.28 0.55 6.17
C ASP A 31 -2.03 0.07 6.89
N ASN A 32 -0.97 0.86 6.81
CA ASN A 32 0.29 0.54 7.47
C ASN A 32 0.96 1.80 7.99
N SER A 33 1.25 1.83 9.28
CA SER A 33 1.89 2.99 9.90
C SER A 33 3.40 2.91 9.80
N LEU A 34 4.01 4.08 9.64
CA LEU A 34 5.46 4.18 9.53
C LEU A 34 6.03 4.95 10.72
N ALA A 35 7.19 4.52 11.21
CA ALA A 35 7.83 5.16 12.34
C ALA A 35 8.36 6.52 11.94
N ALA A 36 8.52 7.39 12.92
CA ALA A 36 8.99 8.75 12.66
C ALA A 36 10.46 8.77 12.25
N VAL A 37 10.67 8.98 10.95
CA VAL A 37 12.02 9.03 10.38
C VAL A 37 12.27 10.37 9.68
N SER A 38 13.43 10.49 9.04
CA SER A 38 13.79 11.71 8.33
C SER A 38 12.79 12.03 7.23
N GLU A 39 12.71 11.15 6.23
CA GLU A 39 11.80 11.36 5.10
C GLU A 39 11.77 10.15 4.16
N SER A 40 12.78 9.28 4.24
CA SER A 40 12.86 8.09 3.39
C SER A 40 11.49 7.41 3.29
N GLN A 41 10.71 7.52 4.37
CA GLN A 41 9.37 6.93 4.41
C GLN A 41 8.52 7.44 3.24
N LEU A 42 8.31 8.75 3.23
CA LEU A 42 7.50 9.40 2.20
C LEU A 42 7.98 9.02 0.80
N ALA A 43 9.26 9.21 0.55
CA ALA A 43 9.84 8.90 -0.76
C ALA A 43 9.81 7.40 -1.04
N GLN A 44 9.99 6.59 0.00
CA GLN A 44 9.97 5.14 -0.16
C GLN A 44 8.71 4.69 -0.88
N LEU A 45 7.56 5.13 -0.36
CA LEU A 45 6.28 4.78 -0.95
C LEU A 45 6.00 5.64 -2.18
N LYS A 46 6.07 6.95 -1.98
CA LYS A 46 5.82 7.91 -3.06
C LYS A 46 6.71 7.61 -4.27
N ALA A 47 7.83 6.94 -4.04
CA ALA A 47 8.77 6.61 -5.11
C ALA A 47 8.03 6.03 -6.32
N ASP A 48 6.91 5.36 -6.06
CA ASP A 48 6.12 4.76 -7.12
C ASP A 48 4.65 5.19 -7.01
N PRO A 49 4.08 5.74 -8.09
CA PRO A 49 2.69 6.20 -8.08
C PRO A 49 1.69 5.03 -8.15
N ARG A 50 1.74 4.17 -7.14
CA ARG A 50 0.85 3.03 -7.08
C ARG A 50 0.04 3.02 -5.78
N LEU A 51 0.69 3.39 -4.67
CA LEU A 51 0.00 3.42 -3.37
C LEU A 51 0.02 4.83 -2.79
N VAL A 52 -1.13 5.28 -2.31
CA VAL A 52 -1.25 6.61 -1.72
C VAL A 52 -0.50 6.72 -0.39
N VAL A 53 0.62 7.43 -0.41
CA VAL A 53 1.43 7.64 0.78
C VAL A 53 1.20 9.05 1.33
N GLN A 54 0.63 9.12 2.52
CA GLN A 54 0.33 10.41 3.13
C GLN A 54 0.91 10.52 4.54
N ILE A 55 1.34 11.73 4.91
CA ILE A 55 1.91 11.99 6.22
C ILE A 55 0.90 12.69 7.13
N THR A 56 0.79 12.22 8.37
CA THR A 56 -0.14 12.80 9.33
C THR A 56 0.60 13.27 10.58
N GLU A 57 0.78 14.57 10.70
CA GLU A 57 1.48 15.15 11.85
C GLU A 57 0.63 15.02 13.11
N THR A 58 -0.45 15.78 13.18
CA THR A 58 -1.34 15.75 14.34
C THR A 58 -2.79 15.93 13.92
N GLY A 59 -3.69 15.99 14.90
CA GLY A 59 -5.10 16.16 14.62
C GLY A 59 -5.72 17.29 15.42
N SER A 60 -5.88 18.44 14.79
CA SER A 60 -6.46 19.60 15.46
C SER A 60 -7.98 19.45 15.59
N GLN A 61 -8.57 18.68 14.68
CA GLN A 61 -10.02 18.47 14.70
C GLN A 61 -10.47 17.88 16.04
N GLU A 62 -11.53 18.46 16.59
CA GLU A 62 -12.06 18.00 17.87
C GLU A 62 -11.02 18.16 18.97
N GLY A 63 -11.49 18.26 20.22
CA GLY A 63 -10.60 18.40 21.34
C GLY A 63 -10.25 17.08 22.00
N GLY A 64 -11.24 16.19 22.08
CA GLY A 64 -11.02 14.89 22.68
C GLY A 64 -12.32 14.24 23.14
N GLU A 65 -12.32 12.91 23.16
CA GLU A 65 -13.51 12.17 23.58
C GLU A 65 -13.22 10.67 23.64
N GLY A 66 -12.02 10.32 24.12
CA GLY A 66 -11.64 8.93 24.21
C GLY A 66 -10.75 8.65 25.41
N LEU A 67 -10.47 7.38 25.66
CA LEU A 67 -9.63 6.99 26.79
C LEU A 67 -8.22 6.65 26.32
N SER A 68 -8.13 5.96 25.19
CA SER A 68 -6.83 5.57 24.63
C SER A 68 -5.98 4.83 25.66
N LYS A 69 -6.46 3.64 26.05
CA LYS A 69 -5.74 2.83 27.02
C LYS A 69 -6.25 1.38 27.00
N GLU A 70 -6.67 0.94 25.82
CA GLU A 70 -7.17 -0.42 25.67
C GLU A 70 -6.05 -1.45 25.74
N PRO A 71 -4.96 -1.25 24.97
CA PRO A 71 -3.82 -2.17 24.95
C PRO A 71 -2.95 -2.04 26.20
N ALA A 72 -2.55 -3.18 26.76
CA ALA A 72 -1.71 -3.18 27.95
C ALA A 72 -0.35 -3.82 27.67
N GLY A 73 0.54 -3.02 27.09
CA GLY A 73 1.87 -3.52 26.77
C GLY A 73 1.86 -4.55 25.67
N SER A 74 1.62 -4.10 24.43
CA SER A 74 1.58 -5.00 23.29
C SER A 74 1.58 -4.21 21.98
N ASP A 75 0.57 -3.37 21.81
CA ASP A 75 0.44 -2.56 20.60
C ASP A 75 1.51 -1.46 20.58
N GLU A 76 1.71 -0.82 21.73
CA GLU A 76 2.68 0.25 21.85
C GLU A 76 4.10 -0.29 21.75
N GLN A 77 5.08 0.56 22.06
CA GLN A 77 6.48 0.17 22.01
C GLN A 77 6.90 -0.18 20.58
N LYS A 78 8.07 0.32 20.18
CA LYS A 78 8.58 0.07 18.84
C LYS A 78 8.87 -1.41 18.63
N GLN A 79 7.90 -2.13 18.09
CA GLN A 79 8.06 -3.57 17.83
C GLN A 79 6.87 -4.11 17.05
N LEU A 80 7.14 -4.61 15.85
CA LEU A 80 6.09 -5.17 14.99
C LEU A 80 6.58 -6.44 14.30
N ARG A 81 5.69 -7.43 14.22
CA ARG A 81 6.02 -8.69 13.57
C ARG A 81 7.20 -9.36 14.28
N ALA A 82 7.60 -10.52 13.77
CA ALA A 82 8.72 -11.27 14.35
C ALA A 82 9.52 -11.98 13.27
N ASP A 83 10.76 -12.33 13.59
CA ASP A 83 11.63 -13.01 12.63
C ASP A 83 12.86 -13.58 13.34
N PRO A 84 12.64 -14.54 14.27
CA PRO A 84 13.71 -15.18 15.03
C PRO A 84 14.96 -15.46 14.18
N PRO A 85 14.78 -16.12 13.01
CA PRO A 85 15.90 -16.43 12.12
C PRO A 85 16.83 -15.24 11.90
N SER A 86 17.94 -15.21 12.63
CA SER A 86 18.91 -14.12 12.51
C SER A 86 19.43 -14.02 11.08
N THR A 87 19.50 -15.16 10.41
CA THR A 87 19.99 -15.19 9.03
C THR A 87 19.35 -16.34 8.26
N ASP A 88 19.85 -16.60 7.06
CA ASP A 88 19.32 -17.67 6.22
C ASP A 88 20.33 -18.81 6.10
N LEU A 89 21.61 -18.48 6.17
CA LEU A 89 22.67 -19.47 6.07
C LEU A 89 23.49 -19.52 7.36
N ASN A 90 23.82 -18.35 7.89
CA ASN A 90 24.60 -18.26 9.12
C ASN A 90 24.03 -19.15 10.22
N THR A 91 22.71 -19.25 10.28
CA THR A 91 22.04 -20.08 11.29
C THR A 91 22.42 -21.56 11.17
N PHE A 92 23.00 -21.96 10.03
CA PHE A 92 23.39 -23.35 9.83
C PHE A 92 24.85 -23.56 10.21
N THR A 93 25.12 -24.61 10.96
CA THR A 93 26.48 -24.91 11.40
C THR A 93 27.33 -25.47 10.26
N VAL A 94 27.39 -26.80 10.14
CA VAL A 94 28.16 -27.44 9.09
C VAL A 94 27.76 -28.92 8.96
N GLU A 95 27.51 -29.55 10.09
CA GLU A 95 27.10 -30.95 10.11
C GLU A 95 25.61 -31.09 9.81
N GLN A 96 24.87 -30.00 10.03
CA GLN A 96 23.44 -29.99 9.79
C GLN A 96 23.17 -30.14 8.31
N LEU A 97 23.81 -29.29 7.52
CA LEU A 97 23.67 -29.32 6.07
C LEU A 97 24.03 -30.70 5.56
N LYS A 98 25.26 -31.11 5.82
CA LYS A 98 25.72 -32.44 5.40
C LYS A 98 24.66 -33.51 5.71
N ALA A 99 23.99 -33.37 6.85
CA ALA A 99 22.96 -34.33 7.24
C ALA A 99 21.61 -33.98 6.63
N GLN A 100 21.46 -32.72 6.26
CA GLN A 100 20.22 -32.23 5.66
C GLN A 100 20.21 -32.45 4.15
N LEU A 101 21.31 -32.07 3.49
CA LEU A 101 21.41 -32.24 2.05
C LEU A 101 21.08 -33.67 1.67
N THR A 102 21.70 -34.60 2.38
CA THR A 102 21.48 -36.03 2.14
C THR A 102 20.03 -36.38 2.39
N GLU A 103 19.47 -35.82 3.45
CA GLU A 103 18.09 -36.07 3.80
C GLU A 103 17.14 -35.34 2.84
N ARG A 104 17.71 -34.50 1.99
CA ARG A 104 16.92 -33.75 1.02
C ARG A 104 17.10 -34.33 -0.39
N GLY A 105 18.12 -35.16 -0.57
CA GLY A 105 18.36 -35.77 -1.86
C GLY A 105 19.04 -34.83 -2.83
N ILE A 106 20.32 -34.54 -2.59
CA ILE A 106 21.08 -33.66 -3.45
C ILE A 106 22.40 -34.32 -3.87
N THR A 107 23.36 -33.52 -4.29
CA THR A 107 24.67 -34.05 -4.70
C THR A 107 25.80 -33.15 -4.22
N PHE A 108 26.64 -33.68 -3.35
CA PHE A 108 27.76 -32.92 -2.81
C PHE A 108 29.02 -33.78 -2.74
N LYS A 109 29.96 -33.53 -3.64
CA LYS A 109 31.20 -34.28 -3.69
C LYS A 109 32.13 -33.74 -4.77
N GLN A 110 32.12 -32.42 -4.95
CA GLN A 110 32.96 -31.78 -5.95
C GLN A 110 32.81 -30.26 -5.88
N SER A 111 31.57 -29.79 -5.89
CA SER A 111 31.30 -28.35 -5.83
C SER A 111 30.89 -27.95 -4.42
N ALA A 112 29.76 -28.47 -3.95
CA ALA A 112 29.27 -28.15 -2.61
C ALA A 112 30.16 -28.81 -1.57
N THR A 113 31.41 -28.37 -1.51
CA THR A 113 32.38 -28.92 -0.57
C THR A 113 31.93 -28.70 0.87
N LYS A 114 32.06 -27.45 1.35
CA LYS A 114 31.67 -27.13 2.71
C LYS A 114 31.13 -25.71 2.81
N ALA A 115 31.93 -24.75 2.41
CA ALA A 115 31.51 -23.36 2.45
C ALA A 115 30.41 -23.08 1.44
N GLU A 116 30.33 -23.92 0.41
CA GLU A 116 29.32 -23.76 -0.62
C GLU A 116 28.01 -24.43 -0.24
N LEU A 117 28.09 -25.58 0.43
CA LEU A 117 26.89 -26.30 0.81
C LEU A 117 26.21 -25.60 1.98
N ILE A 118 27.01 -25.07 2.88
CA ILE A 118 26.47 -24.38 4.03
C ILE A 118 25.70 -23.13 3.61
N ALA A 119 26.20 -22.47 2.56
CA ALA A 119 25.57 -21.25 2.05
C ALA A 119 24.45 -21.57 1.06
N LEU A 120 24.57 -22.70 0.37
CA LEU A 120 23.58 -23.10 -0.63
C LEU A 120 22.23 -23.38 0.01
N PHE A 121 22.24 -23.84 1.25
CA PHE A 121 20.99 -24.16 1.95
C PHE A 121 20.12 -22.92 2.10
N ALA A 122 19.36 -22.60 1.05
CA ALA A 122 18.48 -21.43 1.07
C ALA A 122 17.04 -21.82 0.73
N PRO A 123 16.33 -22.45 1.69
CA PRO A 123 14.93 -22.87 1.49
C PRO A 123 14.00 -21.68 1.32
N ALA A 124 13.25 -21.66 0.21
CA ALA A 124 12.31 -20.59 -0.05
C ALA A 124 11.18 -21.05 -0.94
N ASP A 125 9.95 -21.00 -0.41
CA ASP A 125 8.77 -21.42 -1.17
C ASP A 125 8.24 -20.28 -2.03
N GLY A 126 8.41 -20.41 -3.34
CA GLY A 126 7.94 -19.38 -4.25
C GLY A 126 6.45 -19.14 -4.14
N GLU A 127 5.67 -19.84 -4.97
CA GLU A 127 4.22 -19.70 -4.97
C GLU A 127 3.54 -20.98 -5.41
N LYS A 128 4.04 -21.57 -6.49
CA LYS A 128 3.48 -22.81 -7.02
C LYS A 128 4.55 -23.89 -7.12
N SER A 129 4.85 -24.53 -5.99
CA SER A 129 5.86 -25.58 -5.95
C SER A 129 5.26 -26.91 -6.41
N GLU A 130 6.14 -27.83 -6.80
CA GLU A 130 5.70 -29.15 -7.25
C GLU A 130 5.93 -30.21 -6.17
N ALA A 131 5.30 -31.36 -6.35
CA ALA A 131 5.42 -32.45 -5.39
C ALA A 131 6.84 -33.02 -5.38
N GLY A 1 14.80 18.94 -0.91
CA GLY A 1 15.64 19.24 0.28
C GLY A 1 15.06 18.66 1.55
N SER A 2 14.87 19.51 2.56
CA SER A 2 14.31 19.08 3.83
C SER A 2 15.22 18.04 4.50
N HIS A 3 16.28 18.50 5.14
CA HIS A 3 17.23 17.62 5.81
C HIS A 3 16.78 17.32 7.24
N MET A 4 16.65 18.37 8.04
CA MET A 4 16.23 18.23 9.43
C MET A 4 15.42 19.43 9.88
N ASP A 5 14.09 19.28 9.88
CA ASP A 5 13.21 20.36 10.29
C ASP A 5 12.11 19.84 11.21
N LYS A 6 11.45 18.77 10.81
CA LYS A 6 10.38 18.17 11.60
C LYS A 6 10.30 16.67 11.38
N THR A 7 9.70 15.97 12.34
CA THR A 7 9.55 14.52 12.25
C THR A 7 8.08 14.13 12.20
N PHE A 8 7.75 13.14 11.36
CA PHE A 8 6.36 12.70 11.23
C PHE A 8 6.26 11.20 10.98
N CYS A 9 5.23 10.59 11.54
CA CYS A 9 4.99 9.17 11.34
C CYS A 9 3.99 9.00 10.19
N VAL A 10 4.38 8.28 9.16
CA VAL A 10 3.51 8.08 8.00
C VAL A 10 3.01 6.64 7.92
N VAL A 11 1.84 6.47 7.34
CA VAL A 11 1.25 5.15 7.22
C VAL A 11 0.70 4.93 5.80
N VAL A 12 1.19 3.87 5.16
CA VAL A 12 0.77 3.55 3.80
C VAL A 12 -0.35 2.51 3.79
N GLN A 13 -1.57 2.97 3.53
CA GLN A 13 -2.71 2.08 3.46
C GLN A 13 -2.99 1.69 2.01
N ASN A 14 -2.67 0.45 1.67
CA ASN A 14 -2.88 -0.02 0.30
C ASN A 14 -4.20 -0.77 0.16
N ARG A 15 -5.09 -0.21 -0.67
CA ARG A 15 -6.37 -0.84 -0.93
C ARG A 15 -6.32 -1.56 -2.27
N ILE A 16 -5.12 -2.01 -2.62
CA ILE A 16 -4.88 -2.71 -3.87
C ILE A 16 -5.21 -4.20 -3.74
N LYS A 17 -4.31 -4.96 -3.12
CA LYS A 17 -4.51 -6.40 -2.94
C LYS A 17 -3.72 -6.92 -1.74
N GLU A 18 -3.65 -8.24 -1.62
CA GLU A 18 -2.91 -8.86 -0.52
C GLU A 18 -1.56 -9.37 -1.00
N GLY A 19 -1.02 -8.72 -2.03
CA GLY A 19 0.26 -9.11 -2.57
C GLY A 19 0.65 -8.29 -3.79
N TYR A 20 0.73 -6.98 -3.61
CA TYR A 20 1.10 -6.07 -4.69
C TYR A 20 2.57 -5.68 -4.60
N ARG A 21 3.34 -6.47 -3.87
CA ARG A 21 4.77 -6.22 -3.72
C ARG A 21 5.05 -4.89 -3.05
N ARG A 22 6.32 -4.65 -2.77
CA ARG A 22 6.75 -3.41 -2.14
C ARG A 22 8.28 -3.34 -2.14
N ALA A 23 8.89 -4.04 -1.21
CA ALA A 23 10.34 -4.09 -1.12
C ALA A 23 10.85 -5.30 -1.89
N GLY A 24 9.92 -6.11 -2.39
CA GLY A 24 10.27 -7.30 -3.13
C GLY A 24 9.90 -8.56 -2.39
N PHE A 25 8.69 -8.58 -1.84
CA PHE A 25 8.22 -9.75 -1.10
C PHE A 25 6.69 -9.83 -1.04
N SER A 26 6.06 -8.77 -0.55
CA SER A 26 4.59 -8.71 -0.43
C SER A 26 4.19 -7.75 0.68
N PHE A 27 3.50 -6.67 0.31
CA PHE A 27 3.07 -5.68 1.30
C PHE A 27 1.71 -6.05 1.90
N HIS A 28 0.97 -6.93 1.22
CA HIS A 28 -0.34 -7.34 1.70
C HIS A 28 -1.31 -6.18 1.69
N LEU A 29 -2.59 -6.48 1.92
CA LEU A 29 -3.62 -5.46 1.95
C LEU A 29 -3.81 -4.94 3.37
N GLY A 30 -3.32 -3.73 3.62
CA GLY A 30 -3.44 -3.12 4.93
C GLY A 30 -2.76 -1.78 5.01
N ASP A 31 -2.12 -1.51 6.14
CA ASP A 31 -1.43 -0.24 6.33
C ASP A 31 -0.22 -0.41 7.27
N ASN A 32 0.90 0.20 6.90
CA ASN A 32 2.10 0.12 7.71
C ASN A 32 2.50 1.51 8.22
N SER A 33 2.78 1.61 9.52
CA SER A 33 3.15 2.90 10.11
C SER A 33 4.64 3.15 9.99
N LEU A 34 4.99 4.42 9.81
CA LEU A 34 6.37 4.84 9.67
C LEU A 34 6.78 5.71 10.86
N ALA A 35 8.00 5.51 11.34
CA ALA A 35 8.53 6.26 12.46
C ALA A 35 8.79 7.70 12.04
N ALA A 36 8.82 8.59 13.01
CA ALA A 36 9.01 10.00 12.72
C ALA A 36 10.42 10.27 12.21
N VAL A 37 10.49 10.65 10.93
CA VAL A 37 11.75 10.95 10.26
C VAL A 37 11.68 12.32 9.59
N SER A 38 12.83 12.81 9.13
CA SER A 38 12.90 14.10 8.46
C SER A 38 11.95 14.17 7.28
N GLU A 39 12.16 13.29 6.29
CA GLU A 39 11.32 13.26 5.10
C GLU A 39 11.50 11.97 4.29
N SER A 40 12.58 11.24 4.55
CA SER A 40 12.87 10.00 3.83
C SER A 40 11.61 9.12 3.69
N GLN A 41 10.74 9.17 4.68
CA GLN A 41 9.52 8.36 4.65
C GLN A 41 8.58 8.81 3.53
N LEU A 42 8.53 10.11 3.30
CA LEU A 42 7.65 10.66 2.27
C LEU A 42 8.13 10.27 0.88
N ALA A 43 9.42 10.27 0.69
CA ALA A 43 10.00 9.92 -0.60
C ALA A 43 10.21 8.41 -0.72
N GLN A 44 10.44 7.75 0.41
CA GLN A 44 10.65 6.31 0.41
C GLN A 44 9.40 5.59 -0.09
N LEU A 45 8.24 5.98 0.44
CA LEU A 45 6.98 5.38 0.05
C LEU A 45 6.49 5.96 -1.28
N LYS A 46 6.64 7.26 -1.44
CA LYS A 46 6.22 7.94 -2.66
C LYS A 46 7.17 7.64 -3.82
N ALA A 47 8.33 7.05 -3.50
CA ALA A 47 9.33 6.73 -4.52
C ALA A 47 8.69 5.93 -5.66
N ASP A 48 7.71 5.12 -5.33
CA ASP A 48 7.02 4.30 -6.33
C ASP A 48 5.53 4.62 -6.35
N PRO A 49 4.96 4.88 -7.54
CA PRO A 49 3.54 5.19 -7.69
C PRO A 49 2.67 3.94 -7.59
N ARG A 50 2.56 3.38 -6.39
CA ARG A 50 1.76 2.18 -6.18
C ARG A 50 0.85 2.35 -4.95
N LEU A 51 1.46 2.66 -3.82
CA LEU A 51 0.71 2.84 -2.58
C LEU A 51 0.51 4.33 -2.29
N VAL A 52 -0.32 4.63 -1.30
CA VAL A 52 -0.60 6.02 -0.93
C VAL A 52 0.09 6.40 0.37
N VAL A 53 1.13 7.22 0.26
CA VAL A 53 1.88 7.69 1.43
C VAL A 53 1.46 9.10 1.80
N GLN A 54 0.85 9.25 2.96
CA GLN A 54 0.39 10.55 3.42
C GLN A 54 0.91 10.86 4.82
N ILE A 55 1.55 12.02 4.96
CA ILE A 55 2.11 12.45 6.24
C ILE A 55 1.07 13.23 7.05
N THR A 56 1.14 13.07 8.38
CA THR A 56 0.22 13.77 9.27
C THR A 56 0.98 14.63 10.26
N GLU A 57 0.97 15.93 10.04
CA GLU A 57 1.66 16.87 10.92
C GLU A 57 1.14 16.78 12.35
N THR A 58 -0.03 17.36 12.57
CA THR A 58 -0.65 17.35 13.89
C THR A 58 -1.87 16.43 13.92
N GLY A 59 -1.75 15.32 14.64
CA GLY A 59 -2.84 14.37 14.74
C GLY A 59 -3.39 14.25 16.15
N SER A 60 -3.25 15.33 16.93
CA SER A 60 -3.73 15.34 18.30
C SER A 60 -4.96 16.24 18.44
N GLN A 61 -5.00 17.29 17.64
CA GLN A 61 -6.12 18.23 17.67
C GLN A 61 -7.36 17.62 17.04
N GLU A 62 -8.25 17.10 17.88
CA GLU A 62 -9.48 16.47 17.41
C GLU A 62 -9.17 15.27 16.52
N GLY A 63 -9.12 14.09 17.14
CA GLY A 63 -8.84 12.88 16.38
C GLY A 63 -10.09 12.13 16.01
N GLY A 64 -9.93 10.84 15.70
CA GLY A 64 -11.07 10.02 15.32
C GLY A 64 -11.12 8.71 16.10
N GLU A 65 -12.05 7.85 15.72
CA GLU A 65 -12.20 6.56 16.39
C GLU A 65 -11.68 5.43 15.50
N GLY A 66 -11.80 5.61 14.19
CA GLY A 66 -11.34 4.60 13.25
C GLY A 66 -12.47 3.97 12.47
N LEU A 67 -12.25 3.79 11.16
CA LEU A 67 -13.26 3.19 10.30
C LEU A 67 -12.61 2.40 9.17
N SER A 68 -11.55 1.67 9.51
CA SER A 68 -10.83 0.86 8.53
C SER A 68 -11.33 -0.58 8.55
N LYS A 69 -11.46 -1.18 7.37
CA LYS A 69 -11.92 -2.54 7.24
C LYS A 69 -10.83 -3.45 6.69
N GLU A 70 -10.57 -4.55 7.38
CA GLU A 70 -9.54 -5.49 6.95
C GLU A 70 -10.11 -6.52 5.97
N PRO A 71 -11.19 -7.21 6.36
CA PRO A 71 -11.83 -8.22 5.51
C PRO A 71 -12.14 -7.69 4.11
N ALA A 72 -12.59 -6.45 4.05
CA ALA A 72 -12.92 -5.82 2.77
C ALA A 72 -11.69 -5.74 1.87
N GLY A 73 -11.92 -5.79 0.56
CA GLY A 73 -10.83 -5.72 -0.39
C GLY A 73 -11.24 -6.16 -1.79
N SER A 74 -11.24 -7.47 -2.02
CA SER A 74 -11.62 -8.02 -3.32
C SER A 74 -11.66 -9.53 -3.28
N ASP A 75 -12.78 -10.10 -3.73
CA ASP A 75 -12.95 -11.55 -3.75
C ASP A 75 -13.90 -11.98 -4.86
N GLU A 76 -13.50 -13.01 -5.61
CA GLU A 76 -14.32 -13.51 -6.70
C GLU A 76 -14.49 -12.46 -7.79
N GLN A 77 -15.43 -11.54 -7.58
CA GLN A 77 -15.69 -10.47 -8.55
C GLN A 77 -16.01 -11.06 -9.93
N LYS A 78 -16.16 -10.18 -10.91
CA LYS A 78 -16.46 -10.60 -12.27
C LYS A 78 -15.20 -11.08 -12.99
N GLN A 79 -15.20 -12.36 -13.38
CA GLN A 79 -14.06 -12.94 -14.07
C GLN A 79 -14.47 -14.16 -14.88
N LEU A 80 -14.04 -14.21 -16.13
CA LEU A 80 -14.36 -15.33 -17.02
C LEU A 80 -13.16 -16.24 -17.22
N ARG A 81 -13.42 -17.51 -17.44
CA ARG A 81 -12.36 -18.49 -17.65
C ARG A 81 -12.88 -19.74 -18.33
N ALA A 82 -13.71 -20.51 -17.61
CA ALA A 82 -14.27 -21.74 -18.15
C ALA A 82 -15.21 -21.43 -19.32
N ASP A 83 -14.80 -21.88 -20.50
CA ASP A 83 -15.60 -21.66 -21.71
C ASP A 83 -16.74 -22.66 -21.80
N PRO A 84 -16.41 -23.97 -21.90
CA PRO A 84 -17.42 -25.02 -21.99
C PRO A 84 -18.09 -25.32 -20.66
N PRO A 85 -19.44 -25.21 -20.60
CA PRO A 85 -20.20 -25.47 -19.36
C PRO A 85 -19.91 -26.85 -18.79
N SER A 86 -20.23 -27.88 -19.54
CA SER A 86 -20.01 -29.26 -19.11
C SER A 86 -19.36 -30.09 -20.21
N THR A 87 -18.06 -30.31 -20.10
CA THR A 87 -17.32 -31.08 -21.09
C THR A 87 -16.33 -32.03 -20.42
N ASP A 88 -16.85 -32.94 -19.60
CA ASP A 88 -16.02 -33.90 -18.89
C ASP A 88 -15.01 -33.19 -17.99
N LEU A 89 -14.44 -33.93 -17.05
CA LEU A 89 -13.46 -33.38 -16.12
C LEU A 89 -14.13 -32.52 -15.04
N ASN A 90 -14.88 -31.52 -15.47
CA ASN A 90 -15.58 -30.63 -14.55
C ASN A 90 -16.34 -31.41 -13.48
N THR A 91 -17.07 -32.44 -13.92
CA THR A 91 -17.85 -33.25 -12.99
C THR A 91 -16.97 -33.97 -11.95
N PHE A 92 -15.66 -34.00 -12.19
CA PHE A 92 -14.73 -34.65 -11.26
C PHE A 92 -14.35 -33.70 -10.14
N THR A 93 -14.18 -34.24 -8.93
CA THR A 93 -13.82 -33.43 -7.78
C THR A 93 -12.40 -33.72 -7.31
N VAL A 94 -12.25 -34.70 -6.42
CA VAL A 94 -10.94 -35.08 -5.90
C VAL A 94 -10.93 -36.53 -5.44
N GLU A 95 -11.98 -36.93 -4.75
CA GLU A 95 -12.10 -38.30 -4.25
C GLU A 95 -12.57 -39.24 -5.35
N GLN A 96 -13.18 -38.69 -6.40
CA GLN A 96 -13.67 -39.49 -7.50
C GLN A 96 -12.51 -40.02 -8.32
N LEU A 97 -11.61 -39.11 -8.67
CA LEU A 97 -10.42 -39.46 -9.45
C LEU A 97 -9.63 -40.57 -8.76
N LYS A 98 -9.22 -40.27 -7.53
CA LYS A 98 -8.45 -41.22 -6.74
C LYS A 98 -9.19 -42.55 -6.59
N ALA A 99 -10.52 -42.48 -6.51
CA ALA A 99 -11.33 -43.69 -6.38
C ALA A 99 -11.63 -44.31 -7.74
N GLN A 100 -11.52 -43.50 -8.76
CA GLN A 100 -11.80 -43.96 -10.13
C GLN A 100 -10.55 -44.56 -10.77
N LEU A 101 -9.40 -43.94 -10.53
CA LEU A 101 -8.15 -44.43 -11.10
C LEU A 101 -7.93 -45.87 -10.67
N THR A 102 -8.06 -46.11 -9.37
CA THR A 102 -7.89 -47.44 -8.82
C THR A 102 -8.96 -48.38 -9.36
N GLU A 103 -10.17 -47.86 -9.49
CA GLU A 103 -11.27 -48.65 -10.00
C GLU A 103 -11.18 -48.80 -11.52
N ARG A 104 -10.23 -48.09 -12.11
CA ARG A 104 -10.02 -48.16 -13.56
C ARG A 104 -8.85 -49.07 -13.90
N GLY A 105 -8.03 -49.40 -12.90
CA GLY A 105 -6.89 -50.26 -13.12
C GLY A 105 -5.66 -49.50 -13.58
N ILE A 106 -5.34 -48.41 -12.91
CA ILE A 106 -4.17 -47.61 -13.25
C ILE A 106 -3.44 -47.11 -12.01
N THR A 107 -2.40 -47.84 -11.60
CA THR A 107 -1.63 -47.46 -10.43
C THR A 107 -1.17 -46.01 -10.51
N PHE A 108 -1.54 -45.22 -9.50
CA PHE A 108 -1.17 -43.81 -9.48
C PHE A 108 -0.37 -43.48 -8.23
N LYS A 109 0.34 -44.47 -7.69
CA LYS A 109 1.15 -44.27 -6.49
C LYS A 109 2.21 -43.19 -6.73
N GLN A 110 2.64 -43.06 -7.98
CA GLN A 110 3.65 -42.07 -8.33
C GLN A 110 3.15 -41.16 -9.45
N SER A 111 3.64 -39.92 -9.46
CA SER A 111 3.24 -38.96 -10.49
C SER A 111 1.76 -38.63 -10.38
N ALA A 112 1.20 -38.77 -9.18
CA ALA A 112 -0.21 -38.49 -8.96
C ALA A 112 -0.45 -37.97 -7.54
N THR A 113 -0.67 -36.67 -7.42
CA THR A 113 -0.91 -36.04 -6.12
C THR A 113 -2.40 -35.83 -5.90
N LYS A 114 -2.94 -34.77 -6.50
CA LYS A 114 -4.36 -34.47 -6.36
C LYS A 114 -4.84 -33.59 -7.51
N ALA A 115 -4.02 -32.62 -7.91
CA ALA A 115 -4.37 -31.75 -9.01
C ALA A 115 -4.02 -32.40 -10.34
N GLU A 116 -3.13 -33.37 -10.29
CA GLU A 116 -2.70 -34.09 -11.47
C GLU A 116 -3.64 -35.24 -11.81
N LEU A 117 -4.12 -35.96 -10.80
CA LEU A 117 -5.02 -37.09 -11.06
C LEU A 117 -6.43 -36.61 -11.35
N ILE A 118 -6.75 -35.37 -10.95
CA ILE A 118 -8.06 -34.82 -11.23
C ILE A 118 -8.12 -34.29 -12.66
N ALA A 119 -6.96 -33.88 -13.18
CA ALA A 119 -6.86 -33.38 -14.55
C ALA A 119 -6.64 -34.53 -15.53
N LEU A 120 -5.92 -35.54 -15.08
CA LEU A 120 -5.59 -36.70 -15.91
C LEU A 120 -6.83 -37.34 -16.52
N PHE A 121 -7.89 -37.48 -15.72
CA PHE A 121 -9.12 -38.10 -16.20
C PHE A 121 -9.70 -37.34 -17.39
N ALA A 122 -9.19 -37.64 -18.58
CA ALA A 122 -9.66 -36.98 -19.79
C ALA A 122 -9.21 -37.76 -21.03
N PRO A 123 -10.02 -38.74 -21.47
CA PRO A 123 -9.72 -39.56 -22.65
C PRO A 123 -9.35 -38.71 -23.86
N ALA A 124 -10.15 -37.68 -24.12
CA ALA A 124 -9.90 -36.79 -25.25
C ALA A 124 -9.89 -37.55 -26.57
N ASP A 125 -10.96 -37.41 -27.33
CA ASP A 125 -11.08 -38.09 -28.62
C ASP A 125 -10.71 -37.16 -29.77
N GLY A 126 -9.81 -36.23 -29.49
CA GLY A 126 -9.38 -35.28 -30.51
C GLY A 126 -10.16 -33.99 -30.48
N GLU A 127 -9.86 -33.13 -29.50
CA GLU A 127 -10.54 -31.87 -29.36
C GLU A 127 -9.54 -30.73 -29.14
N LYS A 128 -10.06 -29.51 -28.97
CA LYS A 128 -9.21 -28.35 -28.76
C LYS A 128 -8.34 -28.51 -27.51
N SER A 129 -7.13 -27.98 -27.56
CA SER A 129 -6.21 -28.07 -26.43
C SER A 129 -6.48 -26.96 -25.42
N GLU A 130 -6.11 -27.20 -24.16
CA GLU A 130 -6.31 -26.23 -23.10
C GLU A 130 -4.99 -25.83 -22.46
N ALA A 131 -3.96 -25.67 -23.29
CA ALA A 131 -2.64 -25.28 -22.80
C ALA A 131 -2.09 -26.33 -21.86
N GLY A 1 20.30 24.26 14.78
CA GLY A 1 19.44 23.07 14.51
C GLY A 1 19.00 22.37 15.77
N SER A 2 18.27 23.09 16.61
CA SER A 2 17.78 22.54 17.87
C SER A 2 16.57 23.31 18.37
N HIS A 3 15.76 23.79 17.45
CA HIS A 3 14.56 24.55 17.79
C HIS A 3 13.30 23.74 17.53
N MET A 4 13.26 23.06 16.39
CA MET A 4 12.13 22.23 16.02
C MET A 4 12.58 20.86 15.52
N ASP A 5 11.69 19.88 15.61
CA ASP A 5 11.99 18.53 15.17
C ASP A 5 11.39 18.25 13.79
N LYS A 6 12.22 17.77 12.88
CA LYS A 6 11.78 17.45 11.53
C LYS A 6 11.47 15.97 11.39
N THR A 7 10.54 15.48 12.19
CA THR A 7 10.14 14.08 12.17
C THR A 7 8.63 13.94 12.05
N PHE A 8 8.18 12.97 11.26
CA PHE A 8 6.75 12.75 11.07
C PHE A 8 6.40 11.27 10.89
N CYS A 9 5.26 10.89 11.43
CA CYS A 9 4.78 9.52 11.31
C CYS A 9 3.81 9.44 10.14
N VAL A 10 4.12 8.60 9.16
CA VAL A 10 3.27 8.48 7.98
C VAL A 10 2.54 7.14 7.96
N VAL A 11 1.37 7.13 7.35
CA VAL A 11 0.58 5.91 7.28
C VAL A 11 0.03 5.69 5.87
N VAL A 12 0.42 4.56 5.29
CA VAL A 12 -0.01 4.20 3.94
C VAL A 12 -1.25 3.32 3.96
N GLN A 13 -2.39 3.90 3.62
CA GLN A 13 -3.64 3.15 3.60
C GLN A 13 -3.96 2.72 2.18
N ASN A 14 -3.76 1.44 1.90
CA ASN A 14 -4.03 0.90 0.57
C ASN A 14 -4.71 -0.46 0.66
N ARG A 15 -5.57 -0.74 -0.31
CA ARG A 15 -6.28 -2.01 -0.33
C ARG A 15 -6.52 -2.46 -1.77
N ILE A 16 -5.45 -2.94 -2.41
CA ILE A 16 -5.53 -3.41 -3.78
C ILE A 16 -5.60 -4.94 -3.84
N LYS A 17 -4.67 -5.59 -3.15
CA LYS A 17 -4.61 -7.05 -3.13
C LYS A 17 -4.20 -7.56 -1.74
N GLU A 18 -2.92 -7.91 -1.59
CA GLU A 18 -2.39 -8.43 -0.33
C GLU A 18 -1.00 -9.00 -0.53
N GLY A 19 -0.18 -8.28 -1.30
CA GLY A 19 1.17 -8.72 -1.59
C GLY A 19 1.63 -8.23 -2.95
N TYR A 20 1.76 -6.91 -3.08
CA TYR A 20 2.17 -6.31 -4.34
C TYR A 20 3.57 -5.69 -4.23
N ARG A 21 4.53 -6.54 -3.89
CA ARG A 21 5.93 -6.14 -3.77
C ARG A 21 6.08 -4.71 -3.25
N ARG A 22 6.04 -4.56 -1.94
CA ARG A 22 6.19 -3.25 -1.31
C ARG A 22 7.66 -2.90 -1.11
N ALA A 23 8.44 -2.96 -2.19
CA ALA A 23 9.88 -2.68 -2.15
C ALA A 23 10.69 -3.95 -1.94
N GLY A 24 10.06 -4.97 -1.35
CA GLY A 24 10.75 -6.22 -1.12
C GLY A 24 10.19 -6.96 0.08
N PHE A 25 9.56 -6.23 0.97
CA PHE A 25 8.96 -6.82 2.17
C PHE A 25 7.58 -7.40 1.85
N SER A 26 7.15 -7.24 0.60
CA SER A 26 5.84 -7.74 0.17
C SER A 26 4.77 -7.37 1.18
N PHE A 27 4.34 -6.13 1.12
CA PHE A 27 3.32 -5.61 2.01
C PHE A 27 1.96 -6.25 1.70
N HIS A 28 1.12 -6.37 2.74
CA HIS A 28 -0.20 -6.98 2.57
C HIS A 28 -1.22 -5.97 2.03
N LEU A 29 -0.73 -4.85 1.50
CA LEU A 29 -1.60 -3.81 0.96
C LEU A 29 -2.74 -3.47 1.93
N GLY A 30 -2.40 -2.66 2.92
CA GLY A 30 -3.36 -2.24 3.92
C GLY A 30 -2.99 -0.90 4.52
N ASP A 31 -3.08 -0.80 5.83
CA ASP A 31 -2.74 0.45 6.52
C ASP A 31 -1.61 0.24 7.51
N ASN A 32 -0.47 0.88 7.28
CA ASN A 32 0.68 0.75 8.16
C ASN A 32 1.23 2.10 8.55
N SER A 33 1.45 2.30 9.85
CA SER A 33 1.98 3.57 10.34
C SER A 33 3.50 3.57 10.31
N LEU A 34 4.05 4.75 10.04
CA LEU A 34 5.49 4.93 9.96
C LEU A 34 5.98 5.80 11.12
N ALA A 35 7.12 5.43 11.69
CA ALA A 35 7.71 6.16 12.80
C ALA A 35 8.23 7.50 12.32
N ALA A 36 8.36 8.44 13.23
CA ALA A 36 8.81 9.77 12.86
C ALA A 36 10.26 9.78 12.43
N VAL A 37 10.46 10.04 11.14
CA VAL A 37 11.78 10.08 10.53
C VAL A 37 11.99 11.38 9.77
N SER A 38 13.23 11.65 9.37
CA SER A 38 13.56 12.87 8.64
C SER A 38 12.69 13.01 7.38
N GLU A 39 12.78 12.02 6.49
CA GLU A 39 12.01 12.05 5.25
C GLU A 39 12.02 10.70 4.52
N SER A 40 12.97 9.83 4.88
CA SER A 40 13.08 8.51 4.25
C SER A 40 11.71 7.83 4.07
N GLN A 41 10.81 8.08 5.00
CA GLN A 41 9.47 7.49 4.94
C GLN A 41 8.67 8.01 3.75
N LEU A 42 8.77 9.30 3.50
CA LEU A 42 8.04 9.93 2.41
C LEU A 42 8.53 9.44 1.06
N ALA A 43 9.82 9.18 0.95
CA ALA A 43 10.42 8.72 -0.29
C ALA A 43 10.44 7.20 -0.36
N GLN A 44 10.57 6.54 0.80
CA GLN A 44 10.60 5.09 0.83
C GLN A 44 9.26 4.51 0.39
N LEU A 45 8.18 5.13 0.88
CA LEU A 45 6.83 4.68 0.53
C LEU A 45 6.44 5.17 -0.85
N LYS A 46 6.67 6.45 -1.10
CA LYS A 46 6.34 7.06 -2.38
C LYS A 46 7.09 6.39 -3.53
N ALA A 47 8.15 5.66 -3.20
CA ALA A 47 8.95 4.97 -4.21
C ALA A 47 8.08 4.24 -5.23
N ASP A 48 7.00 3.63 -4.75
CA ASP A 48 6.09 2.91 -5.63
C ASP A 48 4.89 3.78 -6.00
N PRO A 49 4.67 4.02 -7.30
CA PRO A 49 3.56 4.84 -7.78
C PRO A 49 2.26 4.06 -7.91
N ARG A 50 1.89 3.33 -6.86
CA ARG A 50 0.67 2.54 -6.86
C ARG A 50 -0.08 2.68 -5.54
N LEU A 51 0.66 2.75 -4.43
CA LEU A 51 0.03 2.90 -3.12
C LEU A 51 -0.03 4.38 -2.74
N VAL A 52 -0.30 4.68 -1.46
CA VAL A 52 -0.41 6.07 -1.02
C VAL A 52 0.39 6.36 0.24
N VAL A 53 1.15 7.45 0.22
CA VAL A 53 1.95 7.87 1.38
C VAL A 53 1.72 9.36 1.65
N GLN A 54 1.09 9.66 2.78
CA GLN A 54 0.80 11.05 3.14
C GLN A 54 1.28 11.38 4.55
N ILE A 55 2.08 12.44 4.65
CA ILE A 55 2.61 12.89 5.94
C ILE A 55 1.66 13.86 6.62
N THR A 56 1.31 13.56 7.86
CA THR A 56 0.39 14.40 8.64
C THR A 56 1.05 14.87 9.92
N GLU A 57 1.46 16.13 9.95
CA GLU A 57 2.11 16.71 11.13
C GLU A 57 1.10 17.49 11.97
N THR A 58 0.53 18.54 11.38
CA THR A 58 -0.45 19.36 12.08
C THR A 58 -1.80 19.31 11.38
N GLY A 59 -2.74 18.59 11.98
CA GLY A 59 -4.07 18.48 11.40
C GLY A 59 -4.85 19.78 11.45
N SER A 60 -5.22 20.27 10.27
CA SER A 60 -5.97 21.52 10.17
C SER A 60 -6.50 21.74 8.76
N GLN A 61 -7.47 20.92 8.37
CA GLN A 61 -8.05 21.01 7.04
C GLN A 61 -9.37 20.24 6.96
N GLU A 62 -10.46 20.92 7.29
CA GLU A 62 -11.79 20.30 7.26
C GLU A 62 -12.52 20.64 5.97
N GLY A 63 -11.76 20.84 4.90
CA GLY A 63 -12.36 21.16 3.62
C GLY A 63 -11.76 20.37 2.47
N GLY A 64 -12.53 20.18 1.41
CA GLY A 64 -12.06 19.43 0.26
C GLY A 64 -13.02 19.48 -0.91
N GLU A 65 -12.52 19.87 -2.08
CA GLU A 65 -13.34 19.96 -3.27
C GLU A 65 -13.28 18.66 -4.06
N GLY A 66 -12.15 17.97 -3.99
CA GLY A 66 -11.98 16.72 -4.71
C GLY A 66 -10.63 16.62 -5.39
N LEU A 67 -10.64 16.23 -6.66
CA LEU A 67 -9.40 16.09 -7.43
C LEU A 67 -9.50 16.82 -8.76
N SER A 68 -8.46 16.68 -9.58
CA SER A 68 -8.44 17.32 -10.89
C SER A 68 -9.61 16.87 -11.74
N LYS A 69 -9.59 17.25 -13.02
CA LYS A 69 -10.66 16.89 -13.94
C LYS A 69 -10.78 15.36 -14.05
N GLU A 70 -11.84 14.91 -14.72
CA GLU A 70 -12.09 13.49 -14.90
C GLU A 70 -12.83 13.22 -16.20
N PRO A 71 -12.60 12.06 -16.84
CA PRO A 71 -13.26 11.69 -18.09
C PRO A 71 -14.73 11.35 -17.88
N ALA A 72 -15.51 12.32 -17.42
CA ALA A 72 -16.93 12.11 -17.19
C ALA A 72 -17.76 12.59 -18.37
N GLY A 73 -18.82 11.85 -18.68
CA GLY A 73 -19.68 12.23 -19.79
C GLY A 73 -21.15 11.99 -19.49
N SER A 74 -21.62 12.56 -18.39
CA SER A 74 -23.02 12.42 -17.98
C SER A 74 -23.34 10.98 -17.63
N ASP A 75 -23.55 10.15 -18.66
CA ASP A 75 -23.86 8.74 -18.47
C ASP A 75 -23.09 7.87 -19.46
N GLU A 76 -23.27 6.56 -19.34
CA GLU A 76 -22.58 5.62 -20.22
C GLU A 76 -21.07 5.75 -20.10
N GLN A 77 -20.51 5.12 -19.08
CA GLN A 77 -19.06 5.17 -18.85
C GLN A 77 -18.50 3.76 -18.61
N LYS A 78 -19.16 3.01 -17.75
CA LYS A 78 -18.72 1.64 -17.44
C LYS A 78 -17.31 1.64 -16.85
N GLN A 79 -16.99 0.59 -16.11
CA GLN A 79 -15.68 0.47 -15.49
C GLN A 79 -15.56 -0.85 -14.72
N LEU A 80 -16.65 -1.25 -14.06
CA LEU A 80 -16.67 -2.49 -13.29
C LEU A 80 -16.22 -3.67 -14.13
N ARG A 81 -15.25 -4.42 -13.62
CA ARG A 81 -14.73 -5.59 -14.32
C ARG A 81 -14.88 -6.85 -13.48
N ALA A 82 -15.92 -6.88 -12.65
CA ALA A 82 -16.17 -8.03 -11.79
C ALA A 82 -17.61 -8.51 -11.94
N ASP A 83 -17.84 -9.79 -11.63
CA ASP A 83 -19.16 -10.38 -11.74
C ASP A 83 -20.19 -9.57 -10.94
N PRO A 84 -21.06 -8.81 -11.64
CA PRO A 84 -22.09 -8.00 -10.98
C PRO A 84 -23.08 -8.84 -10.20
N PRO A 85 -23.73 -8.25 -9.18
CA PRO A 85 -24.71 -8.95 -8.35
C PRO A 85 -26.02 -9.20 -9.09
N SER A 86 -25.94 -9.96 -10.18
CA SER A 86 -27.12 -10.27 -10.98
C SER A 86 -26.97 -11.61 -11.68
N THR A 87 -28.09 -12.28 -11.92
CA THR A 87 -28.08 -13.58 -12.58
C THR A 87 -27.23 -14.59 -11.79
N ASP A 88 -25.93 -14.61 -12.07
CA ASP A 88 -25.03 -15.54 -11.38
C ASP A 88 -25.46 -16.99 -11.60
N LEU A 89 -25.92 -17.29 -12.81
CA LEU A 89 -26.36 -18.63 -13.14
C LEU A 89 -25.43 -19.30 -14.14
N ASN A 90 -24.61 -18.50 -14.82
CA ASN A 90 -23.67 -19.02 -15.81
C ASN A 90 -22.87 -20.20 -15.24
N THR A 91 -22.29 -20.00 -14.06
CA THR A 91 -21.50 -21.04 -13.42
C THR A 91 -22.33 -22.29 -13.08
N PHE A 92 -23.67 -22.17 -13.17
CA PHE A 92 -24.55 -23.30 -12.87
C PHE A 92 -24.91 -24.05 -14.15
N THR A 93 -24.62 -25.34 -14.19
CA THR A 93 -24.92 -26.15 -15.37
C THR A 93 -25.91 -27.27 -15.04
N VAL A 94 -25.39 -28.46 -14.75
CA VAL A 94 -26.25 -29.60 -14.43
C VAL A 94 -25.69 -30.41 -13.26
N GLU A 95 -24.36 -30.49 -13.19
CA GLU A 95 -23.71 -31.23 -12.13
C GLU A 95 -23.58 -30.38 -10.87
N GLN A 96 -23.67 -29.06 -11.02
CA GLN A 96 -23.52 -28.15 -9.90
C GLN A 96 -24.81 -27.97 -9.10
N LEU A 97 -25.94 -27.92 -9.79
CA LEU A 97 -27.21 -27.75 -9.09
C LEU A 97 -27.61 -29.06 -8.44
N LYS A 98 -27.56 -30.13 -9.21
CA LYS A 98 -27.90 -31.45 -8.71
C LYS A 98 -27.02 -31.81 -7.50
N ALA A 99 -25.78 -31.34 -7.51
CA ALA A 99 -24.86 -31.63 -6.40
C ALA A 99 -25.03 -30.63 -5.25
N GLN A 100 -25.50 -29.45 -5.59
CA GLN A 100 -25.71 -28.41 -4.58
C GLN A 100 -27.08 -28.54 -3.94
N LEU A 101 -28.09 -28.80 -4.75
CA LEU A 101 -29.46 -28.96 -4.26
C LEU A 101 -29.50 -30.00 -3.16
N THR A 102 -28.89 -31.15 -3.42
CA THR A 102 -28.86 -32.23 -2.46
C THR A 102 -28.05 -31.82 -1.24
N GLU A 103 -26.96 -31.11 -1.48
CA GLU A 103 -26.11 -30.65 -0.39
C GLU A 103 -26.75 -29.46 0.33
N ARG A 104 -27.86 -28.97 -0.21
CA ARG A 104 -28.57 -27.83 0.38
C ARG A 104 -29.85 -28.30 1.06
N GLY A 105 -30.28 -29.52 0.75
CA GLY A 105 -31.50 -30.05 1.35
C GLY A 105 -32.76 -29.44 0.75
N ILE A 106 -33.03 -29.76 -0.50
CA ILE A 106 -34.21 -29.24 -1.18
C ILE A 106 -35.12 -30.40 -1.62
N THR A 107 -35.82 -30.24 -2.75
CA THR A 107 -36.71 -31.29 -3.25
C THR A 107 -36.81 -31.24 -4.77
N PHE A 108 -36.15 -32.19 -5.42
CA PHE A 108 -36.16 -32.25 -6.88
C PHE A 108 -36.19 -33.69 -7.36
N LYS A 109 -37.29 -34.38 -7.09
CA LYS A 109 -37.45 -35.78 -7.49
C LYS A 109 -38.52 -35.91 -8.57
N GLN A 110 -39.52 -35.03 -8.53
CA GLN A 110 -40.60 -35.05 -9.51
C GLN A 110 -41.09 -33.65 -9.82
N SER A 111 -40.20 -32.82 -10.36
CA SER A 111 -40.53 -31.45 -10.71
C SER A 111 -39.33 -30.72 -11.31
N ALA A 112 -38.16 -30.98 -10.76
CA ALA A 112 -36.93 -30.36 -11.25
C ALA A 112 -36.02 -31.37 -11.91
N THR A 113 -35.91 -31.29 -13.22
CA THR A 113 -35.07 -32.22 -13.98
C THR A 113 -33.66 -31.68 -14.13
N LYS A 114 -33.49 -30.69 -15.01
CA LYS A 114 -32.18 -30.10 -15.23
C LYS A 114 -32.27 -28.60 -15.51
N ALA A 115 -33.22 -28.21 -16.34
CA ALA A 115 -33.40 -26.81 -16.66
C ALA A 115 -34.12 -26.09 -15.54
N GLU A 116 -34.89 -26.85 -14.76
CA GLU A 116 -35.65 -26.28 -13.66
C GLU A 116 -34.81 -26.21 -12.39
N LEU A 117 -33.94 -27.20 -12.18
CA LEU A 117 -33.09 -27.23 -10.99
C LEU A 117 -31.89 -26.31 -11.15
N ILE A 118 -31.56 -25.99 -12.39
CA ILE A 118 -30.44 -25.08 -12.65
C ILE A 118 -30.92 -23.63 -12.54
N ALA A 119 -32.21 -23.41 -12.80
CA ALA A 119 -32.80 -22.09 -12.70
C ALA A 119 -33.26 -21.81 -11.27
N LEU A 120 -33.73 -22.86 -10.60
CA LEU A 120 -34.23 -22.74 -9.23
C LEU A 120 -33.22 -22.05 -8.33
N PHE A 121 -31.95 -22.44 -8.46
CA PHE A 121 -30.89 -21.84 -7.64
C PHE A 121 -30.88 -20.33 -7.77
N ALA A 122 -31.42 -19.82 -8.88
CA ALA A 122 -31.47 -18.38 -9.13
C ALA A 122 -32.10 -17.64 -7.95
N PRO A 123 -31.76 -16.35 -7.78
CA PRO A 123 -32.30 -15.54 -6.68
C PRO A 123 -33.80 -15.30 -6.82
N ALA A 124 -34.58 -15.99 -5.99
CA ALA A 124 -36.03 -15.86 -6.02
C ALA A 124 -36.65 -16.35 -4.72
N ASP A 125 -36.81 -15.44 -3.77
CA ASP A 125 -37.39 -15.78 -2.47
C ASP A 125 -38.85 -15.34 -2.40
N GLY A 126 -39.75 -16.24 -2.78
CA GLY A 126 -41.17 -15.93 -2.75
C GLY A 126 -41.92 -16.74 -1.71
N GLU A 127 -42.21 -18.00 -2.03
CA GLU A 127 -42.92 -18.87 -1.11
C GLU A 127 -42.08 -20.11 -0.77
N LYS A 128 -42.60 -20.93 0.13
CA LYS A 128 -41.90 -22.15 0.55
C LYS A 128 -42.82 -23.07 1.34
N SER A 129 -42.84 -24.34 0.96
CA SER A 129 -43.68 -25.32 1.65
C SER A 129 -43.07 -26.71 1.55
N GLU A 130 -43.77 -27.69 2.11
CA GLU A 130 -43.30 -29.08 2.10
C GLU A 130 -43.39 -29.67 0.69
N ALA A 131 -44.62 -29.97 0.27
CA ALA A 131 -44.85 -30.54 -1.05
C ALA A 131 -46.04 -29.85 -1.75
N GLY A 1 9.35 28.56 11.05
CA GLY A 1 10.15 27.88 12.12
C GLY A 1 11.65 27.96 11.85
N SER A 2 12.43 27.93 12.93
CA SER A 2 13.89 28.00 12.81
C SER A 2 14.56 26.92 13.66
N HIS A 3 14.18 26.87 14.93
CA HIS A 3 14.75 25.89 15.85
C HIS A 3 13.80 24.70 16.03
N MET A 4 13.05 24.39 14.97
CA MET A 4 12.11 23.27 15.00
C MET A 4 12.55 22.16 14.06
N ASP A 5 12.41 20.92 14.52
CA ASP A 5 12.79 19.76 13.72
C ASP A 5 11.66 19.32 12.80
N LYS A 6 11.97 18.45 11.85
CA LYS A 6 10.97 17.95 10.90
C LYS A 6 10.85 16.43 10.99
N THR A 7 10.04 15.96 11.91
CA THR A 7 9.83 14.52 12.09
C THR A 7 8.36 14.19 12.23
N PHE A 8 7.89 13.22 11.44
CA PHE A 8 6.49 12.82 11.49
C PHE A 8 6.32 11.33 11.21
N CYS A 9 5.26 10.76 11.76
CA CYS A 9 4.94 9.35 11.54
C CYS A 9 4.00 9.23 10.33
N VAL A 10 4.38 8.43 9.34
CA VAL A 10 3.57 8.27 8.15
C VAL A 10 2.95 6.89 8.07
N VAL A 11 1.80 6.80 7.42
CA VAL A 11 1.11 5.54 7.29
C VAL A 11 0.53 5.36 5.88
N VAL A 12 0.77 4.19 5.31
CA VAL A 12 0.30 3.88 3.97
C VAL A 12 -0.95 3.00 3.98
N GLN A 13 -2.10 3.62 3.71
CA GLN A 13 -3.36 2.88 3.67
C GLN A 13 -3.75 2.60 2.23
N ASN A 14 -3.61 1.35 1.82
CA ASN A 14 -3.95 0.95 0.46
C ASN A 14 -4.94 -0.20 0.42
N ARG A 15 -5.81 -0.18 -0.57
CA ARG A 15 -6.80 -1.23 -0.76
C ARG A 15 -6.71 -1.78 -2.17
N ILE A 16 -5.67 -2.57 -2.41
CA ILE A 16 -5.44 -3.14 -3.72
C ILE A 16 -4.93 -4.58 -3.63
N LYS A 17 -5.74 -5.50 -4.12
CA LYS A 17 -5.39 -6.93 -4.14
C LYS A 17 -4.68 -7.35 -2.85
N GLU A 18 -4.01 -8.50 -2.90
CA GLU A 18 -3.28 -9.01 -1.75
C GLU A 18 -1.93 -9.60 -2.16
N GLY A 19 -1.55 -9.37 -3.42
CA GLY A 19 -0.29 -9.88 -3.92
C GLY A 19 0.81 -8.82 -3.87
N TYR A 20 0.40 -7.55 -3.97
CA TYR A 20 1.35 -6.46 -3.93
C TYR A 20 2.10 -6.47 -2.61
N ARG A 21 3.30 -7.02 -2.67
CA ARG A 21 4.12 -7.15 -1.48
C ARG A 21 5.60 -7.24 -1.82
N ARG A 22 6.45 -6.77 -0.91
CA ARG A 22 7.89 -6.80 -1.12
C ARG A 22 8.64 -6.03 -0.04
N ALA A 23 9.94 -5.82 -0.28
CA ALA A 23 10.79 -5.10 0.67
C ALA A 23 10.66 -3.60 0.50
N GLY A 24 9.47 -3.08 0.81
CA GLY A 24 9.23 -1.65 0.68
C GLY A 24 8.58 -1.29 -0.64
N PHE A 25 8.70 -2.18 -1.62
CA PHE A 25 8.13 -1.95 -2.94
C PHE A 25 6.62 -2.14 -2.93
N SER A 26 6.13 -2.94 -1.97
CA SER A 26 4.70 -3.20 -1.86
C SER A 26 4.40 -4.07 -0.65
N PHE A 27 3.13 -4.05 -0.22
CA PHE A 27 2.69 -4.84 0.93
C PHE A 27 1.19 -5.08 0.85
N HIS A 28 0.73 -6.18 1.44
CA HIS A 28 -0.69 -6.53 1.44
C HIS A 28 -1.57 -5.30 1.69
N LEU A 29 -2.71 -5.27 1.01
CA LEU A 29 -3.66 -4.17 1.14
C LEU A 29 -4.01 -3.92 2.60
N GLY A 30 -3.24 -3.03 3.24
CA GLY A 30 -3.48 -2.72 4.63
C GLY A 30 -2.94 -1.36 5.01
N ASP A 31 -2.48 -1.23 6.25
CA ASP A 31 -1.93 0.04 6.73
C ASP A 31 -0.73 -0.20 7.64
N ASN A 32 0.36 0.49 7.32
CA ASN A 32 1.59 0.37 8.10
C ASN A 32 2.06 1.76 8.53
N SER A 33 2.30 1.93 9.82
CA SER A 33 2.75 3.23 10.33
C SER A 33 4.25 3.38 10.26
N LEU A 34 4.69 4.60 10.01
CA LEU A 34 6.09 4.92 9.91
C LEU A 34 6.50 5.81 11.08
N ALA A 35 7.66 5.54 11.67
CA ALA A 35 8.15 6.30 12.79
C ALA A 35 8.55 7.69 12.34
N ALA A 36 8.55 8.63 13.26
CA ALA A 36 8.88 10.01 12.93
C ALA A 36 10.35 10.18 12.61
N VAL A 37 10.62 10.44 11.32
CA VAL A 37 11.98 10.63 10.82
C VAL A 37 12.09 11.92 10.02
N SER A 38 13.29 12.15 9.46
CA SER A 38 13.53 13.34 8.66
C SER A 38 12.47 13.52 7.57
N GLU A 39 12.43 12.59 6.63
CA GLU A 39 11.46 12.65 5.53
C GLU A 39 11.56 11.44 4.61
N SER A 40 12.66 10.70 4.68
CA SER A 40 12.88 9.53 3.83
C SER A 40 11.61 8.68 3.70
N GLN A 41 10.83 8.62 4.78
CA GLN A 41 9.59 7.85 4.77
C GLN A 41 8.66 8.30 3.66
N LEU A 42 8.44 9.61 3.58
CA LEU A 42 7.55 10.18 2.58
C LEU A 42 7.99 9.78 1.19
N ALA A 43 9.25 10.04 0.86
CA ALA A 43 9.79 9.71 -0.45
C ALA A 43 9.93 8.21 -0.62
N GLN A 44 10.10 7.49 0.49
CA GLN A 44 10.23 6.04 0.44
C GLN A 44 8.96 5.39 -0.07
N LEU A 45 7.83 5.75 0.54
CA LEU A 45 6.55 5.21 0.14
C LEU A 45 6.02 5.90 -1.12
N LYS A 46 6.36 7.17 -1.26
CA LYS A 46 5.93 7.96 -2.41
C LYS A 46 6.73 7.58 -3.67
N ALA A 47 7.97 7.15 -3.47
CA ALA A 47 8.84 6.77 -4.57
C ALA A 47 8.19 5.67 -5.43
N ASP A 48 7.95 4.52 -4.80
CA ASP A 48 7.34 3.40 -5.51
C ASP A 48 5.84 3.63 -5.71
N PRO A 49 5.38 3.65 -6.97
CA PRO A 49 3.97 3.87 -7.29
C PRO A 49 3.11 2.64 -7.05
N ARG A 50 3.10 2.16 -5.81
CA ARG A 50 2.32 0.97 -5.45
C ARG A 50 1.22 1.32 -4.46
N LEU A 51 1.62 1.75 -3.26
CA LEU A 51 0.66 2.12 -2.23
C LEU A 51 0.63 3.64 -2.05
N VAL A 52 -0.16 4.11 -1.08
CA VAL A 52 -0.30 5.54 -0.83
C VAL A 52 0.49 5.98 0.41
N VAL A 53 1.01 7.20 0.36
CA VAL A 53 1.78 7.74 1.49
C VAL A 53 1.22 9.09 1.91
N GLN A 54 0.72 9.15 3.14
CA GLN A 54 0.15 10.38 3.68
C GLN A 54 0.77 10.75 5.02
N ILE A 55 1.03 12.04 5.22
CA ILE A 55 1.62 12.52 6.46
C ILE A 55 0.56 13.00 7.44
N THR A 56 0.48 12.34 8.59
CA THR A 56 -0.50 12.69 9.61
C THR A 56 0.19 13.03 10.93
N GLU A 57 0.26 14.32 11.24
CA GLU A 57 0.91 14.77 12.47
C GLU A 57 0.24 14.15 13.69
N THR A 58 -1.01 14.51 13.92
CA THR A 58 -1.76 13.98 15.06
C THR A 58 -1.08 14.36 16.38
N GLY A 59 -1.64 13.88 17.48
CA GLY A 59 -1.07 14.17 18.79
C GLY A 59 -0.73 12.92 19.57
N SER A 60 0.04 13.07 20.63
CA SER A 60 0.44 11.94 21.46
C SER A 60 1.27 12.40 22.65
N GLN A 61 0.77 12.13 23.86
CA GLN A 61 1.46 12.52 25.08
C GLN A 61 2.48 11.46 25.48
N GLU A 62 2.00 10.28 25.84
CA GLU A 62 2.87 9.19 26.25
C GLU A 62 2.40 7.86 25.66
N GLY A 63 1.79 7.93 24.48
CA GLY A 63 1.31 6.72 23.82
C GLY A 63 0.26 6.01 24.65
N GLY A 64 0.33 4.68 24.67
CA GLY A 64 -0.62 3.89 25.44
C GLY A 64 -1.29 2.82 24.60
N GLU A 65 -1.62 3.15 23.36
CA GLU A 65 -2.26 2.21 22.46
C GLU A 65 -1.24 1.30 21.79
N GLY A 66 -1.42 -0.01 21.94
CA GLY A 66 -0.50 -0.96 21.34
C GLY A 66 0.32 -1.70 22.38
N LEU A 67 -0.25 -1.87 23.57
CA LEU A 67 0.43 -2.56 24.66
C LEU A 67 -0.57 -3.16 25.63
N SER A 68 -0.12 -4.14 26.41
CA SER A 68 -0.98 -4.81 27.39
C SER A 68 -2.05 -5.64 26.70
N LYS A 69 -2.98 -4.97 26.03
CA LYS A 69 -4.05 -5.65 25.32
C LYS A 69 -3.94 -5.44 23.81
N GLU A 70 -3.60 -6.51 23.09
CA GLU A 70 -3.46 -6.44 21.65
C GLU A 70 -3.05 -7.79 21.07
N PRO A 71 -1.95 -8.38 21.59
CA PRO A 71 -1.46 -9.68 21.14
C PRO A 71 -2.52 -10.78 21.25
N ALA A 72 -2.07 -12.03 21.22
CA ALA A 72 -2.97 -13.16 21.33
C ALA A 72 -3.13 -13.60 22.78
N GLY A 73 -4.00 -14.58 23.02
CA GLY A 73 -4.23 -15.08 24.36
C GLY A 73 -3.42 -16.32 24.66
N SER A 74 -2.85 -16.37 25.86
CA SER A 74 -2.04 -17.51 26.27
C SER A 74 -2.77 -18.35 27.32
N ASP A 75 -2.13 -19.42 27.76
CA ASP A 75 -2.72 -20.31 28.76
C ASP A 75 -1.71 -21.35 29.24
N GLU A 76 -2.01 -21.97 30.38
CA GLU A 76 -1.13 -22.98 30.95
C GLU A 76 0.22 -22.39 31.34
N GLN A 77 0.29 -21.06 31.43
CA GLN A 77 1.52 -20.38 31.80
C GLN A 77 1.35 -18.87 31.75
N LYS A 78 2.42 -18.14 32.06
CA LYS A 78 2.39 -16.68 32.05
C LYS A 78 3.68 -16.12 31.47
N GLN A 79 3.75 -16.04 30.14
CA GLN A 79 4.93 -15.51 29.46
C GLN A 79 4.53 -14.63 28.28
N LEU A 80 5.45 -13.77 27.85
CA LEU A 80 5.20 -12.88 26.73
C LEU A 80 5.65 -13.51 25.42
N ARG A 81 4.85 -13.31 24.37
CA ARG A 81 5.17 -13.84 23.06
C ARG A 81 5.22 -15.37 23.09
N ALA A 82 4.85 -15.99 21.98
CA ALA A 82 4.86 -17.46 21.90
C ALA A 82 4.56 -17.92 20.47
N ASP A 83 5.04 -17.17 19.50
CA ASP A 83 4.82 -17.51 18.09
C ASP A 83 6.02 -18.28 17.53
N PRO A 84 5.77 -19.39 16.81
CA PRO A 84 6.83 -20.20 16.22
C PRO A 84 7.46 -19.55 14.99
N PRO A 85 8.73 -19.11 15.08
CA PRO A 85 9.42 -18.47 13.96
C PRO A 85 9.44 -19.35 12.71
N SER A 86 9.34 -20.67 12.91
CA SER A 86 9.35 -21.62 11.81
C SER A 86 10.68 -21.58 11.07
N THR A 87 10.84 -20.59 10.20
CA THR A 87 12.08 -20.46 9.44
C THR A 87 12.41 -18.99 9.20
N ASP A 88 13.31 -18.45 10.01
CA ASP A 88 13.72 -17.05 9.90
C ASP A 88 15.00 -16.79 10.69
N LEU A 89 15.04 -17.29 11.92
CA LEU A 89 16.20 -17.12 12.78
C LEU A 89 17.18 -18.27 12.61
N ASN A 90 16.65 -19.46 12.34
CA ASN A 90 17.47 -20.66 12.15
C ASN A 90 18.63 -20.40 11.19
N THR A 91 18.34 -19.72 10.08
CA THR A 91 19.36 -19.42 9.08
C THR A 91 20.50 -18.56 9.65
N PHE A 92 20.29 -17.95 10.81
CA PHE A 92 21.31 -17.12 11.43
C PHE A 92 21.81 -17.74 12.73
N THR A 93 23.01 -18.31 12.68
CA THR A 93 23.61 -18.95 13.85
C THR A 93 24.32 -17.93 14.75
N VAL A 94 25.59 -17.66 14.43
CA VAL A 94 26.36 -16.70 15.21
C VAL A 94 27.39 -15.98 14.34
N GLU A 95 28.25 -16.75 13.68
CA GLU A 95 29.28 -16.19 12.80
C GLU A 95 28.67 -15.66 11.52
N GLN A 96 27.46 -16.13 11.21
CA GLN A 96 26.75 -15.70 10.01
C GLN A 96 26.08 -14.36 10.24
N LEU A 97 25.88 -14.04 11.50
CA LEU A 97 25.25 -12.80 11.90
C LEU A 97 26.26 -11.68 11.79
N LYS A 98 27.35 -11.82 12.53
CA LYS A 98 28.42 -10.84 12.54
C LYS A 98 29.05 -10.70 11.17
N ALA A 99 28.96 -11.76 10.34
CA ALA A 99 29.55 -11.72 9.01
C ALA A 99 28.62 -11.09 7.98
N GLN A 100 27.33 -11.23 8.23
CA GLN A 100 26.33 -10.67 7.33
C GLN A 100 26.03 -9.23 7.68
N LEU A 101 26.17 -8.89 8.96
CA LEU A 101 25.92 -7.53 9.42
C LEU A 101 26.96 -6.59 8.86
N THR A 102 28.22 -7.00 8.92
CA THR A 102 29.31 -6.19 8.41
C THR A 102 29.19 -6.05 6.90
N GLU A 103 28.80 -7.13 6.25
CA GLU A 103 28.64 -7.12 4.81
C GLU A 103 27.36 -6.37 4.41
N ARG A 104 26.57 -5.99 5.41
CA ARG A 104 25.34 -5.27 5.17
C ARG A 104 25.49 -3.79 5.57
N GLY A 105 26.53 -3.49 6.34
CA GLY A 105 26.77 -2.13 6.77
C GLY A 105 26.03 -1.78 8.05
N ILE A 106 26.40 -2.45 9.14
CA ILE A 106 25.77 -2.20 10.43
C ILE A 106 26.73 -2.48 11.58
N THR A 107 27.34 -1.43 12.14
CA THR A 107 28.27 -1.57 13.25
C THR A 107 27.63 -2.30 14.42
N PHE A 108 28.23 -3.42 14.82
CA PHE A 108 27.71 -4.22 15.93
C PHE A 108 28.81 -4.55 16.95
N LYS A 109 30.00 -4.00 16.74
CA LYS A 109 31.12 -4.25 17.64
C LYS A 109 31.29 -3.10 18.63
N GLN A 110 30.18 -2.46 18.99
CA GLN A 110 30.21 -1.35 19.92
C GLN A 110 28.88 -1.24 20.68
N SER A 111 28.18 -2.36 20.80
CA SER A 111 26.89 -2.39 21.51
C SER A 111 26.27 -3.78 21.44
N ALA A 112 26.44 -4.45 20.30
CA ALA A 112 25.87 -5.78 20.12
C ALA A 112 26.79 -6.85 20.72
N THR A 113 26.34 -8.10 20.68
CA THR A 113 27.11 -9.21 21.21
C THR A 113 26.80 -10.50 20.46
N LYS A 114 25.68 -11.13 20.80
CA LYS A 114 25.28 -12.37 20.15
C LYS A 114 23.77 -12.47 20.03
N ALA A 115 23.07 -12.17 21.10
CA ALA A 115 21.62 -12.23 21.08
C ALA A 115 21.06 -10.97 20.44
N GLU A 116 21.83 -9.89 20.49
CA GLU A 116 21.42 -8.62 19.91
C GLU A 116 21.78 -8.54 18.43
N LEU A 117 22.93 -9.11 18.06
CA LEU A 117 23.37 -9.08 16.68
C LEU A 117 22.66 -10.15 15.85
N ILE A 118 22.10 -11.15 16.53
CA ILE A 118 21.37 -12.20 15.85
C ILE A 118 19.93 -11.76 15.59
N ALA A 119 19.40 -10.92 16.47
CA ALA A 119 18.04 -10.41 16.35
C ALA A 119 17.97 -9.15 15.49
N LEU A 120 19.02 -8.33 15.54
CA LEU A 120 19.03 -7.08 14.79
C LEU A 120 19.19 -7.30 13.29
N PHE A 121 19.64 -8.49 12.89
CA PHE A 121 19.85 -8.82 11.47
C PHE A 121 19.05 -7.90 10.54
N ALA A 122 19.68 -6.81 10.13
CA ALA A 122 19.05 -5.86 9.23
C ALA A 122 17.85 -5.18 9.89
N PRO A 123 18.10 -4.09 10.65
CA PRO A 123 17.03 -3.36 11.34
C PRO A 123 16.17 -2.54 10.38
N ALA A 124 15.52 -3.23 9.45
CA ALA A 124 14.66 -2.57 8.47
C ALA A 124 15.47 -1.72 7.51
N ASP A 125 15.99 -0.60 8.02
CA ASP A 125 16.80 0.31 7.20
C ASP A 125 18.22 -0.23 7.03
N GLY A 126 18.81 0.04 5.88
CA GLY A 126 20.16 -0.43 5.61
C GLY A 126 20.22 -1.41 4.45
N GLU A 127 20.72 -0.94 3.31
CA GLU A 127 20.82 -1.79 2.12
C GLU A 127 22.12 -1.50 1.37
N LYS A 128 22.38 -0.21 1.11
CA LYS A 128 23.58 0.19 0.40
C LYS A 128 23.75 1.71 0.46
N SER A 129 24.98 2.16 0.26
CA SER A 129 25.28 3.59 0.28
C SER A 129 26.15 3.99 -0.90
N GLU A 130 26.00 5.23 -1.35
CA GLU A 130 26.78 5.73 -2.48
C GLU A 130 27.24 7.16 -2.23
N ALA A 131 27.58 7.46 -0.98
CA ALA A 131 28.04 8.79 -0.60
C ALA A 131 26.97 9.84 -0.89
N GLY A 1 19.87 18.06 21.62
CA GLY A 1 18.49 18.61 21.53
C GLY A 1 18.46 20.06 21.08
N SER A 2 18.74 20.27 19.79
CA SER A 2 18.75 21.61 19.23
C SER A 2 17.33 22.14 19.03
N HIS A 3 16.61 21.51 18.10
CA HIS A 3 15.24 21.92 17.80
C HIS A 3 14.51 20.83 17.01
N MET A 4 13.82 19.95 17.72
CA MET A 4 13.07 18.87 17.07
C MET A 4 11.74 19.36 16.55
N ASP A 5 11.38 18.93 15.35
CA ASP A 5 10.12 19.34 14.74
C ASP A 5 9.89 18.58 13.42
N LYS A 6 10.95 18.42 12.64
CA LYS A 6 10.86 17.72 11.37
C LYS A 6 10.78 16.21 11.56
N THR A 7 9.59 15.74 11.95
CA THR A 7 9.38 14.31 12.16
C THR A 7 7.89 13.99 12.16
N PHE A 8 7.50 12.98 11.38
CA PHE A 8 6.10 12.59 11.29
C PHE A 8 5.93 11.09 11.07
N CYS A 9 4.87 10.53 11.64
CA CYS A 9 4.56 9.12 11.46
C CYS A 9 3.58 8.97 10.31
N VAL A 10 4.00 8.31 9.24
CA VAL A 10 3.15 8.15 8.06
C VAL A 10 2.68 6.70 7.88
N VAL A 11 1.53 6.54 7.27
CA VAL A 11 0.97 5.22 7.04
C VAL A 11 0.36 5.12 5.65
N VAL A 12 0.77 4.09 4.90
CA VAL A 12 0.29 3.88 3.54
C VAL A 12 -0.86 2.88 3.49
N GLN A 13 -2.07 3.39 3.31
CA GLN A 13 -3.25 2.54 3.22
C GLN A 13 -3.54 2.19 1.77
N ASN A 14 -3.25 0.95 1.38
CA ASN A 14 -3.47 0.52 0.01
C ASN A 14 -4.69 -0.38 -0.12
N ARG A 15 -5.63 0.05 -0.96
CA ARG A 15 -6.83 -0.73 -1.23
C ARG A 15 -6.71 -1.34 -2.62
N ILE A 16 -5.45 -1.54 -3.04
CA ILE A 16 -5.15 -2.09 -4.34
C ILE A 16 -5.10 -3.62 -4.30
N LYS A 17 -4.21 -4.17 -3.49
CA LYS A 17 -4.07 -5.62 -3.38
C LYS A 17 -3.03 -5.99 -2.31
N GLU A 18 -2.71 -7.29 -2.23
CA GLU A 18 -1.74 -7.78 -1.26
C GLU A 18 -0.50 -8.31 -1.96
N GLY A 19 -0.36 -8.01 -3.25
CA GLY A 19 0.77 -8.47 -4.01
C GLY A 19 1.77 -7.36 -4.28
N TYR A 20 1.32 -6.11 -4.18
CA TYR A 20 2.18 -4.96 -4.40
C TYR A 20 3.19 -4.87 -3.28
N ARG A 21 4.38 -5.36 -3.57
CA ARG A 21 5.46 -5.37 -2.59
C ARG A 21 6.74 -5.91 -3.21
N ARG A 22 7.79 -6.01 -2.39
CA ARG A 22 9.07 -6.52 -2.88
C ARG A 22 9.01 -8.03 -3.01
N ALA A 23 8.57 -8.69 -1.94
CA ALA A 23 8.44 -10.14 -1.92
C ALA A 23 7.87 -10.61 -0.59
N GLY A 24 6.96 -9.82 -0.03
CA GLY A 24 6.35 -10.16 1.24
C GLY A 24 7.09 -9.53 2.41
N PHE A 25 7.92 -8.54 2.13
CA PHE A 25 8.67 -7.85 3.18
C PHE A 25 8.89 -6.39 2.80
N SER A 26 7.85 -5.75 2.31
CA SER A 26 7.91 -4.35 1.91
C SER A 26 6.53 -3.72 1.86
N PHE A 27 5.55 -4.47 1.38
CA PHE A 27 4.19 -3.95 1.27
C PHE A 27 3.16 -5.08 1.28
N HIS A 28 1.92 -4.72 1.61
CA HIS A 28 0.82 -5.68 1.67
C HIS A 28 -0.51 -4.95 1.59
N LEU A 29 -1.60 -5.72 1.50
CA LEU A 29 -2.94 -5.15 1.42
C LEU A 29 -3.38 -4.64 2.79
N GLY A 30 -3.26 -3.34 3.00
CA GLY A 30 -3.65 -2.76 4.26
C GLY A 30 -3.00 -1.41 4.49
N ASP A 31 -2.58 -1.16 5.73
CA ASP A 31 -1.94 0.10 6.08
C ASP A 31 -0.72 -0.13 6.96
N ASN A 32 0.43 0.36 6.50
CA ASN A 32 1.68 0.22 7.24
C ASN A 32 2.07 1.57 7.84
N SER A 33 2.22 1.63 9.15
CA SER A 33 2.58 2.87 9.81
C SER A 33 4.09 3.06 9.85
N LEU A 34 4.49 4.31 9.75
CA LEU A 34 5.89 4.67 9.77
C LEU A 34 6.20 5.57 10.98
N ALA A 35 7.33 5.33 11.62
CA ALA A 35 7.74 6.10 12.78
C ALA A 35 8.14 7.51 12.35
N ALA A 36 8.09 8.44 13.27
CA ALA A 36 8.41 9.82 12.95
C ALA A 36 9.90 10.00 12.69
N VAL A 37 10.22 10.19 11.40
CA VAL A 37 11.60 10.38 10.95
C VAL A 37 11.76 11.69 10.17
N SER A 38 12.97 11.90 9.65
CA SER A 38 13.27 13.10 8.87
C SER A 38 12.25 13.31 7.75
N GLU A 39 12.25 12.42 6.76
CA GLU A 39 11.32 12.55 5.64
C GLU A 39 11.44 11.37 4.66
N SER A 40 12.58 10.68 4.67
CA SER A 40 12.80 9.54 3.77
C SER A 40 11.56 8.65 3.68
N GLN A 41 10.84 8.52 4.79
CA GLN A 41 9.63 7.71 4.84
C GLN A 41 8.63 8.14 3.77
N LEU A 42 8.53 9.44 3.55
CA LEU A 42 7.60 9.97 2.57
C LEU A 42 8.07 9.65 1.16
N ALA A 43 9.37 9.76 0.95
CA ALA A 43 9.95 9.47 -0.35
C ALA A 43 10.03 7.98 -0.62
N GLN A 44 10.12 7.19 0.45
CA GLN A 44 10.19 5.74 0.33
C GLN A 44 8.84 5.18 -0.13
N LEU A 45 7.77 5.67 0.49
CA LEU A 45 6.43 5.22 0.16
C LEU A 45 5.93 5.90 -1.11
N LYS A 46 6.40 7.12 -1.35
CA LYS A 46 6.01 7.87 -2.53
C LYS A 46 6.60 7.27 -3.80
N ALA A 47 7.65 6.46 -3.64
CA ALA A 47 8.30 5.82 -4.78
C ALA A 47 7.30 5.06 -5.64
N ASP A 48 6.55 4.16 -5.02
CA ASP A 48 5.55 3.36 -5.74
C ASP A 48 4.38 4.23 -6.18
N PRO A 49 4.13 4.33 -7.50
CA PRO A 49 3.05 5.13 -8.05
C PRO A 49 1.71 4.39 -8.00
N ARG A 50 1.33 3.93 -6.82
CA ARG A 50 0.07 3.21 -6.65
C ARG A 50 -0.50 3.44 -5.25
N LEU A 51 0.24 3.00 -4.24
CA LEU A 51 -0.19 3.16 -2.85
C LEU A 51 -0.27 4.64 -2.49
N VAL A 52 -0.74 4.94 -1.28
CA VAL A 52 -0.88 6.32 -0.84
C VAL A 52 -0.06 6.63 0.40
N VAL A 53 0.81 7.63 0.30
CA VAL A 53 1.64 8.04 1.43
C VAL A 53 1.31 9.47 1.83
N GLN A 54 0.61 9.62 2.95
CA GLN A 54 0.22 10.93 3.45
C GLN A 54 0.64 11.11 4.91
N ILE A 55 1.28 12.23 5.20
CA ILE A 55 1.74 12.53 6.55
C ILE A 55 0.66 13.22 7.39
N THR A 56 0.26 12.57 8.47
CA THR A 56 -0.76 13.11 9.36
C THR A 56 -0.21 13.23 10.78
N GLU A 57 0.10 14.46 11.19
CA GLU A 57 0.63 14.70 12.53
C GLU A 57 -0.47 14.58 13.58
N THR A 58 -1.05 13.39 13.68
CA THR A 58 -2.11 13.14 14.65
C THR A 58 -3.34 13.99 14.36
N GLY A 59 -3.26 15.28 14.66
CA GLY A 59 -4.37 16.17 14.44
C GLY A 59 -4.63 17.08 15.62
N SER A 60 -3.91 18.20 15.69
CA SER A 60 -4.07 19.15 16.78
C SER A 60 -3.69 18.51 18.11
N GLN A 61 -2.66 19.05 18.75
CA GLN A 61 -2.19 18.53 20.03
C GLN A 61 -1.70 17.09 19.89
N GLU A 62 -0.75 16.70 20.74
CA GLU A 62 -0.21 15.35 20.70
C GLU A 62 -0.43 14.65 22.04
N GLY A 63 -0.21 13.34 22.04
CA GLY A 63 -0.38 12.56 23.26
C GLY A 63 -1.57 11.61 23.18
N GLY A 64 -2.62 11.92 23.93
CA GLY A 64 -3.81 11.08 23.92
C GLY A 64 -5.07 11.86 23.63
N GLU A 65 -6.01 11.23 22.93
CA GLU A 65 -7.27 11.87 22.59
C GLU A 65 -8.45 10.93 22.85
N GLY A 66 -8.34 10.14 23.91
CA GLY A 66 -9.40 9.21 24.25
C GLY A 66 -8.90 7.99 25.00
N LEU A 67 -9.22 7.92 26.28
CA LEU A 67 -8.79 6.79 27.11
C LEU A 67 -9.81 5.65 27.04
N SER A 68 -10.95 5.85 27.69
CA SER A 68 -12.00 4.83 27.71
C SER A 68 -13.01 5.08 26.59
N LYS A 69 -13.56 4.00 26.05
CA LYS A 69 -14.55 4.11 24.98
C LYS A 69 -15.29 2.79 24.80
N GLU A 70 -16.61 2.83 24.91
CA GLU A 70 -17.43 1.64 24.75
C GLU A 70 -18.90 2.02 24.60
N PRO A 71 -19.76 1.06 24.16
CA PRO A 71 -21.18 1.29 23.97
C PRO A 71 -21.98 1.13 25.26
N ALA A 72 -21.45 1.67 26.35
CA ALA A 72 -22.13 1.59 27.65
C ALA A 72 -22.45 0.14 28.02
N GLY A 73 -21.64 -0.43 28.89
CA GLY A 73 -21.87 -1.81 29.31
C GLY A 73 -23.04 -1.94 30.26
N SER A 74 -24.25 -1.95 29.70
CA SER A 74 -25.46 -2.08 30.50
C SER A 74 -26.13 -3.43 30.28
N ASP A 75 -26.47 -3.72 29.03
CA ASP A 75 -27.11 -4.99 28.69
C ASP A 75 -26.38 -5.67 27.54
N GLU A 76 -26.93 -6.79 27.09
CA GLU A 76 -26.32 -7.55 25.99
C GLU A 76 -27.00 -7.25 24.66
N GLN A 77 -28.20 -7.79 24.47
CA GLN A 77 -28.95 -7.58 23.25
C GLN A 77 -30.31 -6.95 23.54
N LYS A 78 -30.95 -7.43 24.60
CA LYS A 78 -32.26 -6.92 24.99
C LYS A 78 -33.30 -7.21 23.92
N GLN A 79 -33.23 -8.41 23.36
CA GLN A 79 -34.17 -8.82 22.31
C GLN A 79 -34.30 -10.34 22.25
N LEU A 80 -35.02 -10.83 21.25
CA LEU A 80 -35.23 -12.27 21.08
C LEU A 80 -35.59 -12.95 22.40
N ARG A 81 -35.58 -14.28 22.39
CA ARG A 81 -35.90 -15.05 23.59
C ARG A 81 -34.70 -15.84 24.07
N ALA A 82 -34.83 -16.47 25.23
CA ALA A 82 -33.75 -17.27 25.80
C ALA A 82 -34.29 -18.34 26.74
N ASP A 83 -33.56 -19.44 26.86
CA ASP A 83 -33.96 -20.54 27.72
C ASP A 83 -32.99 -20.70 28.89
N PRO A 84 -33.52 -20.92 30.12
CA PRO A 84 -32.69 -21.08 31.31
C PRO A 84 -31.69 -22.23 31.17
N PRO A 85 -32.14 -23.41 30.70
CA PRO A 85 -31.26 -24.58 30.53
C PRO A 85 -30.07 -24.28 29.62
N SER A 86 -30.32 -23.49 28.57
CA SER A 86 -29.27 -23.14 27.63
C SER A 86 -28.64 -21.80 28.00
N THR A 87 -27.52 -21.48 27.35
CA THR A 87 -26.81 -20.23 27.60
C THR A 87 -25.59 -20.10 26.70
N ASP A 88 -24.90 -21.21 26.50
CA ASP A 88 -23.71 -21.24 25.64
C ASP A 88 -23.30 -22.68 25.33
N LEU A 89 -22.67 -22.87 24.18
CA LEU A 89 -22.23 -24.19 23.74
C LEU A 89 -23.37 -24.99 23.14
N ASN A 90 -24.50 -25.05 23.85
CA ASN A 90 -25.67 -25.79 23.39
C ASN A 90 -26.01 -25.45 21.94
N THR A 91 -26.04 -24.15 21.63
CA THR A 91 -26.37 -23.70 20.27
C THR A 91 -25.35 -24.20 19.23
N PHE A 92 -24.21 -24.73 19.69
CA PHE A 92 -23.19 -25.23 18.77
C PHE A 92 -23.02 -26.74 18.95
N THR A 93 -23.20 -27.48 17.87
CA THR A 93 -23.07 -28.94 17.91
C THR A 93 -21.61 -29.38 17.74
N VAL A 94 -21.22 -29.78 16.53
CA VAL A 94 -19.86 -30.22 16.27
C VAL A 94 -19.38 -29.75 14.90
N GLU A 95 -20.11 -30.14 13.86
CA GLU A 95 -19.78 -29.75 12.49
C GLU A 95 -20.05 -28.27 12.25
N GLN A 96 -20.89 -27.69 13.11
CA GLN A 96 -21.24 -26.28 13.01
C GLN A 96 -20.17 -25.43 13.65
N LEU A 97 -19.39 -26.06 14.52
CA LEU A 97 -18.34 -25.37 15.22
C LEU A 97 -17.17 -25.15 14.27
N LYS A 98 -16.67 -26.26 13.75
CA LYS A 98 -15.55 -26.24 12.80
C LYS A 98 -15.90 -25.39 11.58
N ALA A 99 -17.20 -25.29 11.27
CA ALA A 99 -17.64 -24.51 10.11
C ALA A 99 -17.80 -23.04 10.46
N GLN A 100 -17.98 -22.77 11.74
CA GLN A 100 -18.13 -21.40 12.22
C GLN A 100 -16.78 -20.76 12.49
N LEU A 101 -15.86 -21.54 13.02
CA LEU A 101 -14.51 -21.05 13.32
C LEU A 101 -13.79 -20.64 12.05
N THR A 102 -13.92 -21.45 11.01
CA THR A 102 -13.29 -21.15 9.73
C THR A 102 -13.91 -19.90 9.12
N GLU A 103 -15.22 -19.80 9.24
CA GLU A 103 -15.94 -18.66 8.71
C GLU A 103 -15.73 -17.42 9.57
N ARG A 104 -15.07 -17.60 10.70
CA ARG A 104 -14.79 -16.49 11.61
C ARG A 104 -13.33 -16.08 11.55
N GLY A 105 -12.49 -16.94 10.97
CA GLY A 105 -11.08 -16.65 10.86
C GLY A 105 -10.28 -17.14 12.06
N ILE A 106 -10.60 -18.34 12.53
CA ILE A 106 -9.91 -18.92 13.67
C ILE A 106 -9.39 -20.32 13.35
N THR A 107 -8.15 -20.41 12.89
CA THR A 107 -7.55 -21.69 12.56
C THR A 107 -7.56 -22.63 13.76
N PHE A 108 -7.61 -23.93 13.50
CA PHE A 108 -7.62 -24.93 14.56
C PHE A 108 -7.05 -26.26 14.08
N LYS A 109 -6.03 -26.18 13.24
CA LYS A 109 -5.39 -27.37 12.69
C LYS A 109 -4.78 -28.21 13.81
N GLN A 110 -4.09 -27.55 14.73
CA GLN A 110 -3.46 -28.24 15.86
C GLN A 110 -3.72 -27.48 17.16
N SER A 111 -4.81 -26.71 17.19
CA SER A 111 -5.15 -25.94 18.38
C SER A 111 -6.50 -26.38 18.94
N ALA A 112 -7.40 -26.79 18.05
CA ALA A 112 -8.73 -27.24 18.46
C ALA A 112 -9.17 -28.44 17.65
N THR A 113 -9.42 -29.55 18.34
CA THR A 113 -9.86 -30.79 17.68
C THR A 113 -11.38 -30.87 17.64
N LYS A 114 -12.00 -31.15 18.78
CA LYS A 114 -13.45 -31.26 18.85
C LYS A 114 -13.99 -30.75 20.17
N ALA A 115 -13.30 -31.05 21.26
CA ALA A 115 -13.73 -30.60 22.56
C ALA A 115 -13.25 -29.18 22.82
N GLU A 116 -12.19 -28.79 22.13
CA GLU A 116 -11.63 -27.46 22.28
C GLU A 116 -12.32 -26.46 21.36
N LEU A 117 -12.65 -26.90 20.14
CA LEU A 117 -13.31 -26.02 19.17
C LEU A 117 -14.77 -25.83 19.51
N ILE A 118 -15.33 -26.74 20.30
CA ILE A 118 -16.72 -26.61 20.71
C ILE A 118 -16.82 -25.64 21.88
N ALA A 119 -15.78 -25.64 22.72
CA ALA A 119 -15.73 -24.76 23.89
C ALA A 119 -15.13 -23.41 23.54
N LEU A 120 -14.26 -23.40 22.53
CA LEU A 120 -13.59 -22.17 22.10
C LEU A 120 -14.59 -21.03 21.93
N PHE A 121 -15.71 -21.33 21.29
CA PHE A 121 -16.76 -20.33 21.06
C PHE A 121 -17.02 -19.49 22.31
N ALA A 122 -16.30 -18.40 22.43
CA ALA A 122 -16.45 -17.50 23.57
C ALA A 122 -16.95 -16.13 23.13
N PRO A 123 -17.62 -15.39 24.03
CA PRO A 123 -18.15 -14.06 23.73
C PRO A 123 -17.05 -13.06 23.44
N ALA A 124 -17.44 -11.81 23.21
CA ALA A 124 -16.48 -10.75 22.91
C ALA A 124 -15.48 -10.58 24.06
N ASP A 125 -14.22 -10.94 23.80
CA ASP A 125 -13.17 -10.83 24.80
C ASP A 125 -12.15 -9.78 24.40
N GLY A 126 -11.13 -9.60 25.25
CA GLY A 126 -10.09 -8.63 24.96
C GLY A 126 -9.77 -7.76 26.16
N GLU A 127 -8.94 -6.73 25.93
CA GLU A 127 -8.56 -5.82 27.00
C GLU A 127 -8.86 -4.37 26.61
N LYS A 128 -10.14 -4.06 26.45
CA LYS A 128 -10.55 -2.71 26.07
C LYS A 128 -9.95 -2.30 24.73
N SER A 129 -10.55 -1.31 24.09
CA SER A 129 -10.07 -0.83 22.79
C SER A 129 -10.25 -1.89 21.72
N GLU A 130 -9.41 -2.93 21.76
CA GLU A 130 -9.48 -4.01 20.79
C GLU A 130 -9.17 -3.50 19.38
N ALA A 131 -7.95 -3.70 18.94
CA ALA A 131 -7.54 -3.26 17.61
C ALA A 131 -7.52 -4.42 16.62
N GLY A 1 12.21 24.68 6.78
CA GLY A 1 11.42 24.72 8.03
C GLY A 1 12.06 23.91 9.15
N SER A 2 13.03 24.49 9.83
CA SER A 2 13.72 23.82 10.92
C SER A 2 13.77 24.71 12.16
N HIS A 3 12.80 24.53 13.05
CA HIS A 3 12.73 25.32 14.28
C HIS A 3 12.80 24.41 15.50
N MET A 4 12.11 23.28 15.44
CA MET A 4 12.09 22.33 16.55
C MET A 4 11.67 20.94 16.07
N ASP A 5 10.63 20.90 15.24
CA ASP A 5 10.13 19.64 14.72
C ASP A 5 10.91 19.20 13.48
N LYS A 6 10.98 17.90 13.26
CA LYS A 6 11.70 17.36 12.10
C LYS A 6 11.55 15.84 12.05
N THR A 7 10.36 15.36 12.38
CA THR A 7 10.09 13.92 12.37
C THR A 7 8.59 13.66 12.27
N PHE A 8 8.20 12.67 11.48
CA PHE A 8 6.79 12.34 11.32
C PHE A 8 6.53 10.85 11.16
N CYS A 9 5.40 10.40 11.69
CA CYS A 9 5.01 9.01 11.57
C CYS A 9 4.09 8.87 10.36
N VAL A 10 4.35 7.87 9.52
CA VAL A 10 3.53 7.68 8.33
C VAL A 10 2.66 6.45 8.43
N VAL A 11 1.50 6.52 7.79
CA VAL A 11 0.57 5.43 7.79
C VAL A 11 -0.03 5.26 6.40
N VAL A 12 0.48 4.28 5.68
CA VAL A 12 0.05 4.01 4.33
C VAL A 12 -1.06 2.96 4.31
N GLN A 13 -2.08 3.22 3.50
CA GLN A 13 -3.21 2.30 3.38
C GLN A 13 -3.33 1.79 1.94
N ASN A 14 -3.08 0.50 1.75
CA ASN A 14 -3.16 -0.10 0.42
C ASN A 14 -4.51 -0.76 0.20
N ARG A 15 -5.02 -0.64 -1.02
CA ARG A 15 -6.31 -1.23 -1.37
C ARG A 15 -6.26 -1.80 -2.78
N ILE A 16 -5.07 -2.26 -3.19
CA ILE A 16 -4.89 -2.82 -4.52
C ILE A 16 -4.91 -4.34 -4.49
N LYS A 17 -3.99 -4.93 -3.72
CA LYS A 17 -3.91 -6.39 -3.61
C LYS A 17 -3.13 -6.79 -2.37
N GLU A 18 -3.00 -8.09 -2.13
CA GLU A 18 -2.27 -8.59 -0.97
C GLU A 18 -0.95 -9.24 -1.39
N GLY A 19 -0.66 -9.20 -2.70
CA GLY A 19 0.57 -9.78 -3.20
C GLY A 19 1.67 -8.75 -3.34
N TYR A 20 1.32 -7.47 -3.24
CA TYR A 20 2.28 -6.40 -3.35
C TYR A 20 2.89 -6.11 -2.00
N ARG A 21 4.10 -6.60 -1.82
CA ARG A 21 4.80 -6.45 -0.56
C ARG A 21 6.28 -6.14 -0.80
N ARG A 22 6.86 -5.29 0.06
CA ARG A 22 8.26 -4.92 -0.06
C ARG A 22 8.64 -3.89 1.00
N ALA A 23 9.78 -3.25 0.82
CA ALA A 23 10.27 -2.24 1.76
C ALA A 23 9.65 -0.88 1.46
N GLY A 24 8.34 -0.78 1.61
CA GLY A 24 7.65 0.47 1.34
C GLY A 24 7.10 0.53 -0.07
N PHE A 25 7.86 -0.01 -1.03
CA PHE A 25 7.44 -0.03 -2.43
C PHE A 25 6.15 -0.83 -2.61
N SER A 26 5.84 -1.67 -1.63
CA SER A 26 4.63 -2.50 -1.68
C SER A 26 4.33 -3.10 -0.32
N PHE A 27 3.05 -3.31 -0.01
CA PHE A 27 2.64 -3.87 1.26
C PHE A 27 1.29 -4.57 1.15
N HIS A 28 0.99 -5.44 2.11
CA HIS A 28 -0.26 -6.18 2.14
C HIS A 28 -1.45 -5.22 2.19
N LEU A 29 -2.65 -5.77 2.22
CA LEU A 29 -3.87 -4.96 2.28
C LEU A 29 -4.19 -4.56 3.71
N GLY A 30 -3.89 -3.32 4.03
CA GLY A 30 -4.14 -2.82 5.37
C GLY A 30 -3.53 -1.45 5.60
N ASP A 31 -3.05 -1.22 6.82
CA ASP A 31 -2.43 0.06 7.16
C ASP A 31 -1.33 -0.13 8.20
N ASN A 32 -0.14 0.40 7.91
CA ASN A 32 0.99 0.28 8.82
C ASN A 32 1.55 1.66 9.17
N SER A 33 1.80 1.89 10.45
CA SER A 33 2.33 3.16 10.91
C SER A 33 3.85 3.16 10.86
N LEU A 34 4.41 4.31 10.55
CA LEU A 34 5.85 4.49 10.45
C LEU A 34 6.34 5.41 11.57
N ALA A 35 7.52 5.11 12.11
CA ALA A 35 8.11 5.91 13.17
C ALA A 35 8.57 7.25 12.63
N ALA A 36 8.67 8.23 13.52
CA ALA A 36 9.06 9.56 13.09
C ALA A 36 10.53 9.62 12.68
N VAL A 37 10.73 9.92 11.38
CA VAL A 37 12.06 10.01 10.81
C VAL A 37 12.24 11.31 10.03
N SER A 38 13.37 11.43 9.35
CA SER A 38 13.66 12.63 8.56
C SER A 38 12.69 12.79 7.40
N GLU A 39 12.65 11.80 6.52
CA GLU A 39 11.77 11.85 5.35
C GLU A 39 11.73 10.52 4.59
N SER A 40 12.71 9.65 4.85
CA SER A 40 12.80 8.36 4.18
C SER A 40 11.43 7.67 4.05
N GLN A 41 10.61 7.74 5.10
CA GLN A 41 9.30 7.10 5.07
C GLN A 41 8.45 7.59 3.92
N LEU A 42 8.47 8.89 3.70
CA LEU A 42 7.68 9.48 2.63
C LEU A 42 8.14 9.00 1.26
N ALA A 43 9.43 9.19 0.99
CA ALA A 43 10.00 8.77 -0.28
C ALA A 43 10.09 7.26 -0.39
N GLN A 44 10.11 6.58 0.75
CA GLN A 44 10.20 5.11 0.76
C GLN A 44 9.00 4.52 0.03
N LEU A 45 7.81 4.92 0.45
CA LEU A 45 6.58 4.44 -0.16
C LEU A 45 6.30 5.14 -1.47
N LYS A 46 6.21 6.47 -1.41
CA LYS A 46 5.94 7.29 -2.59
C LYS A 46 6.92 6.97 -3.73
N ALA A 47 8.08 6.42 -3.38
CA ALA A 47 9.10 6.08 -4.37
C ALA A 47 8.48 5.40 -5.60
N ASP A 48 7.39 4.68 -5.37
CA ASP A 48 6.70 3.99 -6.45
C ASP A 48 5.22 4.36 -6.48
N PRO A 49 4.70 4.78 -7.64
CA PRO A 49 3.30 5.17 -7.79
C PRO A 49 2.37 3.96 -7.80
N ARG A 50 2.12 3.41 -6.61
CA ARG A 50 1.25 2.25 -6.48
C ARG A 50 0.46 2.29 -5.17
N LEU A 51 1.16 2.59 -4.07
CA LEU A 51 0.53 2.66 -2.76
C LEU A 51 0.47 4.10 -2.27
N VAL A 52 -0.73 4.56 -1.93
CA VAL A 52 -0.93 5.92 -1.44
C VAL A 52 -0.23 6.14 -0.10
N VAL A 53 0.87 6.88 -0.14
CA VAL A 53 1.62 7.18 1.07
C VAL A 53 1.28 8.58 1.56
N GLN A 54 0.84 8.67 2.81
CA GLN A 54 0.45 9.95 3.40
C GLN A 54 1.16 10.22 4.72
N ILE A 55 1.55 11.48 4.92
CA ILE A 55 2.24 11.90 6.14
C ILE A 55 1.28 12.58 7.10
N THR A 56 1.02 11.93 8.23
CA THR A 56 0.11 12.48 9.24
C THR A 56 0.83 12.62 10.59
N GLU A 57 1.17 13.85 10.93
CA GLU A 57 1.85 14.13 12.19
C GLU A 57 0.87 14.59 13.26
N THR A 58 -0.08 13.72 13.60
CA THR A 58 -1.08 14.04 14.60
C THR A 58 -1.76 12.77 15.11
N GLY A 59 -2.62 12.93 16.11
CA GLY A 59 -3.33 11.80 16.67
C GLY A 59 -2.77 11.37 18.01
N SER A 60 -3.53 10.55 18.73
CA SER A 60 -3.10 10.07 20.05
C SER A 60 -3.36 8.57 20.18
N GLN A 61 -2.47 7.76 19.62
CA GLN A 61 -2.60 6.32 19.68
C GLN A 61 -1.25 5.63 19.57
N GLU A 62 -1.07 4.56 20.34
CA GLU A 62 0.19 3.82 20.33
C GLU A 62 0.06 2.54 19.53
N GLY A 63 0.84 2.44 18.44
CA GLY A 63 0.79 1.26 17.60
C GLY A 63 2.18 0.70 17.32
N GLY A 64 2.22 -0.42 16.62
CA GLY A 64 3.50 -1.04 16.28
C GLY A 64 3.49 -1.69 14.92
N GLU A 65 2.58 -2.64 14.73
CA GLU A 65 2.46 -3.35 13.46
C GLU A 65 3.76 -4.09 13.13
N GLY A 66 4.46 -4.53 14.17
CA GLY A 66 5.72 -5.24 13.97
C GLY A 66 6.83 -4.72 14.85
N LEU A 67 6.70 -4.94 16.15
CA LEU A 67 7.71 -4.49 17.11
C LEU A 67 8.47 -5.67 17.70
N SER A 68 8.51 -6.78 16.97
CA SER A 68 9.20 -7.98 17.43
C SER A 68 9.40 -8.95 16.28
N LYS A 69 10.10 -10.06 16.57
CA LYS A 69 10.37 -11.07 15.55
C LYS A 69 9.68 -12.38 15.92
N GLU A 70 9.69 -12.71 17.21
CA GLU A 70 9.07 -13.94 17.68
C GLU A 70 8.87 -13.89 19.20
N PRO A 71 7.74 -14.43 19.70
CA PRO A 71 7.44 -14.43 21.14
C PRO A 71 8.58 -15.06 21.95
N ALA A 72 8.85 -16.34 21.69
CA ALA A 72 9.91 -17.05 22.40
C ALA A 72 10.67 -17.98 21.46
N GLY A 73 9.94 -18.75 20.66
CA GLY A 73 10.56 -19.66 19.73
C GLY A 73 10.04 -21.08 19.88
N SER A 74 10.67 -21.84 20.78
CA SER A 74 10.27 -23.23 21.01
C SER A 74 10.16 -24.00 19.71
N ASP A 75 11.27 -24.59 19.28
CA ASP A 75 11.30 -25.36 18.05
C ASP A 75 11.01 -24.48 16.84
N GLU A 76 11.79 -24.66 15.78
CA GLU A 76 11.61 -23.87 14.56
C GLU A 76 11.27 -24.77 13.37
N GLN A 77 11.87 -25.96 13.35
CA GLN A 77 11.62 -26.91 12.27
C GLN A 77 11.02 -28.21 12.81
N LYS A 78 10.76 -29.15 11.91
CA LYS A 78 10.19 -30.44 12.29
C LYS A 78 10.44 -31.48 11.20
N GLN A 79 11.71 -31.66 10.85
CA GLN A 79 12.09 -32.63 9.83
C GLN A 79 11.49 -32.26 8.47
N LEU A 80 12.25 -32.49 7.41
CA LEU A 80 11.80 -32.18 6.05
C LEU A 80 12.37 -33.17 5.05
N ARG A 81 11.77 -34.36 4.99
CA ARG A 81 12.21 -35.40 4.07
C ARG A 81 11.05 -35.92 3.23
N ALA A 82 11.34 -36.33 2.01
CA ALA A 82 10.32 -36.86 1.11
C ALA A 82 10.92 -37.33 -0.21
N ASP A 83 11.93 -36.59 -0.70
CA ASP A 83 12.59 -36.94 -1.95
C ASP A 83 11.65 -36.70 -3.15
N PRO A 84 11.51 -35.43 -3.57
CA PRO A 84 10.65 -35.07 -4.70
C PRO A 84 10.77 -36.04 -5.88
N PRO A 85 11.98 -36.22 -6.42
CA PRO A 85 12.21 -37.12 -7.56
C PRO A 85 11.82 -38.56 -7.23
N SER A 86 12.60 -39.21 -6.38
CA SER A 86 12.33 -40.59 -5.99
C SER A 86 12.43 -41.53 -7.19
N THR A 87 13.17 -42.62 -7.02
CA THR A 87 13.35 -43.59 -8.09
C THR A 87 13.99 -42.95 -9.32
N ASP A 88 14.56 -43.78 -10.19
CA ASP A 88 15.21 -43.29 -11.40
C ASP A 88 16.33 -42.32 -11.06
N LEU A 89 17.19 -42.04 -12.04
CA LEU A 89 18.32 -41.12 -11.86
C LEU A 89 19.39 -41.71 -10.95
N ASN A 90 18.99 -42.28 -9.82
CA ASN A 90 19.93 -42.88 -8.87
C ASN A 90 20.92 -43.79 -9.60
N THR A 91 20.42 -44.64 -10.49
CA THR A 91 21.27 -45.56 -11.22
C THR A 91 22.30 -44.82 -12.09
N PHE A 92 22.12 -43.52 -12.28
CA PHE A 92 23.05 -42.72 -13.08
C PHE A 92 24.16 -42.16 -12.21
N THR A 93 25.40 -42.59 -12.47
CA THR A 93 26.54 -42.13 -11.68
C THR A 93 27.20 -40.88 -12.31
N VAL A 94 28.38 -41.05 -12.91
CA VAL A 94 29.07 -39.91 -13.51
C VAL A 94 29.64 -40.27 -14.89
N GLU A 95 30.02 -41.53 -15.06
CA GLU A 95 30.55 -41.99 -16.33
C GLU A 95 29.43 -42.36 -17.29
N GLN A 96 28.23 -42.60 -16.75
CA GLN A 96 27.09 -43.01 -17.56
C GLN A 96 26.38 -41.85 -18.23
N LEU A 97 26.38 -40.69 -17.59
CA LEU A 97 25.71 -39.54 -18.18
C LEU A 97 26.60 -38.94 -19.27
N LYS A 98 27.85 -38.70 -18.93
CA LYS A 98 28.80 -38.13 -19.88
C LYS A 98 29.01 -39.07 -21.07
N ALA A 99 28.83 -40.38 -20.86
CA ALA A 99 29.02 -41.35 -21.94
C ALA A 99 27.77 -41.51 -22.78
N GLN A 100 26.62 -41.32 -22.15
CA GLN A 100 25.35 -41.43 -22.85
C GLN A 100 24.97 -40.12 -23.52
N LEU A 101 25.43 -39.01 -22.94
CA LEU A 101 25.13 -37.69 -23.49
C LEU A 101 25.76 -37.56 -24.87
N THR A 102 27.02 -37.94 -24.96
CA THR A 102 27.74 -37.88 -26.22
C THR A 102 27.19 -38.91 -27.17
N GLU A 103 26.79 -40.06 -26.63
CA GLU A 103 26.25 -41.13 -27.42
C GLU A 103 24.84 -40.79 -27.93
N ARG A 104 24.27 -39.74 -27.38
CA ARG A 104 22.93 -39.31 -27.79
C ARG A 104 22.99 -37.97 -28.52
N GLY A 105 24.12 -37.27 -28.41
CA GLY A 105 24.28 -36.00 -29.08
C GLY A 105 23.65 -34.85 -28.34
N ILE A 106 24.36 -34.31 -27.36
CA ILE A 106 23.85 -33.18 -26.58
C ILE A 106 24.85 -32.02 -26.55
N THR A 107 26.13 -32.34 -26.43
CA THR A 107 27.18 -31.33 -26.38
C THR A 107 27.16 -30.60 -25.05
N PHE A 108 27.93 -31.10 -24.09
CA PHE A 108 28.00 -30.50 -22.77
C PHE A 108 29.40 -29.96 -22.48
N LYS A 109 29.47 -28.79 -21.86
CA LYS A 109 30.74 -28.16 -21.53
C LYS A 109 30.55 -27.02 -20.55
N GLN A 110 29.52 -26.20 -20.79
CA GLN A 110 29.22 -25.08 -19.92
C GLN A 110 27.75 -25.09 -19.49
N SER A 111 27.16 -26.29 -19.45
CA SER A 111 25.78 -26.44 -19.05
C SER A 111 25.47 -27.88 -18.67
N ALA A 112 26.47 -28.58 -18.16
CA ALA A 112 26.31 -29.98 -17.75
C ALA A 112 27.61 -30.52 -17.16
N THR A 113 28.08 -29.89 -16.09
CA THR A 113 29.31 -30.30 -15.43
C THR A 113 29.22 -31.74 -14.94
N LYS A 114 28.63 -31.94 -13.75
CA LYS A 114 28.50 -33.28 -13.19
C LYS A 114 27.15 -33.47 -12.53
N ALA A 115 26.71 -32.49 -11.77
CA ALA A 115 25.43 -32.58 -11.10
C ALA A 115 24.30 -32.26 -12.08
N GLU A 116 24.64 -31.50 -13.11
CA GLU A 116 23.66 -31.11 -14.12
C GLU A 116 23.54 -32.16 -15.22
N LEU A 117 24.65 -32.79 -15.58
CA LEU A 117 24.62 -33.81 -16.63
C LEU A 117 24.08 -35.13 -16.13
N ILE A 118 24.12 -35.34 -14.82
CA ILE A 118 23.58 -36.55 -14.24
C ILE A 118 22.07 -36.39 -14.01
N ALA A 119 21.64 -35.15 -13.81
CA ALA A 119 20.22 -34.85 -13.61
C ALA A 119 19.50 -34.64 -14.93
N LEU A 120 20.22 -34.07 -15.90
CA LEU A 120 19.66 -33.79 -17.21
C LEU A 120 18.94 -34.99 -17.80
N PHE A 121 19.58 -36.16 -17.73
CA PHE A 121 19.00 -37.38 -18.27
C PHE A 121 17.61 -37.63 -17.69
N ALA A 122 16.61 -37.05 -18.33
CA ALA A 122 15.22 -37.20 -17.89
C ALA A 122 14.33 -37.66 -19.03
N PRO A 123 13.23 -38.37 -18.73
CA PRO A 123 12.30 -38.85 -19.74
C PRO A 123 11.60 -37.72 -20.48
N ALA A 124 12.17 -37.31 -21.60
CA ALA A 124 11.59 -36.22 -22.40
C ALA A 124 11.50 -36.61 -23.86
N ASP A 125 10.38 -36.26 -24.49
CA ASP A 125 10.15 -36.58 -25.89
C ASP A 125 10.18 -38.09 -26.12
N GLY A 126 9.60 -38.54 -27.24
CA GLY A 126 9.58 -39.94 -27.55
C GLY A 126 8.37 -40.33 -28.38
N GLU A 127 8.07 -39.53 -29.40
CA GLU A 127 6.94 -39.80 -30.27
C GLU A 127 7.29 -40.84 -31.32
N LYS A 128 6.28 -41.32 -32.05
CA LYS A 128 6.48 -42.32 -33.08
C LYS A 128 5.37 -42.27 -34.12
N SER A 129 4.13 -42.29 -33.66
CA SER A 129 2.98 -42.24 -34.55
C SER A 129 2.93 -40.92 -35.30
N GLU A 130 2.95 -40.99 -36.63
CA GLU A 130 2.91 -39.80 -37.46
C GLU A 130 2.23 -40.08 -38.79
N ALA A 131 0.94 -39.75 -38.88
CA ALA A 131 0.18 -39.98 -40.10
C ALA A 131 -0.11 -38.67 -40.82
N GLY A 1 22.02 19.61 2.31
CA GLY A 1 22.06 19.22 3.74
C GLY A 1 20.68 18.91 4.30
N SER A 2 20.49 19.22 5.58
CA SER A 2 19.20 18.97 6.23
C SER A 2 18.48 20.28 6.54
N HIS A 3 17.45 20.58 5.77
CA HIS A 3 16.68 21.81 5.96
C HIS A 3 15.30 21.50 6.55
N MET A 4 14.69 22.52 7.16
CA MET A 4 13.37 22.38 7.77
C MET A 4 13.25 21.07 8.55
N ASP A 5 13.64 21.10 9.82
CA ASP A 5 13.58 19.92 10.67
C ASP A 5 12.14 19.61 11.06
N LYS A 6 11.60 18.52 10.52
CA LYS A 6 10.23 18.12 10.82
C LYS A 6 10.07 16.61 10.71
N THR A 7 10.10 15.93 11.85
CA THR A 7 9.94 14.48 11.89
C THR A 7 8.48 14.09 11.89
N PHE A 8 8.13 13.08 11.09
CA PHE A 8 6.75 12.63 11.00
C PHE A 8 6.63 11.13 10.79
N CYS A 9 5.59 10.55 11.35
CA CYS A 9 5.33 9.12 11.19
C CYS A 9 4.32 8.94 10.06
N VAL A 10 4.70 8.22 9.02
CA VAL A 10 3.81 8.02 7.88
C VAL A 10 3.32 6.59 7.80
N VAL A 11 2.14 6.41 7.23
CA VAL A 11 1.56 5.08 7.10
C VAL A 11 0.97 4.89 5.70
N VAL A 12 1.40 3.82 5.04
CA VAL A 12 0.96 3.51 3.68
C VAL A 12 -0.20 2.53 3.67
N GLN A 13 -1.40 3.03 3.41
CA GLN A 13 -2.58 2.18 3.34
C GLN A 13 -2.76 1.67 1.90
N ASN A 14 -2.47 0.39 1.69
CA ASN A 14 -2.59 -0.20 0.37
C ASN A 14 -3.89 -0.97 0.19
N ARG A 15 -4.43 -0.88 -1.01
CA ARG A 15 -5.66 -1.57 -1.37
C ARG A 15 -5.51 -2.14 -2.77
N ILE A 16 -4.28 -2.58 -3.06
CA ILE A 16 -3.94 -3.13 -4.36
C ILE A 16 -4.45 -4.55 -4.56
N LYS A 17 -3.98 -5.49 -3.73
CA LYS A 17 -4.40 -6.89 -3.86
C LYS A 17 -3.70 -7.80 -2.86
N GLU A 18 -3.38 -7.28 -1.69
CA GLU A 18 -2.71 -8.06 -0.65
C GLU A 18 -1.47 -8.76 -1.20
N GLY A 19 -0.88 -8.18 -2.25
CA GLY A 19 0.31 -8.75 -2.84
C GLY A 19 0.84 -7.93 -4.00
N TYR A 20 1.51 -6.84 -3.68
CA TYR A 20 2.06 -5.96 -4.70
C TYR A 20 3.32 -5.26 -4.20
N ARG A 21 4.07 -5.96 -3.36
CA ARG A 21 5.30 -5.42 -2.81
C ARG A 21 5.06 -4.15 -2.01
N ARG A 22 6.10 -3.69 -1.31
CA ARG A 22 6.01 -2.48 -0.52
C ARG A 22 7.34 -2.19 0.18
N ALA A 23 7.66 -3.01 1.18
CA ALA A 23 8.92 -2.85 1.92
C ALA A 23 9.93 -3.92 1.53
N GLY A 24 9.65 -4.62 0.43
CA GLY A 24 10.54 -5.66 -0.02
C GLY A 24 9.93 -7.03 0.18
N PHE A 25 8.60 -7.08 0.13
CA PHE A 25 7.87 -8.32 0.31
C PHE A 25 6.39 -8.12 -0.05
N SER A 26 5.68 -9.21 -0.28
CA SER A 26 4.26 -9.14 -0.62
C SER A 26 3.46 -8.55 0.53
N PHE A 27 3.47 -7.22 0.63
CA PHE A 27 2.75 -6.53 1.70
C PHE A 27 1.25 -6.82 1.60
N HIS A 28 0.66 -7.23 2.72
CA HIS A 28 -0.75 -7.54 2.77
C HIS A 28 -1.58 -6.27 2.64
N LEU A 29 -2.80 -6.41 2.17
CA LEU A 29 -3.70 -5.27 2.01
C LEU A 29 -4.02 -4.65 3.36
N GLY A 30 -3.25 -3.63 3.71
CA GLY A 30 -3.44 -2.95 4.98
C GLY A 30 -2.67 -1.65 5.03
N ASP A 31 -1.97 -1.42 6.14
CA ASP A 31 -1.18 -0.21 6.31
C ASP A 31 -0.07 -0.40 7.33
N ASN A 32 1.09 0.20 7.05
CA ASN A 32 2.24 0.12 7.95
C ASN A 32 2.67 1.50 8.38
N SER A 33 2.97 1.66 9.66
CA SER A 33 3.38 2.96 10.18
C SER A 33 4.88 3.18 10.04
N LEU A 34 5.26 4.41 9.78
CA LEU A 34 6.65 4.79 9.62
C LEU A 34 7.09 5.68 10.79
N ALA A 35 8.31 5.49 11.25
CA ALA A 35 8.87 6.25 12.35
C ALA A 35 9.13 7.68 11.92
N ALA A 36 9.19 8.58 12.88
CA ALA A 36 9.40 9.98 12.56
C ALA A 36 10.81 10.24 12.05
N VAL A 37 10.87 10.58 10.76
CA VAL A 37 12.12 10.85 10.08
C VAL A 37 12.07 12.21 9.37
N SER A 38 13.23 12.68 8.91
CA SER A 38 13.32 13.96 8.23
C SER A 38 12.34 14.04 7.05
N GLU A 39 12.54 13.16 6.06
CA GLU A 39 11.67 13.13 4.89
C GLU A 39 11.82 11.84 4.08
N SER A 40 12.90 11.09 4.32
CA SER A 40 13.16 9.85 3.60
C SER A 40 11.89 9.00 3.43
N GLN A 41 11.12 8.87 4.50
CA GLN A 41 9.88 8.07 4.46
C GLN A 41 8.98 8.52 3.33
N LEU A 42 8.77 9.83 3.21
CA LEU A 42 7.89 10.38 2.20
C LEU A 42 8.35 9.96 0.80
N ALA A 43 9.63 10.10 0.53
CA ALA A 43 10.18 9.75 -0.77
C ALA A 43 10.34 8.23 -0.93
N GLN A 44 10.56 7.55 0.18
CA GLN A 44 10.72 6.10 0.14
C GLN A 44 9.45 5.41 -0.34
N LEU A 45 8.32 5.77 0.27
CA LEU A 45 7.03 5.20 -0.09
C LEU A 45 6.47 5.84 -1.36
N LYS A 46 6.74 7.13 -1.52
CA LYS A 46 6.26 7.86 -2.70
C LYS A 46 7.11 7.56 -3.93
N ALA A 47 8.24 6.88 -3.72
CA ALA A 47 9.14 6.53 -4.82
C ALA A 47 8.41 5.77 -5.91
N ASP A 48 7.59 4.80 -5.52
CA ASP A 48 6.83 4.00 -6.47
C ASP A 48 5.43 4.59 -6.68
N PRO A 49 5.04 4.81 -7.95
CA PRO A 49 3.73 5.38 -8.27
C PRO A 49 2.62 4.35 -8.21
N ARG A 50 2.07 4.13 -7.02
CA ARG A 50 0.99 3.17 -6.82
C ARG A 50 0.34 3.35 -5.46
N LEU A 51 1.05 2.94 -4.41
CA LEU A 51 0.53 3.06 -3.05
C LEU A 51 0.35 4.53 -2.68
N VAL A 52 -0.29 4.77 -1.54
CA VAL A 52 -0.54 6.14 -1.08
C VAL A 52 0.21 6.45 0.22
N VAL A 53 1.25 7.25 0.10
CA VAL A 53 2.03 7.66 1.27
C VAL A 53 1.70 9.09 1.65
N GLN A 54 1.05 9.25 2.80
CA GLN A 54 0.65 10.57 3.28
C GLN A 54 1.13 10.81 4.70
N ILE A 55 1.71 11.99 4.93
CA ILE A 55 2.21 12.36 6.26
C ILE A 55 1.12 13.03 7.09
N THR A 56 0.99 12.60 8.34
CA THR A 56 -0.01 13.15 9.24
C THR A 56 0.64 13.71 10.49
N GLU A 57 0.72 15.03 10.56
CA GLU A 57 1.31 15.71 11.70
C GLU A 57 0.24 16.29 12.62
N THR A 58 -0.54 17.22 12.09
CA THR A 58 -1.61 17.85 12.85
C THR A 58 -2.73 18.34 11.94
N GLY A 59 -2.36 18.99 10.85
CA GLY A 59 -3.34 19.49 9.91
C GLY A 59 -3.82 20.89 10.25
N SER A 60 -4.97 21.27 9.70
CA SER A 60 -5.52 22.59 9.95
C SER A 60 -6.36 22.60 11.22
N GLN A 61 -7.06 21.50 11.47
CA GLN A 61 -7.90 21.38 12.66
C GLN A 61 -8.49 19.97 12.77
N GLU A 62 -9.27 19.59 11.77
CA GLU A 62 -9.89 18.27 11.75
C GLU A 62 -10.64 18.04 10.44
N GLY A 63 -11.59 18.92 10.14
CA GLY A 63 -12.36 18.81 8.92
C GLY A 63 -13.67 18.08 9.13
N GLY A 64 -14.70 18.48 8.38
CA GLY A 64 -16.00 17.86 8.51
C GLY A 64 -16.92 18.21 7.36
N GLU A 65 -16.42 18.10 6.15
CA GLU A 65 -17.21 18.41 4.96
C GLU A 65 -17.18 17.24 3.97
N GLY A 66 -17.30 16.03 4.50
CA GLY A 66 -17.30 14.85 3.66
C GLY A 66 -16.38 13.76 4.19
N LEU A 67 -15.34 14.16 4.91
CA LEU A 67 -14.39 13.21 5.48
C LEU A 67 -14.76 12.89 6.93
N SER A 68 -15.15 11.63 7.16
CA SER A 68 -15.52 11.18 8.50
C SER A 68 -14.50 10.21 9.05
N LYS A 69 -14.56 8.96 8.58
CA LYS A 69 -13.63 7.93 9.02
C LYS A 69 -13.37 6.92 7.92
N GLU A 70 -14.43 6.45 7.29
CA GLU A 70 -14.33 5.47 6.21
C GLU A 70 -14.87 6.04 4.90
N PRO A 71 -13.99 6.26 3.90
CA PRO A 71 -14.41 6.80 2.61
C PRO A 71 -15.09 5.77 1.71
N ALA A 72 -15.20 4.53 2.21
CA ALA A 72 -15.83 3.46 1.45
C ALA A 72 -17.21 3.86 0.96
N GLY A 73 -18.18 3.85 1.87
CA GLY A 73 -19.54 4.22 1.51
C GLY A 73 -20.58 3.37 2.24
N SER A 74 -20.44 2.05 2.11
CA SER A 74 -21.38 1.14 2.75
C SER A 74 -22.79 1.34 2.22
N ASP A 75 -22.90 1.71 0.94
CA ASP A 75 -24.19 1.93 0.31
C ASP A 75 -24.47 0.87 -0.74
N GLU A 76 -23.50 0.63 -1.61
CA GLU A 76 -23.64 -0.35 -2.67
C GLU A 76 -23.40 -1.76 -2.14
N GLN A 77 -23.91 -2.76 -2.85
CA GLN A 77 -23.74 -4.15 -2.45
C GLN A 77 -23.57 -5.05 -3.66
N LYS A 78 -24.44 -4.89 -4.65
CA LYS A 78 -24.38 -5.69 -5.87
C LYS A 78 -24.60 -4.82 -7.11
N GLN A 79 -24.44 -5.41 -8.28
CA GLN A 79 -24.62 -4.69 -9.54
C GLN A 79 -23.63 -3.54 -9.64
N LEU A 80 -22.60 -3.71 -10.47
CA LEU A 80 -21.58 -2.68 -10.66
C LEU A 80 -21.56 -2.21 -12.11
N ARG A 81 -21.35 -0.91 -12.29
CA ARG A 81 -21.31 -0.32 -13.63
C ARG A 81 -20.17 -0.93 -14.45
N ALA A 82 -19.99 -0.42 -15.67
CA ALA A 82 -18.94 -0.91 -16.54
C ALA A 82 -17.67 -0.08 -16.41
N ASP A 83 -16.58 -0.55 -17.02
CA ASP A 83 -15.31 0.15 -16.97
C ASP A 83 -14.79 0.44 -18.38
N PRO A 84 -14.10 1.58 -18.56
CA PRO A 84 -13.55 1.97 -19.87
C PRO A 84 -12.70 0.87 -20.48
N PRO A 85 -13.24 0.16 -21.50
CA PRO A 85 -12.52 -0.93 -22.17
C PRO A 85 -11.30 -0.42 -22.94
N SER A 86 -10.29 0.01 -22.21
CA SER A 86 -9.06 0.51 -22.81
C SER A 86 -7.90 0.46 -21.82
N THR A 87 -6.97 -0.44 -22.07
CA THR A 87 -5.80 -0.60 -21.19
C THR A 87 -4.56 -0.97 -22.01
N ASP A 88 -4.72 -1.95 -22.89
CA ASP A 88 -3.61 -2.40 -23.72
C ASP A 88 -4.09 -2.72 -25.14
N LEU A 89 -5.19 -3.45 -25.23
CA LEU A 89 -5.75 -3.82 -26.53
C LEU A 89 -6.18 -2.59 -27.32
N ASN A 90 -6.35 -1.46 -26.64
CA ASN A 90 -6.77 -0.23 -27.29
C ASN A 90 -5.90 0.05 -28.53
N THR A 91 -4.58 0.00 -28.35
CA THR A 91 -3.65 0.25 -29.45
C THR A 91 -3.78 -0.77 -30.59
N PHE A 92 -4.53 -1.84 -30.36
CA PHE A 92 -4.72 -2.88 -31.37
C PHE A 92 -5.90 -2.54 -32.28
N THR A 93 -5.65 -2.41 -33.57
CA THR A 93 -6.71 -2.08 -34.53
C THR A 93 -6.66 -2.97 -35.77
N VAL A 94 -5.95 -2.54 -36.81
CA VAL A 94 -5.86 -3.31 -38.05
C VAL A 94 -4.41 -3.46 -38.52
N GLU A 95 -3.68 -2.37 -38.47
CA GLU A 95 -2.28 -2.37 -38.89
C GLU A 95 -1.34 -2.88 -37.80
N GLN A 96 -1.80 -2.86 -36.55
CA GLN A 96 -0.97 -3.28 -35.43
C GLN A 96 -1.03 -4.79 -35.19
N LEU A 97 -2.14 -5.41 -35.52
CA LEU A 97 -2.26 -6.84 -35.33
C LEU A 97 -1.66 -7.56 -36.53
N LYS A 98 -2.15 -7.21 -37.70
CA LYS A 98 -1.66 -7.79 -38.95
C LYS A 98 -0.15 -7.59 -39.07
N ALA A 99 0.37 -6.48 -38.54
CA ALA A 99 1.80 -6.20 -38.61
C ALA A 99 2.57 -6.85 -37.48
N GLN A 100 1.88 -7.11 -36.38
CA GLN A 100 2.50 -7.74 -35.22
C GLN A 100 2.46 -9.25 -35.34
N LEU A 101 1.31 -9.80 -35.73
CA LEU A 101 1.16 -11.24 -35.89
C LEU A 101 2.29 -11.79 -36.75
N THR A 102 2.52 -11.16 -37.89
CA THR A 102 3.57 -11.59 -38.80
C THR A 102 4.93 -11.38 -38.16
N GLU A 103 5.06 -10.27 -37.43
CA GLU A 103 6.31 -9.95 -36.77
C GLU A 103 6.49 -10.78 -35.50
N ARG A 104 5.46 -11.53 -35.13
CA ARG A 104 5.50 -12.36 -33.94
C ARG A 104 5.69 -13.83 -34.31
N GLY A 105 5.46 -14.16 -35.58
CA GLY A 105 5.61 -15.53 -36.03
C GLY A 105 4.34 -16.33 -35.89
N ILE A 106 3.22 -15.76 -36.34
CA ILE A 106 1.94 -16.43 -36.25
C ILE A 106 1.18 -16.32 -37.58
N THR A 107 1.38 -17.31 -38.45
CA THR A 107 0.71 -17.33 -39.74
C THR A 107 -0.80 -17.20 -39.59
N PHE A 108 -1.37 -16.15 -40.17
CA PHE A 108 -2.81 -15.92 -40.09
C PHE A 108 -3.44 -15.95 -41.47
N LYS A 109 -3.57 -17.16 -42.02
CA LYS A 109 -4.17 -17.34 -43.34
C LYS A 109 -5.12 -18.53 -43.35
N GLN A 110 -5.88 -18.68 -42.27
CA GLN A 110 -6.83 -19.78 -42.15
C GLN A 110 -8.24 -19.26 -41.94
N SER A 111 -8.39 -18.31 -41.03
CA SER A 111 -9.70 -17.73 -40.74
C SER A 111 -9.56 -16.48 -39.87
N ALA A 112 -8.48 -15.73 -40.09
CA ALA A 112 -8.24 -14.51 -39.34
C ALA A 112 -8.24 -13.29 -40.25
N THR A 113 -9.42 -12.70 -40.43
CA THR A 113 -9.55 -11.52 -41.28
C THR A 113 -9.01 -10.28 -40.60
N LYS A 114 -9.78 -9.73 -39.66
CA LYS A 114 -9.37 -8.54 -38.93
C LYS A 114 -9.88 -8.54 -37.51
N ALA A 115 -11.11 -8.97 -37.31
CA ALA A 115 -11.69 -9.03 -35.99
C ALA A 115 -11.16 -10.23 -35.21
N GLU A 116 -10.68 -11.22 -35.94
CA GLU A 116 -10.14 -12.43 -35.33
C GLU A 116 -8.67 -12.26 -34.95
N LEU A 117 -7.89 -11.57 -35.79
CA LEU A 117 -6.48 -11.39 -35.49
C LEU A 117 -6.26 -10.24 -34.52
N ILE A 118 -7.25 -9.35 -34.42
CA ILE A 118 -7.14 -8.24 -33.48
C ILE A 118 -7.61 -8.68 -32.09
N ALA A 119 -8.46 -9.70 -32.03
CA ALA A 119 -8.96 -10.21 -30.77
C ALA A 119 -8.02 -11.26 -30.18
N LEU A 120 -7.40 -12.05 -31.06
CA LEU A 120 -6.48 -13.10 -30.62
C LEU A 120 -5.28 -12.52 -29.88
N PHE A 121 -4.86 -11.33 -30.28
CA PHE A 121 -3.72 -10.67 -29.66
C PHE A 121 -3.98 -10.42 -28.18
N ALA A 122 -3.70 -11.43 -27.37
CA ALA A 122 -3.89 -11.32 -25.92
C ALA A 122 -2.82 -10.43 -25.30
N PRO A 123 -3.23 -9.40 -24.54
CA PRO A 123 -2.29 -8.48 -23.89
C PRO A 123 -1.44 -9.16 -22.82
N ALA A 124 -0.23 -8.65 -22.61
CA ALA A 124 0.67 -9.21 -21.62
C ALA A 124 0.65 -8.39 -20.34
N ASP A 125 0.62 -9.10 -19.20
CA ASP A 125 0.60 -8.44 -17.90
C ASP A 125 0.66 -9.47 -16.78
N GLY A 126 -0.06 -10.57 -16.96
CA GLY A 126 -0.08 -11.61 -15.94
C GLY A 126 0.66 -12.87 -16.39
N GLU A 127 -0.09 -13.95 -16.63
CA GLU A 127 0.48 -15.21 -17.06
C GLU A 127 1.74 -15.55 -16.28
N LYS A 128 1.59 -15.69 -14.97
CA LYS A 128 2.72 -16.01 -14.09
C LYS A 128 2.78 -17.51 -13.81
N SER A 129 3.46 -18.25 -14.68
CA SER A 129 3.59 -19.70 -14.52
C SER A 129 4.95 -20.17 -14.97
N GLU A 130 5.83 -20.45 -14.02
CA GLU A 130 7.18 -20.91 -14.31
C GLU A 130 7.46 -22.25 -13.64
N ALA A 131 7.71 -23.27 -14.44
CA ALA A 131 8.00 -24.60 -13.93
C ALA A 131 9.40 -24.68 -13.35
N GLY A 1 17.20 30.51 10.23
CA GLY A 1 16.81 30.13 11.62
C GLY A 1 16.46 28.67 11.75
N SER A 2 16.87 28.05 12.85
CA SER A 2 16.59 26.64 13.08
C SER A 2 15.23 26.46 13.74
N HIS A 3 14.71 25.24 13.66
CA HIS A 3 13.41 24.93 14.25
C HIS A 3 13.38 23.51 14.81
N MET A 4 12.46 23.26 15.74
CA MET A 4 12.34 21.96 16.36
C MET A 4 11.20 21.16 15.74
N ASP A 5 11.11 19.88 16.11
CA ASP A 5 10.06 19.01 15.60
C ASP A 5 10.17 18.86 14.08
N LYS A 6 11.16 18.09 13.64
CA LYS A 6 11.38 17.84 12.22
C LYS A 6 11.32 16.35 11.92
N THR A 7 10.15 15.76 12.11
CA THR A 7 9.95 14.33 11.88
C THR A 7 8.47 14.00 11.81
N PHE A 8 8.11 13.01 11.01
CA PHE A 8 6.71 12.62 10.88
C PHE A 8 6.52 11.12 10.68
N CYS A 9 5.57 10.55 11.40
CA CYS A 9 5.25 9.13 11.27
C CYS A 9 4.19 8.98 10.19
N VAL A 10 4.51 8.24 9.14
CA VAL A 10 3.57 8.08 8.02
C VAL A 10 3.01 6.66 7.97
N VAL A 11 1.84 6.52 7.36
CA VAL A 11 1.21 5.22 7.23
C VAL A 11 0.61 5.04 5.84
N VAL A 12 1.12 4.07 5.11
CA VAL A 12 0.66 3.79 3.75
C VAL A 12 -0.44 2.75 3.72
N GLN A 13 -1.65 3.17 3.39
CA GLN A 13 -2.79 2.25 3.29
C GLN A 13 -2.91 1.75 1.86
N ASN A 14 -2.63 0.46 1.66
CA ASN A 14 -2.71 -0.12 0.32
C ASN A 14 -4.05 -0.81 0.08
N ARG A 15 -4.52 -0.72 -1.15
CA ARG A 15 -5.78 -1.34 -1.54
C ARG A 15 -5.66 -1.88 -2.96
N ILE A 16 -4.46 -2.34 -3.30
CA ILE A 16 -4.19 -2.87 -4.64
C ILE A 16 -4.25 -4.40 -4.65
N LYS A 17 -3.41 -5.04 -3.84
CA LYS A 17 -3.38 -6.50 -3.77
C LYS A 17 -2.93 -6.97 -2.39
N GLU A 18 -2.83 -8.29 -2.22
CA GLU A 18 -2.41 -8.86 -0.94
C GLU A 18 -0.96 -9.32 -1.01
N GLY A 19 -0.14 -8.54 -1.70
CA GLY A 19 1.27 -8.88 -1.83
C GLY A 19 1.96 -8.06 -2.91
N TYR A 20 2.23 -6.80 -2.60
CA TYR A 20 2.88 -5.91 -3.54
C TYR A 20 4.02 -5.17 -2.87
N ARG A 21 5.23 -5.68 -3.07
CA ARG A 21 6.44 -5.09 -2.51
C ARG A 21 6.29 -4.77 -1.02
N ARG A 22 7.39 -4.32 -0.43
CA ARG A 22 7.43 -3.98 1.00
C ARG A 22 7.39 -5.26 1.83
N ALA A 23 7.45 -5.12 3.16
CA ALA A 23 7.45 -6.29 4.03
C ALA A 23 8.64 -7.19 3.72
N GLY A 24 9.58 -6.67 2.92
CA GLY A 24 10.74 -7.45 2.55
C GLY A 24 10.48 -8.34 1.37
N PHE A 25 9.36 -8.11 0.66
CA PHE A 25 9.00 -8.92 -0.50
C PHE A 25 7.67 -8.50 -1.12
N SER A 26 6.66 -8.30 -0.27
CA SER A 26 5.32 -7.90 -0.72
C SER A 26 4.35 -7.88 0.46
N PHE A 27 3.80 -6.70 0.74
CA PHE A 27 2.86 -6.55 1.85
C PHE A 27 1.44 -6.90 1.42
N HIS A 28 0.61 -7.28 2.39
CA HIS A 28 -0.78 -7.65 2.14
C HIS A 28 -1.68 -6.41 2.10
N LEU A 29 -2.95 -6.62 1.78
CA LEU A 29 -3.91 -5.53 1.71
C LEU A 29 -4.12 -4.92 3.09
N GLY A 30 -3.36 -3.87 3.39
CA GLY A 30 -3.48 -3.21 4.67
C GLY A 30 -2.73 -1.89 4.71
N ASP A 31 -2.07 -1.62 5.83
CA ASP A 31 -1.32 -0.39 5.99
C ASP A 31 -0.16 -0.57 6.97
N ASN A 32 0.93 0.13 6.72
CA ASN A 32 2.11 0.04 7.57
C ASN A 32 2.51 1.43 8.07
N SER A 33 2.82 1.54 9.36
CA SER A 33 3.22 2.81 9.94
C SER A 33 4.70 3.05 9.79
N LEU A 34 5.05 4.30 9.60
CA LEU A 34 6.44 4.70 9.44
C LEU A 34 6.86 5.58 10.62
N ALA A 35 8.09 5.37 11.08
CA ALA A 35 8.63 6.12 12.20
C ALA A 35 8.90 7.56 11.77
N ALA A 36 8.96 8.44 12.73
CA ALA A 36 9.15 9.85 12.43
C ALA A 36 10.56 10.11 11.91
N VAL A 37 10.62 10.36 10.59
CA VAL A 37 11.86 10.62 9.90
C VAL A 37 11.81 11.95 9.15
N SER A 38 12.96 12.43 8.68
CA SER A 38 13.03 13.68 7.95
C SER A 38 12.08 13.69 6.75
N GLU A 39 12.37 12.81 5.78
CA GLU A 39 11.54 12.74 4.57
C GLU A 39 11.71 11.41 3.83
N SER A 40 12.78 10.67 4.14
CA SER A 40 13.05 9.38 3.49
C SER A 40 11.79 8.55 3.32
N GLN A 41 10.90 8.59 4.31
CA GLN A 41 9.66 7.83 4.25
C GLN A 41 8.78 8.30 3.10
N LEU A 42 8.51 9.61 3.06
CA LEU A 42 7.67 10.19 2.04
C LEU A 42 8.21 9.90 0.64
N ALA A 43 9.52 9.74 0.54
CA ALA A 43 10.16 9.47 -0.75
C ALA A 43 10.26 7.97 -1.02
N GLN A 44 10.58 7.21 0.01
CA GLN A 44 10.71 5.75 -0.15
C GLN A 44 9.39 5.14 -0.56
N LEU A 45 8.30 5.62 0.04
CA LEU A 45 6.97 5.11 -0.27
C LEU A 45 6.44 5.69 -1.57
N LYS A 46 6.71 6.98 -1.79
CA LYS A 46 6.26 7.66 -3.00
C LYS A 46 6.95 7.11 -4.24
N ALA A 47 8.00 6.32 -4.05
CA ALA A 47 8.74 5.73 -5.16
C ALA A 47 7.80 5.09 -6.19
N ASP A 48 6.64 4.64 -5.72
CA ASP A 48 5.66 4.02 -6.61
C ASP A 48 4.28 4.64 -6.41
N PRO A 49 3.79 5.39 -7.40
CA PRO A 49 2.48 6.04 -7.32
C PRO A 49 1.36 5.07 -6.95
N ARG A 50 1.59 3.78 -7.18
CA ARG A 50 0.60 2.75 -6.87
C ARG A 50 0.02 2.95 -5.48
N LEU A 51 0.87 2.84 -4.46
CA LEU A 51 0.44 3.02 -3.08
C LEU A 51 0.25 4.49 -2.75
N VAL A 52 -0.34 4.77 -1.59
CA VAL A 52 -0.58 6.16 -1.17
C VAL A 52 0.14 6.49 0.12
N VAL A 53 1.18 7.31 0.02
CA VAL A 53 1.96 7.72 1.19
C VAL A 53 1.65 9.17 1.55
N GLN A 54 0.98 9.35 2.68
CA GLN A 54 0.61 10.69 3.15
C GLN A 54 1.06 10.93 4.58
N ILE A 55 1.71 12.08 4.80
CA ILE A 55 2.20 12.46 6.13
C ILE A 55 1.14 13.20 6.92
N THR A 56 1.12 12.98 8.23
CA THR A 56 0.16 13.64 9.10
C THR A 56 0.87 14.44 10.19
N GLU A 57 0.89 15.76 10.02
CA GLU A 57 1.53 16.64 10.98
C GLU A 57 0.70 16.74 12.26
N THR A 58 0.90 15.78 13.16
CA THR A 58 0.18 15.75 14.44
C THR A 58 0.19 17.12 15.11
N GLY A 59 -0.86 17.91 14.89
CA GLY A 59 -0.94 19.22 15.48
C GLY A 59 -1.82 20.17 14.69
N SER A 60 -1.41 20.47 13.46
CA SER A 60 -2.18 21.36 12.59
C SER A 60 -2.28 22.76 13.19
N GLN A 61 -3.20 22.93 14.14
CA GLN A 61 -3.39 24.22 14.80
C GLN A 61 -3.12 24.12 16.30
N GLU A 62 -3.04 25.27 16.96
CA GLU A 62 -2.79 25.31 18.40
C GLU A 62 -4.07 25.02 19.18
N GLY A 63 -4.39 23.74 19.31
CA GLY A 63 -5.59 23.35 20.04
C GLY A 63 -6.80 23.19 19.13
N GLY A 64 -7.61 22.18 19.42
CA GLY A 64 -8.79 21.93 18.63
C GLY A 64 -9.08 20.46 18.45
N GLU A 65 -9.69 20.09 17.32
CA GLU A 65 -10.02 18.70 17.04
C GLU A 65 -10.98 18.15 18.08
N GLY A 66 -12.20 17.84 17.64
CA GLY A 66 -13.20 17.30 18.55
C GLY A 66 -14.53 17.05 17.86
N LEU A 67 -14.88 17.92 16.92
CA LEU A 67 -16.13 17.79 16.19
C LEU A 67 -16.17 16.48 15.41
N SER A 68 -15.00 16.02 14.97
CA SER A 68 -14.90 14.78 14.22
C SER A 68 -15.69 14.88 12.92
N LYS A 69 -15.63 13.82 12.11
CA LYS A 69 -16.35 13.79 10.84
C LYS A 69 -17.85 13.64 11.07
N GLU A 70 -18.28 12.46 11.50
CA GLU A 70 -19.69 12.19 11.75
C GLU A 70 -19.93 10.71 12.04
N PRO A 71 -19.50 9.81 11.13
CA PRO A 71 -19.69 8.37 11.30
C PRO A 71 -18.96 7.83 12.53
N ALA A 72 -19.27 6.59 12.89
CA ALA A 72 -18.66 5.95 14.05
C ALA A 72 -17.81 4.75 13.64
N GLY A 73 -18.31 4.00 12.66
CA GLY A 73 -17.59 2.83 12.20
C GLY A 73 -16.59 3.16 11.11
N SER A 74 -15.63 2.26 10.89
CA SER A 74 -14.61 2.46 9.87
C SER A 74 -15.00 1.76 8.56
N ASP A 75 -15.79 2.45 7.74
CA ASP A 75 -16.23 1.90 6.46
C ASP A 75 -15.64 2.69 5.29
N GLU A 76 -15.55 4.01 5.47
CA GLU A 76 -15.02 4.88 4.44
C GLU A 76 -15.87 4.81 3.18
N GLN A 77 -15.36 5.38 2.09
CA GLN A 77 -16.08 5.40 0.82
C GLN A 77 -17.40 6.14 0.95
N LYS A 78 -18.05 6.38 -0.18
CA LYS A 78 -19.34 7.07 -0.20
C LYS A 78 -20.48 6.12 0.16
N GLN A 79 -21.68 6.69 0.31
CA GLN A 79 -22.85 5.89 0.65
C GLN A 79 -23.44 5.23 -0.59
N LEU A 80 -22.65 4.36 -1.22
CA LEU A 80 -23.09 3.66 -2.43
C LEU A 80 -22.11 2.56 -2.80
N ARG A 81 -22.44 1.33 -2.41
CA ARG A 81 -21.59 0.18 -2.69
C ARG A 81 -22.34 -1.13 -2.50
N ALA A 82 -22.17 -2.06 -3.43
CA ALA A 82 -22.84 -3.36 -3.36
C ALA A 82 -22.31 -4.30 -4.43
N ASP A 83 -22.44 -3.91 -5.69
CA ASP A 83 -21.98 -4.72 -6.80
C ASP A 83 -21.09 -3.90 -7.74
N PRO A 84 -19.98 -4.49 -8.21
CA PRO A 84 -19.06 -3.80 -9.12
C PRO A 84 -19.59 -3.72 -10.55
N PRO A 85 -19.94 -2.50 -11.02
CA PRO A 85 -20.45 -2.31 -12.38
C PRO A 85 -19.35 -2.34 -13.43
N SER A 86 -18.13 -2.02 -13.01
CA SER A 86 -16.99 -2.01 -13.91
C SER A 86 -16.82 -3.35 -14.61
N THR A 87 -16.88 -4.43 -13.84
CA THR A 87 -16.73 -5.77 -14.38
C THR A 87 -18.07 -6.33 -14.83
N ASP A 88 -18.59 -5.79 -15.93
CA ASP A 88 -19.88 -6.23 -16.47
C ASP A 88 -19.81 -6.34 -17.99
N LEU A 89 -19.46 -5.24 -18.64
CA LEU A 89 -19.36 -5.20 -20.09
C LEU A 89 -18.15 -6.00 -20.58
N ASN A 90 -17.21 -6.28 -19.67
CA ASN A 90 -16.01 -7.03 -20.01
C ASN A 90 -16.35 -8.32 -20.77
N THR A 91 -17.33 -9.07 -20.27
CA THR A 91 -17.74 -10.32 -20.90
C THR A 91 -18.28 -10.10 -22.32
N PHE A 92 -18.50 -8.84 -22.71
CA PHE A 92 -19.00 -8.53 -24.04
C PHE A 92 -17.86 -8.10 -24.96
N THR A 93 -17.88 -8.59 -26.20
CA THR A 93 -16.84 -8.25 -27.17
C THR A 93 -17.42 -7.62 -28.44
N VAL A 94 -17.63 -8.44 -29.47
CA VAL A 94 -18.19 -7.95 -30.73
C VAL A 94 -19.13 -8.96 -31.36
N GLU A 95 -18.83 -10.24 -31.17
CA GLU A 95 -19.67 -11.31 -31.70
C GLU A 95 -20.84 -11.61 -30.77
N GLN A 96 -20.71 -11.20 -29.51
CA GLN A 96 -21.74 -11.47 -28.51
C GLN A 96 -22.88 -10.45 -28.52
N LEU A 97 -22.56 -9.19 -28.74
CA LEU A 97 -23.59 -8.17 -28.76
C LEU A 97 -24.43 -8.28 -30.03
N LYS A 98 -23.74 -8.42 -31.15
CA LYS A 98 -24.41 -8.55 -32.44
C LYS A 98 -25.30 -9.79 -32.46
N ALA A 99 -24.85 -10.87 -31.83
CA ALA A 99 -25.62 -12.11 -31.80
C ALA A 99 -26.64 -12.12 -30.66
N GLN A 100 -26.38 -11.34 -29.64
CA GLN A 100 -27.26 -11.26 -28.49
C GLN A 100 -28.36 -10.22 -28.71
N LEU A 101 -27.98 -9.06 -29.24
CA LEU A 101 -28.96 -8.00 -29.50
C LEU A 101 -30.08 -8.52 -30.39
N THR A 102 -29.69 -9.20 -31.46
CA THR A 102 -30.65 -9.77 -32.39
C THR A 102 -31.53 -10.78 -31.69
N GLU A 103 -30.92 -11.60 -30.85
CA GLU A 103 -31.65 -12.61 -30.11
C GLU A 103 -32.51 -11.97 -29.02
N ARG A 104 -32.32 -10.67 -28.82
CA ARG A 104 -33.08 -9.94 -27.82
C ARG A 104 -34.24 -9.16 -28.47
N GLY A 105 -34.18 -9.01 -29.79
CA GLY A 105 -35.23 -8.31 -30.50
C GLY A 105 -34.95 -6.81 -30.63
N ILE A 106 -33.76 -6.47 -31.11
CA ILE A 106 -33.38 -5.07 -31.27
C ILE A 106 -32.76 -4.83 -32.63
N THR A 107 -33.59 -4.52 -33.62
CA THR A 107 -33.12 -4.26 -34.98
C THR A 107 -32.12 -3.12 -35.00
N PHE A 108 -31.27 -3.10 -36.03
CA PHE A 108 -30.26 -2.05 -36.18
C PHE A 108 -30.09 -1.67 -37.65
N LYS A 109 -28.97 -2.10 -38.27
CA LYS A 109 -28.70 -1.79 -39.67
C LYS A 109 -28.98 -0.33 -39.99
N GLN A 110 -28.74 0.55 -39.00
CA GLN A 110 -28.95 1.98 -39.19
C GLN A 110 -28.62 2.75 -37.92
N SER A 111 -28.89 2.15 -36.77
CA SER A 111 -28.61 2.79 -35.49
C SER A 111 -27.48 2.08 -34.75
N ALA A 112 -27.39 0.77 -34.94
CA ALA A 112 -26.35 -0.02 -34.29
C ALA A 112 -25.38 -0.60 -35.31
N THR A 113 -24.11 -0.24 -35.17
CA THR A 113 -23.07 -0.71 -36.07
C THR A 113 -22.10 -1.63 -35.33
N LYS A 114 -21.52 -1.12 -34.26
CA LYS A 114 -20.57 -1.89 -33.46
C LYS A 114 -20.30 -1.24 -32.11
N ALA A 115 -20.18 0.07 -32.11
CA ALA A 115 -19.93 0.79 -30.86
C ALA A 115 -21.23 1.03 -30.12
N GLU A 116 -22.34 1.00 -30.84
CA GLU A 116 -23.65 1.22 -30.25
C GLU A 116 -24.23 -0.08 -29.70
N LEU A 117 -24.02 -1.19 -30.40
CA LEU A 117 -24.54 -2.47 -29.97
C LEU A 117 -23.67 -3.09 -28.88
N ILE A 118 -22.41 -2.66 -28.82
CA ILE A 118 -21.51 -3.16 -27.80
C ILE A 118 -21.69 -2.35 -26.51
N ALA A 119 -22.12 -1.08 -26.66
CA ALA A 119 -22.36 -0.22 -25.51
C ALA A 119 -23.77 -0.38 -24.97
N LEU A 120 -24.71 -0.64 -25.87
CA LEU A 120 -26.11 -0.81 -25.50
C LEU A 120 -26.28 -1.88 -24.43
N PHE A 121 -25.45 -2.92 -24.51
CA PHE A 121 -25.52 -4.01 -23.54
C PHE A 121 -25.05 -3.59 -22.15
N ALA A 122 -24.14 -2.62 -22.10
CA ALA A 122 -23.60 -2.14 -20.83
C ALA A 122 -24.74 -1.78 -19.86
N PRO A 123 -25.59 -0.80 -20.23
CA PRO A 123 -26.71 -0.37 -19.38
C PRO A 123 -27.53 -1.56 -18.86
N ALA A 124 -28.50 -1.26 -18.00
CA ALA A 124 -29.35 -2.30 -17.43
C ALA A 124 -30.82 -1.95 -17.60
N ASP A 125 -31.23 -0.85 -16.98
CA ASP A 125 -32.62 -0.40 -17.05
C ASP A 125 -33.06 -0.21 -18.49
N GLY A 126 -34.35 -0.43 -18.76
CA GLY A 126 -34.86 -0.28 -20.10
C GLY A 126 -36.36 -0.03 -20.11
N GLU A 127 -36.79 1.05 -19.46
CA GLU A 127 -38.20 1.39 -19.40
C GLU A 127 -38.54 2.48 -20.42
N LYS A 128 -39.38 2.14 -21.39
CA LYS A 128 -39.79 3.08 -22.42
C LYS A 128 -41.27 2.95 -22.73
N SER A 129 -42.07 2.70 -21.70
CA SER A 129 -43.51 2.55 -21.86
C SER A 129 -44.26 3.65 -21.13
N GLU A 130 -44.72 4.65 -21.87
CA GLU A 130 -45.46 5.77 -21.28
C GLU A 130 -46.87 5.35 -20.91
N ALA A 131 -47.67 5.03 -21.91
CA ALA A 131 -49.05 4.60 -21.69
C ALA A 131 -49.43 3.45 -22.60
N GLY A 1 14.28 25.76 15.97
CA GLY A 1 13.37 26.92 16.18
C GLY A 1 12.39 26.69 17.31
N SER A 2 11.30 27.46 17.33
CA SER A 2 10.29 27.35 18.36
C SER A 2 9.60 25.99 18.29
N HIS A 3 9.48 25.45 17.07
CA HIS A 3 8.85 24.16 16.87
C HIS A 3 9.41 23.47 15.63
N MET A 4 10.72 23.24 15.64
CA MET A 4 11.39 22.58 14.52
C MET A 4 11.27 21.07 14.61
N ASP A 5 10.50 20.50 13.68
CA ASP A 5 10.29 19.05 13.65
C ASP A 5 10.40 18.52 12.22
N LYS A 6 11.01 17.35 12.06
CA LYS A 6 11.18 16.76 10.74
C LYS A 6 11.04 15.23 10.80
N THR A 7 10.36 14.73 11.82
CA THR A 7 10.16 13.29 11.95
C THR A 7 8.67 12.97 12.11
N PHE A 8 8.19 12.03 11.30
CA PHE A 8 6.79 11.63 11.35
C PHE A 8 6.60 10.16 11.00
N CYS A 9 5.61 9.54 11.63
CA CYS A 9 5.28 8.14 11.34
C CYS A 9 4.28 8.10 10.20
N VAL A 10 4.61 7.38 9.12
CA VAL A 10 3.73 7.32 7.96
C VAL A 10 3.08 5.95 7.80
N VAL A 11 1.93 5.93 7.16
CA VAL A 11 1.21 4.69 6.93
C VAL A 11 0.62 4.64 5.52
N VAL A 12 0.97 3.61 4.77
CA VAL A 12 0.49 3.44 3.40
C VAL A 12 -0.76 2.58 3.34
N GLN A 13 -1.89 3.20 3.04
CA GLN A 13 -3.15 2.47 2.94
C GLN A 13 -3.37 2.00 1.51
N ASN A 14 -3.20 0.69 1.30
CA ASN A 14 -3.36 0.11 -0.04
C ASN A 14 -4.75 -0.48 -0.20
N ARG A 15 -5.26 -0.41 -1.42
CA ARG A 15 -6.59 -0.95 -1.73
C ARG A 15 -6.57 -1.67 -3.08
N ILE A 16 -5.41 -2.24 -3.41
CA ILE A 16 -5.26 -2.97 -4.67
C ILE A 16 -5.47 -4.46 -4.48
N LYS A 17 -4.73 -5.05 -3.54
CA LYS A 17 -4.83 -6.47 -3.26
C LYS A 17 -3.96 -6.87 -2.07
N GLU A 18 -3.92 -8.18 -1.78
CA GLU A 18 -3.12 -8.68 -0.68
C GLU A 18 -1.94 -9.50 -1.19
N GLY A 19 -1.24 -8.96 -2.18
CA GLY A 19 -0.11 -9.66 -2.75
C GLY A 19 0.75 -8.77 -3.64
N TYR A 20 0.76 -7.47 -3.35
CA TYR A 20 1.55 -6.53 -4.13
C TYR A 20 2.89 -6.30 -3.48
N ARG A 21 2.91 -6.29 -2.16
CA ARG A 21 4.14 -6.13 -1.41
C ARG A 21 4.87 -4.84 -1.77
N ARG A 22 6.04 -4.67 -1.18
CA ARG A 22 6.85 -3.49 -1.43
C ARG A 22 8.22 -3.63 -0.77
N ALA A 23 8.94 -2.51 -0.67
CA ALA A 23 10.27 -2.52 -0.06
C ALA A 23 10.17 -2.43 1.47
N GLY A 24 9.74 -3.53 2.08
CA GLY A 24 9.61 -3.56 3.53
C GLY A 24 8.52 -2.64 4.05
N PHE A 25 7.68 -2.15 3.14
CA PHE A 25 6.60 -1.25 3.51
C PHE A 25 5.25 -1.96 3.43
N SER A 26 4.97 -2.52 2.26
CA SER A 26 3.71 -3.24 2.05
C SER A 26 3.97 -4.72 1.79
N PHE A 27 3.03 -5.57 2.20
CA PHE A 27 3.16 -7.00 2.02
C PHE A 27 1.80 -7.69 2.20
N HIS A 28 0.73 -6.96 1.86
CA HIS A 28 -0.63 -7.49 1.98
C HIS A 28 -1.64 -6.39 1.66
N LEU A 29 -2.92 -6.67 1.90
CA LEU A 29 -3.97 -5.71 1.65
C LEU A 29 -4.34 -4.97 2.93
N GLY A 30 -3.91 -3.72 3.01
CA GLY A 30 -4.18 -2.92 4.20
C GLY A 30 -3.24 -1.74 4.32
N ASP A 31 -2.78 -1.48 5.53
CA ASP A 31 -1.87 -0.36 5.77
C ASP A 31 -0.83 -0.72 6.84
N ASN A 32 0.39 -0.22 6.65
CA ASN A 32 1.47 -0.46 7.58
C ASN A 32 2.03 0.86 8.10
N SER A 33 2.45 0.89 9.35
CA SER A 33 2.99 2.10 9.95
C SER A 33 4.48 2.25 9.69
N LEU A 34 4.89 3.50 9.52
CA LEU A 34 6.29 3.83 9.27
C LEU A 34 6.85 4.64 10.45
N ALA A 35 8.08 4.36 10.85
CA ALA A 35 8.69 5.07 11.95
C ALA A 35 9.05 6.48 11.55
N ALA A 36 9.13 7.36 12.53
CA ALA A 36 9.41 8.76 12.26
C ALA A 36 10.86 8.97 11.81
N VAL A 37 11.01 9.41 10.55
CA VAL A 37 12.33 9.65 9.97
C VAL A 37 12.42 11.08 9.39
N SER A 38 13.51 11.35 8.68
CA SER A 38 13.73 12.66 8.10
C SER A 38 13.14 12.77 6.69
N GLU A 39 11.84 12.52 6.55
CA GLU A 39 11.16 12.61 5.25
C GLU A 39 11.41 11.39 4.36
N SER A 40 12.42 10.60 4.68
CA SER A 40 12.75 9.41 3.89
C SER A 40 11.54 8.49 3.69
N GLN A 41 10.55 8.60 4.56
CA GLN A 41 9.36 7.76 4.47
C GLN A 41 8.37 8.26 3.42
N LEU A 42 8.37 9.55 3.16
CA LEU A 42 7.47 10.14 2.19
C LEU A 42 8.03 10.01 0.79
N ALA A 43 9.34 10.05 0.68
CA ALA A 43 10.01 9.93 -0.61
C ALA A 43 10.24 8.49 -0.98
N GLN A 44 10.40 7.63 0.04
CA GLN A 44 10.61 6.20 -0.22
C GLN A 44 9.36 5.58 -0.80
N LEU A 45 8.21 5.99 -0.28
CA LEU A 45 6.93 5.49 -0.74
C LEU A 45 6.51 6.19 -2.04
N LYS A 46 6.78 7.49 -2.11
CA LYS A 46 6.44 8.27 -3.30
C LYS A 46 7.16 7.73 -4.53
N ALA A 47 8.32 7.12 -4.32
CA ALA A 47 9.09 6.55 -5.42
C ALA A 47 8.25 5.63 -6.29
N ASP A 48 7.26 5.00 -5.68
CA ASP A 48 6.38 4.08 -6.41
C ASP A 48 4.96 4.66 -6.50
N PRO A 49 4.47 4.92 -7.73
CA PRO A 49 3.14 5.46 -7.95
C PRO A 49 2.05 4.39 -7.97
N ARG A 50 2.13 3.44 -7.05
CA ARG A 50 1.14 2.36 -6.98
C ARG A 50 0.44 2.37 -5.63
N LEU A 51 1.20 2.66 -4.57
CA LEU A 51 0.63 2.71 -3.22
C LEU A 51 0.42 4.16 -2.81
N VAL A 52 -0.08 4.37 -1.59
CA VAL A 52 -0.33 5.71 -1.09
C VAL A 52 0.52 6.03 0.14
N VAL A 53 1.07 7.24 0.18
CA VAL A 53 1.90 7.66 1.31
C VAL A 53 1.39 8.97 1.91
N GLN A 54 0.88 8.89 3.13
CA GLN A 54 0.35 10.07 3.81
C GLN A 54 0.97 10.23 5.19
N ILE A 55 1.34 11.47 5.53
CA ILE A 55 1.95 11.75 6.82
C ILE A 55 0.89 12.09 7.87
N THR A 56 0.77 11.22 8.87
CA THR A 56 -0.20 11.42 9.94
C THR A 56 0.49 11.46 11.30
N GLU A 57 0.62 12.65 11.86
CA GLU A 57 1.27 12.82 13.16
C GLU A 57 0.31 13.46 14.16
N THR A 58 -0.37 12.61 14.94
CA THR A 58 -1.31 13.10 15.94
C THR A 58 -1.49 12.07 17.06
N GLY A 59 -0.40 11.37 17.38
CA GLY A 59 -0.45 10.36 18.43
C GLY A 59 0.81 9.52 18.49
N SER A 60 1.06 8.92 19.65
CA SER A 60 2.23 8.08 19.84
C SER A 60 1.84 6.62 19.97
N GLN A 61 2.55 5.75 19.26
CA GLN A 61 2.27 4.32 19.30
C GLN A 61 3.53 3.51 19.00
N GLU A 62 3.58 2.29 19.53
CA GLU A 62 4.73 1.42 19.32
C GLU A 62 4.29 0.04 18.84
N GLY A 63 3.52 -0.66 19.69
CA GLY A 63 3.05 -1.98 19.34
C GLY A 63 3.64 -3.06 20.21
N GLY A 64 3.41 -2.96 21.52
CA GLY A 64 3.93 -3.94 22.44
C GLY A 64 3.71 -3.55 23.89
N GLU A 65 2.59 -3.98 24.45
CA GLU A 65 2.26 -3.67 25.84
C GLU A 65 2.16 -2.16 26.05
N GLY A 66 1.70 -1.46 25.03
CA GLY A 66 1.57 -0.02 25.13
C GLY A 66 0.13 0.42 25.36
N LEU A 67 -0.27 1.50 24.69
CA LEU A 67 -1.63 2.01 24.82
C LEU A 67 -2.26 2.23 23.44
N SER A 68 -3.06 1.27 23.01
CA SER A 68 -3.73 1.36 21.71
C SER A 68 -5.23 1.19 21.85
N LYS A 69 -5.97 2.27 21.68
CA LYS A 69 -7.43 2.24 21.79
C LYS A 69 -8.05 3.48 21.15
N GLU A 70 -7.76 3.67 19.87
CA GLU A 70 -8.30 4.82 19.14
C GLU A 70 -7.84 4.80 17.68
N PRO A 71 -6.51 4.88 17.45
CA PRO A 71 -5.94 4.87 16.09
C PRO A 71 -6.23 3.56 15.35
N ALA A 72 -5.68 3.43 14.15
CA ALA A 72 -5.87 2.24 13.35
C ALA A 72 -7.34 2.05 12.99
N GLY A 73 -7.82 2.84 12.04
CA GLY A 73 -9.20 2.75 11.63
C GLY A 73 -9.79 4.08 11.22
N SER A 74 -9.55 5.11 12.04
CA SER A 74 -10.05 6.45 11.77
C SER A 74 -11.57 6.45 11.70
N ASP A 75 -12.15 7.62 11.42
CA ASP A 75 -13.60 7.76 11.33
C ASP A 75 -14.08 7.56 9.89
N GLU A 76 -15.37 7.35 9.73
CA GLU A 76 -15.96 7.14 8.40
C GLU A 76 -16.92 8.27 8.05
N GLN A 77 -16.86 8.72 6.80
CA GLN A 77 -17.73 9.80 6.34
C GLN A 77 -17.95 9.70 4.84
N LYS A 78 -18.84 10.55 4.32
CA LYS A 78 -19.14 10.57 2.89
C LYS A 78 -17.91 10.97 2.08
N GLN A 79 -18.08 11.04 0.77
CA GLN A 79 -17.00 11.41 -0.13
C GLN A 79 -16.48 12.82 0.20
N LEU A 80 -15.20 12.91 0.52
CA LEU A 80 -14.58 14.19 0.85
C LEU A 80 -13.07 14.06 0.96
N ARG A 81 -12.36 15.09 0.53
CA ARG A 81 -10.90 15.10 0.58
C ARG A 81 -10.33 13.99 -0.30
N ALA A 82 -10.89 13.83 -1.49
CA ALA A 82 -10.43 12.80 -2.42
C ALA A 82 -9.20 13.27 -3.19
N ASP A 83 -8.55 12.34 -3.87
CA ASP A 83 -7.36 12.68 -4.65
C ASP A 83 -7.74 13.12 -6.06
N PRO A 84 -8.55 12.32 -6.77
CA PRO A 84 -8.98 12.63 -8.14
C PRO A 84 -9.80 13.92 -8.20
N PRO A 85 -9.25 15.00 -8.78
CA PRO A 85 -9.94 16.28 -8.89
C PRO A 85 -10.99 16.27 -9.99
N SER A 86 -12.11 16.93 -9.73
CA SER A 86 -13.20 17.01 -10.70
C SER A 86 -13.70 15.62 -11.08
N THR A 87 -13.97 14.79 -10.06
CA THR A 87 -14.46 13.43 -10.28
C THR A 87 -13.45 12.63 -11.11
N ASP A 88 -13.57 11.30 -11.05
CA ASP A 88 -12.67 10.43 -11.79
C ASP A 88 -13.00 8.97 -11.55
N LEU A 89 -13.36 8.65 -10.30
CA LEU A 89 -13.70 7.27 -9.94
C LEU A 89 -15.20 7.12 -9.71
N ASN A 90 -15.78 8.03 -8.93
CA ASN A 90 -17.21 8.00 -8.63
C ASN A 90 -18.04 7.84 -9.90
N THR A 91 -17.67 8.55 -10.95
CA THR A 91 -18.41 8.49 -12.21
C THR A 91 -18.37 7.08 -12.82
N PHE A 92 -17.46 6.23 -12.35
CA PHE A 92 -17.36 4.87 -12.85
C PHE A 92 -18.18 3.91 -11.99
N THR A 93 -19.43 3.71 -12.37
CA THR A 93 -20.34 2.84 -11.61
C THR A 93 -19.88 1.37 -11.65
N VAL A 94 -20.57 0.54 -12.45
CA VAL A 94 -20.21 -0.88 -12.54
C VAL A 94 -20.14 -1.34 -13.99
N GLU A 95 -21.24 -1.16 -14.72
CA GLU A 95 -21.32 -1.55 -16.12
C GLU A 95 -20.36 -0.72 -16.97
N GLN A 96 -19.95 0.43 -16.44
CA GLN A 96 -19.05 1.32 -17.15
C GLN A 96 -17.61 0.86 -16.97
N LEU A 97 -17.39 0.09 -15.93
CA LEU A 97 -16.06 -0.43 -15.64
C LEU A 97 -15.75 -1.55 -16.62
N LYS A 98 -16.60 -2.56 -16.61
CA LYS A 98 -16.46 -3.71 -17.49
C LYS A 98 -16.51 -3.30 -18.96
N ALA A 99 -17.23 -2.23 -19.27
CA ALA A 99 -17.34 -1.76 -20.64
C ALA A 99 -16.18 -0.87 -21.03
N GLN A 100 -15.58 -0.24 -20.04
CA GLN A 100 -14.45 0.64 -20.27
C GLN A 100 -13.14 -0.15 -20.26
N LEU A 101 -13.08 -1.17 -19.41
CA LEU A 101 -11.89 -2.00 -19.30
C LEU A 101 -11.58 -2.65 -20.65
N THR A 102 -12.61 -3.22 -21.26
CA THR A 102 -12.46 -3.88 -22.54
C THR A 102 -12.16 -2.84 -23.62
N GLU A 103 -12.81 -1.69 -23.50
CA GLU A 103 -12.61 -0.61 -24.45
C GLU A 103 -11.30 0.14 -24.17
N ARG A 104 -10.66 -0.21 -23.07
CA ARG A 104 -9.40 0.42 -22.69
C ARG A 104 -8.21 -0.48 -23.00
N GLY A 105 -8.48 -1.77 -23.25
CA GLY A 105 -7.42 -2.71 -23.55
C GLY A 105 -7.01 -3.55 -22.36
N ILE A 106 -7.98 -3.92 -21.53
CA ILE A 106 -7.71 -4.73 -20.34
C ILE A 106 -8.81 -5.76 -20.12
N THR A 107 -8.62 -6.95 -20.68
CA THR A 107 -9.61 -8.02 -20.53
C THR A 107 -9.81 -8.38 -19.05
N PHE A 108 -10.94 -9.00 -18.76
CA PHE A 108 -11.25 -9.41 -17.39
C PHE A 108 -12.12 -10.67 -17.38
N LYS A 109 -11.52 -11.80 -17.71
CA LYS A 109 -12.23 -13.07 -17.74
C LYS A 109 -12.69 -13.48 -16.35
N GLN A 110 -11.73 -13.80 -15.48
CA GLN A 110 -12.06 -14.21 -14.12
C GLN A 110 -11.05 -13.63 -13.13
N SER A 111 -10.54 -12.44 -13.43
CA SER A 111 -9.58 -11.78 -12.56
C SER A 111 -10.18 -10.54 -11.91
N ALA A 112 -11.06 -9.87 -12.64
CA ALA A 112 -11.73 -8.67 -12.13
C ALA A 112 -13.24 -8.85 -12.10
N THR A 113 -13.73 -9.44 -11.01
CA THR A 113 -15.17 -9.68 -10.86
C THR A 113 -15.95 -8.38 -10.89
N LYS A 114 -16.07 -7.71 -9.75
CA LYS A 114 -16.80 -6.46 -9.67
C LYS A 114 -16.11 -5.45 -8.77
N ALA A 115 -15.53 -5.93 -7.67
CA ALA A 115 -14.83 -5.04 -6.75
C ALA A 115 -13.41 -4.78 -7.23
N GLU A 116 -12.90 -5.71 -8.03
CA GLU A 116 -11.55 -5.58 -8.56
C GLU A 116 -11.53 -4.75 -9.85
N LEU A 117 -12.57 -4.91 -10.67
CA LEU A 117 -12.64 -4.16 -11.92
C LEU A 117 -13.13 -2.74 -11.68
N ILE A 118 -13.77 -2.51 -10.54
CA ILE A 118 -14.24 -1.17 -10.20
C ILE A 118 -13.09 -0.37 -9.58
N ALA A 119 -12.17 -1.09 -8.92
CA ALA A 119 -11.02 -0.47 -8.29
C ALA A 119 -9.87 -0.31 -9.29
N LEU A 120 -9.76 -1.26 -10.20
CA LEU A 120 -8.70 -1.24 -11.21
C LEU A 120 -8.62 0.11 -11.89
N PHE A 121 -9.76 0.70 -12.19
CA PHE A 121 -9.79 2.01 -12.84
C PHE A 121 -9.19 3.09 -11.93
N ALA A 122 -7.86 3.15 -11.86
CA ALA A 122 -7.19 4.14 -11.04
C ALA A 122 -5.70 4.24 -11.36
N PRO A 123 -4.92 3.14 -11.16
CA PRO A 123 -3.49 3.13 -11.44
C PRO A 123 -3.18 3.03 -12.93
N ALA A 124 -3.56 4.06 -13.67
CA ALA A 124 -3.33 4.08 -15.11
C ALA A 124 -3.04 5.51 -15.59
N ASP A 125 -2.30 5.61 -16.69
CA ASP A 125 -1.96 6.91 -17.26
C ASP A 125 -1.17 7.75 -16.27
N GLY A 126 -0.61 8.85 -16.75
CA GLY A 126 0.17 9.73 -15.89
C GLY A 126 0.56 11.01 -16.58
N GLU A 127 1.84 11.12 -16.95
CA GLU A 127 2.34 12.31 -17.63
C GLU A 127 3.77 12.09 -18.12
N LYS A 128 4.14 12.79 -19.19
CA LYS A 128 5.47 12.68 -19.75
C LYS A 128 6.30 13.91 -19.43
N SER A 129 7.62 13.72 -19.34
CA SER A 129 8.53 14.82 -19.03
C SER A 129 9.56 15.00 -20.14
N GLU A 130 9.21 15.80 -21.15
CA GLU A 130 10.11 16.06 -22.26
C GLU A 130 10.10 17.53 -22.63
N ALA A 131 11.30 18.11 -22.79
CA ALA A 131 11.42 19.52 -23.15
C ALA A 131 12.81 19.80 -23.73
N GLY A 1 9.57 29.47 14.85
CA GLY A 1 10.56 29.82 13.80
C GLY A 1 10.93 28.65 12.93
N SER A 2 10.88 27.45 13.49
CA SER A 2 11.21 26.23 12.76
C SER A 2 12.65 26.27 12.26
N HIS A 3 13.23 25.09 12.05
CA HIS A 3 14.61 24.99 11.59
C HIS A 3 14.75 23.86 10.57
N MET A 4 14.63 22.62 11.03
CA MET A 4 14.75 21.46 10.17
C MET A 4 14.54 20.17 10.95
N ASP A 5 15.08 20.13 12.16
CA ASP A 5 14.96 18.96 13.02
C ASP A 5 13.50 18.64 13.30
N LYS A 6 12.94 17.71 12.53
CA LYS A 6 11.54 17.30 12.70
C LYS A 6 11.40 15.79 12.55
N THR A 7 10.14 15.33 12.51
CA THR A 7 9.86 13.90 12.38
C THR A 7 8.37 13.65 12.23
N PHE A 8 8.01 12.72 11.37
CA PHE A 8 6.61 12.40 11.13
C PHE A 8 6.38 10.91 10.85
N CYS A 9 5.27 10.39 11.35
CA CYS A 9 4.92 9.00 11.13
C CYS A 9 3.96 8.93 9.94
N VAL A 10 4.33 8.18 8.91
CA VAL A 10 3.50 8.06 7.72
C VAL A 10 2.89 6.68 7.61
N VAL A 11 1.72 6.61 7.00
CA VAL A 11 1.04 5.33 6.84
C VAL A 11 0.46 5.19 5.43
N VAL A 12 0.85 4.11 4.76
CA VAL A 12 0.40 3.86 3.40
C VAL A 12 -0.85 2.97 3.39
N GLN A 13 -1.99 3.58 3.12
CA GLN A 13 -3.26 2.86 3.08
C GLN A 13 -3.56 2.42 1.65
N ASN A 14 -3.45 1.12 1.40
CA ASN A 14 -3.71 0.58 0.07
C ASN A 14 -4.71 -0.58 0.14
N ARG A 15 -5.53 -0.70 -0.90
CA ARG A 15 -6.52 -1.76 -0.97
C ARG A 15 -6.47 -2.47 -2.31
N ILE A 16 -5.25 -2.79 -2.75
CA ILE A 16 -5.06 -3.46 -4.03
C ILE A 16 -4.99 -4.98 -3.83
N LYS A 17 -3.87 -5.46 -3.28
CA LYS A 17 -3.70 -6.89 -3.04
C LYS A 17 -2.68 -7.14 -1.93
N GLU A 18 -2.34 -8.40 -1.70
CA GLU A 18 -1.37 -8.76 -0.67
C GLU A 18 0.05 -8.71 -1.22
N GLY A 19 0.18 -9.02 -2.50
CA GLY A 19 1.49 -9.00 -3.14
C GLY A 19 1.63 -7.84 -4.10
N TYR A 20 1.26 -6.64 -3.66
CA TYR A 20 1.36 -5.44 -4.49
C TYR A 20 2.69 -4.74 -4.27
N ARG A 21 3.60 -5.41 -3.57
CA ARG A 21 4.92 -4.85 -3.31
C ARG A 21 4.83 -3.54 -2.55
N ARG A 22 5.99 -3.00 -2.21
CA ARG A 22 6.07 -1.74 -1.48
C ARG A 22 7.52 -1.34 -1.26
N ALA A 23 8.23 -2.10 -0.42
CA ALA A 23 9.63 -1.84 -0.14
C ALA A 23 10.51 -2.87 -0.83
N GLY A 24 9.94 -3.60 -1.77
CA GLY A 24 10.69 -4.63 -2.48
C GLY A 24 10.30 -6.01 -2.02
N PHE A 25 9.05 -6.16 -1.62
CA PHE A 25 8.53 -7.43 -1.13
C PHE A 25 7.03 -7.35 -0.88
N SER A 26 6.39 -8.50 -0.70
CA SER A 26 4.96 -8.54 -0.45
C SER A 26 4.63 -7.74 0.82
N PHE A 27 4.12 -6.53 0.63
CA PHE A 27 3.78 -5.66 1.75
C PHE A 27 2.39 -5.97 2.31
N HIS A 28 1.78 -7.06 1.85
CA HIS A 28 0.45 -7.45 2.32
C HIS A 28 -0.60 -6.41 1.95
N LEU A 29 -1.87 -6.78 2.10
CA LEU A 29 -2.96 -5.87 1.79
C LEU A 29 -3.46 -5.17 3.05
N GLY A 30 -3.15 -3.89 3.17
CA GLY A 30 -3.58 -3.13 4.33
C GLY A 30 -2.84 -1.81 4.46
N ASP A 31 -2.69 -1.34 5.69
CA ASP A 31 -1.99 -0.08 5.94
C ASP A 31 -0.77 -0.30 6.82
N ASN A 32 0.35 0.30 6.42
CA ASN A 32 1.59 0.17 7.18
C ASN A 32 2.04 1.53 7.71
N SER A 33 2.23 1.61 9.03
CA SER A 33 2.65 2.86 9.65
C SER A 33 4.17 3.00 9.65
N LEU A 34 4.61 4.24 9.50
CA LEU A 34 6.02 4.56 9.47
C LEU A 34 6.41 5.39 10.71
N ALA A 35 7.57 5.08 11.27
CA ALA A 35 8.08 5.78 12.44
C ALA A 35 8.48 7.19 12.06
N ALA A 36 8.52 8.07 13.05
CA ALA A 36 8.85 9.46 12.78
C ALA A 36 10.31 9.61 12.39
N VAL A 37 10.51 9.96 11.12
CA VAL A 37 11.83 10.15 10.54
C VAL A 37 11.92 11.52 9.86
N SER A 38 13.14 11.91 9.50
CA SER A 38 13.36 13.20 8.85
C SER A 38 12.46 13.36 7.62
N GLU A 39 12.75 12.59 6.58
CA GLU A 39 11.98 12.65 5.34
C GLU A 39 12.07 11.36 4.52
N SER A 40 13.07 10.53 4.83
CA SER A 40 13.26 9.28 4.10
C SER A 40 11.94 8.54 3.84
N GLN A 41 11.09 8.48 4.86
CA GLN A 41 9.80 7.80 4.72
C GLN A 41 8.99 8.35 3.57
N LEU A 42 8.91 9.68 3.49
CA LEU A 42 8.13 10.34 2.44
C LEU A 42 8.47 9.78 1.07
N ALA A 43 9.74 9.81 0.72
CA ALA A 43 10.19 9.30 -0.57
C ALA A 43 10.17 7.79 -0.61
N GLN A 44 10.33 7.17 0.56
CA GLN A 44 10.32 5.71 0.65
C GLN A 44 9.01 5.15 0.12
N LEU A 45 7.90 5.66 0.62
CA LEU A 45 6.58 5.21 0.20
C LEU A 45 6.21 5.83 -1.15
N LYS A 46 6.46 7.13 -1.27
CA LYS A 46 6.15 7.84 -2.52
C LYS A 46 6.96 7.30 -3.69
N ALA A 47 8.02 6.57 -3.38
CA ALA A 47 8.88 6.00 -4.41
C ALA A 47 8.07 5.29 -5.49
N ASP A 48 7.43 4.18 -5.11
CA ASP A 48 6.62 3.41 -6.04
C ASP A 48 5.19 3.96 -6.11
N PRO A 49 4.65 4.14 -7.33
CA PRO A 49 3.30 4.66 -7.53
C PRO A 49 2.23 3.57 -7.44
N ARG A 50 2.31 2.76 -6.39
CA ARG A 50 1.35 1.68 -6.20
C ARG A 50 0.46 1.95 -5.00
N LEU A 51 1.05 2.51 -3.94
CA LEU A 51 0.30 2.83 -2.73
C LEU A 51 0.22 4.34 -2.52
N VAL A 52 -0.38 4.75 -1.41
CA VAL A 52 -0.53 6.17 -1.10
C VAL A 52 0.25 6.54 0.16
N VAL A 53 1.06 7.59 0.06
CA VAL A 53 1.84 8.03 1.21
C VAL A 53 1.44 9.44 1.63
N GLN A 54 0.91 9.55 2.83
CA GLN A 54 0.45 10.83 3.37
C GLN A 54 1.08 11.11 4.74
N ILE A 55 1.82 12.21 4.83
CA ILE A 55 2.47 12.59 6.09
C ILE A 55 1.54 13.44 6.95
N THR A 56 1.57 13.17 8.26
CA THR A 56 0.73 13.92 9.20
C THR A 56 1.59 14.58 10.27
N GLU A 57 1.77 15.89 10.14
CA GLU A 57 2.57 16.64 11.10
C GLU A 57 2.09 18.08 11.20
N THR A 58 1.36 18.39 12.27
CA THR A 58 0.83 19.73 12.49
C THR A 58 1.92 20.79 12.35
N GLY A 59 2.07 21.35 11.15
CA GLY A 59 3.07 22.36 10.92
C GLY A 59 2.85 23.12 9.63
N SER A 60 3.74 24.04 9.31
CA SER A 60 3.64 24.83 8.09
C SER A 60 4.98 25.46 7.73
N GLN A 61 5.09 25.95 6.51
CA GLN A 61 6.32 26.58 6.03
C GLN A 61 6.01 27.76 5.12
N GLU A 62 5.22 28.70 5.63
CA GLU A 62 4.84 29.88 4.87
C GLU A 62 4.03 29.51 3.63
N GLY A 63 2.91 30.18 3.44
CA GLY A 63 2.06 29.89 2.30
C GLY A 63 2.14 30.97 1.24
N GLY A 64 3.23 30.96 0.48
CA GLY A 64 3.41 31.95 -0.57
C GLY A 64 2.48 31.73 -1.74
N GLU A 65 3.05 31.61 -2.94
CA GLU A 65 2.24 31.40 -4.15
C GLU A 65 2.34 29.96 -4.61
N GLY A 66 3.54 29.57 -5.04
CA GLY A 66 3.75 28.20 -5.52
C GLY A 66 3.73 28.11 -7.03
N LEU A 67 3.59 26.88 -7.54
CA LEU A 67 3.56 26.65 -8.98
C LEU A 67 2.21 26.08 -9.41
N SER A 68 1.90 24.89 -8.92
CA SER A 68 0.65 24.22 -9.26
C SER A 68 0.55 23.97 -10.76
N LYS A 69 1.44 23.15 -11.27
CA LYS A 69 1.47 22.82 -12.70
C LYS A 69 1.75 21.34 -12.92
N GLU A 70 1.13 20.76 -13.95
CA GLU A 70 1.31 19.36 -14.26
C GLU A 70 1.24 19.12 -15.78
N PRO A 71 2.38 19.18 -16.46
CA PRO A 71 2.44 18.97 -17.92
C PRO A 71 1.74 17.69 -18.35
N ALA A 72 0.68 17.84 -19.15
CA ALA A 72 -0.07 16.70 -19.64
C ALA A 72 0.12 16.50 -21.13
N GLY A 73 0.48 15.28 -21.52
CA GLY A 73 0.69 14.99 -22.93
C GLY A 73 -0.02 13.73 -23.37
N SER A 74 0.57 12.58 -23.05
CA SER A 74 -0.02 11.29 -23.42
C SER A 74 0.51 10.17 -22.51
N ASP A 75 -0.31 9.14 -22.33
CA ASP A 75 0.07 8.01 -21.50
C ASP A 75 0.43 6.80 -22.35
N GLU A 76 -0.33 6.58 -23.41
CA GLU A 76 -0.08 5.46 -24.31
C GLU A 76 0.28 5.94 -25.71
N GLN A 77 1.07 5.14 -26.42
CA GLN A 77 1.49 5.48 -27.78
C GLN A 77 1.14 4.37 -28.76
N LYS A 78 1.32 3.13 -28.33
CA LYS A 78 1.02 1.98 -29.19
C LYS A 78 -0.48 1.80 -29.37
N GLN A 79 -1.27 2.41 -28.49
CA GLN A 79 -2.72 2.33 -28.56
C GLN A 79 -3.18 0.88 -28.42
N LEU A 80 -3.27 0.40 -27.18
CA LEU A 80 -3.70 -0.97 -26.91
C LEU A 80 -5.20 -1.02 -26.65
N ARG A 81 -5.72 0.02 -25.99
CA ARG A 81 -7.14 0.09 -25.67
C ARG A 81 -7.61 1.54 -25.64
N ALA A 82 -8.92 1.73 -25.78
CA ALA A 82 -9.50 3.07 -25.76
C ALA A 82 -10.09 3.40 -24.39
N ASP A 83 -10.01 4.67 -24.02
CA ASP A 83 -10.53 5.10 -22.73
C ASP A 83 -12.03 4.89 -22.65
N PRO A 84 -12.54 4.38 -21.51
CA PRO A 84 -13.97 4.13 -21.31
C PRO A 84 -14.75 5.41 -21.06
N PRO A 85 -16.03 5.45 -21.47
CA PRO A 85 -16.89 6.63 -21.27
C PRO A 85 -17.33 6.79 -19.82
N SER A 86 -18.29 7.68 -19.60
CA SER A 86 -18.81 7.92 -18.26
C SER A 86 -17.72 8.45 -17.33
N THR A 87 -17.92 9.67 -16.83
CA THR A 87 -16.94 10.30 -15.93
C THR A 87 -17.63 10.77 -14.66
N ASP A 88 -16.86 11.43 -13.79
CA ASP A 88 -17.39 11.94 -12.54
C ASP A 88 -16.50 13.06 -11.99
N LEU A 89 -15.20 12.80 -11.90
CA LEU A 89 -14.25 13.78 -11.40
C LEU A 89 -13.59 14.55 -12.55
N ASN A 90 -13.55 13.93 -13.72
CA ASN A 90 -12.95 14.56 -14.90
C ASN A 90 -13.48 15.99 -15.10
N THR A 91 -14.79 16.17 -14.99
CA THR A 91 -15.40 17.48 -15.18
C THR A 91 -14.90 18.50 -14.13
N PHE A 92 -14.25 18.02 -13.07
CA PHE A 92 -13.74 18.91 -12.04
C PHE A 92 -12.22 19.04 -12.14
N THR A 93 -11.70 20.23 -11.83
CA THR A 93 -10.27 20.48 -11.90
C THR A 93 -9.63 20.38 -10.51
N VAL A 94 -9.30 21.52 -9.90
CA VAL A 94 -8.69 21.53 -8.58
C VAL A 94 -9.16 22.74 -7.76
N GLU A 95 -9.29 23.89 -8.43
CA GLU A 95 -9.73 25.11 -7.77
C GLU A 95 -11.25 25.16 -7.64
N GLN A 96 -11.95 24.39 -8.47
CA GLN A 96 -13.40 24.34 -8.42
C GLN A 96 -13.85 23.65 -7.16
N LEU A 97 -13.32 22.46 -6.94
CA LEU A 97 -13.65 21.67 -5.75
C LEU A 97 -13.45 22.49 -4.50
N LYS A 98 -12.24 23.00 -4.32
CA LYS A 98 -11.89 23.80 -3.16
C LYS A 98 -12.84 24.99 -3.00
N ALA A 99 -13.27 25.58 -4.12
CA ALA A 99 -14.17 26.72 -4.07
C ALA A 99 -15.63 26.30 -3.97
N GLN A 100 -15.90 25.07 -4.39
CA GLN A 100 -17.26 24.54 -4.34
C GLN A 100 -17.56 23.90 -2.99
N LEU A 101 -16.57 23.21 -2.42
CA LEU A 101 -16.76 22.56 -1.14
C LEU A 101 -17.10 23.59 -0.07
N THR A 102 -16.35 24.68 -0.05
CA THR A 102 -16.57 25.74 0.90
C THR A 102 -17.92 26.40 0.66
N GLU A 103 -18.26 26.57 -0.61
CA GLU A 103 -19.53 27.18 -0.96
C GLU A 103 -20.68 26.19 -0.82
N ARG A 104 -20.34 24.94 -0.54
CA ARG A 104 -21.33 23.89 -0.36
C ARG A 104 -21.59 23.61 1.13
N GLY A 105 -20.70 24.09 1.99
CA GLY A 105 -20.86 23.89 3.41
C GLY A 105 -20.09 22.69 3.92
N ILE A 106 -18.99 22.38 3.24
CA ILE A 106 -18.15 21.25 3.62
C ILE A 106 -16.73 21.69 3.93
N THR A 107 -16.48 22.06 5.18
CA THR A 107 -15.15 22.52 5.60
C THR A 107 -14.11 21.43 5.34
N PHE A 108 -12.92 21.86 4.89
CA PHE A 108 -11.84 20.93 4.60
C PHE A 108 -10.50 21.50 5.08
N LYS A 109 -10.29 21.48 6.39
CA LYS A 109 -9.06 21.98 6.97
C LYS A 109 -7.93 20.96 6.83
N GLN A 110 -8.01 19.89 7.61
CA GLN A 110 -7.01 18.83 7.57
C GLN A 110 -7.64 17.49 7.24
N SER A 111 -8.74 17.52 6.49
CA SER A 111 -9.44 16.30 6.11
C SER A 111 -9.33 16.08 4.60
N ALA A 112 -9.28 17.17 3.84
CA ALA A 112 -9.19 17.09 2.39
C ALA A 112 -8.13 18.04 1.86
N THR A 113 -6.99 17.49 1.41
CA THR A 113 -5.91 18.29 0.88
C THR A 113 -6.18 18.69 -0.57
N LYS A 114 -5.93 17.77 -1.50
CA LYS A 114 -6.16 18.05 -2.91
C LYS A 114 -6.73 16.84 -3.64
N ALA A 115 -6.25 15.65 -3.28
CA ALA A 115 -6.73 14.44 -3.92
C ALA A 115 -8.04 13.99 -3.29
N GLU A 116 -8.30 14.46 -2.08
CA GLU A 116 -9.52 14.11 -1.36
C GLU A 116 -10.67 15.04 -1.74
N LEU A 117 -10.38 16.33 -1.90
CA LEU A 117 -11.43 17.27 -2.25
C LEU A 117 -11.76 17.22 -3.73
N ILE A 118 -10.86 16.68 -4.53
CA ILE A 118 -11.12 16.56 -5.95
C ILE A 118 -11.93 15.29 -6.21
N ALA A 119 -11.77 14.30 -5.32
CA ALA A 119 -12.50 13.04 -5.42
C ALA A 119 -13.85 13.13 -4.70
N LEU A 120 -13.87 13.92 -3.62
CA LEU A 120 -15.08 14.09 -2.80
C LEU A 120 -16.30 14.42 -3.64
N PHE A 121 -16.15 15.32 -4.61
CA PHE A 121 -17.27 15.70 -5.46
C PHE A 121 -17.70 14.54 -6.36
N ALA A 122 -18.30 13.51 -5.78
CA ALA A 122 -18.75 12.36 -6.56
C ALA A 122 -19.77 11.52 -5.77
N PRO A 123 -19.36 10.92 -4.64
CA PRO A 123 -20.26 10.09 -3.83
C PRO A 123 -21.35 10.92 -3.16
N ALA A 124 -22.55 10.88 -3.73
CA ALA A 124 -23.69 11.62 -3.20
C ALA A 124 -24.01 11.18 -1.78
N ASP A 125 -23.31 11.77 -0.81
CA ASP A 125 -23.53 11.44 0.60
C ASP A 125 -23.22 12.64 1.49
N GLY A 126 -23.34 12.44 2.80
CA GLY A 126 -23.08 13.52 3.74
C GLY A 126 -22.69 13.00 5.12
N GLU A 127 -23.18 13.67 6.15
CA GLU A 127 -22.89 13.27 7.52
C GLU A 127 -24.16 12.85 8.25
N LYS A 128 -25.23 13.61 8.05
CA LYS A 128 -26.51 13.31 8.68
C LYS A 128 -27.64 13.34 7.66
N SER A 129 -27.65 14.36 6.82
CA SER A 129 -28.68 14.52 5.78
C SER A 129 -28.77 13.27 4.92
N GLU A 130 -29.98 12.90 4.54
CA GLU A 130 -30.20 11.73 3.70
C GLU A 130 -31.30 11.99 2.67
N ALA A 131 -31.35 11.16 1.64
CA ALA A 131 -32.35 11.29 0.59
C ALA A 131 -33.76 11.22 1.16
N GLY A 1 15.71 31.05 15.34
CA GLY A 1 15.80 29.63 15.74
C GLY A 1 14.72 28.77 15.11
N SER A 2 14.62 27.52 15.56
CA SER A 2 13.63 26.59 15.02
C SER A 2 13.89 26.31 13.54
N HIS A 3 13.99 25.03 13.21
CA HIS A 3 14.24 24.62 11.83
C HIS A 3 12.94 24.29 11.12
N MET A 4 12.29 23.21 11.55
CA MET A 4 11.03 22.78 10.96
C MET A 4 10.49 21.54 11.66
N ASP A 5 11.18 20.42 11.50
CA ASP A 5 10.77 19.16 12.13
C ASP A 5 11.89 18.14 12.09
N LYS A 6 11.92 17.26 13.07
CA LYS A 6 12.94 16.21 13.15
C LYS A 6 12.32 14.84 13.40
N THR A 7 11.10 14.66 12.90
CA THR A 7 10.40 13.39 13.08
C THR A 7 9.20 13.31 12.16
N PHE A 8 9.08 12.19 11.45
CA PHE A 8 7.98 11.99 10.54
C PHE A 8 7.55 10.52 10.46
N CYS A 9 6.29 10.28 10.77
CA CYS A 9 5.73 8.94 10.70
C CYS A 9 4.72 8.89 9.56
N VAL A 10 4.89 7.92 8.66
CA VAL A 10 4.00 7.79 7.51
C VAL A 10 3.11 6.57 7.63
N VAL A 11 1.96 6.63 6.98
CA VAL A 11 1.03 5.53 7.01
C VAL A 11 0.42 5.30 5.63
N VAL A 12 0.88 4.22 4.98
CA VAL A 12 0.41 3.87 3.65
C VAL A 12 -0.77 2.91 3.72
N GLN A 13 -1.80 3.20 2.94
CA GLN A 13 -2.99 2.37 2.91
C GLN A 13 -3.23 1.79 1.52
N ASN A 14 -3.01 0.49 1.38
CA ASN A 14 -3.21 -0.20 0.11
C ASN A 14 -4.57 -0.89 0.07
N ARG A 15 -5.18 -0.93 -1.10
CA ARG A 15 -6.48 -1.56 -1.25
C ARG A 15 -6.50 -2.50 -2.44
N ILE A 16 -5.36 -3.16 -2.68
CA ILE A 16 -5.24 -4.10 -3.79
C ILE A 16 -5.28 -5.54 -3.30
N LYS A 17 -4.40 -5.86 -2.36
CA LYS A 17 -4.33 -7.21 -1.81
C LYS A 17 -3.26 -7.29 -0.71
N GLU A 18 -3.02 -8.51 -0.20
CA GLU A 18 -2.02 -8.71 0.84
C GLU A 18 -0.70 -9.18 0.25
N GLY A 19 -0.45 -8.81 -1.01
CA GLY A 19 0.77 -9.21 -1.67
C GLY A 19 1.03 -8.38 -2.92
N TYR A 20 1.02 -7.07 -2.76
CA TYR A 20 1.25 -6.16 -3.88
C TYR A 20 2.70 -5.68 -3.91
N ARG A 21 3.61 -6.55 -3.48
CA ARG A 21 5.02 -6.23 -3.48
C ARG A 21 5.33 -5.06 -2.55
N ARG A 22 6.56 -4.56 -2.65
CA ARG A 22 7.01 -3.44 -1.84
C ARG A 22 7.10 -3.81 -0.37
N ALA A 23 7.38 -2.81 0.48
CA ALA A 23 7.52 -3.04 1.91
C ALA A 23 8.84 -3.71 2.23
N GLY A 24 9.66 -3.94 1.21
CA GLY A 24 10.94 -4.60 1.40
C GLY A 24 10.82 -6.11 1.42
N PHE A 25 9.69 -6.62 0.94
CA PHE A 25 9.46 -8.07 0.91
C PHE A 25 8.09 -8.41 0.32
N SER A 26 7.05 -7.75 0.82
CA SER A 26 5.68 -7.99 0.35
C SER A 26 4.67 -7.30 1.27
N PHE A 27 4.28 -6.09 0.91
CA PHE A 27 3.32 -5.34 1.70
C PHE A 27 1.98 -6.07 1.78
N HIS A 28 1.37 -6.04 2.97
CA HIS A 28 0.09 -6.70 3.17
C HIS A 28 -1.07 -5.78 2.81
N LEU A 29 -2.28 -6.22 3.12
CA LEU A 29 -3.47 -5.43 2.83
C LEU A 29 -3.94 -4.69 4.08
N GLY A 30 -3.75 -3.37 4.09
CA GLY A 30 -4.14 -2.57 5.22
C GLY A 30 -3.37 -1.28 5.33
N ASP A 31 -3.04 -0.87 6.54
CA ASP A 31 -2.29 0.35 6.77
C ASP A 31 -1.09 0.11 7.68
N ASN A 32 0.07 0.59 7.25
CA ASN A 32 1.29 0.43 8.03
C ASN A 32 1.93 1.79 8.32
N SER A 33 2.22 2.04 9.60
CA SER A 33 2.81 3.30 10.01
C SER A 33 4.33 3.26 9.91
N LEU A 34 4.91 4.40 9.56
CA LEU A 34 6.35 4.53 9.44
C LEU A 34 6.92 5.26 10.66
N ALA A 35 8.19 4.99 10.98
CA ALA A 35 8.86 5.58 12.13
C ALA A 35 9.16 7.07 11.94
N ALA A 36 9.35 7.76 13.04
CA ALA A 36 9.63 9.19 12.98
C ALA A 36 11.03 9.45 12.43
N VAL A 37 11.06 9.89 11.18
CA VAL A 37 12.31 10.18 10.46
C VAL A 37 12.41 11.67 10.12
N SER A 38 13.24 12.01 9.13
CA SER A 38 13.41 13.40 8.72
C SER A 38 12.75 13.66 7.38
N GLU A 39 11.56 13.09 7.18
CA GLU A 39 10.80 13.26 5.93
C GLU A 39 11.22 12.24 4.86
N SER A 40 12.40 11.64 5.02
CA SER A 40 12.87 10.65 4.05
C SER A 40 11.80 9.60 3.79
N GLN A 41 11.04 9.29 4.84
CA GLN A 41 9.96 8.32 4.76
C GLN A 41 8.97 8.66 3.66
N LEU A 42 8.60 9.94 3.59
CA LEU A 42 7.65 10.40 2.58
C LEU A 42 8.15 10.09 1.18
N ALA A 43 9.36 10.55 0.87
CA ALA A 43 9.94 10.30 -0.44
C ALA A 43 10.33 8.85 -0.61
N GLN A 44 10.61 8.17 0.50
CA GLN A 44 10.98 6.76 0.46
C GLN A 44 9.89 5.94 -0.22
N LEU A 45 8.66 6.12 0.23
CA LEU A 45 7.52 5.42 -0.32
C LEU A 45 7.07 6.06 -1.64
N LYS A 46 6.83 7.37 -1.59
CA LYS A 46 6.41 8.12 -2.76
C LYS A 46 7.36 7.90 -3.94
N ALA A 47 8.62 7.55 -3.62
CA ALA A 47 9.63 7.32 -4.64
C ALA A 47 9.10 6.45 -5.78
N ASP A 48 8.15 5.57 -5.45
CA ASP A 48 7.56 4.67 -6.43
C ASP A 48 6.06 4.95 -6.57
N PRO A 49 5.60 5.36 -7.77
CA PRO A 49 4.19 5.65 -8.01
C PRO A 49 3.36 4.38 -8.15
N ARG A 50 3.21 3.66 -7.04
CA ARG A 50 2.44 2.42 -7.03
C ARG A 50 1.39 2.44 -5.92
N LEU A 51 1.80 2.89 -4.74
CA LEU A 51 0.89 2.95 -3.59
C LEU A 51 0.83 4.36 -3.01
N VAL A 52 -0.36 4.76 -2.57
CA VAL A 52 -0.57 6.08 -2.00
C VAL A 52 0.14 6.22 -0.65
N VAL A 53 1.18 7.04 -0.61
CA VAL A 53 1.93 7.26 0.62
C VAL A 53 1.46 8.56 1.30
N GLN A 54 0.94 8.41 2.50
CA GLN A 54 0.43 9.55 3.27
C GLN A 54 1.14 9.67 4.61
N ILE A 55 1.35 10.91 5.05
CA ILE A 55 2.02 11.19 6.32
C ILE A 55 1.02 11.68 7.36
N THR A 56 1.25 11.29 8.61
CA THR A 56 0.39 11.70 9.71
C THR A 56 1.18 12.43 10.79
N GLU A 57 1.03 13.76 10.81
CA GLU A 57 1.73 14.58 11.79
C GLU A 57 0.84 14.89 12.98
N THR A 58 0.88 14.03 13.99
CA THR A 58 0.07 14.22 15.19
C THR A 58 0.35 15.57 15.84
N GLY A 59 -0.52 16.54 15.57
CA GLY A 59 -0.35 17.87 16.14
C GLY A 59 -1.34 18.87 15.58
N SER A 60 -1.58 18.80 14.28
CA SER A 60 -2.52 19.71 13.62
C SER A 60 -3.21 19.02 12.45
N GLN A 61 -4.41 18.48 12.71
CA GLN A 61 -5.18 17.80 11.68
C GLN A 61 -5.61 18.77 10.59
N GLU A 62 -5.39 18.38 9.34
CA GLU A 62 -5.76 19.22 8.20
C GLU A 62 -6.20 18.37 7.01
N GLY A 63 -7.19 18.85 6.27
CA GLY A 63 -7.67 18.12 5.12
C GLY A 63 -6.85 18.40 3.87
N GLY A 64 -7.50 18.29 2.71
CA GLY A 64 -6.82 18.53 1.46
C GLY A 64 -7.74 18.46 0.26
N GLU A 65 -7.50 17.50 -0.62
CA GLU A 65 -8.33 17.32 -1.81
C GLU A 65 -8.11 15.94 -2.43
N GLY A 66 -8.75 15.70 -3.57
CA GLY A 66 -8.62 14.42 -4.22
C GLY A 66 -7.36 14.31 -5.05
N LEU A 67 -7.43 13.57 -6.15
CA LEU A 67 -6.28 13.39 -7.03
C LEU A 67 -6.53 14.02 -8.39
N SER A 68 -5.54 13.92 -9.28
CA SER A 68 -5.65 14.48 -10.62
C SER A 68 -4.59 13.91 -11.54
N LYS A 69 -5.02 13.06 -12.47
CA LYS A 69 -4.10 12.45 -13.43
C LYS A 69 -4.55 12.70 -14.86
N GLU A 70 -4.25 13.89 -15.37
CA GLU A 70 -4.62 14.25 -16.72
C GLU A 70 -3.41 14.20 -17.65
N PRO A 71 -3.62 13.83 -18.94
CA PRO A 71 -2.54 13.74 -19.92
C PRO A 71 -2.04 15.11 -20.35
N ALA A 72 -0.77 15.18 -20.72
CA ALA A 72 -0.16 16.44 -21.16
C ALA A 72 -0.28 16.61 -22.67
N GLY A 73 -0.75 17.78 -23.08
CA GLY A 73 -0.92 18.04 -24.51
C GLY A 73 -2.37 18.14 -24.92
N SER A 74 -2.61 18.72 -26.09
CA SER A 74 -3.97 18.87 -26.60
C SER A 74 -4.17 18.06 -27.89
N ASP A 75 -5.08 17.10 -27.83
CA ASP A 75 -5.36 16.26 -28.99
C ASP A 75 -6.83 16.33 -29.37
N GLU A 76 -7.10 16.45 -30.67
CA GLU A 76 -8.47 16.54 -31.16
C GLU A 76 -8.89 15.23 -31.83
N GLN A 77 -7.92 14.55 -32.44
CA GLN A 77 -8.19 13.29 -33.12
C GLN A 77 -8.56 12.20 -32.11
N LYS A 78 -7.89 12.21 -30.96
CA LYS A 78 -8.14 11.22 -29.91
C LYS A 78 -9.15 11.75 -28.91
N GLN A 79 -9.44 10.95 -27.88
CA GLN A 79 -10.39 11.34 -26.85
C GLN A 79 -9.71 11.46 -25.49
N LEU A 80 -10.47 11.86 -24.48
CA LEU A 80 -9.93 12.01 -23.13
C LEU A 80 -10.95 11.55 -22.10
N ARG A 81 -11.11 10.24 -21.98
CA ARG A 81 -12.04 9.66 -21.02
C ARG A 81 -11.30 8.96 -19.89
N ALA A 82 -10.08 8.51 -20.16
CA ALA A 82 -9.27 7.83 -19.17
C ALA A 82 -9.90 6.49 -18.77
N ASP A 83 -9.62 5.45 -19.55
CA ASP A 83 -10.15 4.13 -19.28
C ASP A 83 -9.16 3.04 -19.69
N PRO A 84 -8.62 2.30 -18.71
CA PRO A 84 -7.65 1.23 -18.98
C PRO A 84 -8.17 0.20 -19.99
N PRO A 85 -9.43 -0.24 -19.84
CA PRO A 85 -10.03 -1.22 -20.76
C PRO A 85 -10.01 -0.73 -22.20
N SER A 86 -8.90 -0.98 -22.89
CA SER A 86 -8.77 -0.57 -24.29
C SER A 86 -9.41 -1.59 -25.23
N THR A 87 -10.49 -1.18 -25.88
CA THR A 87 -11.19 -2.06 -26.80
C THR A 87 -10.53 -2.04 -28.18
N ASP A 88 -10.20 -0.85 -28.65
CA ASP A 88 -9.56 -0.68 -29.95
C ASP A 88 -10.52 -0.99 -31.09
N LEU A 89 -10.98 -2.24 -31.15
CA LEU A 89 -11.91 -2.66 -32.18
C LEU A 89 -13.19 -1.83 -32.17
N ASN A 90 -13.46 -1.17 -31.05
CA ASN A 90 -14.65 -0.34 -30.92
C ASN A 90 -14.82 0.60 -32.11
N THR A 91 -13.76 1.33 -32.44
CA THR A 91 -13.80 2.27 -33.55
C THR A 91 -13.87 1.56 -34.92
N PHE A 92 -13.86 0.23 -34.92
CA PHE A 92 -13.92 -0.53 -36.16
C PHE A 92 -15.37 -0.92 -36.46
N THR A 93 -15.98 -0.23 -37.43
CA THR A 93 -17.37 -0.51 -37.80
C THR A 93 -17.52 -0.85 -39.29
N VAL A 94 -17.79 0.17 -40.11
CA VAL A 94 -17.96 -0.04 -41.55
C VAL A 94 -17.04 0.85 -42.38
N GLU A 95 -17.05 2.14 -42.08
CA GLU A 95 -16.22 3.10 -42.78
C GLU A 95 -14.79 3.15 -42.26
N GLN A 96 -14.57 2.66 -41.04
CA GLN A 96 -13.25 2.70 -40.43
C GLN A 96 -12.37 1.54 -40.86
N LEU A 97 -12.99 0.42 -41.24
CA LEU A 97 -12.22 -0.72 -41.67
C LEU A 97 -11.81 -0.54 -43.13
N LYS A 98 -12.80 -0.28 -43.97
CA LYS A 98 -12.55 -0.07 -45.39
C LYS A 98 -11.57 1.08 -45.61
N ALA A 99 -11.57 2.06 -44.71
CA ALA A 99 -10.68 3.20 -44.83
C ALA A 99 -9.31 2.90 -44.25
N GLN A 100 -9.27 1.97 -43.32
CA GLN A 100 -8.02 1.57 -42.69
C GLN A 100 -7.34 0.49 -43.51
N LEU A 101 -8.14 -0.35 -44.14
CA LEU A 101 -7.61 -1.44 -44.96
C LEU A 101 -6.78 -0.88 -46.10
N THR A 102 -7.35 0.09 -46.79
CA THR A 102 -6.65 0.73 -47.91
C THR A 102 -5.44 1.49 -47.41
N GLU A 103 -5.61 2.12 -46.24
CA GLU A 103 -4.52 2.88 -45.66
C GLU A 103 -3.48 1.95 -45.03
N ARG A 104 -3.79 0.66 -45.00
CA ARG A 104 -2.89 -0.34 -44.45
C ARG A 104 -2.38 -1.29 -45.54
N GLY A 105 -2.59 -0.91 -46.80
CA GLY A 105 -2.14 -1.73 -47.91
C GLY A 105 -2.74 -3.13 -47.87
N ILE A 106 -4.06 -3.19 -47.96
CA ILE A 106 -4.76 -4.48 -47.95
C ILE A 106 -5.99 -4.45 -48.85
N THR A 107 -5.84 -4.93 -50.08
CA THR A 107 -6.94 -4.95 -51.03
C THR A 107 -8.17 -5.64 -50.44
N PHE A 108 -9.35 -5.21 -50.88
CA PHE A 108 -10.60 -5.78 -50.38
C PHE A 108 -10.81 -7.18 -50.94
N LYS A 109 -10.70 -7.31 -52.26
CA LYS A 109 -10.87 -8.60 -52.93
C LYS A 109 -12.28 -9.14 -52.69
N GLN A 110 -12.69 -10.08 -53.55
CA GLN A 110 -14.01 -10.68 -53.45
C GLN A 110 -14.12 -11.55 -52.19
N SER A 111 -14.25 -10.89 -51.04
CA SER A 111 -14.37 -11.59 -49.77
C SER A 111 -14.56 -10.60 -48.62
N ALA A 112 -13.85 -9.48 -48.69
CA ALA A 112 -13.94 -8.46 -47.66
C ALA A 112 -15.14 -7.55 -47.91
N THR A 113 -16.33 -8.14 -47.91
CA THR A 113 -17.56 -7.39 -48.13
C THR A 113 -17.79 -6.36 -47.03
N LYS A 114 -18.14 -6.84 -45.84
CA LYS A 114 -18.38 -5.94 -44.71
C LYS A 114 -18.13 -6.65 -43.38
N ALA A 115 -18.56 -7.89 -43.28
CA ALA A 115 -18.36 -8.64 -42.05
C ALA A 115 -16.96 -9.23 -42.02
N GLU A 116 -16.37 -9.38 -43.21
CA GLU A 116 -15.03 -9.91 -43.32
C GLU A 116 -13.96 -8.84 -43.17
N LEU A 117 -14.23 -7.64 -43.71
CA LEU A 117 -13.28 -6.55 -43.63
C LEU A 117 -13.28 -5.90 -42.25
N ILE A 118 -14.38 -6.05 -41.53
CA ILE A 118 -14.45 -5.50 -40.18
C ILE A 118 -13.86 -6.49 -39.19
N ALA A 119 -13.90 -7.77 -39.54
CA ALA A 119 -13.34 -8.82 -38.68
C ALA A 119 -11.86 -9.03 -38.96
N LEU A 120 -11.47 -8.87 -40.22
CA LEU A 120 -10.09 -9.06 -40.64
C LEU A 120 -9.12 -8.27 -39.76
N PHE A 121 -9.44 -7.01 -39.51
CA PHE A 121 -8.59 -6.16 -38.70
C PHE A 121 -8.15 -6.84 -37.40
N ALA A 122 -9.10 -7.03 -36.48
CA ALA A 122 -8.79 -7.66 -35.20
C ALA A 122 -9.29 -9.11 -35.16
N PRO A 123 -10.62 -9.34 -35.20
CA PRO A 123 -11.18 -10.70 -35.16
C PRO A 123 -10.48 -11.66 -36.11
N ALA A 124 -10.55 -12.95 -35.79
CA ALA A 124 -9.91 -13.97 -36.60
C ALA A 124 -10.19 -15.37 -36.05
N ASP A 125 -9.61 -16.38 -36.68
CA ASP A 125 -9.80 -17.76 -36.26
C ASP A 125 -8.58 -18.26 -35.49
N GLY A 126 -8.01 -17.40 -34.65
CA GLY A 126 -6.85 -17.78 -33.87
C GLY A 126 -7.22 -18.31 -32.50
N GLU A 127 -6.33 -19.13 -31.93
CA GLU A 127 -6.57 -19.70 -30.62
C GLU A 127 -5.34 -20.43 -30.11
N LYS A 128 -4.16 -19.87 -30.41
CA LYS A 128 -2.91 -20.47 -29.97
C LYS A 128 -1.73 -19.58 -30.38
N SER A 129 -0.66 -19.63 -29.58
CA SER A 129 0.53 -18.83 -29.85
C SER A 129 1.79 -19.66 -29.64
N GLU A 130 1.70 -20.96 -29.89
CA GLU A 130 2.83 -21.86 -29.72
C GLU A 130 2.75 -23.02 -30.70
N ALA A 131 3.88 -23.71 -30.89
CA ALA A 131 3.93 -24.85 -31.79
C ALA A 131 4.63 -26.04 -31.15
N GLY A 1 3.25 25.82 21.23
CA GLY A 1 3.06 27.23 20.79
C GLY A 1 3.95 27.60 19.62
N SER A 2 5.26 27.54 19.83
CA SER A 2 6.22 27.88 18.78
C SER A 2 7.43 26.95 18.84
N HIS A 3 7.33 25.81 18.18
CA HIS A 3 8.41 24.83 18.16
C HIS A 3 8.72 24.36 16.74
N MET A 4 7.67 24.30 15.89
CA MET A 4 7.83 23.87 14.51
C MET A 4 8.01 22.35 14.44
N ASP A 5 7.61 21.76 13.32
CA ASP A 5 7.72 20.32 13.12
C ASP A 5 9.08 19.94 12.54
N LYS A 6 9.26 18.65 12.27
CA LYS A 6 10.50 18.14 11.72
C LYS A 6 10.42 16.64 11.46
N THR A 7 9.79 15.94 12.39
CA THR A 7 9.61 14.49 12.28
C THR A 7 8.14 14.13 12.12
N PHE A 8 7.85 13.14 11.29
CA PHE A 8 6.47 12.74 11.05
C PHE A 8 6.33 11.23 10.83
N CYS A 9 5.21 10.69 11.29
CA CYS A 9 4.92 9.28 11.11
C CYS A 9 4.02 9.12 9.87
N VAL A 10 4.44 8.27 8.94
CA VAL A 10 3.66 8.06 7.72
C VAL A 10 3.02 6.68 7.70
N VAL A 11 1.89 6.58 7.03
CA VAL A 11 1.19 5.32 6.94
C VAL A 11 0.67 5.06 5.53
N VAL A 12 0.94 3.85 5.03
CA VAL A 12 0.53 3.46 3.69
C VAL A 12 -0.75 2.63 3.72
N GLN A 13 -1.86 3.26 3.34
CA GLN A 13 -3.15 2.58 3.33
C GLN A 13 -3.56 2.23 1.90
N ASN A 14 -3.48 0.95 1.56
CA ASN A 14 -3.85 0.49 0.23
C ASN A 14 -4.80 -0.70 0.30
N ARG A 15 -5.71 -0.76 -0.67
CA ARG A 15 -6.67 -1.84 -0.75
C ARG A 15 -6.83 -2.31 -2.19
N ILE A 16 -5.95 -3.20 -2.62
CA ILE A 16 -5.99 -3.70 -3.98
C ILE A 16 -6.02 -5.24 -4.01
N LYS A 17 -4.98 -5.87 -3.48
CA LYS A 17 -4.90 -7.33 -3.47
C LYS A 17 -4.27 -7.84 -2.17
N GLU A 18 -2.93 -7.85 -2.12
CA GLU A 18 -2.19 -8.32 -0.94
C GLU A 18 -0.74 -8.62 -1.30
N GLY A 19 -0.46 -8.76 -2.60
CA GLY A 19 0.89 -9.05 -3.04
C GLY A 19 1.36 -8.06 -4.09
N TYR A 20 1.13 -6.78 -3.85
CA TYR A 20 1.51 -5.73 -4.78
C TYR A 20 2.79 -5.03 -4.32
N ARG A 21 3.62 -5.77 -3.57
CA ARG A 21 4.88 -5.23 -3.09
C ARG A 21 4.66 -4.02 -2.20
N ARG A 22 5.76 -3.42 -1.75
CA ARG A 22 5.69 -2.24 -0.90
C ARG A 22 7.06 -1.62 -0.68
N ALA A 23 7.82 -2.17 0.26
CA ALA A 23 9.16 -1.66 0.56
C ALA A 23 10.20 -2.44 -0.21
N GLY A 24 10.03 -3.75 -0.24
CA GLY A 24 10.95 -4.61 -0.94
C GLY A 24 10.64 -6.07 -0.65
N PHE A 25 9.36 -6.37 -0.60
CA PHE A 25 8.90 -7.73 -0.32
C PHE A 25 7.43 -7.86 -0.68
N SER A 26 6.76 -8.87 -0.11
CA SER A 26 5.35 -9.10 -0.40
C SER A 26 4.47 -8.58 0.74
N PHE A 27 4.25 -7.26 0.77
CA PHE A 27 3.42 -6.67 1.81
C PHE A 27 1.95 -6.87 1.49
N HIS A 28 1.11 -6.94 2.53
CA HIS A 28 -0.32 -7.11 2.35
C HIS A 28 -1.01 -5.75 2.32
N LEU A 29 -0.34 -4.77 1.71
CA LEU A 29 -0.86 -3.41 1.60
C LEU A 29 -1.38 -2.90 2.95
N GLY A 30 -2.65 -3.20 3.27
CA GLY A 30 -3.22 -2.77 4.53
C GLY A 30 -2.78 -1.38 4.94
N ASP A 31 -2.45 -1.22 6.21
CA ASP A 31 -1.99 0.06 6.74
C ASP A 31 -0.79 -0.13 7.66
N ASN A 32 0.35 0.43 7.28
CA ASN A 32 1.57 0.33 8.07
C ASN A 32 2.03 1.72 8.47
N SER A 33 2.27 1.92 9.77
CA SER A 33 2.72 3.22 10.26
C SER A 33 4.23 3.35 10.20
N LEU A 34 4.68 4.55 9.91
CA LEU A 34 6.10 4.86 9.82
C LEU A 34 6.51 5.76 10.99
N ALA A 35 7.71 5.52 11.53
CA ALA A 35 8.23 6.29 12.64
C ALA A 35 8.58 7.69 12.19
N ALA A 36 8.61 8.61 13.13
CA ALA A 36 8.89 10.00 12.81
C ALA A 36 10.35 10.19 12.41
N VAL A 37 10.55 10.55 11.14
CA VAL A 37 11.89 10.76 10.59
C VAL A 37 11.97 12.07 9.82
N SER A 38 13.07 12.27 9.11
CA SER A 38 13.27 13.50 8.34
C SER A 38 12.29 13.56 7.17
N GLU A 39 12.49 12.72 6.16
CA GLU A 39 11.63 12.71 4.99
C GLU A 39 11.74 11.40 4.20
N SER A 40 12.80 10.64 4.43
CA SER A 40 13.02 9.37 3.72
C SER A 40 11.73 8.55 3.63
N GLN A 41 10.94 8.58 4.69
CA GLN A 41 9.68 7.83 4.73
C GLN A 41 8.75 8.25 3.60
N LEU A 42 8.67 9.54 3.36
CA LEU A 42 7.80 10.08 2.33
C LEU A 42 8.33 9.76 0.94
N ALA A 43 9.64 9.65 0.82
CA ALA A 43 10.27 9.37 -0.46
C ALA A 43 10.41 7.86 -0.68
N GLN A 44 10.53 7.11 0.41
CA GLN A 44 10.68 5.67 0.32
C GLN A 44 9.38 5.02 -0.16
N LEU A 45 8.27 5.44 0.42
CA LEU A 45 6.97 4.89 0.06
C LEU A 45 6.44 5.54 -1.22
N LYS A 46 6.81 6.80 -1.44
CA LYS A 46 6.38 7.52 -2.63
C LYS A 46 7.29 7.21 -3.82
N ALA A 47 8.46 6.64 -3.54
CA ALA A 47 9.42 6.29 -4.60
C ALA A 47 8.75 5.55 -5.75
N ASP A 48 7.82 4.65 -5.41
CA ASP A 48 7.11 3.87 -6.42
C ASP A 48 5.60 4.10 -6.34
N PRO A 49 4.92 4.15 -7.50
CA PRO A 49 3.48 4.36 -7.55
C PRO A 49 2.69 3.07 -7.36
N ARG A 50 3.01 2.33 -6.31
CA ARG A 50 2.33 1.08 -6.01
C ARG A 50 1.24 1.30 -4.97
N LEU A 51 1.61 1.95 -3.87
CA LEU A 51 0.67 2.25 -2.79
C LEU A 51 0.65 3.74 -2.50
N VAL A 52 -0.02 4.15 -1.43
CA VAL A 52 -0.11 5.56 -1.08
C VAL A 52 0.68 5.88 0.19
N VAL A 53 1.30 7.05 0.21
CA VAL A 53 2.07 7.50 1.37
C VAL A 53 1.68 8.92 1.75
N GLN A 54 1.14 9.09 2.95
CA GLN A 54 0.70 10.40 3.41
C GLN A 54 1.30 10.76 4.78
N ILE A 55 1.78 12.00 4.90
CA ILE A 55 2.37 12.48 6.15
C ILE A 55 1.29 13.09 7.04
N THR A 56 1.14 12.53 8.24
CA THR A 56 0.14 13.02 9.19
C THR A 56 0.81 13.43 10.50
N GLU A 57 0.94 14.74 10.71
CA GLU A 57 1.55 15.26 11.92
C GLU A 57 0.67 15.01 13.14
N THR A 58 -0.52 15.60 13.13
CA THR A 58 -1.46 15.43 14.24
C THR A 58 -2.57 14.47 13.86
N GLY A 59 -2.86 13.53 14.74
CA GLY A 59 -3.90 12.54 14.49
C GLY A 59 -3.90 11.41 15.50
N SER A 60 -2.72 11.00 15.92
CA SER A 60 -2.58 9.92 16.90
C SER A 60 -1.61 10.31 18.01
N GLN A 61 -1.96 9.98 19.25
CA GLN A 61 -1.13 10.29 20.39
C GLN A 61 0.19 9.52 20.33
N GLU A 62 1.17 9.94 21.13
CA GLU A 62 2.47 9.30 21.16
C GLU A 62 3.02 9.26 22.58
N GLY A 63 4.18 8.64 22.75
CA GLY A 63 4.80 8.55 24.05
C GLY A 63 6.31 8.65 23.99
N GLY A 64 7.00 7.71 24.64
CA GLY A 64 8.44 7.72 24.64
C GLY A 64 9.03 6.32 24.62
N GLU A 65 9.24 5.75 25.81
CA GLU A 65 9.79 4.41 25.93
C GLU A 65 8.70 3.36 25.90
N GLY A 66 9.09 2.10 26.05
CA GLY A 66 8.12 1.01 26.04
C GLY A 66 8.45 -0.08 27.03
N LEU A 67 7.70 -0.12 28.13
CA LEU A 67 7.92 -1.13 29.17
C LEU A 67 6.65 -1.91 29.45
N SER A 68 5.82 -2.07 28.42
CA SER A 68 4.56 -2.81 28.56
C SER A 68 4.27 -3.61 27.31
N LYS A 69 4.10 -4.93 27.49
CA LYS A 69 3.82 -5.82 26.37
C LYS A 69 2.36 -5.71 25.94
N GLU A 70 2.11 -4.94 24.88
CA GLU A 70 0.77 -4.76 24.37
C GLU A 70 0.78 -3.96 23.07
N PRO A 71 0.85 -4.66 21.92
CA PRO A 71 0.87 -4.01 20.61
C PRO A 71 -0.45 -3.32 20.28
N ALA A 72 -0.47 -1.99 20.39
CA ALA A 72 -1.67 -1.22 20.10
C ALA A 72 -1.35 -0.03 19.21
N GLY A 73 -0.28 0.69 19.54
CA GLY A 73 0.11 1.84 18.74
C GLY A 73 1.47 2.38 19.15
N SER A 74 1.70 3.67 18.88
CA SER A 74 2.96 4.30 19.22
C SER A 74 4.13 3.62 18.50
N ASP A 75 5.34 4.10 18.75
CA ASP A 75 6.53 3.55 18.12
C ASP A 75 7.36 2.76 19.12
N GLU A 76 8.25 1.92 18.62
CA GLU A 76 9.11 1.10 19.47
C GLU A 76 10.46 1.78 19.68
N GLN A 77 11.32 1.12 20.46
CA GLN A 77 12.65 1.65 20.74
C GLN A 77 13.57 1.49 19.52
N LYS A 78 13.67 2.55 18.72
CA LYS A 78 14.51 2.52 17.53
C LYS A 78 14.06 1.44 16.57
N GLN A 79 12.78 1.06 16.65
CA GLN A 79 12.22 0.04 15.77
C GLN A 79 12.91 -1.30 16.01
N LEU A 80 12.11 -2.33 16.26
CA LEU A 80 12.63 -3.67 16.49
C LEU A 80 12.43 -4.57 15.27
N ARG A 81 13.47 -5.33 14.93
CA ARG A 81 13.41 -6.23 13.78
C ARG A 81 14.65 -7.11 13.71
N ALA A 82 15.10 -7.58 14.87
CA ALA A 82 16.28 -8.42 14.94
C ALA A 82 16.05 -9.61 15.87
N ASP A 83 14.80 -10.04 15.99
CA ASP A 83 14.45 -11.17 16.86
C ASP A 83 14.50 -12.48 16.08
N PRO A 84 13.81 -12.56 14.93
CA PRO A 84 13.79 -13.76 14.10
C PRO A 84 15.06 -13.92 13.28
N PRO A 85 15.86 -14.96 13.57
CA PRO A 85 17.12 -15.22 12.84
C PRO A 85 16.93 -15.23 11.33
N SER A 86 17.11 -14.06 10.71
CA SER A 86 16.95 -13.94 9.27
C SER A 86 18.16 -13.26 8.64
N THR A 87 18.37 -13.49 7.35
CA THR A 87 19.49 -12.90 6.64
C THR A 87 19.48 -13.31 5.17
N ASP A 88 19.61 -12.33 4.28
CA ASP A 88 19.61 -12.60 2.84
C ASP A 88 20.46 -11.57 2.10
N LEU A 89 20.51 -11.69 0.78
CA LEU A 89 21.28 -10.78 -0.05
C LEU A 89 20.39 -10.06 -1.06
N ASN A 90 19.58 -10.83 -1.79
CA ASN A 90 18.68 -10.28 -2.79
C ASN A 90 17.86 -9.11 -2.23
N THR A 91 17.58 -9.14 -0.93
CA THR A 91 16.80 -8.08 -0.30
C THR A 91 17.49 -6.72 -0.37
N PHE A 92 18.77 -6.70 -0.75
CA PHE A 92 19.51 -5.45 -0.86
C PHE A 92 19.76 -5.09 -2.33
N THR A 93 20.04 -3.82 -2.59
CA THR A 93 20.30 -3.36 -3.96
C THR A 93 21.70 -2.80 -4.12
N VAL A 94 21.85 -1.47 -4.05
CA VAL A 94 23.14 -0.83 -4.20
C VAL A 94 23.32 0.32 -3.21
N GLU A 95 22.35 1.23 -3.21
CA GLU A 95 22.37 2.39 -2.33
C GLU A 95 22.07 2.00 -0.88
N GLN A 96 21.46 0.84 -0.68
CA GLN A 96 21.11 0.38 0.65
C GLN A 96 22.31 -0.22 1.34
N LEU A 97 23.14 -0.91 0.57
CA LEU A 97 24.33 -1.55 1.12
C LEU A 97 25.27 -0.48 1.66
N LYS A 98 25.67 0.42 0.77
CA LYS A 98 26.57 1.50 1.14
C LYS A 98 26.03 2.31 2.32
N ALA A 99 24.71 2.43 2.39
CA ALA A 99 24.09 3.18 3.49
C ALA A 99 23.89 2.30 4.71
N GLN A 100 23.88 1.00 4.49
CA GLN A 100 23.70 0.05 5.58
C GLN A 100 25.05 -0.31 6.21
N LEU A 101 26.08 -0.40 5.38
CA LEU A 101 27.41 -0.75 5.86
C LEU A 101 27.87 0.28 6.88
N THR A 102 27.73 1.55 6.52
CA THR A 102 28.14 2.64 7.39
C THR A 102 27.24 2.69 8.62
N GLU A 103 25.96 2.42 8.42
CA GLU A 103 25.01 2.44 9.52
C GLU A 103 25.05 1.13 10.30
N ARG A 104 25.80 0.17 9.80
CA ARG A 104 25.93 -1.13 10.45
C ARG A 104 27.22 -1.21 11.26
N GLY A 105 28.14 -0.30 11.00
CA GLY A 105 29.41 -0.30 11.72
C GLY A 105 30.60 -0.56 10.82
N ILE A 106 30.35 -0.81 9.54
CA ILE A 106 31.42 -1.08 8.59
C ILE A 106 31.58 0.08 7.61
N THR A 107 32.22 1.15 8.06
CA THR A 107 32.44 2.32 7.23
C THR A 107 33.66 2.12 6.31
N PHE A 108 33.41 1.60 5.12
CA PHE A 108 34.47 1.36 4.14
C PHE A 108 35.27 2.63 3.88
N LYS A 109 36.24 2.54 2.98
CA LYS A 109 37.07 3.68 2.62
C LYS A 109 37.51 3.60 1.17
N GLN A 110 38.07 2.46 0.78
CA GLN A 110 38.53 2.26 -0.58
C GLN A 110 38.74 0.76 -0.88
N SER A 111 37.95 -0.08 -0.22
CA SER A 111 38.05 -1.52 -0.40
C SER A 111 36.76 -2.08 -0.98
N ALA A 112 35.63 -1.54 -0.54
CA ALA A 112 34.33 -1.98 -1.03
C ALA A 112 33.78 -1.01 -2.07
N THR A 113 33.92 -1.37 -3.34
CA THR A 113 33.45 -0.54 -4.43
C THR A 113 31.95 -0.72 -4.65
N LYS A 114 31.58 -1.78 -5.35
CA LYS A 114 30.16 -2.04 -5.63
C LYS A 114 29.85 -3.54 -5.59
N ALA A 115 30.75 -4.35 -6.11
CA ALA A 115 30.55 -5.79 -6.11
C ALA A 115 30.91 -6.38 -4.75
N GLU A 116 31.76 -5.66 -4.02
CA GLU A 116 32.18 -6.12 -2.70
C GLU A 116 31.20 -5.70 -1.60
N LEU A 117 30.63 -4.51 -1.74
CA LEU A 117 29.69 -4.02 -0.74
C LEU A 117 28.30 -4.60 -0.95
N ILE A 118 28.02 -5.04 -2.18
CA ILE A 118 26.74 -5.64 -2.46
C ILE A 118 26.76 -7.13 -2.09
N ALA A 119 27.95 -7.73 -2.15
CA ALA A 119 28.12 -9.13 -1.80
C ALA A 119 28.37 -9.30 -0.31
N LEU A 120 29.07 -8.30 0.26
CA LEU A 120 29.41 -8.31 1.68
C LEU A 120 28.21 -8.62 2.55
N PHE A 121 27.11 -7.90 2.34
CA PHE A 121 25.90 -8.11 3.13
C PHE A 121 25.40 -9.56 3.00
N ALA A 122 26.00 -10.45 3.79
CA ALA A 122 25.62 -11.86 3.76
C ALA A 122 25.77 -12.50 5.13
N PRO A 123 25.10 -13.64 5.36
CA PRO A 123 25.17 -14.36 6.63
C PRO A 123 26.61 -14.69 7.03
N ALA A 124 27.40 -15.12 6.06
CA ALA A 124 28.80 -15.46 6.30
C ALA A 124 29.54 -15.76 5.00
N ASP A 125 30.48 -14.88 4.65
CA ASP A 125 31.26 -15.04 3.43
C ASP A 125 32.68 -15.47 3.74
N GLY A 126 32.84 -16.25 4.81
CA GLY A 126 34.16 -16.71 5.20
C GLY A 126 34.91 -15.68 6.02
N GLU A 127 36.24 -15.81 6.06
CA GLU A 127 37.07 -14.88 6.81
C GLU A 127 36.72 -14.93 8.29
N LYS A 128 37.36 -15.84 9.02
CA LYS A 128 37.11 -15.98 10.45
C LYS A 128 38.15 -15.20 11.27
N SER A 129 38.00 -13.88 11.29
CA SER A 129 38.91 -13.03 12.03
C SER A 129 38.22 -12.39 13.23
N GLU A 130 38.96 -11.62 14.00
CA GLU A 130 38.42 -10.96 15.18
C GLU A 130 37.86 -11.97 16.17
N ALA A 131 38.45 -13.16 16.18
CA ALA A 131 38.02 -14.23 17.08
C ALA A 131 38.91 -15.46 16.94
N GLY A 1 4.65 23.01 17.20
CA GLY A 1 4.35 24.15 18.12
C GLY A 1 5.30 24.19 19.30
N SER A 2 6.26 25.11 19.26
CA SER A 2 7.23 25.25 20.34
C SER A 2 8.04 23.98 20.51
N HIS A 3 8.35 23.31 19.39
CA HIS A 3 9.12 22.08 19.42
C HIS A 3 10.55 22.32 18.94
N MET A 4 11.34 21.25 18.89
CA MET A 4 12.73 21.35 18.45
C MET A 4 12.94 20.58 17.15
N ASP A 5 12.95 19.26 17.24
CA ASP A 5 13.15 18.41 16.07
C ASP A 5 11.90 18.37 15.21
N LYS A 6 11.98 17.64 14.09
CA LYS A 6 10.84 17.53 13.18
C LYS A 6 10.81 16.14 12.53
N THR A 7 9.92 15.29 13.02
CA THR A 7 9.78 13.94 12.49
C THR A 7 8.31 13.52 12.46
N PHE A 8 7.97 12.61 11.57
CA PHE A 8 6.58 12.18 11.44
C PHE A 8 6.47 10.69 11.08
N CYS A 9 5.46 10.05 11.64
CA CYS A 9 5.19 8.64 11.36
C CYS A 9 4.26 8.56 10.15
N VAL A 10 4.67 7.82 9.13
CA VAL A 10 3.87 7.69 7.92
C VAL A 10 3.28 6.31 7.76
N VAL A 11 2.12 6.24 7.13
CA VAL A 11 1.45 4.98 6.91
C VAL A 11 0.84 4.90 5.52
N VAL A 12 1.19 3.84 4.79
CA VAL A 12 0.69 3.64 3.44
C VAL A 12 -0.56 2.77 3.42
N GLN A 13 -1.71 3.41 3.21
CA GLN A 13 -2.97 2.68 3.16
C GLN A 13 -3.28 2.25 1.73
N ASN A 14 -3.13 0.95 1.47
CA ASN A 14 -3.39 0.40 0.14
C ASN A 14 -4.70 -0.35 0.10
N ARG A 15 -5.37 -0.29 -1.05
CA ARG A 15 -6.64 -0.98 -1.23
C ARG A 15 -6.67 -1.67 -2.58
N ILE A 16 -5.50 -2.13 -3.02
CA ILE A 16 -5.37 -2.82 -4.30
C ILE A 16 -5.37 -4.34 -4.12
N LYS A 17 -4.41 -4.83 -3.33
CA LYS A 17 -4.31 -6.27 -3.08
C LYS A 17 -3.32 -6.55 -1.95
N GLU A 18 -3.00 -7.83 -1.77
CA GLU A 18 -2.06 -8.24 -0.73
C GLU A 18 -0.73 -8.69 -1.33
N GLY A 19 -0.73 -8.96 -2.63
CA GLY A 19 0.48 -9.40 -3.29
C GLY A 19 1.02 -8.36 -4.26
N TYR A 20 1.01 -7.10 -3.83
CA TYR A 20 1.49 -6.00 -4.66
C TYR A 20 2.96 -5.70 -4.39
N ARG A 21 3.55 -6.43 -3.45
CA ARG A 21 4.96 -6.23 -3.11
C ARG A 21 5.21 -4.82 -2.61
N ARG A 22 6.49 -4.52 -2.37
CA ARG A 22 6.88 -3.21 -1.90
C ARG A 22 8.41 -3.09 -1.85
N ALA A 23 8.90 -2.09 -1.11
CA ALA A 23 10.34 -1.87 -0.98
C ALA A 23 11.08 -3.18 -0.72
N GLY A 24 10.40 -4.11 -0.07
CA GLY A 24 10.99 -5.40 0.23
C GLY A 24 10.49 -5.98 1.54
N PHE A 25 9.20 -5.82 1.80
CA PHE A 25 8.59 -6.33 3.02
C PHE A 25 7.26 -7.02 2.75
N SER A 26 7.08 -7.51 1.52
CA SER A 26 5.84 -8.19 1.13
C SER A 26 4.62 -7.44 1.66
N PHE A 27 4.45 -6.20 1.23
CA PHE A 27 3.32 -5.38 1.65
C PHE A 27 1.99 -6.07 1.34
N HIS A 28 1.28 -6.46 2.40
CA HIS A 28 -0.01 -7.13 2.25
C HIS A 28 -1.12 -6.11 2.04
N LEU A 29 -2.36 -6.59 2.04
CA LEU A 29 -3.51 -5.71 1.86
C LEU A 29 -3.84 -5.00 3.17
N GLY A 30 -3.45 -3.74 3.25
CA GLY A 30 -3.71 -2.96 4.45
C GLY A 30 -2.83 -1.72 4.52
N ASP A 31 -2.33 -1.42 5.72
CA ASP A 31 -1.48 -0.26 5.91
C ASP A 31 -0.37 -0.54 6.92
N ASN A 32 0.80 0.03 6.69
CA ASN A 32 1.94 -0.15 7.59
C ASN A 32 2.38 1.19 8.14
N SER A 33 2.70 1.24 9.43
CA SER A 33 3.13 2.48 10.05
C SER A 33 4.62 2.68 9.92
N LEU A 34 5.01 3.93 9.77
CA LEU A 34 6.41 4.30 9.63
C LEU A 34 6.84 5.15 10.82
N ALA A 35 8.09 4.96 11.27
CA ALA A 35 8.64 5.69 12.41
C ALA A 35 8.87 7.14 12.05
N ALA A 36 8.91 7.99 13.06
CA ALA A 36 9.07 9.43 12.83
C ALA A 36 10.48 9.75 12.32
N VAL A 37 10.51 10.18 11.06
CA VAL A 37 11.75 10.54 10.37
C VAL A 37 11.61 11.92 9.70
N SER A 38 12.68 12.38 9.05
CA SER A 38 12.65 13.69 8.39
C SER A 38 12.54 13.57 6.87
N GLU A 39 11.35 13.20 6.39
CA GLU A 39 11.08 13.08 4.96
C GLU A 39 11.64 11.79 4.34
N SER A 40 12.55 11.12 5.04
CA SER A 40 13.15 9.89 4.54
C SER A 40 12.10 8.78 4.35
N GLN A 41 10.97 8.91 5.05
CA GLN A 41 9.90 7.91 4.98
C GLN A 41 8.97 8.15 3.79
N LEU A 42 8.89 9.40 3.35
CA LEU A 42 8.03 9.75 2.24
C LEU A 42 8.60 9.28 0.93
N ALA A 43 9.83 9.68 0.66
CA ALA A 43 10.50 9.29 -0.57
C ALA A 43 10.70 7.77 -0.64
N GLN A 44 10.68 7.12 0.52
CA GLN A 44 10.87 5.68 0.58
C GLN A 44 9.60 4.96 0.13
N LEU A 45 8.46 5.37 0.68
CA LEU A 45 7.18 4.77 0.35
C LEU A 45 6.65 5.30 -0.97
N LYS A 46 6.99 6.54 -1.30
CA LYS A 46 6.56 7.16 -2.54
C LYS A 46 7.38 6.67 -3.73
N ALA A 47 8.46 5.94 -3.45
CA ALA A 47 9.32 5.40 -4.50
C ALA A 47 8.52 4.72 -5.59
N ASP A 48 7.58 3.86 -5.19
CA ASP A 48 6.75 3.14 -6.14
C ASP A 48 5.46 3.92 -6.43
N PRO A 49 5.19 4.24 -7.71
CA PRO A 49 3.99 4.97 -8.10
C PRO A 49 2.75 4.08 -8.19
N ARG A 50 2.46 3.37 -7.10
CA ARG A 50 1.31 2.47 -7.06
C ARG A 50 0.53 2.64 -5.76
N LEU A 51 1.25 2.73 -4.64
CA LEU A 51 0.61 2.89 -3.35
C LEU A 51 0.46 4.37 -3.01
N VAL A 52 -0.04 4.67 -1.81
CA VAL A 52 -0.25 6.04 -1.38
C VAL A 52 0.43 6.33 -0.04
N VAL A 53 1.51 7.11 -0.08
CA VAL A 53 2.24 7.47 1.12
C VAL A 53 1.83 8.85 1.59
N GLN A 54 1.14 8.90 2.73
CA GLN A 54 0.67 10.16 3.30
C GLN A 54 1.12 10.31 4.75
N ILE A 55 1.42 11.54 5.14
CA ILE A 55 1.86 11.82 6.51
C ILE A 55 0.72 12.37 7.36
N THR A 56 0.58 11.83 8.56
CA THR A 56 -0.47 12.26 9.48
C THR A 56 0.12 12.73 10.80
N GLU A 57 0.14 14.04 10.99
CA GLU A 57 0.68 14.63 12.21
C GLU A 57 -0.41 14.82 13.26
N THR A 58 -1.37 15.69 12.95
CA THR A 58 -2.47 15.97 13.86
C THR A 58 -3.38 14.76 14.00
N GLY A 59 -3.89 14.27 12.88
CA GLY A 59 -4.76 13.11 12.89
C GLY A 59 -6.02 13.33 12.08
N SER A 60 -5.98 12.89 10.82
CA SER A 60 -7.13 13.04 9.93
C SER A 60 -8.02 11.81 9.99
N GLN A 61 -9.26 11.97 9.53
CA GLN A 61 -10.22 10.87 9.54
C GLN A 61 -11.23 11.03 8.40
N GLU A 62 -11.77 12.23 8.26
CA GLU A 62 -12.74 12.50 7.21
C GLU A 62 -12.82 14.01 6.93
N GLY A 63 -13.67 14.38 5.99
CA GLY A 63 -13.82 15.78 5.64
C GLY A 63 -15.22 16.12 5.17
N GLY A 64 -15.59 15.61 4.00
CA GLY A 64 -16.91 15.88 3.47
C GLY A 64 -17.08 17.32 3.00
N GLU A 65 -15.97 17.94 2.62
CA GLU A 65 -16.00 19.32 2.15
C GLU A 65 -16.71 19.43 0.80
N GLY A 66 -18.04 19.41 0.83
CA GLY A 66 -18.81 19.52 -0.39
C GLY A 66 -19.03 18.16 -1.05
N LEU A 67 -20.04 18.08 -1.90
CA LEU A 67 -20.36 16.84 -2.60
C LEU A 67 -19.24 16.46 -3.56
N SER A 68 -18.57 17.47 -4.11
CA SER A 68 -17.47 17.23 -5.04
C SER A 68 -16.29 16.56 -4.34
N LYS A 69 -16.31 15.23 -4.30
CA LYS A 69 -15.25 14.47 -3.66
C LYS A 69 -14.71 13.38 -4.59
N GLU A 70 -15.18 13.38 -5.83
CA GLU A 70 -14.74 12.38 -6.81
C GLU A 70 -15.07 10.96 -6.33
N PRO A 71 -15.12 10.00 -7.27
CA PRO A 71 -15.44 8.61 -6.93
C PRO A 71 -14.52 8.05 -5.85
N ALA A 72 -15.12 7.53 -4.79
CA ALA A 72 -14.36 6.96 -3.68
C ALA A 72 -15.26 6.16 -2.74
N GLY A 73 -16.38 6.77 -2.35
CA GLY A 73 -17.31 6.11 -1.46
C GLY A 73 -18.53 5.56 -2.19
N SER A 74 -18.34 4.45 -2.89
CA SER A 74 -19.43 3.83 -3.64
C SER A 74 -20.08 2.71 -2.83
N ASP A 75 -20.29 2.96 -1.54
CA ASP A 75 -20.89 1.97 -0.66
C ASP A 75 -20.03 0.70 -0.58
N GLU A 76 -19.29 0.56 0.51
CA GLU A 76 -18.43 -0.60 0.71
C GLU A 76 -19.24 -1.83 1.09
N GLN A 77 -19.34 -2.78 0.16
CA GLN A 77 -20.08 -4.01 0.39
C GLN A 77 -19.14 -5.21 0.50
N LYS A 78 -19.26 -5.96 1.59
CA LYS A 78 -18.42 -7.12 1.80
C LYS A 78 -19.10 -8.12 2.73
N GLN A 79 -19.98 -8.94 2.17
CA GLN A 79 -20.70 -9.94 2.95
C GLN A 79 -19.90 -11.23 3.07
N LEU A 80 -19.33 -11.46 4.24
CA LEU A 80 -18.54 -12.65 4.49
C LEU A 80 -18.06 -12.72 5.93
N ARG A 81 -18.34 -13.83 6.60
CA ARG A 81 -17.95 -14.01 7.99
C ARG A 81 -16.67 -14.85 8.09
N ALA A 82 -15.91 -14.63 9.16
CA ALA A 82 -14.68 -15.36 9.37
C ALA A 82 -14.93 -16.67 10.09
N ASP A 83 -14.02 -17.63 9.95
CA ASP A 83 -14.14 -18.93 10.58
C ASP A 83 -12.92 -19.81 10.27
N PRO A 84 -12.70 -20.12 8.98
CA PRO A 84 -11.57 -20.95 8.56
C PRO A 84 -10.23 -20.22 8.67
N PRO A 85 -9.38 -20.64 9.62
CA PRO A 85 -8.06 -20.01 9.82
C PRO A 85 -7.11 -20.31 8.68
N SER A 86 -5.93 -19.69 8.73
CA SER A 86 -4.92 -19.89 7.69
C SER A 86 -3.52 -19.60 8.23
N THR A 87 -2.61 -20.55 8.06
CA THR A 87 -1.24 -20.39 8.53
C THR A 87 -0.27 -21.16 7.63
N ASP A 88 -0.30 -22.48 7.71
CA ASP A 88 0.58 -23.31 6.90
C ASP A 88 0.25 -24.79 7.08
N LEU A 89 0.15 -25.22 8.33
CA LEU A 89 -0.15 -26.62 8.64
C LEU A 89 -1.48 -26.73 9.38
N ASN A 90 -1.79 -25.74 10.22
CA ASN A 90 -3.02 -25.73 10.98
C ASN A 90 -4.23 -26.02 10.10
N THR A 91 -4.26 -25.44 8.91
CA THR A 91 -5.36 -25.64 7.97
C THR A 91 -5.50 -27.10 7.56
N PHE A 92 -4.48 -27.92 7.84
CA PHE A 92 -4.50 -29.34 7.49
C PHE A 92 -4.72 -30.18 8.75
N THR A 93 -5.94 -30.69 8.91
CA THR A 93 -6.29 -31.50 10.08
C THR A 93 -6.00 -32.99 9.86
N VAL A 94 -6.97 -33.69 9.26
CA VAL A 94 -6.82 -35.12 9.00
C VAL A 94 -7.50 -35.53 7.70
N GLU A 95 -8.79 -35.23 7.61
CA GLU A 95 -9.58 -35.55 6.43
C GLU A 95 -9.23 -34.61 5.27
N GLN A 96 -8.63 -33.48 5.60
CA GLN A 96 -8.26 -32.47 4.62
C GLN A 96 -6.94 -32.84 3.95
N LEU A 97 -6.18 -33.68 4.62
CA LEU A 97 -4.90 -34.11 4.08
C LEU A 97 -5.15 -35.17 3.03
N LYS A 98 -5.79 -36.25 3.45
CA LYS A 98 -6.12 -37.35 2.56
C LYS A 98 -6.90 -36.87 1.34
N ALA A 99 -7.68 -35.79 1.50
CA ALA A 99 -8.49 -35.26 0.41
C ALA A 99 -7.68 -34.31 -0.47
N GLN A 100 -6.74 -33.64 0.13
CA GLN A 100 -5.88 -32.70 -0.58
C GLN A 100 -4.70 -33.42 -1.22
N LEU A 101 -4.37 -34.59 -0.67
CA LEU A 101 -3.25 -35.37 -1.19
C LEU A 101 -3.65 -36.09 -2.47
N THR A 102 -4.86 -36.64 -2.47
CA THR A 102 -5.37 -37.34 -3.64
C THR A 102 -5.53 -36.39 -4.81
N GLU A 103 -6.07 -35.21 -4.52
CA GLU A 103 -6.26 -34.21 -5.55
C GLU A 103 -4.96 -33.50 -5.90
N ARG A 104 -3.91 -33.81 -5.14
CA ARG A 104 -2.60 -33.22 -5.34
C ARG A 104 -1.62 -34.24 -5.92
N GLY A 105 -1.98 -35.51 -5.85
CA GLY A 105 -1.12 -36.56 -6.37
C GLY A 105 -1.17 -37.82 -5.53
N ILE A 106 -0.91 -37.67 -4.23
CA ILE A 106 -0.93 -38.77 -3.27
C ILE A 106 -0.07 -39.95 -3.71
N THR A 107 0.69 -40.49 -2.76
CA THR A 107 1.56 -41.62 -3.02
C THR A 107 1.85 -42.40 -1.73
N PHE A 108 0.91 -42.31 -0.78
CA PHE A 108 1.06 -42.99 0.50
C PHE A 108 1.02 -44.51 0.34
N LYS A 109 2.18 -45.10 0.08
CA LYS A 109 2.28 -46.54 -0.08
C LYS A 109 1.99 -47.28 1.22
N GLN A 110 0.72 -47.26 1.64
CA GLN A 110 0.31 -47.93 2.87
C GLN A 110 1.20 -47.51 4.05
N SER A 111 1.75 -46.31 3.98
CA SER A 111 2.61 -45.80 5.03
C SER A 111 2.02 -44.55 5.67
N ALA A 112 1.25 -43.79 4.90
CA ALA A 112 0.64 -42.57 5.41
C ALA A 112 -0.68 -42.87 6.11
N THR A 113 -0.60 -43.39 7.33
CA THR A 113 -1.79 -43.72 8.10
C THR A 113 -2.58 -42.46 8.43
N LYS A 114 -2.04 -41.63 9.32
CA LYS A 114 -2.71 -40.40 9.71
C LYS A 114 -1.71 -39.34 10.20
N ALA A 115 -0.74 -39.76 10.98
CA ALA A 115 0.26 -38.84 11.46
C ALA A 115 1.32 -38.59 10.40
N GLU A 116 1.45 -39.55 9.48
CA GLU A 116 2.41 -39.43 8.40
C GLU A 116 1.83 -38.66 7.22
N LEU A 117 0.55 -38.86 6.93
CA LEU A 117 -0.09 -38.17 5.81
C LEU A 117 -0.43 -36.73 6.18
N ILE A 118 -0.48 -36.44 7.48
CA ILE A 118 -0.74 -35.08 7.92
C ILE A 118 0.56 -34.28 7.91
N ALA A 119 1.69 -34.98 8.08
CA ALA A 119 2.99 -34.35 8.07
C ALA A 119 3.54 -34.27 6.64
N LEU A 120 3.23 -35.30 5.84
CA LEU A 120 3.69 -35.38 4.46
C LEU A 120 3.41 -34.07 3.72
N PHE A 121 2.24 -33.50 3.95
CA PHE A 121 1.85 -32.25 3.30
C PHE A 121 2.93 -31.19 3.45
N ALA A 122 3.89 -31.20 2.52
CA ALA A 122 4.99 -30.23 2.55
C ALA A 122 4.97 -29.36 1.30
N PRO A 123 5.25 -28.05 1.46
CA PRO A 123 5.27 -27.11 0.33
C PRO A 123 6.16 -27.58 -0.81
N ALA A 124 5.58 -27.73 -2.00
CA ALA A 124 6.34 -28.18 -3.17
C ALA A 124 6.29 -27.14 -4.28
N ASP A 125 5.08 -26.87 -4.78
CA ASP A 125 4.90 -25.89 -5.85
C ASP A 125 4.77 -24.48 -5.27
N GLY A 126 4.67 -23.50 -6.16
CA GLY A 126 4.54 -22.12 -5.73
C GLY A 126 3.24 -21.86 -5.00
N GLU A 127 2.94 -20.59 -4.78
CA GLU A 127 1.72 -20.20 -4.09
C GLU A 127 0.66 -19.70 -5.07
N LYS A 128 -0.60 -19.91 -4.72
CA LYS A 128 -1.70 -19.48 -5.59
C LYS A 128 -2.08 -18.04 -5.30
N SER A 129 -2.31 -17.27 -6.36
CA SER A 129 -2.69 -15.87 -6.22
C SER A 129 -3.90 -15.54 -7.09
N GLU A 130 -3.85 -15.98 -8.35
CA GLU A 130 -4.94 -15.72 -9.29
C GLU A 130 -5.41 -17.03 -9.93
N ALA A 131 -4.49 -17.74 -10.56
CA ALA A 131 -4.81 -19.01 -11.21
C ALA A 131 -5.05 -20.11 -10.19
N GLY A 1 20.83 19.94 21.04
CA GLY A 1 20.14 19.06 22.01
C GLY A 1 18.90 18.40 21.43
N SER A 2 19.11 17.29 20.73
CA SER A 2 18.00 16.56 20.12
C SER A 2 17.26 17.43 19.11
N HIS A 3 16.19 16.90 18.54
CA HIS A 3 15.39 17.64 17.57
C HIS A 3 13.90 17.34 17.74
N MET A 4 13.11 18.40 17.85
CA MET A 4 11.66 18.26 18.02
C MET A 4 10.93 18.52 16.71
N ASP A 5 11.59 18.18 15.60
CA ASP A 5 11.00 18.39 14.28
C ASP A 5 11.75 17.57 13.23
N LYS A 6 11.38 17.78 11.97
CA LYS A 6 12.01 17.06 10.87
C LYS A 6 11.83 15.56 11.01
N THR A 7 10.64 15.15 11.43
CA THR A 7 10.33 13.74 11.61
C THR A 7 8.81 13.52 11.66
N PHE A 8 8.33 12.54 10.90
CA PHE A 8 6.90 12.26 10.87
C PHE A 8 6.61 10.77 10.71
N CYS A 9 5.54 10.32 11.35
CA CYS A 9 5.12 8.93 11.25
C CYS A 9 4.16 8.81 10.06
N VAL A 10 4.39 7.86 9.18
CA VAL A 10 3.54 7.69 8.01
C VAL A 10 2.70 6.43 8.08
N VAL A 11 1.56 6.47 7.42
CA VAL A 11 0.66 5.33 7.40
C VAL A 11 0.09 5.14 6.00
N VAL A 12 0.64 4.17 5.29
CA VAL A 12 0.22 3.87 3.93
C VAL A 12 -0.86 2.80 3.91
N GLN A 13 -1.94 3.09 3.19
CA GLN A 13 -3.05 2.14 3.09
C GLN A 13 -3.37 1.84 1.63
N ASN A 14 -3.01 0.63 1.20
CA ASN A 14 -3.26 0.22 -0.18
C ASN A 14 -4.54 -0.61 -0.27
N ARG A 15 -5.24 -0.46 -1.38
CA ARG A 15 -6.47 -1.21 -1.59
C ARG A 15 -6.39 -2.00 -2.89
N ILE A 16 -5.20 -2.54 -3.15
CA ILE A 16 -4.96 -3.34 -4.34
C ILE A 16 -3.95 -4.44 -4.05
N LYS A 17 -4.21 -5.60 -4.60
CA LYS A 17 -3.33 -6.76 -4.42
C LYS A 17 -3.02 -6.99 -2.93
N GLU A 18 -2.00 -7.78 -2.67
CA GLU A 18 -1.60 -8.08 -1.29
C GLU A 18 -0.46 -7.16 -0.85
N GLY A 19 -0.76 -5.87 -0.80
CA GLY A 19 0.25 -4.90 -0.39
C GLY A 19 1.01 -4.29 -1.55
N TYR A 20 1.23 -5.09 -2.59
CA TYR A 20 1.95 -4.63 -3.78
C TYR A 20 3.45 -4.58 -3.52
N ARG A 21 3.96 -5.58 -2.81
CA ARG A 21 5.39 -5.66 -2.51
C ARG A 21 5.84 -4.45 -1.72
N ARG A 22 7.15 -4.40 -1.46
CA ARG A 22 7.74 -3.29 -0.71
C ARG A 22 9.26 -3.37 -0.72
N ALA A 23 9.89 -2.65 0.20
CA ALA A 23 11.35 -2.66 0.32
C ALA A 23 11.90 -4.07 0.50
N GLY A 24 11.03 -4.99 0.92
CA GLY A 24 11.45 -6.36 1.13
C GLY A 24 10.65 -7.05 2.23
N PHE A 25 9.91 -6.27 2.99
CA PHE A 25 9.10 -6.81 4.08
C PHE A 25 7.83 -7.47 3.55
N SER A 26 7.59 -7.35 2.24
CA SER A 26 6.42 -7.93 1.62
C SER A 26 5.14 -7.31 2.18
N PHE A 27 4.87 -6.08 1.78
CA PHE A 27 3.68 -5.37 2.25
C PHE A 27 2.42 -6.17 1.93
N HIS A 28 1.35 -5.90 2.66
CA HIS A 28 0.08 -6.59 2.45
C HIS A 28 -1.07 -5.60 2.32
N LEU A 29 -2.22 -6.09 1.87
CA LEU A 29 -3.39 -5.24 1.72
C LEU A 29 -3.88 -4.78 3.09
N GLY A 30 -3.59 -3.54 3.40
CA GLY A 30 -4.00 -2.98 4.68
C GLY A 30 -3.37 -1.63 4.93
N ASP A 31 -2.96 -1.38 6.18
CA ASP A 31 -2.34 -0.11 6.55
C ASP A 31 -1.17 -0.34 7.50
N ASN A 32 -0.03 0.28 7.19
CA ASN A 32 1.15 0.15 8.03
C ASN A 32 1.70 1.51 8.45
N SER A 33 1.99 1.66 9.73
CA SER A 33 2.51 2.92 10.26
C SER A 33 4.03 2.96 10.16
N LEU A 34 4.55 4.16 9.92
CA LEU A 34 5.98 4.37 9.79
C LEU A 34 6.49 5.27 10.92
N ALA A 35 7.67 4.95 11.43
CA ALA A 35 8.27 5.73 12.51
C ALA A 35 8.72 7.09 11.99
N ALA A 36 8.85 8.04 12.88
CA ALA A 36 9.24 9.38 12.46
C ALA A 36 10.68 9.42 11.99
N VAL A 37 10.81 9.71 10.69
CA VAL A 37 12.10 9.79 10.02
C VAL A 37 12.26 11.11 9.27
N SER A 38 13.48 11.41 8.84
CA SER A 38 13.76 12.64 8.12
C SER A 38 12.83 12.81 6.91
N GLU A 39 12.78 11.79 6.05
CA GLU A 39 11.92 11.85 4.86
C GLU A 39 11.97 10.56 4.05
N SER A 40 13.01 9.75 4.24
CA SER A 40 13.16 8.49 3.52
C SER A 40 11.84 7.74 3.44
N GLN A 41 11.02 7.87 4.49
CA GLN A 41 9.72 7.21 4.54
C GLN A 41 8.84 7.65 3.37
N LEU A 42 8.61 8.95 3.27
CA LEU A 42 7.77 9.50 2.21
C LEU A 42 8.21 9.04 0.83
N ALA A 43 9.48 9.28 0.50
CA ALA A 43 10.01 8.89 -0.79
C ALA A 43 10.08 7.38 -0.95
N GLN A 44 10.28 6.68 0.18
CA GLN A 44 10.36 5.22 0.15
C GLN A 44 9.13 4.63 -0.53
N LEU A 45 7.95 5.00 -0.05
CA LEU A 45 6.70 4.51 -0.63
C LEU A 45 6.36 5.26 -1.91
N LYS A 46 6.30 6.58 -1.80
CA LYS A 46 5.98 7.43 -2.94
C LYS A 46 6.80 7.06 -4.18
N ALA A 47 7.98 6.49 -3.94
CA ALA A 47 8.89 6.10 -5.03
C ALA A 47 8.12 5.38 -6.14
N ASP A 48 7.06 4.68 -5.77
CA ASP A 48 6.25 3.95 -6.74
C ASP A 48 4.87 4.58 -6.88
N PRO A 49 4.48 5.00 -8.09
CA PRO A 49 3.18 5.62 -8.34
C PRO A 49 2.05 4.59 -8.40
N ARG A 50 1.74 4.00 -7.25
CA ARG A 50 0.69 3.00 -7.17
C ARG A 50 0.09 2.94 -5.76
N LEU A 51 0.95 3.03 -4.75
CA LEU A 51 0.50 2.98 -3.36
C LEU A 51 0.42 4.39 -2.78
N VAL A 52 -0.75 4.74 -2.27
CA VAL A 52 -0.98 6.05 -1.67
C VAL A 52 -0.22 6.22 -0.36
N VAL A 53 0.86 7.00 -0.40
CA VAL A 53 1.66 7.28 0.78
C VAL A 53 1.42 8.71 1.24
N GLN A 54 0.90 8.86 2.45
CA GLN A 54 0.60 10.18 2.99
C GLN A 54 1.23 10.40 4.37
N ILE A 55 1.68 11.63 4.61
CA ILE A 55 2.31 11.99 5.88
C ILE A 55 1.29 12.59 6.84
N THR A 56 1.22 12.03 8.04
CA THR A 56 0.29 12.51 9.06
C THR A 56 1.04 12.91 10.32
N GLU A 57 1.18 14.22 10.53
CA GLU A 57 1.89 14.74 11.70
C GLU A 57 0.97 14.82 12.92
N THR A 58 -0.10 15.60 12.80
CA THR A 58 -1.06 15.77 13.90
C THR A 58 -0.35 16.06 15.22
N GLY A 59 -1.10 16.05 16.30
CA GLY A 59 -0.52 16.32 17.61
C GLY A 59 -0.58 15.11 18.53
N SER A 60 0.48 14.92 19.31
CA SER A 60 0.56 13.80 20.24
C SER A 60 -0.39 14.00 21.41
N GLN A 61 -1.59 13.43 21.30
CA GLN A 61 -2.59 13.55 22.35
C GLN A 61 -2.87 12.19 22.99
N GLU A 62 -2.86 11.14 22.18
CA GLU A 62 -3.12 9.79 22.67
C GLU A 62 -1.81 9.08 23.01
N GLY A 63 -1.81 8.34 24.09
CA GLY A 63 -0.62 7.62 24.51
C GLY A 63 -0.63 6.17 24.08
N GLY A 64 0.55 5.64 23.76
CA GLY A 64 0.65 4.25 23.34
C GLY A 64 1.73 3.49 24.07
N GLU A 65 1.58 2.17 24.16
CA GLU A 65 2.55 1.33 24.85
C GLU A 65 2.89 0.11 24.01
N GLY A 66 2.83 0.26 22.69
CA GLY A 66 3.13 -0.84 21.80
C GLY A 66 2.79 -0.53 20.35
N LEU A 67 3.20 -1.42 19.45
CA LEU A 67 2.94 -1.23 18.03
C LEU A 67 1.73 -2.06 17.59
N SER A 68 1.83 -3.37 17.73
CA SER A 68 0.75 -4.28 17.36
C SER A 68 1.09 -5.72 17.72
N LYS A 69 2.22 -6.19 17.23
CA LYS A 69 2.67 -7.55 17.50
C LYS A 69 4.18 -7.66 17.45
N GLU A 70 4.74 -8.49 18.33
CA GLU A 70 6.19 -8.68 18.39
C GLU A 70 6.73 -9.15 17.04
N PRO A 71 7.48 -8.30 16.32
CA PRO A 71 8.04 -8.66 15.02
C PRO A 71 9.21 -9.62 15.14
N ALA A 72 9.23 -10.64 14.29
CA ALA A 72 10.29 -11.64 14.30
C ALA A 72 11.11 -11.58 13.02
N GLY A 73 10.46 -11.88 11.90
CA GLY A 73 11.15 -11.86 10.62
C GLY A 73 10.20 -11.63 9.46
N SER A 74 10.66 -11.94 8.25
CA SER A 74 9.84 -11.77 7.05
C SER A 74 8.86 -12.93 6.89
N ASP A 75 9.28 -14.12 7.29
CA ASP A 75 8.46 -15.31 7.18
C ASP A 75 9.13 -16.51 7.82
N GLU A 76 10.44 -16.63 7.60
CA GLU A 76 11.20 -17.75 8.16
C GLU A 76 12.68 -17.38 8.27
N GLN A 77 13.09 -16.98 9.48
CA GLN A 77 14.48 -16.60 9.72
C GLN A 77 14.95 -17.11 11.08
N LYS A 78 16.18 -16.78 11.44
CA LYS A 78 16.75 -17.20 12.72
C LYS A 78 17.18 -15.99 13.56
N GLN A 79 17.63 -16.26 14.78
CA GLN A 79 18.07 -15.21 15.68
C GLN A 79 19.60 -15.23 15.82
N LEU A 80 20.10 -14.63 16.91
CA LEU A 80 21.53 -14.58 17.16
C LEU A 80 22.25 -13.73 16.11
N ARG A 81 21.64 -12.61 15.76
CA ARG A 81 22.22 -11.71 14.77
C ARG A 81 22.33 -12.38 13.41
N ALA A 82 21.88 -11.69 12.37
CA ALA A 82 21.94 -12.22 11.01
C ALA A 82 23.14 -11.67 10.26
N ASP A 83 23.53 -10.44 10.60
CA ASP A 83 24.67 -9.81 9.96
C ASP A 83 25.96 -10.07 10.74
N PRO A 84 26.90 -10.83 10.15
CA PRO A 84 28.18 -11.16 10.82
C PRO A 84 28.94 -9.90 11.25
N PRO A 85 29.04 -8.89 10.37
CA PRO A 85 29.74 -7.64 10.68
C PRO A 85 29.21 -6.97 11.94
N SER A 86 30.10 -6.74 12.90
CA SER A 86 29.71 -6.11 14.16
C SER A 86 30.93 -5.56 14.89
N THR A 87 31.33 -4.35 14.55
CA THR A 87 32.48 -3.70 15.17
C THR A 87 32.27 -2.20 15.31
N ASP A 88 31.65 -1.80 16.42
CA ASP A 88 31.39 -0.39 16.67
C ASP A 88 30.46 0.19 15.61
N LEU A 89 29.53 -0.62 15.14
CA LEU A 89 28.58 -0.18 14.12
C LEU A 89 27.18 -0.04 14.70
N ASN A 90 26.88 -0.82 15.74
CA ASN A 90 25.58 -0.78 16.37
C ASN A 90 25.20 0.64 16.80
N THR A 91 26.11 1.31 17.51
CA THR A 91 25.86 2.66 17.99
C THR A 91 25.66 3.67 16.84
N PHE A 92 26.01 3.29 15.62
CA PHE A 92 25.84 4.20 14.47
C PHE A 92 24.37 4.35 14.11
N THR A 93 23.52 3.47 14.64
CA THR A 93 22.08 3.54 14.37
C THR A 93 21.80 3.46 12.86
N VAL A 94 20.73 4.11 12.40
CA VAL A 94 20.37 4.11 10.99
C VAL A 94 20.19 5.53 10.47
N GLU A 95 19.72 6.42 11.34
CA GLU A 95 19.51 7.81 10.98
C GLU A 95 20.82 8.60 11.08
N GLN A 96 21.77 8.05 11.82
CA GLN A 96 23.06 8.70 12.04
C GLN A 96 24.02 8.52 10.88
N LEU A 97 23.84 7.49 10.08
CA LEU A 97 24.72 7.28 8.95
C LEU A 97 24.24 8.09 7.77
N LYS A 98 22.95 7.98 7.50
CA LYS A 98 22.36 8.73 6.40
C LYS A 98 22.56 10.24 6.61
N ALA A 99 22.52 10.67 7.86
CA ALA A 99 22.71 12.09 8.18
C ALA A 99 24.17 12.47 8.31
N GLN A 100 24.99 11.48 8.61
CA GLN A 100 26.42 11.71 8.76
C GLN A 100 27.13 11.60 7.41
N LEU A 101 26.67 10.66 6.58
CA LEU A 101 27.26 10.48 5.27
C LEU A 101 27.13 11.77 4.47
N THR A 102 25.92 12.33 4.49
CA THR A 102 25.64 13.57 3.79
C THR A 102 26.55 14.68 4.31
N GLU A 103 26.70 14.73 5.62
CA GLU A 103 27.55 15.73 6.25
C GLU A 103 29.02 15.43 6.02
N ARG A 104 29.29 14.27 5.43
CA ARG A 104 30.65 13.85 5.13
C ARG A 104 30.94 13.96 3.63
N GLY A 105 29.88 14.09 2.83
CA GLY A 105 30.04 14.21 1.40
C GLY A 105 30.66 12.97 0.78
N ILE A 106 29.96 11.84 0.86
CA ILE A 106 30.46 10.59 0.29
C ILE A 106 29.55 10.10 -0.82
N THR A 107 28.50 9.34 -0.47
CA THR A 107 27.55 8.81 -1.44
C THR A 107 26.62 7.79 -0.81
N PHE A 108 25.41 7.70 -1.33
CA PHE A 108 24.41 6.76 -0.80
C PHE A 108 23.18 6.71 -1.70
N LYS A 109 23.19 5.77 -2.65
CA LYS A 109 22.08 5.61 -3.57
C LYS A 109 22.30 4.42 -4.49
N GLN A 110 21.26 3.62 -4.68
CA GLN A 110 21.34 2.43 -5.54
C GLN A 110 22.25 1.37 -4.93
N SER A 111 23.54 1.68 -4.84
CA SER A 111 24.51 0.75 -4.27
C SER A 111 24.24 0.54 -2.79
N ALA A 112 24.47 1.58 -1.99
CA ALA A 112 24.24 1.50 -0.56
C ALA A 112 22.77 1.67 -0.21
N THR A 113 22.45 1.61 1.07
CA THR A 113 21.08 1.76 1.53
C THR A 113 21.02 1.84 3.05
N LYS A 114 21.09 0.68 3.71
CA LYS A 114 21.05 0.65 5.16
C LYS A 114 22.06 -0.34 5.72
N ALA A 115 21.95 -1.60 5.31
CA ALA A 115 22.88 -2.61 5.79
C ALA A 115 24.28 -2.30 5.27
N GLU A 116 24.34 -1.77 4.06
CA GLU A 116 25.61 -1.41 3.44
C GLU A 116 26.04 -0.01 3.86
N LEU A 117 25.04 0.85 4.02
CA LEU A 117 25.26 2.24 4.40
C LEU A 117 25.65 2.35 5.87
N ILE A 118 25.03 1.52 6.70
CA ILE A 118 25.33 1.53 8.12
C ILE A 118 26.65 0.81 8.38
N ALA A 119 26.98 -0.15 7.52
CA ALA A 119 28.23 -0.90 7.65
C ALA A 119 29.38 -0.17 6.96
N LEU A 120 29.05 0.54 5.88
CA LEU A 120 30.04 1.28 5.10
C LEU A 120 30.83 2.24 5.98
N PHE A 121 30.14 2.91 6.90
CA PHE A 121 30.79 3.87 7.78
C PHE A 121 32.03 3.28 8.46
N ALA A 122 31.91 2.02 8.89
CA ALA A 122 33.02 1.34 9.56
C ALA A 122 33.28 -0.03 8.96
N PRO A 123 34.09 -0.08 7.89
CA PRO A 123 34.43 -1.35 7.22
C PRO A 123 35.45 -2.16 8.00
N ALA A 124 36.28 -1.46 8.77
CA ALA A 124 37.31 -2.11 9.57
C ALA A 124 37.95 -1.12 10.54
N ASP A 125 38.22 0.09 10.06
CA ASP A 125 38.83 1.12 10.87
C ASP A 125 40.21 0.68 11.38
N GLY A 126 41.00 0.11 10.48
CA GLY A 126 42.33 -0.35 10.85
C GLY A 126 42.30 -1.62 11.68
N GLU A 127 43.46 -2.00 12.20
CA GLU A 127 43.57 -3.22 13.01
C GLU A 127 44.25 -2.92 14.34
N LYS A 128 43.45 -2.78 15.39
CA LYS A 128 43.97 -2.50 16.72
C LYS A 128 44.75 -1.17 16.73
N SER A 129 45.20 -0.77 17.91
CA SER A 129 45.95 0.47 18.06
C SER A 129 45.05 1.68 17.83
N GLU A 130 44.60 1.85 16.60
CA GLU A 130 43.73 2.97 16.26
C GLU A 130 42.27 2.53 16.18
N ALA A 131 41.36 3.47 16.41
CA ALA A 131 39.93 3.17 16.36
C ALA A 131 39.55 2.12 17.40
N GLY A 1 7.27 24.11 19.64
CA GLY A 1 6.44 23.17 18.83
C GLY A 1 7.06 22.85 17.50
N SER A 2 8.05 21.95 17.50
CA SER A 2 8.73 21.56 16.27
C SER A 2 9.40 22.77 15.62
N HIS A 3 10.73 22.85 15.76
CA HIS A 3 11.49 23.94 15.20
C HIS A 3 12.80 23.45 14.60
N MET A 4 13.51 22.63 15.37
CA MET A 4 14.79 22.08 14.92
C MET A 4 14.65 20.62 14.52
N ASP A 5 13.71 19.92 15.17
CA ASP A 5 13.48 18.51 14.88
C ASP A 5 12.64 18.34 13.62
N LYS A 6 12.76 17.19 12.98
CA LYS A 6 12.02 16.90 11.76
C LYS A 6 11.73 15.40 11.65
N THR A 7 10.66 14.96 12.30
CA THR A 7 10.27 13.54 12.27
C THR A 7 8.75 13.41 12.14
N PHE A 8 8.31 12.44 11.32
CA PHE A 8 6.89 12.24 11.13
C PHE A 8 6.51 10.77 10.94
N CYS A 9 5.43 10.36 11.59
CA CYS A 9 4.94 9.00 11.45
C CYS A 9 3.99 8.94 10.26
N VAL A 10 4.27 8.06 9.30
CA VAL A 10 3.43 7.95 8.11
C VAL A 10 2.64 6.66 8.10
N VAL A 11 1.54 6.66 7.36
CA VAL A 11 0.70 5.48 7.26
C VAL A 11 0.24 5.26 5.82
N VAL A 12 0.79 4.23 5.20
CA VAL A 12 0.46 3.91 3.82
C VAL A 12 -0.68 2.91 3.73
N GLN A 13 -1.61 3.17 2.84
CA GLN A 13 -2.76 2.28 2.65
C GLN A 13 -2.76 1.67 1.26
N ASN A 14 -2.57 0.36 1.19
CA ASN A 14 -2.54 -0.34 -0.09
C ASN A 14 -3.90 -0.95 -0.41
N ARG A 15 -4.32 -0.82 -1.66
CA ARG A 15 -5.60 -1.36 -2.10
C ARG A 15 -5.43 -2.06 -3.45
N ILE A 16 -4.24 -2.60 -3.69
CA ILE A 16 -3.94 -3.28 -4.94
C ILE A 16 -3.85 -4.79 -4.73
N LYS A 17 -2.92 -5.23 -3.88
CA LYS A 17 -2.75 -6.66 -3.61
C LYS A 17 -2.28 -6.89 -2.17
N GLU A 18 -2.00 -8.14 -1.84
CA GLU A 18 -1.53 -8.48 -0.51
C GLU A 18 -0.06 -8.91 -0.54
N GLY A 19 0.55 -8.89 -1.73
CA GLY A 19 1.94 -9.26 -1.86
C GLY A 19 2.69 -8.41 -2.85
N TYR A 20 2.49 -7.09 -2.77
CA TYR A 20 3.17 -6.16 -3.67
C TYR A 20 4.52 -5.77 -3.09
N ARG A 21 5.34 -6.79 -2.84
CA ARG A 21 6.68 -6.64 -2.31
C ARG A 21 6.76 -5.58 -1.20
N ARG A 22 7.00 -6.05 0.02
CA ARG A 22 7.10 -5.17 1.19
C ARG A 22 8.22 -4.14 1.01
N ALA A 23 8.75 -3.64 2.11
CA ALA A 23 9.82 -2.63 2.08
C ALA A 23 9.24 -1.26 1.78
N GLY A 24 7.99 -1.05 2.19
CA GLY A 24 7.33 0.22 1.97
C GLY A 24 6.35 0.17 0.81
N PHE A 25 5.68 -0.98 0.64
CA PHE A 25 4.72 -1.13 -0.44
C PHE A 25 3.68 -2.22 -0.11
N SER A 26 4.13 -3.48 -0.14
CA SER A 26 3.22 -4.60 0.14
C SER A 26 2.51 -4.42 1.48
N PHE A 27 3.08 -5.00 2.54
CA PHE A 27 2.48 -4.91 3.87
C PHE A 27 1.04 -5.41 3.86
N HIS A 28 0.72 -6.28 2.91
CA HIS A 28 -0.63 -6.82 2.79
C HIS A 28 -1.63 -5.72 2.48
N LEU A 29 -2.88 -6.09 2.28
CA LEU A 29 -3.93 -5.12 1.98
C LEU A 29 -4.45 -4.48 3.26
N GLY A 30 -3.98 -3.27 3.51
CA GLY A 30 -4.40 -2.54 4.71
C GLY A 30 -3.66 -1.24 4.87
N ASP A 31 -3.30 -0.91 6.11
CA ASP A 31 -2.58 0.33 6.39
C ASP A 31 -1.34 0.05 7.24
N ASN A 32 -0.20 0.53 6.76
CA ASN A 32 1.07 0.33 7.48
C ASN A 32 1.62 1.66 7.96
N SER A 33 1.86 1.76 9.26
CA SER A 33 2.39 2.99 9.85
C SER A 33 3.92 3.01 9.82
N LEU A 34 4.45 4.20 9.64
CA LEU A 34 5.89 4.40 9.60
C LEU A 34 6.34 5.26 10.78
N ALA A 35 7.47 4.90 11.38
CA ALA A 35 8.00 5.64 12.52
C ALA A 35 8.53 6.98 12.05
N ALA A 36 8.59 7.92 12.97
CA ALA A 36 9.05 9.26 12.62
C ALA A 36 10.54 9.28 12.33
N VAL A 37 10.87 9.61 11.08
CA VAL A 37 12.25 9.68 10.61
C VAL A 37 12.53 11.00 9.90
N SER A 38 13.70 11.11 9.29
CA SER A 38 14.08 12.33 8.58
C SER A 38 13.11 12.63 7.45
N GLU A 39 12.96 11.70 6.51
CA GLU A 39 12.04 11.87 5.38
C GLU A 39 12.04 10.67 4.45
N SER A 40 13.07 9.82 4.56
CA SER A 40 13.18 8.62 3.72
C SER A 40 11.84 7.91 3.56
N GLN A 41 11.02 7.92 4.60
CA GLN A 41 9.72 7.27 4.56
C GLN A 41 8.85 7.85 3.45
N LEU A 42 8.77 9.17 3.39
CA LEU A 42 7.96 9.85 2.39
C LEU A 42 8.34 9.41 0.98
N ALA A 43 9.63 9.46 0.68
CA ALA A 43 10.11 9.08 -0.64
C ALA A 43 10.15 7.57 -0.80
N GLN A 44 10.36 6.85 0.30
CA GLN A 44 10.40 5.39 0.26
C GLN A 44 9.09 4.84 -0.30
N LEU A 45 7.99 5.37 0.21
CA LEU A 45 6.67 4.95 -0.23
C LEU A 45 6.31 5.61 -1.55
N LYS A 46 6.50 6.92 -1.62
CA LYS A 46 6.20 7.68 -2.83
C LYS A 46 7.10 7.25 -3.99
N ALA A 47 8.18 6.55 -3.68
CA ALA A 47 9.11 6.07 -4.70
C ALA A 47 8.37 5.43 -5.88
N ASP A 48 7.35 4.63 -5.56
CA ASP A 48 6.56 3.96 -6.59
C ASP A 48 5.23 4.69 -6.81
N PRO A 49 4.97 5.14 -8.05
CA PRO A 49 3.73 5.85 -8.39
C PRO A 49 2.54 4.91 -8.50
N ARG A 50 2.21 4.25 -7.40
CA ARG A 50 1.09 3.32 -7.37
C ARG A 50 0.36 3.36 -6.03
N LEU A 51 1.13 3.33 -4.94
CA LEU A 51 0.55 3.36 -3.61
C LEU A 51 0.44 4.79 -3.09
N VAL A 52 -0.62 5.06 -2.34
CA VAL A 52 -0.87 6.38 -1.78
C VAL A 52 -0.14 6.58 -0.45
N VAL A 53 0.90 7.41 -0.48
CA VAL A 53 1.66 7.72 0.72
C VAL A 53 1.31 9.12 1.23
N GLN A 54 0.83 9.19 2.46
CA GLN A 54 0.44 10.48 3.05
C GLN A 54 1.13 10.71 4.40
N ILE A 55 1.67 11.91 4.57
CA ILE A 55 2.36 12.28 5.81
C ILE A 55 1.45 13.07 6.74
N THR A 56 1.40 12.66 8.01
CA THR A 56 0.58 13.32 9.01
C THR A 56 1.44 13.80 10.17
N GLU A 57 1.70 15.10 10.21
CA GLU A 57 2.50 15.68 11.28
C GLU A 57 1.66 15.99 12.51
N THR A 58 0.93 17.10 12.47
CA THR A 58 0.09 17.50 13.59
C THR A 58 -1.22 16.71 13.60
N GLY A 59 -1.38 15.87 14.62
CA GLY A 59 -2.59 15.07 14.73
C GLY A 59 -3.50 15.55 15.83
N SER A 60 -3.63 16.87 15.96
CA SER A 60 -4.48 17.46 16.99
C SER A 60 -4.01 17.07 18.38
N GLN A 61 -2.94 17.69 18.84
CA GLN A 61 -2.39 17.40 20.16
C GLN A 61 -1.21 18.33 20.47
N GLU A 62 -1.38 19.16 21.49
CA GLU A 62 -0.34 20.10 21.90
C GLU A 62 0.45 19.55 23.09
N GLY A 63 1.78 19.57 22.97
CA GLY A 63 2.62 19.07 24.05
C GLY A 63 2.97 17.61 23.88
N GLY A 64 3.14 16.91 25.00
CA GLY A 64 3.47 15.50 24.96
C GLY A 64 2.92 14.73 26.14
N GLU A 65 1.64 14.94 26.43
CA GLU A 65 0.98 14.26 27.55
C GLU A 65 0.94 12.76 27.32
N GLY A 66 0.91 11.99 28.41
CA GLY A 66 0.86 10.55 28.30
C GLY A 66 2.06 9.89 28.96
N LEU A 67 3.25 10.26 28.51
CA LEU A 67 4.49 9.69 29.06
C LEU A 67 5.02 10.56 30.21
N SER A 68 5.22 9.94 31.36
CA SER A 68 5.73 10.64 32.54
C SER A 68 7.21 10.37 32.74
N LYS A 69 7.89 11.27 33.43
CA LYS A 69 9.32 11.13 33.69
C LYS A 69 9.55 10.38 35.01
N GLU A 70 8.87 10.83 36.06
CA GLU A 70 9.01 10.20 37.38
C GLU A 70 8.53 8.75 37.34
N PRO A 71 9.08 7.91 38.23
CA PRO A 71 8.71 6.49 38.30
C PRO A 71 7.30 6.28 38.83
N ALA A 72 6.50 5.52 38.10
CA ALA A 72 5.13 5.25 38.51
C ALA A 72 4.71 3.82 38.15
N GLY A 73 4.81 3.49 36.86
CA GLY A 73 4.45 2.17 36.41
C GLY A 73 2.97 1.89 36.54
N SER A 74 2.24 2.01 35.43
CA SER A 74 0.80 1.77 35.44
C SER A 74 0.49 0.32 35.79
N ASP A 75 -0.32 0.12 36.82
CA ASP A 75 -0.70 -1.21 37.25
C ASP A 75 -2.14 -1.52 36.86
N GLU A 76 -2.38 -1.68 35.57
CA GLU A 76 -3.72 -1.98 35.07
C GLU A 76 -3.65 -2.59 33.67
N GLN A 77 -3.92 -3.89 33.59
CA GLN A 77 -3.90 -4.60 32.32
C GLN A 77 -5.28 -5.12 31.95
N LYS A 78 -5.47 -5.45 30.68
CA LYS A 78 -6.75 -5.96 30.20
C LYS A 78 -6.57 -6.76 28.92
N GLN A 79 -5.81 -6.20 27.98
CA GLN A 79 -5.56 -6.86 26.71
C GLN A 79 -4.14 -7.42 26.65
N LEU A 80 -3.89 -8.30 25.69
CA LEU A 80 -2.57 -8.89 25.53
C LEU A 80 -2.39 -9.43 24.11
N ARG A 81 -3.01 -8.76 23.14
CA ARG A 81 -2.91 -9.17 21.74
C ARG A 81 -3.45 -8.07 20.82
N ALA A 82 -2.70 -6.98 20.72
CA ALA A 82 -3.10 -5.86 19.88
C ALA A 82 -3.25 -6.29 18.42
N ASP A 83 -4.50 -6.41 17.98
CA ASP A 83 -4.78 -6.82 16.61
C ASP A 83 -6.20 -6.44 16.21
N PRO A 84 -6.39 -5.20 15.69
CA PRO A 84 -7.72 -4.73 15.27
C PRO A 84 -8.42 -5.71 14.33
N PRO A 85 -9.73 -5.90 14.50
CA PRO A 85 -10.50 -6.82 13.67
C PRO A 85 -10.75 -6.25 12.27
N SER A 86 -11.02 -7.14 11.31
CA SER A 86 -11.28 -6.72 9.93
C SER A 86 -12.69 -6.17 9.79
N THR A 87 -12.83 -5.13 8.98
CA THR A 87 -14.12 -4.49 8.74
C THR A 87 -14.89 -4.29 10.05
N ASP A 88 -16.17 -3.96 9.92
CA ASP A 88 -17.01 -3.74 11.10
C ASP A 88 -16.60 -2.46 11.82
N LEU A 89 -15.43 -2.49 12.44
CA LEU A 89 -14.92 -1.34 13.18
C LEU A 89 -14.69 -0.14 12.24
N ASN A 90 -14.63 -0.42 10.93
CA ASN A 90 -14.41 0.63 9.94
C ASN A 90 -15.34 1.82 10.17
N THR A 91 -16.64 1.54 10.31
CA THR A 91 -17.63 2.60 10.52
C THR A 91 -17.38 3.35 11.84
N PHE A 92 -16.55 2.79 12.72
CA PHE A 92 -16.24 3.43 13.98
C PHE A 92 -14.77 3.83 14.04
N THR A 93 -14.50 5.13 13.85
CA THR A 93 -13.14 5.65 13.87
C THR A 93 -12.73 6.16 15.24
N VAL A 94 -13.15 7.38 15.57
CA VAL A 94 -12.84 7.99 16.86
C VAL A 94 -13.96 8.91 17.33
N GLU A 95 -14.29 9.89 16.50
CA GLU A 95 -15.36 10.84 16.81
C GLU A 95 -16.74 10.20 16.64
N GLN A 96 -16.78 9.10 15.89
CA GLN A 96 -18.02 8.38 15.64
C GLN A 96 -18.35 7.46 16.79
N LEU A 97 -17.33 7.11 17.56
CA LEU A 97 -17.51 6.23 18.69
C LEU A 97 -18.17 7.01 19.81
N LYS A 98 -17.50 8.07 20.23
CA LYS A 98 -17.99 8.93 21.30
C LYS A 98 -19.38 9.47 20.97
N ALA A 99 -19.68 9.64 19.68
CA ALA A 99 -20.98 10.16 19.26
C ALA A 99 -22.03 9.07 19.16
N GLN A 100 -21.59 7.88 18.83
CA GLN A 100 -22.51 6.75 18.72
C GLN A 100 -22.74 6.12 20.08
N LEU A 101 -21.75 6.26 20.97
CA LEU A 101 -21.87 5.72 22.32
C LEU A 101 -22.90 6.52 23.11
N THR A 102 -22.80 7.85 23.00
CA THR A 102 -23.71 8.75 23.70
C THR A 102 -25.14 8.44 23.30
N GLU A 103 -25.36 8.28 22.00
CA GLU A 103 -26.69 7.99 21.49
C GLU A 103 -27.07 6.53 21.75
N ARG A 104 -26.13 5.76 22.26
CA ARG A 104 -26.36 4.35 22.57
C ARG A 104 -26.28 4.07 24.07
N GLY A 105 -26.52 5.09 24.88
CA GLY A 105 -26.48 4.93 26.32
C GLY A 105 -25.14 5.34 26.91
N ILE A 106 -24.07 5.14 26.14
CA ILE A 106 -22.72 5.50 26.58
C ILE A 106 -22.45 5.07 28.02
N THR A 107 -21.83 3.90 28.19
CA THR A 107 -21.52 3.37 29.51
C THR A 107 -20.00 3.22 29.67
N PHE A 108 -19.25 4.06 28.95
CA PHE A 108 -17.80 4.01 29.01
C PHE A 108 -17.28 4.49 30.37
N LYS A 109 -15.96 4.54 30.51
CA LYS A 109 -15.35 4.98 31.76
C LYS A 109 -14.60 6.29 31.57
N GLN A 110 -14.26 6.93 32.68
CA GLN A 110 -13.54 8.21 32.63
C GLN A 110 -12.24 8.07 31.82
N SER A 111 -11.70 6.86 31.77
CA SER A 111 -10.48 6.60 31.03
C SER A 111 -10.75 6.39 29.55
N ALA A 112 -12.03 6.49 29.15
CA ALA A 112 -12.40 6.32 27.75
C ALA A 112 -11.82 7.43 26.88
N THR A 113 -10.53 7.32 26.58
CA THR A 113 -9.85 8.32 25.77
C THR A 113 -10.20 8.14 24.29
N LYS A 114 -9.55 7.18 23.64
CA LYS A 114 -9.80 6.93 22.23
C LYS A 114 -9.66 5.45 21.88
N ALA A 115 -8.68 4.80 22.47
CA ALA A 115 -8.45 3.39 22.21
C ALA A 115 -9.40 2.54 23.06
N GLU A 116 -9.87 3.10 24.16
CA GLU A 116 -10.78 2.40 25.06
C GLU A 116 -12.23 2.57 24.61
N LEU A 117 -12.57 3.75 24.11
CA LEU A 117 -13.93 4.01 23.67
C LEU A 117 -14.16 3.47 22.27
N ILE A 118 -13.07 3.23 21.53
CA ILE A 118 -13.17 2.68 20.20
C ILE A 118 -13.31 1.16 20.28
N ALA A 119 -12.77 0.58 21.36
CA ALA A 119 -12.84 -0.87 21.57
C ALA A 119 -14.13 -1.26 22.26
N LEU A 120 -14.60 -0.37 23.15
CA LEU A 120 -15.83 -0.62 23.90
C LEU A 120 -16.98 -0.95 22.96
N PHE A 121 -17.07 -0.23 21.84
CA PHE A 121 -18.13 -0.46 20.87
C PHE A 121 -18.29 -1.95 20.54
N ALA A 122 -17.21 -2.55 20.04
CA ALA A 122 -17.23 -3.96 19.69
C ALA A 122 -18.26 -4.24 18.60
N PRO A 123 -18.16 -5.41 17.95
CA PRO A 123 -19.10 -5.80 16.88
C PRO A 123 -20.54 -5.78 17.34
N ALA A 124 -21.47 -5.87 16.38
CA ALA A 124 -22.88 -5.86 16.68
C ALA A 124 -23.71 -6.25 15.46
N ASP A 125 -24.72 -7.09 15.66
CA ASP A 125 -25.58 -7.53 14.57
C ASP A 125 -26.95 -6.87 14.65
N GLY A 126 -27.72 -7.23 15.68
CA GLY A 126 -29.05 -6.67 15.84
C GLY A 126 -29.41 -6.48 17.30
N GLU A 127 -30.69 -6.70 17.62
CA GLU A 127 -31.17 -6.55 18.99
C GLU A 127 -31.88 -7.82 19.46
N LYS A 128 -31.84 -8.05 20.77
CA LYS A 128 -32.49 -9.23 21.35
C LYS A 128 -32.54 -9.13 22.86
N SER A 129 -31.43 -8.73 23.47
CA SER A 129 -31.35 -8.58 24.92
C SER A 129 -31.09 -7.13 25.30
N GLU A 130 -30.24 -6.47 24.53
CA GLU A 130 -29.89 -5.07 24.79
C GLU A 130 -29.77 -4.29 23.48
N ALA A 131 -30.75 -3.44 23.22
CA ALA A 131 -30.75 -2.64 22.00
C ALA A 131 -29.51 -1.74 21.93
#